data_8DOL
#
_entry.id   8DOL
#
_cell.length_a   112.115
_cell.length_b   163.277
_cell.length_c   112.220
_cell.angle_alpha   90.000
_cell.angle_beta   93.330
_cell.angle_gamma   90.000
#
_symmetry.space_group_name_H-M   'P 1 21 1'
#
loop_
_entity.id
_entity.type
_entity.pdbx_description
1 polymer 'Cag pathogenicity island protein (Cag5)'
2 non-polymer 'SULFATE ION'
3 non-polymer DI(HYDROXYETHYL)ETHER
4 water water
#
_entity_poly.entity_id   1
_entity_poly.type   'polypeptide(L)'
_entity_poly.pdbx_seq_one_letter_code
;GTSSMADIGSKYLTRTRDIGANKKVDDLFGSASWETEEKMIKAKLITPNNKKRAFDKREVIVGRRGLGDFIAYAGQAFIG
LIAPTRSGKGVGFIMPNMINYPQNIVVFDPKADTMETCGKIREKRFNQKVFIYEPFSLKTHRFNPFAYVDFGNDVVLTED
ILSQIDTRLKGHGMVASGGDFSTQIFGLAKLVFPERPNEKDPFFSNQARNLFVINCNIYRDLMWTKKGLEFVKRKKIIMP
ETPTMFFIGSMASGINLIDEDTNMEKVVSLMEFFGGEEDKSGDNLRVLSPATRNMWNSFKTMGGARETYSSVQGVYTSAF
APYNNAMIRNFTSANDFDFRRLRIDEVSIGVIANPKESTIVGPILELFFNVMIYSNLILPIHDPQCKRSCLMLMDEFTLC
GYLETFVKAVGIMAEYNMRPAFVFQSKAQLENDPPLGYGRNGAKTILDNLSLNMYYGINNDNYYEHFEKLSKVLGKYTRQ
DVSRSIDDNTGKTNTSISNKERFLMTPDELMTMGDELIILENTLKPIKCHKALYYDDPFFTDELIKVSPSLSKKYKLGKV
PNQATFYDDLQAAKTRGELSYDKSLVPVGSSEL
;
_entity_poly.pdbx_strand_id   A,B,C,D,E,F
#
# COMPACT_ATOMS: atom_id res chain seq x y z
N ASP A 26 -23.88 -10.97 -37.80
CA ASP A 26 -23.74 -11.98 -36.76
C ASP A 26 -23.12 -11.38 -35.50
N ASP A 27 -23.75 -11.61 -34.35
CA ASP A 27 -23.28 -11.08 -33.07
C ASP A 27 -23.01 -12.20 -32.07
N LEU A 28 -22.70 -13.40 -32.56
CA LEU A 28 -22.45 -14.53 -31.65
C LEU A 28 -21.19 -14.29 -30.81
N PHE A 29 -20.16 -13.70 -31.40
CA PHE A 29 -18.91 -13.43 -30.69
C PHE A 29 -18.70 -11.95 -30.45
N GLY A 30 -19.77 -11.16 -30.45
CA GLY A 30 -19.66 -9.74 -30.22
C GLY A 30 -20.29 -8.92 -31.33
N SER A 31 -20.60 -7.66 -31.04
CA SER A 31 -21.23 -6.77 -32.00
C SER A 31 -20.44 -5.48 -32.16
N ALA A 32 -19.11 -5.56 -32.03
CA ALA A 32 -18.29 -4.38 -32.18
C ALA A 32 -18.27 -3.93 -33.64
N SER A 33 -18.25 -2.62 -33.85
CA SER A 33 -18.24 -2.06 -35.19
C SER A 33 -17.89 -0.58 -35.09
N TRP A 34 -17.46 -0.01 -36.22
CA TRP A 34 -17.23 1.42 -36.30
C TRP A 34 -18.54 2.14 -36.54
N GLU A 35 -18.60 3.40 -36.12
CA GLU A 35 -19.82 4.18 -36.25
C GLU A 35 -20.18 4.38 -37.71
N THR A 36 -21.48 4.36 -38.00
CA THR A 36 -21.95 4.49 -39.36
C THR A 36 -21.98 5.96 -39.80
N GLU A 37 -22.09 6.15 -41.11
CA GLU A 37 -22.14 7.51 -41.65
C GLU A 37 -23.38 8.26 -41.18
N GLU A 38 -24.54 7.57 -41.14
CA GLU A 38 -25.78 8.21 -40.72
C GLU A 38 -25.66 8.76 -39.30
N LYS A 39 -25.15 7.95 -38.37
CA LYS A 39 -25.05 8.41 -36.98
C LYS A 39 -24.02 9.53 -36.84
N MET A 40 -22.89 9.42 -37.56
CA MET A 40 -21.90 10.49 -37.53
C MET A 40 -22.48 11.80 -38.06
N ILE A 41 -23.38 11.72 -39.05
CA ILE A 41 -24.05 12.93 -39.53
C ILE A 41 -25.02 13.45 -38.48
N LYS A 42 -25.80 12.55 -37.87
CA LYS A 42 -26.77 12.98 -36.85
C LYS A 42 -26.07 13.62 -35.66
N ALA A 43 -24.86 13.14 -35.33
CA ALA A 43 -24.04 13.73 -34.29
C ALA A 43 -23.31 14.99 -34.75
N LYS A 44 -23.64 15.51 -35.93
CA LYS A 44 -23.06 16.72 -36.50
C LYS A 44 -21.55 16.63 -36.71
N LEU A 45 -20.97 15.42 -36.61
CA LEU A 45 -19.53 15.28 -36.80
C LEU A 45 -19.13 15.48 -38.26
N ILE A 46 -20.02 15.14 -39.20
CA ILE A 46 -19.80 15.33 -40.61
C ILE A 46 -21.10 15.80 -41.25
N THR A 47 -21.02 16.20 -42.51
CA THR A 47 -22.16 16.66 -43.29
C THR A 47 -22.30 15.82 -44.55
N PRO A 48 -23.46 15.84 -45.20
CA PRO A 48 -23.61 15.11 -46.46
C PRO A 48 -22.59 15.50 -47.52
N ASN A 49 -22.08 16.73 -47.48
CA ASN A 49 -21.01 17.17 -48.37
C ASN A 49 -19.87 17.70 -47.51
N ASN A 50 -19.14 16.77 -46.88
CA ASN A 50 -18.22 17.14 -45.82
C ASN A 50 -17.05 17.97 -46.33
N LYS A 51 -16.55 17.65 -47.53
CA LYS A 51 -15.39 18.38 -48.06
C LYS A 51 -15.69 19.85 -48.28
N LYS A 52 -16.97 20.22 -48.42
CA LYS A 52 -17.37 21.60 -48.62
C LYS A 52 -18.28 22.10 -47.49
N ARG A 53 -18.10 21.57 -46.28
CA ARG A 53 -18.93 21.99 -45.16
C ARG A 53 -18.63 23.41 -44.77
N ALA A 54 -19.67 24.14 -44.33
CA ALA A 54 -19.54 25.56 -44.07
C ALA A 54 -18.80 25.87 -42.76
N PHE A 55 -18.70 24.89 -41.87
CA PHE A 55 -18.09 25.09 -40.55
C PHE A 55 -18.79 26.23 -39.81
N ASP A 56 -20.13 26.15 -39.76
CA ASP A 56 -20.95 27.18 -39.15
C ASP A 56 -21.54 26.76 -37.81
N LYS A 57 -21.10 25.63 -37.26
CA LYS A 57 -21.59 25.15 -35.97
C LYS A 57 -20.51 25.21 -34.89
N ARG A 58 -19.49 26.05 -35.09
CA ARG A 58 -18.42 26.26 -34.11
C ARG A 58 -17.74 24.94 -33.74
N GLU A 59 -17.44 24.14 -34.75
CA GLU A 59 -16.92 22.80 -34.56
C GLU A 59 -15.40 22.81 -34.40
N VAL A 60 -14.91 21.90 -33.57
CA VAL A 60 -13.48 21.72 -33.35
C VAL A 60 -13.05 20.48 -34.11
N ILE A 61 -12.10 20.65 -35.03
CA ILE A 61 -11.61 19.52 -35.82
C ILE A 61 -10.85 18.55 -34.92
N VAL A 62 -11.19 17.26 -35.01
CA VAL A 62 -10.55 16.23 -34.21
C VAL A 62 -10.01 15.09 -35.05
N GLY A 63 -10.24 15.09 -36.36
CA GLY A 63 -9.70 14.06 -37.22
C GLY A 63 -10.05 14.35 -38.66
N ARG A 64 -9.69 13.40 -39.53
CA ARG A 64 -9.97 13.57 -40.95
C ARG A 64 -10.05 12.19 -41.60
N ARG A 65 -10.82 12.13 -42.69
CA ARG A 65 -10.91 10.94 -43.52
C ARG A 65 -10.22 11.11 -44.86
N GLY A 66 -9.92 12.33 -45.25
CA GLY A 66 -9.14 12.64 -46.43
C GLY A 66 -8.71 14.09 -46.33
N LEU A 67 -7.87 14.50 -47.27
CA LEU A 67 -7.41 15.88 -47.31
C LEU A 67 -8.60 16.82 -47.50
N GLY A 68 -8.99 17.51 -46.42
CA GLY A 68 -10.12 18.41 -46.46
C GLY A 68 -11.45 17.82 -46.02
N ASP A 69 -11.46 16.54 -45.65
CA ASP A 69 -12.67 15.86 -45.19
C ASP A 69 -12.49 15.59 -43.70
N PHE A 70 -13.01 16.50 -42.88
CA PHE A 70 -12.71 16.50 -41.45
C PHE A 70 -13.87 15.98 -40.61
N ILE A 71 -13.51 15.37 -39.49
CA ILE A 71 -14.46 15.05 -38.43
C ILE A 71 -14.34 16.17 -37.39
N ALA A 72 -15.44 16.84 -37.10
CA ALA A 72 -15.41 18.04 -36.28
C ALA A 72 -16.54 17.99 -35.25
N TYR A 73 -16.20 18.30 -34.00
CA TYR A 73 -17.11 18.21 -32.88
C TYR A 73 -17.89 19.51 -32.74
N ALA A 74 -19.21 19.42 -32.85
CA ALA A 74 -20.09 20.57 -32.60
C ALA A 74 -20.61 20.49 -31.16
N GLY A 75 -21.59 21.33 -30.86
CA GLY A 75 -22.17 21.33 -29.52
C GLY A 75 -21.28 22.03 -28.51
N GLN A 76 -21.42 21.63 -27.25
CA GLN A 76 -20.71 22.25 -26.15
C GLN A 76 -19.83 21.30 -25.37
N ALA A 77 -19.88 20.00 -25.64
CA ALA A 77 -19.10 19.03 -24.88
C ALA A 77 -17.60 19.22 -25.13
N PHE A 78 -16.80 18.76 -24.17
CA PHE A 78 -15.36 18.96 -24.15
C PHE A 78 -14.63 17.78 -24.75
N ILE A 79 -13.37 18.03 -25.12
CA ILE A 79 -12.53 17.06 -25.82
C ILE A 79 -11.30 16.77 -24.95
N GLY A 80 -10.93 15.49 -24.90
CA GLY A 80 -9.67 15.08 -24.32
C GLY A 80 -8.79 14.47 -25.38
N LEU A 81 -7.48 14.67 -25.25
CA LEU A 81 -6.50 14.15 -26.20
C LEU A 81 -5.43 13.37 -25.43
N ILE A 82 -5.47 12.05 -25.56
CA ILE A 82 -4.44 11.16 -25.05
C ILE A 82 -3.44 10.97 -26.17
N ALA A 83 -2.34 11.73 -26.09
CA ALA A 83 -1.29 11.73 -27.11
C ALA A 83 0.05 11.62 -26.40
N PRO A 84 0.81 10.55 -26.59
CA PRO A 84 2.14 10.46 -25.98
C PRO A 84 3.05 11.58 -26.46
N THR A 85 4.18 11.73 -25.78
CA THR A 85 5.11 12.79 -26.11
C THR A 85 5.64 12.60 -27.53
N ARG A 86 5.66 13.70 -28.29
CA ARG A 86 6.12 13.73 -29.68
C ARG A 86 5.29 12.79 -30.56
N SER A 87 3.97 12.88 -30.42
CA SER A 87 3.05 12.03 -31.18
C SER A 87 2.13 12.84 -32.09
N GLY A 88 2.32 14.15 -32.18
CA GLY A 88 1.60 14.96 -33.13
C GLY A 88 0.37 15.67 -32.61
N LYS A 89 0.28 15.93 -31.30
CA LYS A 89 -0.86 16.68 -30.79
C LYS A 89 -0.85 18.11 -31.33
N GLY A 90 0.33 18.68 -31.53
CA GLY A 90 0.44 20.01 -32.10
C GLY A 90 0.04 20.06 -33.56
N VAL A 91 0.70 19.28 -34.41
CA VAL A 91 0.43 19.27 -35.84
C VAL A 91 -0.91 18.65 -36.19
N GLY A 92 -1.54 17.92 -35.26
CA GLY A 92 -2.76 17.21 -35.59
C GLY A 92 -4.00 17.67 -34.84
N PHE A 93 -3.87 18.63 -33.93
CA PHE A 93 -5.03 19.09 -33.17
C PHE A 93 -4.93 20.57 -32.79
N ILE A 94 -3.80 20.98 -32.21
CA ILE A 94 -3.67 22.37 -31.77
C ILE A 94 -3.54 23.30 -32.97
N MET A 95 -2.53 23.06 -33.81
CA MET A 95 -2.30 23.90 -35.00
C MET A 95 -3.51 23.96 -35.93
N PRO A 96 -4.16 22.83 -36.30
CA PRO A 96 -5.29 22.95 -37.24
C PRO A 96 -6.45 23.77 -36.70
N ASN A 97 -6.79 23.59 -35.42
CA ASN A 97 -7.90 24.36 -34.87
C ASN A 97 -7.50 25.82 -34.65
N MET A 98 -6.23 26.08 -34.33
CA MET A 98 -5.75 27.45 -34.26
C MET A 98 -5.87 28.12 -35.62
N ILE A 99 -5.71 27.36 -36.70
CA ILE A 99 -5.84 27.93 -38.04
C ILE A 99 -7.32 28.05 -38.45
N ASN A 100 -8.18 27.13 -37.99
CA ASN A 100 -9.52 26.99 -38.55
C ASN A 100 -10.65 27.49 -37.65
N TYR A 101 -10.48 27.45 -36.33
CA TYR A 101 -11.61 27.75 -35.44
C TYR A 101 -12.04 29.21 -35.60
N PRO A 102 -13.34 29.46 -35.84
CA PRO A 102 -13.78 30.83 -36.16
C PRO A 102 -14.11 31.69 -34.95
N GLN A 103 -14.43 31.07 -33.82
CA GLN A 103 -14.80 31.83 -32.63
C GLN A 103 -13.54 32.21 -31.85
N ASN A 104 -13.69 32.55 -30.57
CA ASN A 104 -12.57 32.97 -29.74
C ASN A 104 -11.79 31.76 -29.24
N ILE A 105 -10.47 31.93 -29.11
CA ILE A 105 -9.58 30.87 -28.64
C ILE A 105 -8.77 31.40 -27.47
N VAL A 106 -8.57 30.56 -26.46
CA VAL A 106 -7.61 30.79 -25.38
C VAL A 106 -6.69 29.59 -25.34
N VAL A 107 -5.43 29.77 -25.76
CA VAL A 107 -4.51 28.67 -25.94
C VAL A 107 -3.36 28.80 -24.96
N PHE A 108 -3.05 27.71 -24.27
CA PHE A 108 -1.86 27.63 -23.44
C PHE A 108 -0.67 27.29 -24.32
N ASP A 109 0.29 28.22 -24.40
CA ASP A 109 1.44 28.10 -25.29
C ASP A 109 2.72 28.16 -24.45
N PRO A 110 3.08 27.06 -23.77
CA PRO A 110 4.26 27.11 -22.89
C PRO A 110 5.55 27.34 -23.64
N LYS A 111 5.66 26.87 -24.87
CA LYS A 111 6.86 27.05 -25.68
C LYS A 111 6.83 28.33 -26.50
N ALA A 112 5.73 29.07 -26.49
CA ALA A 112 5.56 30.28 -27.30
C ALA A 112 5.75 29.98 -28.78
N ASP A 113 5.15 28.90 -29.24
CA ASP A 113 5.26 28.47 -30.62
C ASP A 113 3.93 28.46 -31.36
N THR A 114 2.85 28.09 -30.68
CA THR A 114 1.53 28.12 -31.33
C THR A 114 1.17 29.52 -31.78
N MET A 115 1.34 30.51 -30.89
CA MET A 115 0.97 31.87 -31.23
C MET A 115 1.90 32.44 -32.29
N GLU A 116 3.21 32.20 -32.17
CA GLU A 116 4.14 32.67 -33.20
C GLU A 116 3.88 32.04 -34.56
N THR A 117 3.07 30.99 -34.62
CA THR A 117 2.72 30.36 -35.89
C THR A 117 1.33 30.76 -36.40
N CYS A 118 0.39 31.05 -35.51
CA CYS A 118 -0.98 31.29 -35.93
C CYS A 118 -1.56 32.66 -35.58
N GLY A 119 -0.77 33.56 -35.00
CA GLY A 119 -1.31 34.84 -34.58
C GLY A 119 -1.69 35.73 -35.74
N LYS A 120 -0.85 35.77 -36.78
CA LYS A 120 -1.20 36.53 -37.97
C LYS A 120 -2.44 35.96 -38.65
N ILE A 121 -2.65 34.64 -38.55
CA ILE A 121 -3.87 34.05 -39.08
C ILE A 121 -5.08 34.49 -38.27
N ARG A 122 -4.97 34.46 -36.93
CA ARG A 122 -6.07 34.92 -36.11
C ARG A 122 -6.39 36.39 -36.35
N GLU A 123 -5.38 37.20 -36.68
CA GLU A 123 -5.62 38.62 -36.89
C GLU A 123 -6.17 38.91 -38.28
N LYS A 124 -5.62 38.27 -39.31
CA LYS A 124 -6.01 38.58 -40.69
C LYS A 124 -7.28 37.83 -41.09
N ARG A 125 -7.37 36.54 -40.76
CA ARG A 125 -8.49 35.74 -41.24
C ARG A 125 -9.77 36.01 -40.45
N PHE A 126 -9.66 36.19 -39.14
CA PHE A 126 -10.83 36.35 -38.28
C PHE A 126 -10.96 37.73 -37.67
N ASN A 127 -10.06 38.66 -38.01
CA ASN A 127 -10.13 40.04 -37.53
C ASN A 127 -10.24 40.10 -36.01
N GLN A 128 -9.43 39.30 -35.34
CA GLN A 128 -9.46 39.18 -33.90
C GLN A 128 -8.22 39.84 -33.29
N LYS A 129 -8.42 40.57 -32.19
CA LYS A 129 -7.31 41.17 -31.46
C LYS A 129 -6.65 40.09 -30.60
N VAL A 130 -5.32 40.05 -30.63
CA VAL A 130 -4.55 39.02 -29.94
C VAL A 130 -3.96 39.61 -28.66
N PHE A 131 -4.21 38.93 -27.55
CA PHE A 131 -3.63 39.29 -26.25
C PHE A 131 -2.67 38.21 -25.80
N ILE A 132 -1.49 38.61 -25.35
CA ILE A 132 -0.45 37.68 -24.93
C ILE A 132 -0.17 37.89 -23.45
N TYR A 133 -0.20 36.80 -22.69
CA TYR A 133 0.00 36.82 -21.24
C TYR A 133 1.23 35.99 -20.92
N GLU A 134 2.36 36.67 -20.67
CA GLU A 134 3.62 36.03 -20.34
C GLU A 134 4.16 36.68 -19.07
N PRO A 135 3.84 36.12 -17.90
CA PRO A 135 4.20 36.80 -16.64
C PRO A 135 5.68 37.03 -16.45
N PHE A 136 6.54 36.16 -16.98
CA PHE A 136 7.98 36.31 -16.84
C PHE A 136 8.61 37.10 -17.98
N SER A 137 7.94 38.16 -18.44
CA SER A 137 8.50 39.04 -19.46
C SER A 137 7.84 40.40 -19.34
N LEU A 138 8.65 41.46 -19.45
CA LEU A 138 8.11 42.82 -19.41
C LEU A 138 7.12 43.06 -20.52
N LYS A 139 7.36 42.45 -21.68
CA LYS A 139 6.48 42.56 -22.85
C LYS A 139 5.32 41.59 -22.66
N THR A 140 4.28 42.04 -21.97
CA THR A 140 3.12 41.20 -21.73
C THR A 140 1.91 42.08 -21.46
N HIS A 141 0.73 41.54 -21.75
CA HIS A 141 -0.50 42.15 -21.29
C HIS A 141 -0.71 41.79 -19.82
N ARG A 142 -1.35 42.70 -19.09
CA ARG A 142 -1.44 42.61 -17.65
C ARG A 142 -2.83 42.15 -17.20
N PHE A 143 -2.85 41.44 -16.08
CA PHE A 143 -4.08 40.92 -15.50
C PHE A 143 -4.12 41.25 -14.02
N ASN A 144 -5.19 41.90 -13.58
CA ASN A 144 -5.36 42.30 -12.19
C ASN A 144 -6.70 41.80 -11.69
N PRO A 145 -6.72 40.84 -10.75
CA PRO A 145 -8.01 40.29 -10.31
C PRO A 145 -8.93 41.31 -9.65
N PHE A 146 -8.37 42.25 -8.90
CA PHE A 146 -9.18 43.26 -8.23
C PHE A 146 -9.86 44.22 -9.21
N ALA A 147 -9.47 44.20 -10.48
CA ALA A 147 -10.19 44.96 -11.49
C ALA A 147 -11.56 44.36 -11.77
N TYR A 148 -11.78 43.11 -11.36
CA TYR A 148 -13.06 42.43 -11.54
C TYR A 148 -13.89 42.41 -10.27
N VAL A 149 -13.51 43.20 -9.27
CA VAL A 149 -14.21 43.25 -7.99
C VAL A 149 -14.92 44.60 -7.90
N ASP A 150 -16.23 44.56 -7.60
CA ASP A 150 -17.02 45.78 -7.48
C ASP A 150 -16.77 46.38 -6.10
N PHE A 151 -15.92 47.39 -6.05
CA PHE A 151 -15.61 48.06 -4.78
C PHE A 151 -16.63 49.13 -4.41
N GLY A 152 -17.27 49.75 -5.40
CA GLY A 152 -18.25 50.78 -5.13
C GLY A 152 -19.59 50.54 -5.81
N ASP A 180 -21.57 40.03 -5.39
CA ASP A 180 -21.31 41.22 -4.59
C ASP A 180 -19.87 41.24 -4.06
N PHE A 181 -19.52 42.30 -3.33
CA PHE A 181 -18.15 42.48 -2.87
C PHE A 181 -17.71 41.33 -1.97
N SER A 182 -18.59 40.90 -1.06
CA SER A 182 -18.21 39.91 -0.06
C SER A 182 -17.84 38.58 -0.72
N THR A 183 -18.68 38.10 -1.63
CA THR A 183 -18.44 36.80 -2.26
C THR A 183 -17.21 36.84 -3.16
N GLN A 184 -16.99 37.96 -3.87
CA GLN A 184 -15.80 38.08 -4.71
C GLN A 184 -14.54 38.07 -3.86
N ILE A 185 -14.53 38.83 -2.76
CA ILE A 185 -13.36 38.87 -1.88
C ILE A 185 -13.13 37.51 -1.25
N PHE A 186 -14.21 36.80 -0.91
CA PHE A 186 -14.07 35.47 -0.34
C PHE A 186 -13.49 34.48 -1.34
N GLY A 187 -13.94 34.56 -2.59
CA GLY A 187 -13.36 33.69 -3.62
C GLY A 187 -11.91 33.97 -3.87
N LEU A 188 -11.54 35.26 -3.93
CA LEU A 188 -10.14 35.63 -4.07
C LEU A 188 -9.32 35.11 -2.90
N ALA A 189 -9.87 35.20 -1.68
CA ALA A 189 -9.16 34.70 -0.51
C ALA A 189 -8.96 33.19 -0.59
N LYS A 190 -10.00 32.47 -1.03
CA LYS A 190 -9.89 31.03 -1.22
C LYS A 190 -8.80 30.68 -2.24
N LEU A 191 -8.67 31.51 -3.27
CA LEU A 191 -7.63 31.26 -4.27
C LEU A 191 -6.23 31.55 -3.72
N VAL A 192 -6.08 32.65 -2.96
CA VAL A 192 -4.78 33.02 -2.45
C VAL A 192 -4.36 32.14 -1.29
N PHE A 193 -5.32 31.75 -0.44
CA PHE A 193 -5.07 30.86 0.69
C PHE A 193 -5.90 29.59 0.48
N PRO A 194 -5.35 28.61 -0.23
CA PRO A 194 -6.12 27.40 -0.52
C PRO A 194 -6.35 26.56 0.73
N GLU A 195 -7.44 25.82 0.71
CA GLU A 195 -7.76 24.87 1.78
C GLU A 195 -7.24 23.50 1.41
N ARG A 196 -6.64 22.82 2.39
CA ARG A 196 -5.97 21.54 2.14
C ARG A 196 -6.07 20.69 3.40
N PRO A 197 -5.91 19.36 3.27
CA PRO A 197 -5.98 18.49 4.46
C PRO A 197 -4.61 18.03 4.96
N ASN A 198 -3.54 18.33 4.22
CA ASN A 198 -2.22 17.93 4.65
C ASN A 198 -1.83 18.63 5.96
N GLU A 199 -2.18 19.91 6.08
CA GLU A 199 -1.77 20.70 7.23
C GLU A 199 -2.27 20.08 8.53
N LYS A 200 -1.39 20.07 9.53
CA LYS A 200 -1.78 19.60 10.86
C LYS A 200 -2.64 20.65 11.57
N ASP A 201 -2.30 21.93 11.42
CA ASP A 201 -3.03 23.03 12.05
C ASP A 201 -3.47 24.01 10.97
N PRO A 202 -4.69 23.87 10.44
CA PRO A 202 -5.20 24.86 9.48
C PRO A 202 -5.53 26.21 10.11
N PHE A 203 -5.31 26.37 11.42
CA PHE A 203 -5.66 27.61 12.10
C PHE A 203 -4.94 28.80 11.50
N PHE A 204 -3.65 28.66 11.21
CA PHE A 204 -2.89 29.78 10.67
C PHE A 204 -3.35 30.16 9.27
N SER A 205 -3.62 29.15 8.42
CA SER A 205 -4.10 29.44 7.07
C SER A 205 -5.47 30.11 7.11
N ASN A 206 -6.36 29.63 7.99
CA ASN A 206 -7.68 30.23 8.12
C ASN A 206 -7.58 31.68 8.61
N GLN A 207 -6.71 31.92 9.59
CA GLN A 207 -6.56 33.29 10.10
C GLN A 207 -5.93 34.21 9.08
N ALA A 208 -4.99 33.70 8.26
CA ALA A 208 -4.41 34.53 7.21
C ALA A 208 -5.42 34.83 6.11
N ARG A 209 -6.29 33.87 5.81
CA ARG A 209 -7.39 34.14 4.88
C ARG A 209 -8.31 35.22 5.43
N ASN A 210 -8.67 35.11 6.72
CA ASN A 210 -9.49 36.14 7.35
C ASN A 210 -8.78 37.49 7.33
N LEU A 211 -7.45 37.49 7.49
CA LEU A 211 -6.70 38.75 7.45
C LEU A 211 -6.72 39.35 6.05
N PHE A 212 -6.66 38.51 5.02
CA PHE A 212 -6.80 39.00 3.65
C PHE A 212 -8.17 39.64 3.45
N VAL A 213 -9.22 38.99 3.93
CA VAL A 213 -10.57 39.53 3.80
C VAL A 213 -10.69 40.86 4.55
N ILE A 214 -10.09 40.93 5.74
CA ILE A 214 -10.11 42.16 6.53
C ILE A 214 -9.36 43.27 5.82
N ASN A 215 -8.21 42.94 5.21
CA ASN A 215 -7.45 43.95 4.47
C ASN A 215 -8.25 44.50 3.30
N CYS A 216 -8.91 43.61 2.56
CA CYS A 216 -9.74 44.07 1.45
C CYS A 216 -10.88 44.95 1.94
N ASN A 217 -11.54 44.55 3.03
CA ASN A 217 -12.64 45.34 3.55
C ASN A 217 -12.16 46.70 4.05
N ILE A 218 -10.99 46.75 4.68
CA ILE A 218 -10.44 48.01 5.17
C ILE A 218 -10.12 48.93 4.00
N TYR A 219 -9.52 48.36 2.95
CA TYR A 219 -9.23 49.17 1.76
C TYR A 219 -10.52 49.71 1.15
N ARG A 220 -11.56 48.88 1.06
CA ARG A 220 -12.83 49.34 0.50
C ARG A 220 -13.44 50.45 1.34
N ASP A 221 -13.36 50.32 2.68
CA ASP A 221 -13.92 51.34 3.54
C ASP A 221 -13.11 52.63 3.49
N LEU A 222 -11.81 52.53 3.23
CA LEU A 222 -10.93 53.70 3.27
C LEU A 222 -10.87 54.44 1.95
N MET A 223 -10.99 53.75 0.81
CA MET A 223 -10.82 54.39 -0.49
C MET A 223 -12.08 54.37 -1.35
N TRP A 224 -13.20 53.85 -0.86
CA TRP A 224 -14.42 53.81 -1.65
C TRP A 224 -15.64 54.28 -0.87
N THR A 225 -15.44 55.08 0.17
CA THR A 225 -16.53 55.73 0.90
C THR A 225 -16.17 57.19 1.12
N LYS A 226 -17.20 58.03 1.22
CA LYS A 226 -16.98 59.45 1.48
C LYS A 226 -16.24 59.66 2.79
N LYS A 227 -16.70 59.00 3.86
CA LYS A 227 -16.05 59.11 5.16
C LYS A 227 -14.61 58.62 5.08
N GLY A 228 -14.41 57.45 4.47
CA GLY A 228 -13.07 56.90 4.36
C GLY A 228 -12.15 57.76 3.52
N LEU A 229 -12.67 58.34 2.44
CA LEU A 229 -11.84 59.18 1.58
C LEU A 229 -11.43 60.45 2.31
N GLU A 230 -12.37 61.07 3.03
CA GLU A 230 -12.01 62.25 3.83
C GLU A 230 -11.00 61.89 4.91
N PHE A 231 -11.15 60.70 5.51
CA PHE A 231 -10.19 60.24 6.50
C PHE A 231 -8.80 60.10 5.90
N VAL A 232 -8.72 59.49 4.72
CA VAL A 232 -7.44 59.35 4.03
C VAL A 232 -6.84 60.72 3.74
N LYS A 233 -7.65 61.64 3.22
CA LYS A 233 -7.16 62.98 2.93
C LYS A 233 -6.63 63.66 4.19
N ARG A 234 -7.33 63.51 5.32
CA ARG A 234 -6.90 64.13 6.56
C ARG A 234 -5.58 63.54 7.05
N LYS A 235 -5.49 62.21 7.11
CA LYS A 235 -4.32 61.55 7.66
C LYS A 235 -3.20 61.35 6.65
N LYS A 236 -3.41 61.78 5.40
CA LYS A 236 -2.39 61.67 4.34
C LYS A 236 -1.96 60.21 4.14
N ILE A 237 -2.91 59.39 3.75
CA ILE A 237 -2.70 57.94 3.59
C ILE A 237 -2.46 57.65 2.11
N ILE A 238 -1.45 56.84 1.83
CA ILE A 238 -1.13 56.45 0.46
C ILE A 238 -1.83 55.13 0.15
N MET A 239 -2.65 55.12 -0.89
CA MET A 239 -3.39 53.94 -1.30
C MET A 239 -3.80 54.08 -2.76
N PRO A 240 -3.76 53.01 -3.55
CA PRO A 240 -4.13 53.12 -4.95
C PRO A 240 -5.64 53.20 -5.15
N GLU A 241 -6.03 53.80 -6.28
CA GLU A 241 -7.45 53.86 -6.63
C GLU A 241 -8.00 52.47 -6.96
N THR A 242 -7.17 51.62 -7.56
CA THR A 242 -7.51 50.22 -7.79
C THR A 242 -6.43 49.36 -7.14
N PRO A 243 -6.78 48.47 -6.21
CA PRO A 243 -5.74 47.73 -5.49
C PRO A 243 -5.12 46.64 -6.36
N THR A 244 -3.93 46.21 -5.96
CA THR A 244 -3.23 45.12 -6.59
C THR A 244 -2.89 44.07 -5.53
N MET A 245 -2.49 42.89 -6.00
CA MET A 245 -2.08 41.84 -5.07
C MET A 245 -0.89 42.29 -4.22
N PHE A 246 0.08 42.96 -4.85
CA PHE A 246 1.24 43.45 -4.12
C PHE A 246 0.84 44.41 -3.01
N PHE A 247 -0.15 45.27 -3.27
CA PHE A 247 -0.57 46.23 -2.25
C PHE A 247 -1.32 45.55 -1.11
N ILE A 248 -2.21 44.60 -1.43
CA ILE A 248 -2.91 43.87 -0.39
C ILE A 248 -1.92 43.08 0.48
N GLY A 249 -0.86 42.57 -0.13
CA GLY A 249 0.17 41.91 0.66
C GLY A 249 0.96 42.88 1.50
N SER A 250 1.26 44.07 0.96
CA SER A 250 1.96 45.09 1.73
C SER A 250 1.13 45.61 2.88
N MET A 251 -0.19 45.49 2.80
CA MET A 251 -1.05 45.92 3.90
C MET A 251 -0.85 45.06 5.16
N ALA A 252 -0.03 44.01 5.09
CA ALA A 252 0.27 43.23 6.28
C ALA A 252 1.14 44.03 7.25
N SER A 253 2.10 44.79 6.73
CA SER A 253 2.96 45.59 7.59
C SER A 253 2.23 46.80 8.16
N GLY A 254 1.14 47.24 7.54
CA GLY A 254 0.31 48.29 8.09
C GLY A 254 -0.02 49.34 7.06
N ILE A 255 -0.63 50.42 7.53
CA ILE A 255 -1.02 51.55 6.71
C ILE A 255 0.19 52.40 6.41
N ASN A 256 0.29 52.87 5.17
CA ASN A 256 1.32 53.83 4.76
C ASN A 256 0.74 55.24 4.82
N LEU A 257 1.48 56.16 5.45
CA LEU A 257 1.03 57.54 5.57
C LEU A 257 2.24 58.45 5.63
N ILE A 258 1.97 59.75 5.83
CA ILE A 258 3.01 60.77 5.96
C ILE A 258 2.89 61.38 7.35
N ASP A 259 3.96 61.25 8.14
CA ASP A 259 3.97 61.85 9.48
C ASP A 259 3.87 63.36 9.37
N GLU A 260 2.84 63.92 10.01
CA GLU A 260 2.63 65.37 9.95
C GLU A 260 3.74 66.13 10.68
N ASP A 261 4.50 65.47 11.55
CA ASP A 261 5.57 66.13 12.27
C ASP A 261 6.89 66.15 11.52
N THR A 262 7.17 65.11 10.73
CA THR A 262 8.42 65.02 9.99
C THR A 262 8.26 65.16 8.49
N ASN A 263 7.03 65.04 7.97
CA ASN A 263 6.75 65.12 6.54
C ASN A 263 7.52 64.05 5.75
N MET A 264 7.56 62.83 6.31
CA MET A 264 8.18 61.69 5.66
C MET A 264 7.24 60.49 5.74
N GLU A 265 7.50 59.51 4.88
CA GLU A 265 6.66 58.32 4.81
C GLU A 265 6.88 57.42 6.02
N LYS A 266 5.81 56.79 6.48
CA LYS A 266 5.85 55.91 7.64
C LYS A 266 4.79 54.84 7.52
N VAL A 267 5.12 53.63 7.96
CA VAL A 267 4.18 52.51 8.00
C VAL A 267 3.82 52.26 9.45
N VAL A 268 2.52 52.29 9.76
CA VAL A 268 1.99 52.02 11.09
C VAL A 268 1.25 50.69 11.04
N SER A 269 1.62 49.77 11.93
CA SER A 269 1.05 48.44 11.92
C SER A 269 -0.46 48.49 12.09
N LEU A 270 -1.14 47.50 11.52
CA LEU A 270 -2.59 47.39 11.66
C LEU A 270 -2.99 47.31 13.13
N MET A 271 -2.11 46.76 13.96
CA MET A 271 -2.42 46.63 15.39
C MET A 271 -2.59 48.01 16.03
N GLU A 272 -1.64 48.91 15.81
CA GLU A 272 -1.62 50.20 16.50
C GLU A 272 -2.49 51.25 15.84
N PHE A 273 -2.76 51.13 14.53
CA PHE A 273 -3.51 52.17 13.84
C PHE A 273 -5.02 52.05 14.08
N PHE A 274 -5.52 50.85 14.35
CA PHE A 274 -6.96 50.61 14.49
C PHE A 274 -7.23 50.05 15.89
N GLY A 275 -7.49 50.96 16.84
CA GLY A 275 -7.77 50.58 18.21
C GLY A 275 -6.55 50.35 19.08
N GLY A 276 -5.34 50.51 18.54
CA GLY A 276 -4.11 50.24 19.25
C GLY A 276 -3.52 51.49 19.87
N GLU A 277 -2.18 51.59 19.81
CA GLU A 277 -1.49 52.70 20.45
C GLU A 277 -1.71 54.01 19.70
N GLU A 278 -1.77 53.95 18.37
CA GLU A 278 -2.03 55.13 17.55
C GLU A 278 -3.53 55.37 17.35
N ASP A 279 -4.37 54.71 18.14
CA ASP A 279 -5.82 54.93 18.10
C ASP A 279 -6.39 54.66 19.49
N LYS A 280 -5.90 55.40 20.48
CA LYS A 280 -6.34 55.22 21.86
C LYS A 280 -7.78 55.66 22.09
N SER A 281 -8.37 56.44 21.17
CA SER A 281 -9.76 56.84 21.28
C SER A 281 -10.66 56.09 20.32
N GLY A 282 -10.13 55.19 19.51
CA GLY A 282 -10.92 54.42 18.58
C GLY A 282 -11.54 55.22 17.45
N ASP A 283 -11.11 56.46 17.23
CA ASP A 283 -11.68 57.26 16.15
C ASP A 283 -11.24 56.75 14.79
N ASN A 284 -10.02 56.23 14.68
CA ASN A 284 -9.59 55.59 13.44
C ASN A 284 -10.39 54.31 13.18
N LEU A 285 -10.87 53.66 14.26
CA LEU A 285 -11.70 52.47 14.10
C LEU A 285 -13.10 52.81 13.58
N ARG A 286 -13.65 53.96 13.99
CA ARG A 286 -15.00 54.33 13.60
C ARG A 286 -15.11 54.66 12.12
N VAL A 287 -13.99 54.88 11.43
CA VAL A 287 -14.05 55.12 9.99
C VAL A 287 -14.49 53.86 9.25
N LEU A 288 -14.14 52.69 9.76
CA LEU A 288 -14.50 51.45 9.10
C LEU A 288 -15.99 51.16 9.27
N SER A 289 -16.52 50.36 8.36
CA SER A 289 -17.90 49.92 8.45
C SER A 289 -18.08 49.05 9.71
N PRO A 290 -19.32 48.91 10.19
CA PRO A 290 -19.54 48.02 11.34
C PRO A 290 -19.11 46.59 11.07
N ALA A 291 -19.37 46.09 9.87
CA ALA A 291 -18.89 44.75 9.51
C ALA A 291 -17.38 44.66 9.61
N THR A 292 -16.67 45.66 9.08
CA THR A 292 -15.21 45.66 9.15
C THR A 292 -14.74 45.71 10.60
N ARG A 293 -15.40 46.51 11.44
CA ARG A 293 -15.04 46.58 12.85
C ARG A 293 -15.20 45.22 13.52
N ASN A 294 -16.31 44.53 13.24
CA ASN A 294 -16.54 43.22 13.85
C ASN A 294 -15.53 42.19 13.37
N MET A 295 -15.24 42.16 12.07
CA MET A 295 -14.22 41.27 11.55
C MET A 295 -12.87 41.55 12.22
N TRP A 296 -12.52 42.82 12.37
CA TRP A 296 -11.25 43.18 12.99
C TRP A 296 -11.16 42.71 14.43
N ASN A 297 -12.19 43.00 15.22
CA ASN A 297 -12.16 42.62 16.64
C ASN A 297 -12.19 41.10 16.81
N SER A 298 -13.01 40.41 16.00
CA SER A 298 -13.04 38.95 16.06
C SER A 298 -11.68 38.36 15.71
N PHE A 299 -11.05 38.86 14.65
CA PHE A 299 -9.71 38.42 14.31
C PHE A 299 -8.75 38.66 15.47
N LYS A 300 -8.91 39.79 16.16
CA LYS A 300 -8.03 40.10 17.28
C LYS A 300 -8.17 39.06 18.39
N THR A 301 -9.41 38.69 18.74
CA THR A 301 -9.57 37.79 19.88
C THR A 301 -9.21 36.35 19.55
N MET A 302 -9.35 35.92 18.29
CA MET A 302 -9.07 34.53 17.96
C MET A 302 -8.05 34.38 16.83
N GLY A 303 -6.91 35.06 16.93
CA GLY A 303 -5.89 34.89 15.91
C GLY A 303 -4.94 36.07 15.79
N GLY A 304 -5.44 37.27 16.06
CA GLY A 304 -4.57 38.43 16.11
C GLY A 304 -4.16 38.79 17.52
N ALA A 305 -3.35 37.95 18.16
CA ALA A 305 -2.92 38.16 19.54
C ALA A 305 -1.84 37.15 19.89
N ARG A 306 -1.19 37.38 21.04
CA ARG A 306 -0.27 36.44 21.66
C ARG A 306 0.78 35.90 20.70
N GLU A 307 1.09 34.61 20.79
CA GLU A 307 2.02 33.98 19.87
C GLU A 307 1.44 33.85 18.47
N THR A 308 0.12 33.95 18.32
CA THR A 308 -0.53 33.70 17.04
C THR A 308 -0.18 34.74 16.00
N TYR A 309 -0.33 36.04 16.35
CA TYR A 309 -0.32 37.10 15.33
C TYR A 309 0.93 37.07 14.45
N SER A 310 2.10 36.88 15.07
CA SER A 310 3.33 36.87 14.29
C SER A 310 3.33 35.72 13.28
N SER A 311 2.91 34.53 13.72
CA SER A 311 2.87 33.37 12.84
C SER A 311 1.78 33.50 11.78
N VAL A 312 0.66 34.15 12.12
CA VAL A 312 -0.41 34.37 11.16
C VAL A 312 0.01 35.37 10.10
N GLN A 313 0.82 36.36 10.48
CA GLN A 313 1.35 37.33 9.52
C GLN A 313 2.46 36.73 8.66
N GLY A 314 3.27 35.84 9.24
CA GLY A 314 4.24 35.11 8.45
C GLY A 314 3.59 34.35 7.30
N VAL A 315 2.49 33.63 7.59
CA VAL A 315 1.80 32.87 6.54
C VAL A 315 1.25 33.80 5.48
N TYR A 316 0.70 34.93 5.90
CA TYR A 316 0.16 35.92 4.96
C TYR A 316 1.24 36.44 4.03
N THR A 317 2.36 36.90 4.60
CA THR A 317 3.45 37.42 3.78
C THR A 317 4.04 36.34 2.89
N SER A 318 4.11 35.09 3.38
CA SER A 318 4.63 34.02 2.56
C SER A 318 3.70 33.69 1.40
N ALA A 319 2.39 33.84 1.61
CA ALA A 319 1.44 33.66 0.50
C ALA A 319 1.57 34.76 -0.53
N PHE A 320 1.86 35.99 -0.08
CA PHE A 320 2.03 37.10 -1.02
C PHE A 320 3.45 37.22 -1.56
N ALA A 321 4.36 36.36 -1.12
CA ALA A 321 5.75 36.39 -1.58
C ALA A 321 5.93 36.38 -3.10
N PRO A 322 5.16 35.63 -3.90
CA PRO A 322 5.39 35.65 -5.36
C PRO A 322 5.40 37.04 -5.98
N TYR A 323 4.69 38.01 -5.41
CA TYR A 323 4.57 39.32 -6.04
C TYR A 323 5.78 40.22 -5.75
N ASN A 324 6.75 39.75 -4.98
CA ASN A 324 8.00 40.49 -4.85
C ASN A 324 8.85 40.40 -6.11
N ASN A 325 8.62 39.38 -6.93
CA ASN A 325 9.32 39.27 -8.20
C ASN A 325 8.89 40.40 -9.12
N ALA A 326 9.87 41.08 -9.73
CA ALA A 326 9.56 42.23 -10.56
C ALA A 326 8.64 41.85 -11.73
N MET A 327 8.84 40.65 -12.28
CA MET A 327 8.05 40.23 -13.43
C MET A 327 6.60 40.01 -13.05
N ILE A 328 6.37 39.25 -11.97
CA ILE A 328 5.01 39.00 -11.51
C ILE A 328 4.35 40.31 -11.07
N ARG A 329 5.14 41.20 -10.47
CA ARG A 329 4.60 42.49 -10.05
C ARG A 329 4.11 43.28 -11.26
N ASN A 330 4.92 43.36 -12.31
CA ASN A 330 4.48 44.07 -13.51
C ASN A 330 3.30 43.39 -14.17
N PHE A 331 3.30 42.06 -14.19
CA PHE A 331 2.23 41.32 -14.86
C PHE A 331 0.87 41.58 -14.22
N THR A 332 0.85 41.86 -12.91
CA THR A 332 -0.39 42.07 -12.19
C THR A 332 -0.63 43.55 -11.86
N SER A 333 0.08 44.45 -12.53
CA SER A 333 -0.04 45.87 -12.23
C SER A 333 -1.26 46.53 -12.87
N ALA A 334 -1.87 45.89 -13.87
CA ALA A 334 -3.01 46.48 -14.55
C ALA A 334 -3.86 45.36 -15.14
N ASN A 335 -4.87 45.75 -15.94
CA ASN A 335 -5.77 44.80 -16.59
C ASN A 335 -6.06 45.35 -17.99
N ASP A 336 -5.44 44.75 -18.99
CA ASP A 336 -5.50 45.29 -20.35
C ASP A 336 -6.72 44.82 -21.13
N PHE A 337 -7.27 43.65 -20.80
CA PHE A 337 -8.46 43.15 -21.46
C PHE A 337 -9.44 42.66 -20.41
N ASP A 338 -10.69 43.10 -20.51
CA ASP A 338 -11.74 42.70 -19.58
C ASP A 338 -12.21 41.29 -19.94
N PHE A 339 -11.96 40.33 -19.04
CA PHE A 339 -12.36 38.96 -19.31
C PHE A 339 -13.88 38.80 -19.38
N ARG A 340 -14.63 39.80 -18.89
CA ARG A 340 -16.08 39.77 -19.01
C ARG A 340 -16.53 39.90 -20.47
N ARG A 341 -15.63 40.32 -21.36
CA ARG A 341 -15.93 40.42 -22.79
C ARG A 341 -15.34 39.27 -23.58
N LEU A 342 -14.92 38.19 -22.91
CA LEU A 342 -14.34 37.05 -23.60
C LEU A 342 -15.32 36.36 -24.53
N ARG A 343 -16.62 36.58 -24.35
CA ARG A 343 -17.63 36.03 -25.25
C ARG A 343 -18.40 37.11 -25.98
N ILE A 344 -17.94 38.36 -25.94
CA ILE A 344 -18.54 39.46 -26.68
C ILE A 344 -17.64 39.91 -27.82
N ASP A 345 -16.39 40.25 -27.51
CA ASP A 345 -15.44 40.70 -28.52
C ASP A 345 -14.83 39.50 -29.25
N GLU A 346 -14.26 39.78 -30.42
CA GLU A 346 -13.55 38.77 -31.21
C GLU A 346 -12.07 38.85 -30.83
N VAL A 347 -11.64 37.96 -29.93
CA VAL A 347 -10.29 37.99 -29.41
C VAL A 347 -9.68 36.59 -29.43
N SER A 348 -8.35 36.56 -29.36
CA SER A 348 -7.60 35.32 -29.19
C SER A 348 -6.51 35.57 -28.15
N ILE A 349 -6.43 34.71 -27.15
CA ILE A 349 -5.57 34.90 -25.99
C ILE A 349 -4.54 33.77 -25.96
N GLY A 350 -3.26 34.15 -25.81
CA GLY A 350 -2.21 33.18 -25.65
C GLY A 350 -1.56 33.29 -24.28
N VAL A 351 -1.51 32.19 -23.53
CA VAL A 351 -0.93 32.16 -22.19
C VAL A 351 0.44 31.49 -22.30
N ILE A 352 1.50 32.28 -22.16
CA ILE A 352 2.88 31.79 -22.29
C ILE A 352 3.46 31.74 -20.89
N ALA A 353 3.43 30.57 -20.27
CA ALA A 353 3.96 30.40 -18.93
C ALA A 353 4.31 28.93 -18.73
N ASN A 354 5.24 28.68 -17.82
CA ASN A 354 5.71 27.33 -17.52
C ASN A 354 5.79 27.16 -16.00
N PRO A 355 4.73 26.65 -15.38
CA PRO A 355 4.75 26.47 -13.91
C PRO A 355 5.76 25.44 -13.43
N LYS A 356 6.35 24.64 -14.33
CA LYS A 356 7.38 23.71 -13.91
C LYS A 356 8.73 24.40 -13.73
N GLU A 357 9.10 25.28 -14.66
CA GLU A 357 10.37 25.98 -14.55
C GLU A 357 10.32 27.05 -13.45
N SER A 358 9.18 27.70 -13.29
CA SER A 358 9.02 28.76 -12.29
C SER A 358 7.91 28.35 -11.34
N THR A 359 8.28 28.12 -10.07
CA THR A 359 7.28 27.69 -9.08
C THR A 359 6.32 28.82 -8.73
N ILE A 360 6.77 30.07 -8.81
CA ILE A 360 5.95 31.20 -8.35
C ILE A 360 4.85 31.59 -9.34
N VAL A 361 4.87 31.05 -10.55
CA VAL A 361 3.84 31.40 -11.53
C VAL A 361 2.57 30.57 -11.37
N GLY A 362 2.63 29.48 -10.60
CA GLY A 362 1.48 28.65 -10.34
C GLY A 362 0.27 29.39 -9.81
N PRO A 363 0.41 29.99 -8.62
CA PRO A 363 -0.71 30.79 -8.08
C PRO A 363 -1.24 31.83 -9.05
N ILE A 364 -0.35 32.62 -9.64
CA ILE A 364 -0.71 33.64 -10.63
C ILE A 364 -1.67 33.05 -11.64
N LEU A 365 -1.16 32.09 -12.43
CA LEU A 365 -1.98 31.38 -13.40
C LEU A 365 -3.33 31.00 -12.82
N GLU A 366 -3.32 30.35 -11.65
CA GLU A 366 -4.56 29.97 -10.99
C GLU A 366 -5.53 31.14 -10.96
N LEU A 367 -5.14 32.22 -10.27
CA LEU A 367 -5.93 33.44 -10.23
C LEU A 367 -6.44 33.78 -11.63
N PHE A 368 -5.49 33.95 -12.56
CA PHE A 368 -5.76 34.19 -13.98
C PHE A 368 -6.93 33.32 -14.42
N PHE A 369 -6.70 32.02 -14.47
CA PHE A 369 -7.70 31.14 -15.07
C PHE A 369 -9.00 31.20 -14.29
N ASN A 370 -8.90 31.28 -12.96
CA ASN A 370 -10.13 31.38 -12.16
C ASN A 370 -10.91 32.62 -12.56
N VAL A 371 -10.24 33.78 -12.57
CA VAL A 371 -10.95 35.00 -12.94
C VAL A 371 -11.44 34.87 -14.37
N MET A 372 -10.70 34.13 -15.21
CA MET A 372 -11.12 34.00 -16.60
C MET A 372 -12.39 33.19 -16.73
N ILE A 373 -12.56 32.17 -15.88
CA ILE A 373 -13.69 31.27 -16.04
C ILE A 373 -14.93 31.80 -15.34
N TYR A 374 -14.80 32.15 -14.06
CA TYR A 374 -15.95 32.61 -13.30
C TYR A 374 -16.45 33.98 -13.79
N SER A 375 -15.62 34.72 -14.52
CA SER A 375 -16.09 35.97 -15.12
C SER A 375 -17.06 35.72 -16.27
N ASN A 376 -17.09 34.51 -16.82
CA ASN A 376 -17.96 34.20 -17.94
C ASN A 376 -19.01 33.17 -17.59
N LEU A 377 -19.23 32.91 -16.31
CA LEU A 377 -20.26 31.95 -15.88
C LEU A 377 -21.65 32.59 -15.83
N ILE A 378 -21.98 33.41 -16.84
CA ILE A 378 -23.32 33.96 -17.02
C ILE A 378 -23.89 33.37 -18.30
N LEU A 379 -25.06 32.75 -18.20
CA LEU A 379 -25.65 32.08 -19.35
C LEU A 379 -25.90 33.09 -20.47
N PRO A 380 -25.70 32.71 -21.73
CA PRO A 380 -25.98 33.64 -22.83
C PRO A 380 -27.45 34.00 -22.95
N ILE A 381 -28.35 33.12 -22.49
CA ILE A 381 -29.78 33.43 -22.54
C ILE A 381 -30.15 34.52 -21.55
N HIS A 382 -29.30 34.79 -20.56
CA HIS A 382 -29.51 35.90 -19.63
C HIS A 382 -28.82 37.17 -20.10
N ASP A 383 -27.80 37.07 -20.94
CA ASP A 383 -27.11 38.21 -21.53
C ASP A 383 -26.97 37.93 -23.03
N PRO A 384 -27.97 38.30 -23.84
CA PRO A 384 -27.93 37.97 -25.27
C PRO A 384 -26.69 38.46 -26.00
N GLN A 385 -25.97 39.42 -25.43
CA GLN A 385 -24.77 39.94 -26.10
C GLN A 385 -23.55 39.05 -25.89
N CYS A 386 -23.57 38.17 -24.89
CA CYS A 386 -22.51 37.16 -24.72
C CYS A 386 -22.81 35.96 -25.61
N LYS A 387 -22.68 36.17 -26.92
CA LYS A 387 -23.10 35.20 -27.91
C LYS A 387 -21.96 34.39 -28.50
N ARG A 388 -20.71 34.71 -28.18
CA ARG A 388 -19.57 34.03 -28.79
C ARG A 388 -19.09 32.87 -27.92
N SER A 389 -18.50 31.87 -28.58
CA SER A 389 -17.89 30.74 -27.90
C SER A 389 -16.40 31.00 -27.69
N CYS A 390 -15.83 30.31 -26.70
CA CYS A 390 -14.43 30.48 -26.35
C CYS A 390 -13.79 29.10 -26.21
N LEU A 391 -13.05 28.68 -27.24
CA LEU A 391 -12.35 27.41 -27.21
C LEU A 391 -11.07 27.57 -26.40
N MET A 392 -10.97 26.83 -25.30
CA MET A 392 -9.79 26.89 -24.43
C MET A 392 -8.89 25.71 -24.77
N LEU A 393 -7.95 25.93 -25.68
CA LEU A 393 -7.00 24.90 -26.11
C LEU A 393 -5.99 24.67 -25.00
N MET A 394 -6.39 23.86 -24.02
CA MET A 394 -5.53 23.56 -22.87
C MET A 394 -4.40 22.61 -23.28
N ASP A 395 -3.48 23.10 -24.11
CA ASP A 395 -2.31 22.32 -24.47
C ASP A 395 -1.39 22.15 -23.27
N GLU A 396 -0.75 21.00 -23.18
CA GLU A 396 0.19 20.70 -22.09
C GLU A 396 -0.45 20.92 -20.73
N PHE A 397 -1.63 20.31 -20.54
CA PHE A 397 -2.43 20.54 -19.34
C PHE A 397 -1.63 20.21 -18.08
N THR A 398 -0.94 19.07 -18.05
CA THR A 398 -0.22 18.66 -16.85
C THR A 398 0.88 19.63 -16.48
N LEU A 399 1.39 20.41 -17.43
CA LEU A 399 2.39 21.42 -17.12
C LEU A 399 1.86 22.46 -16.14
N CYS A 400 0.55 22.68 -16.12
CA CYS A 400 -0.03 23.67 -15.23
C CYS A 400 0.00 23.24 -13.76
N GLY A 401 0.30 21.98 -13.48
CA GLY A 401 0.29 21.54 -12.10
C GLY A 401 -1.13 21.49 -11.56
N TYR A 402 -1.26 21.71 -10.25
CA TYR A 402 -2.57 21.69 -9.60
C TYR A 402 -3.26 23.02 -9.82
N LEU A 403 -4.26 23.03 -10.70
CA LEU A 403 -5.15 24.17 -10.89
C LEU A 403 -6.53 23.73 -10.41
N GLU A 404 -6.89 24.12 -9.19
CA GLU A 404 -8.20 23.78 -8.64
C GLU A 404 -9.32 24.31 -9.52
N THR A 405 -9.08 25.41 -10.24
CA THR A 405 -10.13 26.08 -10.99
C THR A 405 -10.85 25.12 -11.93
N PHE A 406 -10.09 24.38 -12.74
CA PHE A 406 -10.71 23.47 -13.70
C PHE A 406 -11.43 22.33 -13.01
N VAL A 407 -10.83 21.77 -11.96
CA VAL A 407 -11.47 20.68 -11.22
C VAL A 407 -12.83 21.13 -10.68
N LYS A 408 -12.92 22.39 -10.24
CA LYS A 408 -14.18 22.89 -9.70
C LYS A 408 -15.13 23.40 -10.78
N ALA A 409 -14.65 23.71 -11.97
CA ALA A 409 -15.47 24.39 -12.97
C ALA A 409 -15.96 23.50 -14.11
N VAL A 410 -15.23 22.43 -14.46
CA VAL A 410 -15.58 21.65 -15.65
C VAL A 410 -17.00 21.13 -15.59
N GLY A 411 -17.53 20.86 -14.40
CA GLY A 411 -18.87 20.34 -14.30
C GLY A 411 -19.98 21.31 -14.63
N ILE A 412 -19.66 22.57 -14.91
CA ILE A 412 -20.68 23.56 -15.19
C ILE A 412 -20.27 24.46 -16.34
N MET A 413 -19.00 24.38 -16.74
CA MET A 413 -18.47 25.29 -17.76
C MET A 413 -19.20 25.16 -19.10
N ALA A 414 -19.72 23.98 -19.42
CA ALA A 414 -20.17 23.70 -20.79
C ALA A 414 -21.27 24.66 -21.23
N GLU A 415 -22.30 24.82 -20.40
CA GLU A 415 -23.47 25.59 -20.79
C GLU A 415 -23.19 27.08 -20.97
N TYR A 416 -22.04 27.57 -20.52
CA TYR A 416 -21.68 28.98 -20.67
C TYR A 416 -20.72 29.22 -21.83
N ASN A 417 -20.52 28.22 -22.68
CA ASN A 417 -19.71 28.35 -23.90
C ASN A 417 -18.25 28.64 -23.60
N MET A 418 -17.76 28.18 -22.45
CA MET A 418 -16.33 28.11 -22.18
C MET A 418 -15.92 26.66 -22.43
N ARG A 419 -15.38 26.40 -23.62
CA ARG A 419 -15.20 25.04 -24.14
C ARG A 419 -13.72 24.65 -24.15
N PRO A 420 -13.21 23.96 -23.14
CA PRO A 420 -11.81 23.55 -23.15
C PRO A 420 -11.58 22.21 -23.82
N ALA A 421 -10.35 22.05 -24.32
CA ALA A 421 -9.86 20.78 -24.85
C ALA A 421 -8.58 20.44 -24.09
N PHE A 422 -8.62 19.36 -23.32
CA PHE A 422 -7.52 18.98 -22.44
C PHE A 422 -6.61 18.01 -23.18
N VAL A 423 -5.39 18.46 -23.49
CA VAL A 423 -4.39 17.66 -24.20
C VAL A 423 -3.33 17.25 -23.19
N PHE A 424 -3.14 15.94 -23.00
CA PHE A 424 -2.13 15.49 -22.06
C PHE A 424 -1.52 14.18 -22.54
N GLN A 425 -0.38 13.82 -21.93
CA GLN A 425 0.40 12.68 -22.39
C GLN A 425 -0.14 11.35 -21.87
N SER A 426 -0.57 11.29 -20.62
CA SER A 426 -1.05 10.05 -20.05
C SER A 426 -1.90 10.33 -18.83
N LYS A 427 -2.74 9.36 -18.47
CA LYS A 427 -3.55 9.50 -17.27
C LYS A 427 -2.70 9.55 -16.01
N ALA A 428 -1.51 8.94 -16.03
CA ALA A 428 -0.67 8.91 -14.84
C ALA A 428 -0.23 10.30 -14.43
N GLN A 429 0.19 11.13 -15.40
CA GLN A 429 0.59 12.50 -15.09
C GLN A 429 -0.59 13.30 -14.54
N LEU A 430 -1.80 12.94 -14.92
CA LEU A 430 -2.98 13.64 -14.39
C LEU A 430 -3.25 13.25 -12.95
N GLU A 431 -3.06 11.98 -12.61
CA GLU A 431 -3.37 11.45 -11.28
C GLU A 431 -2.30 11.74 -10.24
N ASN A 432 -1.28 12.52 -10.59
CA ASN A 432 -0.10 12.65 -9.75
C ASN A 432 -0.40 13.50 -8.51
N ASP A 433 0.63 13.66 -7.68
CA ASP A 433 0.64 14.46 -6.46
C ASP A 433 0.19 15.88 -6.75
N PRO A 434 -0.21 16.66 -5.74
CA PRO A 434 -0.77 18.00 -6.00
C PRO A 434 0.09 18.84 -6.92
N PRO A 435 1.32 19.21 -6.55
CA PRO A 435 1.99 20.30 -7.29
C PRO A 435 2.26 19.97 -8.75
N LEU A 436 2.45 18.69 -9.09
CA LEU A 436 2.72 18.29 -10.46
C LEU A 436 1.61 17.46 -11.07
N GLY A 437 0.47 17.34 -10.40
CA GLY A 437 -0.66 16.58 -10.91
C GLY A 437 -1.94 17.17 -10.39
N TYR A 438 -2.99 16.35 -10.36
CA TYR A 438 -4.29 16.76 -9.84
C TYR A 438 -4.83 15.80 -8.78
N GLY A 439 -4.09 14.75 -8.45
CA GLY A 439 -4.60 13.72 -7.57
C GLY A 439 -5.49 12.75 -8.32
N ARG A 440 -5.73 11.60 -7.67
CA ARG A 440 -6.60 10.59 -8.26
C ARG A 440 -7.99 11.15 -8.51
N ASN A 441 -8.58 11.78 -7.49
CA ASN A 441 -9.94 12.27 -7.62
C ASN A 441 -10.03 13.47 -8.55
N GLY A 442 -9.05 14.37 -8.48
CA GLY A 442 -9.05 15.50 -9.39
C GLY A 442 -8.95 15.07 -10.84
N ALA A 443 -8.02 14.15 -11.13
CA ALA A 443 -7.90 13.61 -12.48
C ALA A 443 -9.18 12.89 -12.89
N LYS A 444 -9.84 12.20 -11.95
CA LYS A 444 -11.07 11.50 -12.28
C LYS A 444 -12.17 12.48 -12.67
N THR A 445 -12.33 13.55 -11.90
CA THR A 445 -13.35 14.55 -12.24
C THR A 445 -13.03 15.28 -13.53
N ILE A 446 -11.74 15.47 -13.82
CA ILE A 446 -11.36 16.09 -15.10
C ILE A 446 -11.72 15.17 -16.25
N LEU A 447 -11.37 13.88 -16.15
CA LEU A 447 -11.61 12.95 -17.23
C LEU A 447 -13.10 12.67 -17.42
N ASP A 448 -13.88 12.70 -16.34
CA ASP A 448 -15.30 12.38 -16.44
C ASP A 448 -16.04 13.36 -17.32
N ASN A 449 -15.63 14.63 -17.32
CA ASN A 449 -16.26 15.67 -18.12
C ASN A 449 -15.69 15.77 -19.53
N LEU A 450 -15.20 14.67 -20.08
CA LEU A 450 -14.63 14.63 -21.43
C LEU A 450 -15.47 13.67 -22.27
N SER A 451 -16.26 14.21 -23.19
CA SER A 451 -17.19 13.41 -23.96
C SER A 451 -16.60 12.83 -25.23
N LEU A 452 -15.66 13.54 -25.86
CA LEU A 452 -14.96 13.05 -27.04
C LEU A 452 -13.49 12.91 -26.69
N ASN A 453 -12.99 11.69 -26.73
CA ASN A 453 -11.60 11.40 -26.39
C ASN A 453 -10.88 10.89 -27.63
N MET A 454 -9.83 11.60 -28.02
CA MET A 454 -8.96 11.15 -29.11
C MET A 454 -7.78 10.37 -28.53
N TYR A 455 -7.48 9.24 -29.15
CA TYR A 455 -6.42 8.34 -28.72
C TYR A 455 -5.43 8.20 -29.87
N TYR A 456 -4.22 8.72 -29.65
CA TYR A 456 -3.11 8.53 -30.58
C TYR A 456 -2.37 7.24 -30.26
N GLY A 457 -1.78 6.64 -31.29
CA GLY A 457 -1.05 5.40 -31.14
C GLY A 457 0.46 5.62 -31.14
N ILE A 458 1.16 4.83 -30.33
CA ILE A 458 2.62 4.88 -30.27
C ILE A 458 3.12 3.49 -29.89
N ASN A 459 4.27 3.11 -30.44
CA ASN A 459 4.83 1.78 -30.21
C ASN A 459 5.89 1.85 -29.11
N ASN A 460 5.42 2.10 -27.90
CA ASN A 460 6.27 2.16 -26.72
C ASN A 460 5.66 1.28 -25.64
N ASP A 461 6.49 0.42 -25.04
CA ASP A 461 5.98 -0.51 -24.02
C ASP A 461 5.39 0.24 -22.83
N ASN A 462 5.88 1.44 -22.55
CA ASN A 462 5.41 2.24 -21.42
C ASN A 462 3.94 2.61 -21.55
N TYR A 463 3.31 2.24 -22.67
CA TYR A 463 1.90 2.52 -22.90
C TYR A 463 1.07 1.27 -23.11
N TYR A 464 1.66 0.08 -22.98
CA TYR A 464 0.92 -1.14 -23.30
C TYR A 464 -0.39 -1.24 -22.53
N GLU A 465 -0.31 -1.19 -21.20
CA GLU A 465 -1.50 -1.28 -20.37
C GLU A 465 -2.58 -0.31 -20.83
N HIS A 466 -2.19 0.86 -21.32
CA HIS A 466 -3.16 1.79 -21.88
C HIS A 466 -3.86 1.17 -23.10
N PHE A 467 -3.09 0.85 -24.13
CA PHE A 467 -3.67 0.37 -25.37
C PHE A 467 -4.34 -0.99 -25.22
N GLU A 468 -3.92 -1.80 -24.24
CA GLU A 468 -4.67 -3.00 -23.92
C GLU A 468 -6.11 -2.65 -23.51
N LYS A 469 -6.25 -1.75 -22.54
CA LYS A 469 -7.58 -1.39 -22.06
C LYS A 469 -8.43 -0.86 -23.20
N LEU A 470 -7.89 0.12 -23.93
CA LEU A 470 -8.57 0.65 -25.10
C LEU A 470 -9.01 -0.46 -26.04
N SER A 471 -8.12 -1.43 -26.29
CA SER A 471 -8.48 -2.53 -27.17
C SER A 471 -9.71 -3.26 -26.63
N LYS A 472 -9.69 -3.59 -25.34
CA LYS A 472 -10.86 -4.23 -24.74
C LYS A 472 -12.09 -3.35 -24.87
N VAL A 473 -11.91 -2.03 -24.76
CA VAL A 473 -13.04 -1.12 -24.86
C VAL A 473 -13.65 -1.18 -26.25
N LEU A 474 -12.83 -1.42 -27.27
CA LEU A 474 -13.36 -1.49 -28.63
C LEU A 474 -14.20 -2.73 -28.86
N GLY A 475 -14.08 -3.75 -28.00
CA GLY A 475 -14.90 -4.94 -28.11
C GLY A 475 -14.46 -5.86 -29.23
N LYS A 476 -15.16 -6.98 -29.35
CA LYS A 476 -14.89 -7.96 -30.38
C LYS A 476 -16.08 -8.10 -31.32
N TYR A 477 -15.80 -8.58 -32.52
CA TYR A 477 -16.82 -8.87 -33.53
C TYR A 477 -16.60 -10.27 -34.08
N THR A 478 -17.63 -10.75 -34.78
CA THR A 478 -17.64 -12.11 -35.32
C THR A 478 -17.01 -12.10 -36.71
N ARG A 479 -16.03 -12.97 -36.91
CA ARG A 479 -15.38 -13.14 -38.20
C ARG A 479 -15.51 -14.59 -38.66
N GLN A 480 -15.19 -14.81 -39.93
CA GLN A 480 -15.26 -16.13 -40.54
C GLN A 480 -13.88 -16.76 -40.61
N ASP A 481 -13.76 -17.98 -40.11
CA ASP A 481 -12.52 -18.74 -40.14
C ASP A 481 -12.69 -19.90 -41.12
N VAL A 482 -11.78 -19.97 -42.09
CA VAL A 482 -11.80 -21.01 -43.12
C VAL A 482 -10.73 -22.03 -42.78
N SER A 483 -11.10 -23.31 -42.84
CA SER A 483 -10.16 -24.42 -42.71
C SER A 483 -10.30 -25.31 -43.94
N ARG A 484 -9.25 -26.07 -44.21
CA ARG A 484 -9.22 -26.92 -45.40
C ARG A 484 -8.60 -28.27 -45.07
N SER A 485 -9.29 -29.33 -45.45
CA SER A 485 -8.76 -30.70 -45.35
C SER A 485 -8.47 -31.21 -46.76
N ILE A 486 -7.41 -32.00 -46.88
CA ILE A 486 -6.94 -32.48 -48.17
C ILE A 486 -6.69 -33.98 -48.10
N ASP A 487 -7.25 -34.73 -49.04
CA ASP A 487 -6.92 -36.13 -49.19
C ASP A 487 -5.55 -36.23 -49.86
N ASP A 488 -4.57 -36.79 -49.13
CA ASP A 488 -3.20 -36.81 -49.62
C ASP A 488 -3.03 -37.67 -50.85
N ASN A 489 -3.91 -38.64 -51.08
CA ASN A 489 -3.80 -39.51 -52.25
C ASN A 489 -4.52 -38.93 -53.46
N THR A 490 -5.82 -38.68 -53.34
CA THR A 490 -6.63 -38.25 -54.48
C THR A 490 -6.53 -36.76 -54.74
N GLY A 491 -6.15 -35.95 -53.75
CA GLY A 491 -6.06 -34.52 -53.93
C GLY A 491 -7.35 -33.76 -53.70
N LYS A 492 -8.48 -34.45 -53.56
CA LYS A 492 -9.75 -33.76 -53.31
C LYS A 492 -9.68 -32.99 -52.00
N THR A 493 -10.32 -31.82 -51.98
CA THR A 493 -10.27 -30.93 -50.84
C THR A 493 -11.66 -30.65 -50.30
N ASN A 494 -11.73 -30.40 -48.99
CA ASN A 494 -12.95 -29.98 -48.31
C ASN A 494 -12.67 -28.66 -47.60
N THR A 495 -13.60 -27.72 -47.74
CA THR A 495 -13.44 -26.37 -47.18
C THR A 495 -14.55 -26.12 -46.17
N SER A 496 -14.16 -25.83 -44.93
CA SER A 496 -15.11 -25.56 -43.85
C SER A 496 -15.01 -24.11 -43.42
N ILE A 497 -16.15 -23.52 -43.06
CA ILE A 497 -16.23 -22.13 -42.63
C ILE A 497 -16.96 -22.10 -41.29
N SER A 498 -16.35 -21.45 -40.30
CA SER A 498 -16.92 -21.36 -38.97
C SER A 498 -16.83 -19.93 -38.46
N ASN A 499 -17.47 -19.68 -37.33
CA ASN A 499 -17.48 -18.35 -36.73
C ASN A 499 -16.45 -18.30 -35.61
N LYS A 500 -15.62 -17.25 -35.62
CA LYS A 500 -14.64 -17.01 -34.57
C LYS A 500 -14.79 -15.57 -34.09
N GLU A 501 -14.13 -15.28 -32.98
CA GLU A 501 -14.13 -13.94 -32.39
C GLU A 501 -12.86 -13.20 -32.75
N ARG A 502 -12.96 -11.88 -32.86
CA ARG A 502 -11.76 -11.08 -33.09
C ARG A 502 -11.94 -9.69 -32.51
N PHE A 503 -10.91 -9.21 -31.83
CA PHE A 503 -10.90 -7.83 -31.38
C PHE A 503 -11.05 -6.89 -32.57
N LEU A 504 -11.84 -5.83 -32.38
CA LEU A 504 -11.91 -4.78 -33.39
C LEU A 504 -10.51 -4.22 -33.68
N MET A 505 -9.74 -3.96 -32.63
CA MET A 505 -8.33 -3.61 -32.74
C MET A 505 -7.58 -4.23 -31.58
N THR A 506 -6.55 -5.01 -31.89
CA THR A 506 -5.68 -5.58 -30.87
C THR A 506 -4.81 -4.47 -30.27
N PRO A 507 -4.19 -4.72 -29.11
CA PRO A 507 -3.31 -3.69 -28.53
C PRO A 507 -2.17 -3.29 -29.45
N ASP A 508 -1.50 -4.26 -30.09
CA ASP A 508 -0.41 -3.91 -30.99
C ASP A 508 -0.92 -3.18 -32.23
N GLU A 509 -2.15 -3.49 -32.68
CA GLU A 509 -2.70 -2.78 -33.84
C GLU A 509 -2.99 -1.32 -33.51
N LEU A 510 -3.41 -1.04 -32.27
CA LEU A 510 -3.53 0.35 -31.84
C LEU A 510 -2.16 0.99 -31.70
N MET A 511 -1.21 0.24 -31.14
CA MET A 511 0.11 0.80 -30.87
C MET A 511 0.84 1.21 -32.15
N THR A 512 0.62 0.47 -33.24
CA THR A 512 1.26 0.74 -34.52
C THR A 512 0.33 1.47 -35.49
N MET A 513 -0.72 2.10 -34.98
CA MET A 513 -1.67 2.84 -35.80
C MET A 513 -1.01 3.87 -36.71
N GLY A 514 0.19 4.32 -36.38
CA GLY A 514 0.84 5.36 -37.16
C GLY A 514 0.20 6.71 -36.95
N ASP A 515 -0.29 7.32 -38.02
CA ASP A 515 -0.97 8.61 -37.95
C ASP A 515 -2.48 8.46 -37.89
N GLU A 516 -2.99 7.25 -37.84
CA GLU A 516 -4.39 7.03 -37.55
C GLU A 516 -4.63 7.17 -36.05
N LEU A 517 -5.87 7.48 -35.70
CA LEU A 517 -6.26 7.62 -34.30
C LEU A 517 -7.65 7.07 -34.11
N ILE A 518 -7.98 6.82 -32.84
CA ILE A 518 -9.31 6.39 -32.44
C ILE A 518 -10.01 7.56 -31.77
N ILE A 519 -11.32 7.67 -31.99
CA ILE A 519 -12.15 8.66 -31.35
C ILE A 519 -13.26 7.93 -30.62
N LEU A 520 -13.39 8.18 -29.32
CA LEU A 520 -14.48 7.66 -28.51
C LEU A 520 -15.37 8.83 -28.12
N GLU A 521 -16.56 8.88 -28.70
CA GLU A 521 -17.59 9.83 -28.28
C GLU A 521 -18.58 9.10 -27.38
N ASN A 522 -19.03 9.79 -26.32
CA ASN A 522 -19.75 9.10 -25.26
C ASN A 522 -21.03 8.44 -25.76
N THR A 523 -21.63 8.96 -26.82
CA THR A 523 -22.95 8.49 -27.27
C THR A 523 -22.90 7.78 -28.62
N LEU A 524 -21.71 7.37 -29.07
CA LEU A 524 -21.57 6.76 -30.38
C LEU A 524 -20.66 5.54 -30.29
N LYS A 525 -20.65 4.76 -31.37
CA LYS A 525 -19.71 3.67 -31.50
C LYS A 525 -18.34 4.25 -31.82
N PRO A 526 -17.27 3.49 -31.54
CA PRO A 526 -15.92 4.03 -31.77
C PRO A 526 -15.70 4.41 -33.23
N ILE A 527 -14.80 5.37 -33.43
CA ILE A 527 -14.47 5.88 -34.75
C ILE A 527 -12.96 5.71 -34.95
N LYS A 528 -12.57 5.38 -36.17
CA LYS A 528 -11.16 5.31 -36.55
C LYS A 528 -10.93 6.24 -37.73
N CYS A 529 -10.03 7.19 -37.58
CA CYS A 529 -9.80 8.16 -38.65
C CYS A 529 -8.32 8.51 -38.71
N HIS A 530 -7.97 9.48 -39.54
CA HIS A 530 -6.61 9.95 -39.68
C HIS A 530 -6.41 11.26 -38.93
N LYS A 531 -5.17 11.52 -38.53
CA LYS A 531 -4.84 12.77 -37.88
C LYS A 531 -5.10 13.93 -38.83
N ALA A 532 -5.60 15.04 -38.29
CA ALA A 532 -5.87 16.24 -39.07
C ALA A 532 -4.61 17.07 -39.23
N LEU A 533 -3.61 16.48 -39.86
CA LEU A 533 -2.33 17.16 -40.06
C LEU A 533 -2.51 18.41 -40.90
N TYR A 534 -1.94 19.52 -40.43
CA TYR A 534 -2.14 20.78 -41.14
C TYR A 534 -1.17 20.94 -42.30
N TYR A 535 0.06 20.45 -42.15
CA TYR A 535 1.06 20.64 -43.21
C TYR A 535 0.77 19.77 -44.42
N ASP A 536 0.08 18.65 -44.23
CA ASP A 536 -0.25 17.75 -45.32
C ASP A 536 -1.31 18.34 -46.25
N ASP A 537 -2.12 19.26 -45.76
CA ASP A 537 -3.38 19.62 -46.37
C ASP A 537 -3.35 21.06 -46.86
N PRO A 538 -3.74 21.33 -48.12
CA PRO A 538 -3.93 22.72 -48.54
C PRO A 538 -4.98 23.46 -47.73
N PHE A 539 -5.94 22.74 -47.12
CA PHE A 539 -6.97 23.39 -46.31
C PHE A 539 -6.39 24.31 -45.25
N PHE A 540 -5.24 23.96 -44.68
CA PHE A 540 -4.56 24.78 -43.68
C PHE A 540 -3.36 25.52 -44.24
N THR A 541 -2.55 24.86 -45.08
CA THR A 541 -1.38 25.53 -45.62
C THR A 541 -1.75 26.72 -46.50
N ASP A 542 -2.95 26.73 -47.08
CA ASP A 542 -3.39 27.90 -47.82
C ASP A 542 -3.52 29.11 -46.90
N GLU A 543 -4.16 28.92 -45.74
CA GLU A 543 -4.27 30.00 -44.77
C GLU A 543 -2.90 30.41 -44.26
N LEU A 544 -1.99 29.45 -44.11
CA LEU A 544 -0.65 29.77 -43.63
C LEU A 544 0.15 30.56 -44.66
N ILE A 545 0.01 30.21 -45.94
CA ILE A 545 0.80 30.86 -46.99
C ILE A 545 0.21 32.22 -47.34
N LYS A 546 -1.11 32.38 -47.20
CA LYS A 546 -1.75 33.64 -47.57
C LYS A 546 -1.21 34.82 -46.78
N VAL A 547 -0.80 34.60 -45.52
CA VAL A 547 -0.38 35.68 -44.64
C VAL A 547 1.13 35.86 -44.60
N SER A 548 1.88 35.07 -45.35
CA SER A 548 3.34 35.16 -45.37
C SER A 548 3.84 35.47 -46.77
N PRO A 549 4.70 36.47 -46.94
CA PRO A 549 5.19 36.79 -48.30
C PRO A 549 6.14 35.74 -48.84
N SER A 550 7.03 35.19 -48.01
CA SER A 550 8.01 34.22 -48.50
C SER A 550 7.34 32.91 -48.89
N LEU A 551 6.43 32.41 -48.06
CA LEU A 551 5.70 31.20 -48.44
C LEU A 551 4.83 31.44 -49.67
N SER A 552 4.30 32.66 -49.83
CA SER A 552 3.55 32.97 -51.04
C SER A 552 4.46 32.92 -52.26
N LYS A 553 5.68 33.44 -52.13
CA LYS A 553 6.63 33.40 -53.24
C LYS A 553 7.07 31.97 -53.56
N LYS A 554 7.10 31.10 -52.55
CA LYS A 554 7.63 29.75 -52.75
C LYS A 554 6.56 28.74 -53.17
N TYR A 555 5.38 28.76 -52.55
CA TYR A 555 4.35 27.77 -52.78
C TYR A 555 3.10 28.41 -53.36
N LYS A 556 2.36 27.62 -54.15
CA LYS A 556 1.13 28.08 -54.79
C LYS A 556 -0.08 27.66 -53.96
N LEU A 557 -1.16 28.45 -54.07
CA LEU A 557 -2.37 28.18 -53.33
C LEU A 557 -3.13 27.00 -53.94
N GLY A 558 -3.90 26.32 -53.10
CA GLY A 558 -4.69 25.18 -53.52
C GLY A 558 -3.92 23.90 -53.73
N LYS A 559 -2.61 23.98 -53.96
CA LYS A 559 -1.80 22.78 -54.18
C LYS A 559 -1.17 22.32 -52.88
N VAL A 560 -0.93 21.02 -52.79
CA VAL A 560 -0.20 20.46 -51.65
C VAL A 560 1.23 20.98 -51.72
N PRO A 561 1.72 21.63 -50.66
CA PRO A 561 3.09 22.14 -50.70
C PRO A 561 4.10 21.00 -50.72
N ASN A 562 5.25 21.27 -51.33
CA ASN A 562 6.33 20.30 -51.38
C ASN A 562 6.75 19.88 -49.98
N GLN A 563 6.51 18.61 -49.62
CA GLN A 563 6.73 18.17 -48.25
C GLN A 563 8.19 18.04 -47.88
N ALA A 564 9.11 18.06 -48.85
CA ALA A 564 10.53 18.01 -48.54
C ALA A 564 11.05 19.32 -47.98
N THR A 565 10.34 20.43 -48.23
CA THR A 565 10.80 21.75 -47.82
C THR A 565 9.80 22.55 -47.01
N PHE A 566 8.51 22.20 -47.01
CA PHE A 566 7.50 23.13 -46.50
C PHE A 566 7.66 23.38 -45.01
N TYR A 567 7.98 22.35 -44.23
CA TYR A 567 8.12 22.56 -42.80
C TYR A 567 9.33 23.42 -42.48
N ASP A 568 10.46 23.17 -43.15
CA ASP A 568 11.65 23.97 -42.92
C ASP A 568 11.44 25.42 -43.34
N ASP A 569 10.77 25.63 -44.48
CA ASP A 569 10.48 26.98 -44.93
C ASP A 569 9.47 27.67 -44.01
N LEU A 570 8.54 26.92 -43.43
CA LEU A 570 7.60 27.49 -42.47
C LEU A 570 8.33 27.91 -41.19
N GLN A 571 9.29 27.11 -40.74
CA GLN A 571 10.07 27.52 -39.57
C GLN A 571 10.91 28.74 -39.88
N ALA A 572 11.47 28.80 -41.09
CA ALA A 572 12.27 29.96 -41.48
C ALA A 572 11.41 31.23 -41.54
N ALA A 573 10.20 31.12 -42.06
CA ALA A 573 9.31 32.28 -42.10
C ALA A 573 8.81 32.64 -40.71
N LYS A 574 8.64 31.66 -39.84
CA LYS A 574 8.26 31.93 -38.45
C LYS A 574 9.36 32.65 -37.70
N THR A 575 10.62 32.35 -38.01
CA THR A 575 11.74 33.03 -37.37
C THR A 575 11.72 34.53 -37.65
N ARG A 576 11.34 34.92 -38.87
CA ARG A 576 11.27 36.32 -39.26
C ARG A 576 10.01 37.02 -38.77
N GLY A 577 9.13 36.33 -38.05
CA GLY A 577 7.91 36.94 -37.56
C GLY A 577 6.80 37.06 -38.58
N GLU A 578 6.84 36.27 -39.65
CA GLU A 578 5.86 36.40 -40.70
C GLU A 578 4.51 35.78 -40.33
N LEU A 579 4.52 34.76 -39.49
CA LEU A 579 3.30 34.08 -39.07
C LEU A 579 2.83 34.50 -37.69
N SER A 580 3.53 35.42 -37.04
CA SER A 580 3.28 35.76 -35.65
C SER A 580 2.26 36.88 -35.52
N TYR A 581 1.67 36.96 -34.34
CA TYR A 581 0.81 38.08 -33.98
C TYR A 581 1.59 39.38 -34.02
N ASP A 582 0.87 40.49 -34.22
CA ASP A 582 1.48 41.81 -34.24
C ASP A 582 2.03 42.12 -32.85
N LYS A 583 3.35 42.02 -32.69
CA LYS A 583 3.98 42.19 -31.38
C LYS A 583 4.02 43.64 -30.92
N SER A 584 3.68 44.59 -31.77
CA SER A 584 3.77 46.00 -31.39
C SER A 584 2.71 46.36 -30.34
N LEU A 585 1.56 45.69 -30.35
CA LEU A 585 0.47 46.03 -29.45
C LEU A 585 0.61 45.40 -28.07
N VAL A 586 1.74 44.73 -27.77
CA VAL A 586 1.97 44.13 -26.48
C VAL A 586 2.75 45.13 -25.62
N PRO A 587 2.18 45.62 -24.53
CA PRO A 587 2.84 46.69 -23.77
C PRO A 587 4.07 46.17 -23.03
N VAL A 588 5.03 47.07 -22.87
CA VAL A 588 6.31 46.76 -22.21
C VAL A 588 6.40 47.65 -20.98
N GLY A 589 5.96 47.14 -19.84
CA GLY A 589 6.14 47.85 -18.60
C GLY A 589 7.55 47.73 -18.06
N SER A 590 7.91 48.64 -17.16
CA SER A 590 9.23 48.64 -16.55
C SER A 590 9.14 48.20 -15.09
N SER A 591 10.29 47.88 -14.52
CA SER A 591 10.39 47.46 -13.12
C SER A 591 10.11 48.65 -12.22
N GLU A 592 8.87 48.76 -11.75
CA GLU A 592 8.47 49.86 -10.88
C GLU A 592 8.66 49.50 -9.41
N ASP B 26 -31.73 -25.46 -23.82
CA ASP B 26 -30.51 -25.93 -23.18
C ASP B 26 -29.89 -24.82 -22.34
N ASP B 27 -29.13 -25.21 -21.31
CA ASP B 27 -28.48 -24.24 -20.44
C ASP B 27 -27.02 -24.61 -20.16
N LEU B 28 -26.42 -25.45 -21.00
CA LEU B 28 -25.05 -25.90 -20.73
C LEU B 28 -24.10 -24.71 -20.64
N PHE B 29 -24.26 -23.74 -21.52
CA PHE B 29 -23.40 -22.57 -21.56
C PHE B 29 -24.03 -21.35 -20.89
N GLY B 30 -24.95 -21.57 -19.96
CA GLY B 30 -25.56 -20.48 -19.23
C GLY B 30 -27.06 -20.44 -19.37
N SER B 31 -27.73 -19.82 -18.38
CA SER B 31 -29.18 -19.72 -18.38
C SER B 31 -29.66 -18.28 -18.25
N ALA B 32 -28.82 -17.31 -18.62
CA ALA B 32 -29.21 -15.91 -18.50
C ALA B 32 -30.36 -15.58 -19.44
N SER B 33 -31.21 -14.66 -19.01
CA SER B 33 -32.38 -14.28 -19.79
C SER B 33 -32.97 -13.00 -19.22
N TRP B 34 -33.65 -12.26 -20.09
CA TRP B 34 -34.38 -11.07 -19.65
C TRP B 34 -35.64 -11.48 -18.91
N GLU B 35 -36.07 -10.60 -18.01
CA GLU B 35 -37.27 -10.87 -17.22
C GLU B 35 -38.52 -10.80 -18.10
N THR B 36 -39.50 -11.65 -17.77
CA THR B 36 -40.72 -11.74 -18.54
C THR B 36 -41.69 -10.60 -18.18
N GLU B 37 -42.67 -10.40 -19.06
CA GLU B 37 -43.70 -9.40 -18.80
C GLU B 37 -44.56 -9.80 -17.61
N GLU B 38 -44.83 -11.10 -17.46
CA GLU B 38 -45.67 -11.58 -16.38
C GLU B 38 -45.02 -11.34 -15.02
N LYS B 39 -43.72 -11.64 -14.90
CA LYS B 39 -43.03 -11.40 -13.64
C LYS B 39 -42.92 -9.91 -13.34
N MET B 40 -42.73 -9.09 -14.38
CA MET B 40 -42.72 -7.64 -14.17
C MET B 40 -44.08 -7.14 -13.70
N ILE B 41 -45.16 -7.73 -14.19
CA ILE B 41 -46.49 -7.39 -13.71
C ILE B 41 -46.63 -7.79 -12.25
N LYS B 42 -46.21 -9.02 -11.93
CA LYS B 42 -46.31 -9.50 -10.55
C LYS B 42 -45.47 -8.66 -9.60
N ALA B 43 -44.33 -8.17 -10.07
CA ALA B 43 -43.49 -7.27 -9.27
C ALA B 43 -44.03 -5.85 -9.24
N LYS B 44 -45.21 -5.61 -9.82
CA LYS B 44 -45.89 -4.32 -9.86
C LYS B 44 -45.10 -3.25 -10.61
N LEU B 45 -44.07 -3.63 -11.37
CA LEU B 45 -43.34 -2.65 -12.17
C LEU B 45 -44.19 -2.12 -13.32
N ILE B 46 -45.09 -2.95 -13.84
CA ILE B 46 -46.01 -2.57 -14.91
C ILE B 46 -47.38 -3.18 -14.61
N THR B 47 -48.39 -2.70 -15.32
CA THR B 47 -49.75 -3.17 -15.17
C THR B 47 -50.23 -3.79 -16.48
N PRO B 48 -51.30 -4.59 -16.45
CA PRO B 48 -51.84 -5.15 -17.70
C PRO B 48 -52.13 -4.10 -18.77
N ASN B 49 -52.77 -3.01 -18.40
CA ASN B 49 -52.98 -1.88 -19.31
C ASN B 49 -52.05 -0.75 -18.89
N ASN B 50 -50.76 -0.96 -19.18
CA ASN B 50 -49.72 -0.11 -18.59
C ASN B 50 -49.86 1.34 -19.04
N LYS B 51 -50.28 1.57 -20.29
CA LYS B 51 -50.42 2.93 -20.77
C LYS B 51 -51.51 3.70 -20.03
N LYS B 52 -52.47 3.00 -19.41
CA LYS B 52 -53.56 3.61 -18.67
C LYS B 52 -53.44 3.37 -17.17
N ARG B 53 -52.22 3.16 -16.68
CA ARG B 53 -52.03 2.89 -15.26
C ARG B 53 -52.34 4.12 -14.43
N ALA B 54 -52.82 3.87 -13.20
CA ALA B 54 -53.32 4.95 -12.35
C ALA B 54 -52.23 5.71 -11.60
N PHE B 55 -51.06 5.10 -11.40
CA PHE B 55 -49.99 5.71 -10.61
C PHE B 55 -50.44 6.02 -9.19
N ASP B 56 -51.13 5.04 -8.58
CA ASP B 56 -51.72 5.20 -7.26
C ASP B 56 -50.93 4.51 -6.16
N LYS B 57 -49.71 4.07 -6.45
CA LYS B 57 -48.87 3.39 -5.46
C LYS B 57 -47.59 4.17 -5.19
N ARG B 58 -47.63 5.49 -5.39
CA ARG B 58 -46.48 6.37 -5.13
C ARG B 58 -45.22 5.86 -5.84
N GLU B 59 -45.40 5.46 -7.10
CA GLU B 59 -44.33 4.81 -7.84
C GLU B 59 -43.34 5.82 -8.39
N VAL B 60 -42.09 5.37 -8.53
CA VAL B 60 -41.02 6.19 -9.10
C VAL B 60 -40.72 5.65 -10.49
N ILE B 61 -40.79 6.52 -11.50
CA ILE B 61 -40.54 6.09 -12.87
C ILE B 61 -39.05 5.84 -13.06
N VAL B 62 -38.71 4.66 -13.57
CA VAL B 62 -37.31 4.30 -13.80
C VAL B 62 -37.02 3.98 -15.26
N GLY B 63 -38.03 3.89 -16.12
CA GLY B 63 -37.80 3.58 -17.52
C GLY B 63 -39.11 3.52 -18.27
N ARG B 64 -39.00 3.40 -19.59
CA ARG B 64 -40.17 3.37 -20.46
C ARG B 64 -39.98 2.34 -21.55
N ARG B 65 -41.10 1.72 -21.95
CA ARG B 65 -41.15 0.84 -23.11
C ARG B 65 -41.69 1.57 -24.33
N GLY B 66 -41.81 2.88 -24.25
CA GLY B 66 -42.49 3.67 -25.26
C GLY B 66 -43.13 4.87 -24.62
N LEU B 67 -43.65 5.76 -25.47
CA LEU B 67 -44.28 6.97 -24.98
C LEU B 67 -45.46 6.63 -24.09
N GLY B 68 -45.41 7.06 -22.83
CA GLY B 68 -46.50 6.84 -21.90
C GLY B 68 -46.59 5.45 -21.34
N ASP B 69 -45.64 4.56 -21.67
CA ASP B 69 -45.64 3.17 -21.23
C ASP B 69 -44.41 3.01 -20.33
N PHE B 70 -44.59 3.29 -19.04
CA PHE B 70 -43.48 3.43 -18.11
C PHE B 70 -43.32 2.21 -17.21
N ILE B 71 -42.08 1.97 -16.80
CA ILE B 71 -41.72 1.05 -15.73
C ILE B 71 -41.55 1.86 -14.46
N ALA B 72 -42.26 1.48 -13.40
CA ALA B 72 -42.30 2.28 -12.17
C ALA B 72 -42.18 1.40 -10.94
N TYR B 73 -41.39 1.87 -9.98
CA TYR B 73 -41.08 1.12 -8.77
C TYR B 73 -42.02 1.53 -7.65
N ALA B 74 -42.74 0.55 -7.10
CA ALA B 74 -43.64 0.74 -5.99
C ALA B 74 -42.97 0.27 -4.69
N GLY B 75 -43.76 0.02 -3.65
CA GLY B 75 -43.18 -0.39 -2.40
C GLY B 75 -42.36 0.72 -1.75
N GLN B 76 -41.50 0.31 -0.81
CA GLN B 76 -40.65 1.24 -0.08
C GLN B 76 -39.16 1.04 -0.34
N ALA B 77 -38.78 0.11 -1.22
CA ALA B 77 -37.38 -0.15 -1.48
C ALA B 77 -36.70 1.06 -2.12
N PHE B 78 -35.37 1.09 -2.04
CA PHE B 78 -34.58 2.23 -2.47
C PHE B 78 -34.02 2.01 -3.87
N ILE B 79 -33.80 3.12 -4.57
CA ILE B 79 -33.33 3.12 -5.95
C ILE B 79 -31.91 3.67 -6.01
N GLY B 80 -31.07 3.03 -6.79
CA GLY B 80 -29.75 3.54 -7.11
C GLY B 80 -29.63 3.79 -8.61
N LEU B 81 -29.06 4.92 -8.98
CA LEU B 81 -28.84 5.28 -10.37
C LEU B 81 -27.35 5.50 -10.58
N ILE B 82 -26.70 4.57 -11.28
CA ILE B 82 -25.29 4.70 -11.62
C ILE B 82 -25.25 5.38 -12.99
N ALA B 83 -25.08 6.69 -12.98
CA ALA B 83 -25.18 7.50 -14.20
C ALA B 83 -23.87 8.24 -14.44
N PRO B 84 -23.13 7.92 -15.50
CA PRO B 84 -21.92 8.67 -15.81
C PRO B 84 -22.24 10.13 -16.07
N THR B 85 -21.18 10.94 -16.09
CA THR B 85 -21.35 12.37 -16.32
C THR B 85 -21.96 12.64 -17.69
N ARG B 86 -23.01 13.45 -17.70
CA ARG B 86 -23.71 13.83 -18.93
C ARG B 86 -24.36 12.63 -19.62
N SER B 87 -24.81 11.65 -18.84
CA SER B 87 -25.47 10.47 -19.40
C SER B 87 -26.99 10.61 -19.41
N GLY B 88 -27.54 11.73 -18.96
CA GLY B 88 -28.95 11.99 -19.03
C GLY B 88 -29.75 11.66 -17.79
N LYS B 89 -29.13 11.67 -16.61
CA LYS B 89 -29.87 11.36 -15.38
C LYS B 89 -30.97 12.37 -15.11
N GLY B 90 -30.74 13.65 -15.44
CA GLY B 90 -31.76 14.65 -15.22
C GLY B 90 -32.95 14.49 -16.16
N VAL B 91 -32.67 14.42 -17.46
CA VAL B 91 -33.75 14.30 -18.44
C VAL B 91 -34.41 12.93 -18.45
N GLY B 92 -33.80 11.93 -17.81
CA GLY B 92 -34.35 10.59 -17.84
C GLY B 92 -34.79 10.05 -16.50
N PHE B 93 -34.57 10.80 -15.42
CA PHE B 93 -34.96 10.31 -14.10
C PHE B 93 -35.38 11.43 -13.17
N ILE B 94 -34.59 12.49 -13.06
CA ILE B 94 -34.89 13.58 -12.14
C ILE B 94 -36.14 14.34 -12.61
N MET B 95 -36.07 14.91 -13.81
CA MET B 95 -37.20 15.66 -14.34
C MET B 95 -38.48 14.84 -14.48
N PRO B 96 -38.46 13.59 -14.97
CA PRO B 96 -39.73 12.85 -15.07
C PRO B 96 -40.42 12.64 -13.74
N ASN B 97 -39.68 12.28 -12.70
CA ASN B 97 -40.31 12.07 -11.40
C ASN B 97 -40.67 13.40 -10.74
N MET B 98 -39.86 14.44 -10.95
CA MET B 98 -40.24 15.77 -10.49
C MET B 98 -41.58 16.19 -11.07
N ILE B 99 -41.82 15.84 -12.34
CA ILE B 99 -43.08 16.20 -12.97
C ILE B 99 -44.21 15.25 -12.55
N ASN B 100 -43.91 13.98 -12.28
CA ASN B 100 -44.93 12.96 -12.10
C ASN B 100 -45.19 12.58 -10.65
N TYR B 101 -44.15 12.49 -9.82
CA TYR B 101 -44.30 11.92 -8.49
C TYR B 101 -45.30 12.73 -7.66
N PRO B 102 -46.34 12.10 -7.11
CA PRO B 102 -47.41 12.85 -6.44
C PRO B 102 -47.24 13.07 -4.95
N GLN B 103 -46.24 12.50 -4.31
CA GLN B 103 -46.03 12.70 -2.88
C GLN B 103 -44.98 13.79 -2.67
N ASN B 104 -44.44 13.87 -1.45
CA ASN B 104 -43.45 14.87 -1.12
C ASN B 104 -42.10 14.51 -1.72
N ILE B 105 -41.31 15.55 -2.04
CA ILE B 105 -40.02 15.37 -2.69
C ILE B 105 -39.00 16.29 -2.02
N VAL B 106 -37.84 15.73 -1.70
CA VAL B 106 -36.67 16.51 -1.31
C VAL B 106 -35.59 16.21 -2.33
N VAL B 107 -35.26 17.20 -3.16
CA VAL B 107 -34.36 17.01 -4.29
C VAL B 107 -33.09 17.82 -4.05
N PHE B 108 -31.93 17.22 -4.35
CA PHE B 108 -30.69 17.98 -4.35
C PHE B 108 -30.53 18.66 -5.71
N ASP B 109 -30.46 20.00 -5.68
CA ASP B 109 -30.46 20.82 -6.90
C ASP B 109 -29.22 21.71 -6.87
N PRO B 110 -28.06 21.18 -7.26
CA PRO B 110 -26.83 21.98 -7.16
C PRO B 110 -26.70 23.03 -8.25
N LYS B 111 -27.20 22.74 -9.44
CA LYS B 111 -27.15 23.68 -10.56
C LYS B 111 -28.32 24.66 -10.57
N ALA B 112 -29.27 24.52 -9.64
CA ALA B 112 -30.45 25.39 -9.56
C ALA B 112 -31.23 25.37 -10.87
N ASP B 113 -31.46 24.18 -11.40
CA ASP B 113 -32.21 23.99 -12.62
C ASP B 113 -33.42 23.08 -12.47
N THR B 114 -33.35 22.07 -11.60
CA THR B 114 -34.48 21.18 -11.42
C THR B 114 -35.69 21.91 -10.87
N MET B 115 -35.50 22.65 -9.77
CA MET B 115 -36.60 23.42 -9.21
C MET B 115 -37.04 24.54 -10.16
N GLU B 116 -36.08 25.23 -10.78
CA GLU B 116 -36.41 26.27 -11.75
C GLU B 116 -37.24 25.74 -12.91
N THR B 117 -37.24 24.43 -13.14
CA THR B 117 -37.96 23.81 -14.23
C THR B 117 -39.27 23.15 -13.80
N CYS B 118 -39.38 22.72 -12.54
CA CYS B 118 -40.54 21.96 -12.11
C CYS B 118 -41.30 22.55 -10.92
N GLY B 119 -40.90 23.71 -10.42
CA GLY B 119 -41.57 24.25 -9.24
C GLY B 119 -43.00 24.67 -9.52
N LYS B 120 -43.24 25.28 -10.68
CA LYS B 120 -44.60 25.64 -11.04
C LYS B 120 -45.49 24.41 -11.15
N ILE B 121 -44.94 23.29 -11.59
CA ILE B 121 -45.71 22.04 -11.63
C ILE B 121 -45.98 21.54 -10.22
N ARG B 122 -44.94 21.56 -9.36
CA ARG B 122 -45.12 21.11 -7.98
C ARG B 122 -46.20 21.91 -7.28
N GLU B 123 -46.28 23.21 -7.55
CA GLU B 123 -47.21 24.08 -6.85
C GLU B 123 -48.60 24.12 -7.48
N LYS B 124 -48.70 23.97 -8.80
CA LYS B 124 -49.97 24.07 -9.50
C LYS B 124 -50.64 22.73 -9.74
N ARG B 125 -49.86 21.67 -10.00
CA ARG B 125 -50.46 20.37 -10.27
C ARG B 125 -50.75 19.60 -8.98
N PHE B 126 -49.79 19.60 -8.05
CA PHE B 126 -49.90 18.80 -6.85
C PHE B 126 -50.23 19.62 -5.61
N ASN B 127 -50.27 20.95 -5.72
CA ASN B 127 -50.63 21.84 -4.62
C ASN B 127 -49.71 21.63 -3.41
N GLN B 128 -48.42 21.83 -3.65
CA GLN B 128 -47.39 21.63 -2.63
C GLN B 128 -46.60 22.92 -2.42
N LYS B 129 -46.36 23.26 -1.16
CA LYS B 129 -45.51 24.39 -0.84
C LYS B 129 -44.06 24.07 -1.13
N VAL B 130 -43.35 24.99 -1.76
CA VAL B 130 -41.97 24.78 -2.20
C VAL B 130 -41.04 25.53 -1.26
N PHE B 131 -40.10 24.81 -0.66
CA PHE B 131 -39.09 25.37 0.24
C PHE B 131 -37.72 25.22 -0.40
N ILE B 132 -37.04 26.34 -0.63
CA ILE B 132 -35.72 26.37 -1.25
C ILE B 132 -34.70 26.72 -0.19
N TYR B 133 -33.71 25.86 -0.01
CA TYR B 133 -32.64 26.05 0.95
C TYR B 133 -31.36 26.31 0.17
N GLU B 134 -30.97 27.58 0.06
CA GLU B 134 -29.77 28.00 -0.65
C GLU B 134 -28.84 28.68 0.35
N PRO B 135 -27.94 27.93 0.99
CA PRO B 135 -27.11 28.52 2.05
C PRO B 135 -26.22 29.66 1.58
N PHE B 136 -25.89 29.72 0.29
CA PHE B 136 -24.98 30.74 -0.22
C PHE B 136 -25.74 31.82 -1.00
N SER B 137 -26.83 32.31 -0.42
CA SER B 137 -27.62 33.37 -1.03
C SER B 137 -28.55 33.95 0.02
N LEU B 138 -28.77 35.26 -0.03
CA LEU B 138 -29.72 35.88 0.89
C LEU B 138 -31.13 35.34 0.66
N LYS B 139 -31.53 35.21 -0.60
CA LYS B 139 -32.83 34.65 -0.95
C LYS B 139 -32.86 33.15 -0.68
N THR B 140 -33.29 32.77 0.52
CA THR B 140 -33.30 31.35 0.89
C THR B 140 -34.26 31.16 2.05
N HIS B 141 -34.74 29.92 2.19
CA HIS B 141 -35.41 29.51 3.41
C HIS B 141 -34.36 29.10 4.43
N ARG B 142 -34.68 29.32 5.70
CA ARG B 142 -33.70 29.17 6.77
C ARG B 142 -33.94 27.90 7.57
N PHE B 143 -32.85 27.31 8.04
CA PHE B 143 -32.89 26.11 8.86
C PHE B 143 -32.03 26.35 10.10
N ASN B 144 -32.64 26.17 11.28
CA ASN B 144 -31.93 26.28 12.54
C ASN B 144 -32.11 24.99 13.32
N PRO B 145 -31.05 24.27 13.67
CA PRO B 145 -31.22 23.01 14.41
C PRO B 145 -31.76 23.23 15.81
N PHE B 146 -31.46 24.37 16.44
CA PHE B 146 -31.97 24.65 17.77
C PHE B 146 -33.47 24.83 17.82
N ALA B 147 -34.13 24.95 16.67
CA ALA B 147 -35.59 24.94 16.63
C ALA B 147 -36.17 23.53 16.78
N TYR B 148 -35.33 22.51 16.78
CA TYR B 148 -35.77 21.13 16.92
C TYR B 148 -35.46 20.54 18.29
N VAL B 149 -34.98 21.36 19.23
CA VAL B 149 -34.71 20.90 20.59
C VAL B 149 -35.83 21.37 21.49
N ASP B 150 -36.03 20.66 22.60
CA ASP B 150 -37.09 20.95 23.55
C ASP B 150 -36.46 21.60 24.78
N PHE B 151 -36.32 22.92 24.71
CA PHE B 151 -35.70 23.65 25.82
C PHE B 151 -36.60 23.70 27.03
N GLY B 152 -37.92 23.59 26.85
CA GLY B 152 -38.86 23.63 27.96
C GLY B 152 -40.24 24.11 27.57
N ASP B 180 -34.73 13.29 28.05
CA ASP B 180 -33.96 13.22 26.80
C ASP B 180 -33.55 14.61 26.34
N PHE B 181 -33.19 15.47 27.30
CA PHE B 181 -32.81 16.84 26.97
C PHE B 181 -31.43 16.87 26.31
N SER B 182 -30.40 16.44 27.02
CA SER B 182 -29.02 16.58 26.57
C SER B 182 -28.65 15.62 25.45
N THR B 183 -29.52 14.68 25.08
CA THR B 183 -29.22 13.78 23.97
C THR B 183 -29.08 14.55 22.67
N GLN B 184 -30.03 15.45 22.38
CA GLN B 184 -29.94 16.27 21.19
C GLN B 184 -28.70 17.15 21.23
N ILE B 185 -28.35 17.68 22.40
CA ILE B 185 -27.15 18.50 22.52
C ILE B 185 -25.90 17.70 22.21
N PHE B 186 -25.80 16.47 22.71
CA PHE B 186 -24.61 15.67 22.45
C PHE B 186 -24.53 15.25 20.98
N GLY B 187 -25.67 14.89 20.38
CA GLY B 187 -25.67 14.59 18.96
C GLY B 187 -25.26 15.79 18.12
N LEU B 188 -25.76 16.98 18.49
CA LEU B 188 -25.38 18.20 17.78
C LEU B 188 -23.90 18.49 17.96
N ALA B 189 -23.34 18.19 19.13
CA ALA B 189 -21.91 18.39 19.34
C ALA B 189 -21.09 17.42 18.52
N LYS B 190 -21.55 16.16 18.41
CA LYS B 190 -20.89 15.20 17.54
C LYS B 190 -20.90 15.67 16.10
N LEU B 191 -22.00 16.30 15.67
CA LEU B 191 -22.03 16.86 14.31
C LEU B 191 -21.11 18.07 14.18
N VAL B 192 -21.05 18.92 15.22
CA VAL B 192 -20.25 20.13 15.17
C VAL B 192 -18.75 19.79 15.16
N PHE B 193 -18.35 18.85 15.99
CA PHE B 193 -16.96 18.37 16.03
C PHE B 193 -16.92 16.92 15.60
N PRO B 194 -16.46 16.61 14.38
CA PRO B 194 -16.51 15.23 13.91
C PRO B 194 -15.50 14.35 14.64
N GLU B 195 -15.91 13.11 14.90
CA GLU B 195 -14.99 12.13 15.45
C GLU B 195 -13.96 11.73 14.40
N ARG B 196 -12.71 11.62 14.82
CA ARG B 196 -11.63 11.20 13.91
C ARG B 196 -10.80 10.08 14.50
N LYS B 200 -3.04 11.49 15.90
CA LYS B 200 -1.81 12.28 15.88
C LYS B 200 -2.02 13.62 16.59
N ASP B 201 -3.27 13.88 16.98
CA ASP B 201 -3.63 15.07 17.74
C ASP B 201 -4.94 14.83 18.50
N PRO B 202 -5.01 13.81 19.36
CA PRO B 202 -6.27 13.52 20.04
C PRO B 202 -6.51 14.49 21.19
N PHE B 203 -7.70 14.35 21.79
CA PHE B 203 -8.14 15.22 22.88
C PHE B 203 -8.28 16.65 22.35
N PHE B 204 -8.56 17.62 23.23
CA PHE B 204 -8.75 19.03 22.87
C PHE B 204 -10.00 19.22 22.02
N SER B 205 -10.10 18.49 20.90
CA SER B 205 -11.34 18.51 20.13
C SER B 205 -12.50 17.94 20.95
N ASN B 206 -12.22 16.91 21.75
CA ASN B 206 -13.21 16.44 22.72
C ASN B 206 -13.46 17.51 23.77
N GLN B 207 -12.41 18.23 24.19
CA GLN B 207 -12.59 19.34 25.12
C GLN B 207 -13.39 20.46 24.48
N ALA B 208 -13.22 20.70 23.17
CA ALA B 208 -14.05 21.69 22.50
C ALA B 208 -15.50 21.22 22.38
N ARG B 209 -15.71 19.90 22.23
CA ARG B 209 -17.07 19.38 22.24
C ARG B 209 -17.72 19.56 23.61
N ASN B 210 -16.95 19.38 24.69
CA ASN B 210 -17.47 19.66 26.02
C ASN B 210 -17.73 21.15 26.20
N LEU B 211 -16.89 21.99 25.61
CA LEU B 211 -17.12 23.43 25.62
C LEU B 211 -18.45 23.77 24.97
N PHE B 212 -18.74 23.15 23.82
CA PHE B 212 -20.05 23.34 23.19
C PHE B 212 -21.17 22.78 24.05
N VAL B 213 -20.92 21.64 24.71
CA VAL B 213 -21.92 21.03 25.57
C VAL B 213 -22.37 21.99 26.66
N ILE B 214 -21.44 22.43 27.50
CA ILE B 214 -21.82 23.36 28.56
C ILE B 214 -22.04 24.78 28.03
N ASN B 215 -21.68 25.06 26.78
CA ASN B 215 -22.09 26.30 26.13
C ASN B 215 -23.60 26.33 25.94
N CYS B 216 -24.13 25.30 25.28
CA CYS B 216 -25.57 25.15 25.13
C CYS B 216 -26.25 25.02 26.48
N ASN B 217 -25.60 24.35 27.45
CA ASN B 217 -26.16 24.27 28.80
C ASN B 217 -26.25 25.65 29.45
N ILE B 218 -25.25 26.51 29.20
CA ILE B 218 -25.27 27.85 29.76
C ILE B 218 -26.39 28.67 29.16
N TYR B 219 -26.55 28.62 27.83
CA TYR B 219 -27.68 29.33 27.24
C TYR B 219 -29.01 28.77 27.72
N ARG B 220 -29.08 27.46 27.91
CA ARG B 220 -30.29 26.85 28.46
C ARG B 220 -30.62 27.46 29.82
N ASP B 221 -29.67 27.42 30.74
CA ASP B 221 -29.89 28.01 32.06
C ASP B 221 -30.18 29.49 31.98
N LEU B 222 -29.74 30.16 30.90
CA LEU B 222 -29.90 31.60 30.80
C LEU B 222 -31.32 32.02 30.46
N MET B 223 -32.11 31.18 29.78
CA MET B 223 -33.46 31.55 29.41
C MET B 223 -34.50 30.77 30.21
N TRP B 224 -34.54 29.45 30.07
CA TRP B 224 -35.65 28.66 30.58
C TRP B 224 -35.60 28.50 32.10
N THR B 225 -35.04 29.50 32.79
CA THR B 225 -35.07 29.61 34.23
C THR B 225 -35.80 30.89 34.63
N LYS B 226 -36.52 30.82 35.74
CA LYS B 226 -37.29 31.98 36.20
C LYS B 226 -36.37 33.08 36.72
N LYS B 227 -35.28 32.71 37.39
CA LYS B 227 -34.33 33.70 37.88
C LYS B 227 -33.35 34.14 36.80
N GLY B 228 -33.06 33.26 35.84
CA GLY B 228 -32.19 33.63 34.74
C GLY B 228 -32.79 34.74 33.89
N LEU B 229 -34.12 34.79 33.79
CA LEU B 229 -34.76 35.87 33.06
C LEU B 229 -34.44 37.22 33.69
N GLU B 230 -34.51 37.32 35.02
CA GLU B 230 -34.14 38.56 35.69
C GLU B 230 -32.65 38.83 35.60
N PHE B 231 -31.82 37.78 35.72
CA PHE B 231 -30.38 37.95 35.61
C PHE B 231 -30.00 38.55 34.27
N VAL B 232 -30.65 38.11 33.19
CA VAL B 232 -30.41 38.71 31.89
C VAL B 232 -31.10 40.08 31.78
N LYS B 233 -32.23 40.25 32.47
CA LYS B 233 -32.91 41.54 32.50
C LYS B 233 -32.08 42.61 33.20
N ARG B 234 -31.04 42.23 33.91
CA ARG B 234 -30.03 43.21 34.33
C ARG B 234 -29.35 43.89 33.14
N LYS B 235 -29.64 43.49 31.90
CA LYS B 235 -29.13 44.15 30.69
C LYS B 235 -27.62 44.05 30.58
N LYS B 236 -27.09 42.86 30.89
CA LYS B 236 -25.66 42.60 30.76
C LYS B 236 -25.30 41.84 29.48
N ILE B 237 -26.19 40.98 29.00
CA ILE B 237 -25.97 40.23 27.77
C ILE B 237 -27.10 40.49 26.79
N ILE B 238 -26.90 40.04 25.55
CA ILE B 238 -27.89 40.26 24.49
C ILE B 238 -28.25 38.93 23.85
N MET B 239 -28.43 37.90 24.68
CA MET B 239 -28.78 36.59 24.16
C MET B 239 -30.17 36.62 23.51
N PRO B 240 -30.39 35.83 22.47
CA PRO B 240 -31.69 35.81 21.79
C PRO B 240 -32.70 34.98 22.57
N GLU B 241 -33.94 34.96 22.06
CA GLU B 241 -34.96 34.12 22.65
C GLU B 241 -34.76 32.66 22.27
N THR B 242 -34.43 32.39 21.01
CA THR B 242 -34.03 31.10 20.51
C THR B 242 -32.63 31.18 19.92
N PRO B 243 -31.76 30.23 20.24
CA PRO B 243 -30.35 30.33 19.84
C PRO B 243 -30.08 29.87 18.41
N THR B 244 -29.01 30.42 17.85
CA THR B 244 -28.45 29.97 16.58
C THR B 244 -27.06 29.41 16.82
N MET B 245 -26.50 28.80 15.78
CA MET B 245 -25.17 28.22 15.91
C MET B 245 -24.11 29.31 16.05
N PHE B 246 -24.29 30.44 15.35
CA PHE B 246 -23.34 31.53 15.48
C PHE B 246 -23.31 32.08 16.90
N PHE B 247 -24.49 32.21 17.52
CA PHE B 247 -24.54 32.72 18.88
C PHE B 247 -23.87 31.77 19.87
N ILE B 248 -24.09 30.45 19.71
CA ILE B 248 -23.45 29.48 20.59
C ILE B 248 -21.94 29.50 20.39
N GLY B 249 -21.49 29.69 19.15
CA GLY B 249 -20.06 29.76 18.89
C GLY B 249 -19.42 31.01 19.48
N SER B 250 -20.12 32.14 19.41
CA SER B 250 -19.57 33.37 19.98
C SER B 250 -19.51 33.31 21.51
N MET B 251 -20.37 32.52 22.13
CA MET B 251 -20.38 32.39 23.58
C MET B 251 -19.19 31.59 24.05
N SER B 289 -30.81 22.91 39.89
CA SER B 289 -29.58 23.45 39.30
C SER B 289 -28.38 22.57 39.67
N PRO B 290 -28.65 21.38 40.20
CA PRO B 290 -27.58 20.43 40.47
C PRO B 290 -26.92 19.96 39.18
N ALA B 291 -27.69 19.88 38.09
CA ALA B 291 -27.09 19.67 36.78
C ALA B 291 -26.17 20.83 36.42
N THR B 292 -26.56 22.05 36.79
CA THR B 292 -25.67 23.19 36.62
C THR B 292 -24.49 23.15 37.59
N ARG B 293 -24.64 22.50 38.75
CA ARG B 293 -23.49 22.28 39.62
C ARG B 293 -22.48 21.34 38.96
N ASN B 294 -22.97 20.26 38.35
CA ASN B 294 -22.09 19.40 37.56
C ASN B 294 -21.52 20.16 36.36
N MET B 295 -22.27 21.11 35.82
CA MET B 295 -21.75 21.95 34.73
C MET B 295 -20.63 22.87 35.21
N TRP B 296 -20.72 23.38 36.44
CA TRP B 296 -19.60 24.14 37.00
C TRP B 296 -18.40 23.23 37.25
N ASN B 297 -18.65 22.02 37.76
CA ASN B 297 -17.60 21.03 37.87
C ASN B 297 -16.94 20.77 36.51
N SER B 298 -17.74 20.83 35.44
CA SER B 298 -17.19 20.71 34.09
C SER B 298 -16.40 21.96 33.70
N PHE B 299 -16.86 23.14 34.14
CA PHE B 299 -16.08 24.36 33.99
C PHE B 299 -14.75 24.28 34.73
N LYS B 300 -14.61 23.36 35.69
CA LYS B 300 -13.31 23.05 36.26
C LYS B 300 -12.99 21.55 36.16
N THR B 301 -13.43 20.90 35.08
CA THR B 301 -13.27 19.44 34.94
C THR B 301 -11.84 19.04 34.63
N MET B 302 -11.56 18.73 33.37
CA MET B 302 -10.24 18.31 32.93
C MET B 302 -9.24 19.46 32.85
N GLY B 303 -9.65 20.67 33.27
CA GLY B 303 -8.77 21.82 33.16
C GLY B 303 -8.41 22.18 31.74
N GLY B 304 -9.33 21.96 30.80
CA GLY B 304 -9.06 22.24 29.40
C GLY B 304 -8.75 23.69 29.12
N ALA B 305 -9.15 24.60 30.00
CA ALA B 305 -8.82 26.00 29.90
C ALA B 305 -7.67 26.46 30.76
N ARG B 306 -7.08 25.57 31.56
CA ARG B 306 -5.96 25.92 32.43
C ARG B 306 -4.68 25.76 31.63
N GLU B 307 -4.09 26.90 31.23
CA GLU B 307 -2.85 26.94 30.45
C GLU B 307 -2.99 26.25 29.10
N THR B 308 -4.20 25.78 28.77
CA THR B 308 -4.49 25.14 27.49
C THR B 308 -5.75 25.69 26.85
N TYR B 309 -6.20 26.87 27.30
CA TYR B 309 -7.39 27.48 26.71
C TYR B 309 -7.15 27.86 25.26
N SER B 310 -5.93 28.27 24.91
CA SER B 310 -5.67 28.80 23.58
C SER B 310 -5.97 27.78 22.49
N SER B 311 -5.45 26.56 22.62
CA SER B 311 -5.62 25.56 21.57
C SER B 311 -7.06 25.06 21.50
N VAL B 312 -7.70 24.87 22.66
CA VAL B 312 -9.09 24.43 22.67
C VAL B 312 -9.98 25.47 22.00
N GLN B 313 -9.77 26.75 22.34
CA GLN B 313 -10.54 27.83 21.73
C GLN B 313 -10.24 27.93 20.24
N GLY B 314 -9.00 27.68 19.84
CA GLY B 314 -8.67 27.72 18.43
C GLY B 314 -9.38 26.65 17.64
N VAL B 315 -9.44 25.42 18.18
CA VAL B 315 -10.16 24.35 17.48
C VAL B 315 -11.66 24.62 17.48
N TYR B 316 -12.19 25.09 18.61
CA TYR B 316 -13.60 25.46 18.69
C TYR B 316 -13.95 26.52 17.63
N THR B 317 -13.08 27.52 17.47
CA THR B 317 -13.34 28.58 16.50
C THR B 317 -13.15 28.07 15.07
N SER B 318 -12.18 27.19 14.84
CA SER B 318 -12.04 26.59 13.52
C SER B 318 -13.27 25.78 13.14
N ALA B 319 -13.95 25.22 14.14
CA ALA B 319 -15.19 24.48 13.88
C ALA B 319 -16.37 25.42 13.65
N PHE B 320 -16.47 26.49 14.45
CA PHE B 320 -17.58 27.43 14.33
C PHE B 320 -17.35 28.53 13.31
N ALA B 321 -16.23 28.48 12.58
CA ALA B 321 -15.94 29.51 11.60
C ALA B 321 -16.92 29.61 10.43
N PRO B 322 -17.55 28.53 9.95
CA PRO B 322 -18.53 28.70 8.87
C PRO B 322 -19.58 29.78 9.11
N TYR B 323 -19.86 30.11 10.37
CA TYR B 323 -20.91 31.06 10.70
C TYR B 323 -20.41 32.49 10.81
N ASN B 324 -19.14 32.74 10.52
CA ASN B 324 -18.68 34.11 10.28
C ASN B 324 -19.11 34.62 8.91
N ASN B 325 -19.54 33.72 8.02
CA ASN B 325 -20.04 34.10 6.71
C ASN B 325 -21.47 34.62 6.83
N ALA B 326 -21.75 35.71 6.10
CA ALA B 326 -23.08 36.30 6.16
C ALA B 326 -24.14 35.37 5.61
N MET B 327 -23.84 34.69 4.50
CA MET B 327 -24.80 33.76 3.91
C MET B 327 -25.13 32.62 4.86
N ILE B 328 -24.12 32.05 5.51
CA ILE B 328 -24.35 30.94 6.43
C ILE B 328 -25.08 31.43 7.68
N ARG B 329 -24.72 32.61 8.17
CA ARG B 329 -25.42 33.17 9.33
C ARG B 329 -26.89 33.41 9.02
N ASN B 330 -27.19 33.83 7.79
CA ASN B 330 -28.59 34.01 7.40
C ASN B 330 -29.30 32.67 7.22
N PHE B 331 -28.58 31.65 6.75
CA PHE B 331 -29.19 30.34 6.59
C PHE B 331 -29.60 29.75 7.93
N THR B 332 -28.81 29.97 8.97
CA THR B 332 -29.12 29.49 10.31
C THR B 332 -29.88 30.52 11.15
N SER B 333 -30.35 31.60 10.53
CA SER B 333 -31.01 32.67 11.27
C SER B 333 -32.37 32.26 11.83
N ALA B 334 -33.02 31.27 11.23
CA ALA B 334 -34.33 30.84 11.67
C ALA B 334 -34.61 29.45 11.13
N ASN B 335 -35.84 28.98 11.31
CA ASN B 335 -36.29 27.70 10.76
C ASN B 335 -37.67 27.92 10.15
N ASP B 336 -37.74 27.93 8.82
CA ASP B 336 -38.99 28.25 8.13
C ASP B 336 -39.92 27.06 8.06
N PHE B 337 -39.40 25.87 7.79
CA PHE B 337 -40.20 24.65 7.69
C PHE B 337 -39.78 23.67 8.76
N ASP B 338 -40.76 23.01 9.37
CA ASP B 338 -40.53 22.03 10.43
C ASP B 338 -40.39 20.66 9.79
N PHE B 339 -39.20 20.07 9.88
CA PHE B 339 -38.95 18.78 9.23
C PHE B 339 -39.75 17.65 9.86
N ARG B 340 -40.23 17.83 11.09
CA ARG B 340 -41.09 16.82 11.69
C ARG B 340 -42.44 16.69 10.98
N ARG B 341 -42.77 17.62 10.08
CA ARG B 341 -43.97 17.56 9.27
C ARG B 341 -43.66 17.22 7.81
N LEU B 342 -42.47 16.67 7.54
CA LEU B 342 -42.12 16.32 6.16
C LEU B 342 -43.01 15.23 5.60
N ARG B 343 -43.62 14.41 6.45
CA ARG B 343 -44.55 13.37 6.01
C ARG B 343 -46.00 13.73 6.32
N ILE B 344 -46.26 14.96 6.74
CA ILE B 344 -47.61 15.42 7.06
C ILE B 344 -48.12 16.40 6.02
N ASP B 345 -47.45 17.54 5.87
CA ASP B 345 -47.84 18.54 4.89
C ASP B 345 -47.43 18.11 3.49
N GLU B 346 -48.01 18.78 2.50
CA GLU B 346 -47.68 18.55 1.10
C GLU B 346 -46.63 19.60 0.71
N VAL B 347 -45.38 19.16 0.61
CA VAL B 347 -44.26 20.07 0.40
C VAL B 347 -43.28 19.47 -0.59
N SER B 348 -42.53 20.34 -1.25
CA SER B 348 -41.38 19.98 -2.08
C SER B 348 -40.22 20.83 -1.63
N ILE B 349 -39.09 20.18 -1.31
CA ILE B 349 -37.93 20.85 -0.73
C ILE B 349 -36.77 20.72 -1.72
N GLY B 350 -36.27 21.85 -2.18
CA GLY B 350 -35.06 21.90 -3.02
C GLY B 350 -33.90 22.43 -2.19
N VAL B 351 -32.72 21.85 -2.40
CA VAL B 351 -31.50 22.25 -1.73
C VAL B 351 -30.50 22.68 -2.79
N ILE B 352 -30.11 23.96 -2.77
CA ILE B 352 -29.14 24.51 -3.71
C ILE B 352 -27.83 24.66 -2.96
N ALA B 353 -26.94 23.68 -3.10
CA ALA B 353 -25.67 23.72 -2.38
C ALA B 353 -24.59 23.04 -3.23
N ASN B 354 -23.33 23.31 -2.86
CA ASN B 354 -22.18 22.77 -3.55
C ASN B 354 -20.97 22.72 -2.63
N PRO B 355 -20.75 21.63 -1.90
CA PRO B 355 -19.61 21.57 -0.97
C PRO B 355 -18.26 21.41 -1.65
N LYS B 356 -18.23 20.99 -2.92
CA LYS B 356 -16.96 20.90 -3.62
C LYS B 356 -16.42 22.28 -3.99
N GLU B 357 -17.31 23.20 -4.36
CA GLU B 357 -16.89 24.56 -4.64
C GLU B 357 -16.45 25.27 -3.36
N SER B 358 -17.05 24.92 -2.23
CA SER B 358 -16.69 25.53 -0.95
C SER B 358 -16.85 24.46 0.12
N THR B 359 -15.72 24.01 0.69
CA THR B 359 -15.74 23.01 1.77
C THR B 359 -16.38 23.54 3.04
N ILE B 360 -16.84 24.79 3.05
CA ILE B 360 -17.43 25.37 4.25
C ILE B 360 -18.84 24.84 4.49
N VAL B 361 -19.62 24.63 3.42
CA VAL B 361 -21.02 24.26 3.57
C VAL B 361 -21.23 22.81 3.98
N GLY B 362 -20.16 22.00 4.00
CA GLY B 362 -20.24 20.59 4.34
C GLY B 362 -21.00 20.29 5.63
N PRO B 363 -20.51 20.82 6.76
CA PRO B 363 -21.19 20.57 8.04
C PRO B 363 -22.63 21.07 8.08
N ILE B 364 -22.95 22.17 7.41
CA ILE B 364 -24.34 22.65 7.41
C ILE B 364 -25.26 21.69 6.69
N LEU B 365 -24.87 21.19 5.52
CA LEU B 365 -25.66 20.15 4.86
C LEU B 365 -25.73 18.89 5.70
N GLU B 366 -24.65 18.55 6.42
CA GLU B 366 -24.67 17.40 7.31
C GLU B 366 -25.74 17.56 8.39
N LEU B 367 -25.70 18.67 9.11
CA LEU B 367 -26.73 18.98 10.11
C LEU B 367 -28.12 18.94 9.49
N PHE B 368 -28.28 19.60 8.33
CA PHE B 368 -29.54 19.68 7.63
C PHE B 368 -30.14 18.29 7.41
N PHE B 369 -29.40 17.42 6.75
CA PHE B 369 -29.91 16.10 6.44
C PHE B 369 -30.06 15.23 7.68
N ASN B 370 -29.18 15.40 8.68
CA ASN B 370 -29.32 14.64 9.91
C ASN B 370 -30.65 14.97 10.58
N VAL B 371 -30.94 16.25 10.76
CA VAL B 371 -32.20 16.64 11.40
C VAL B 371 -33.39 16.21 10.54
N MET B 372 -33.27 16.34 9.22
CA MET B 372 -34.39 15.97 8.36
C MET B 372 -34.71 14.48 8.46
N ILE B 373 -33.70 13.63 8.39
CA ILE B 373 -33.92 12.19 8.47
C ILE B 373 -34.35 11.80 9.88
N TYR B 374 -33.76 12.40 10.90
CA TYR B 374 -34.01 12.00 12.28
C TYR B 374 -35.23 12.70 12.88
N SER B 375 -35.94 13.52 12.09
CA SER B 375 -37.22 14.07 12.48
C SER B 375 -38.40 13.21 12.03
N ASN B 376 -38.13 12.03 11.48
CA ASN B 376 -39.17 11.19 10.90
C ASN B 376 -38.88 9.72 11.13
N LEU B 377 -38.49 9.35 12.36
CA LEU B 377 -38.50 7.95 12.78
C LEU B 377 -39.77 7.61 13.53
N ILE B 378 -40.90 8.17 13.11
CA ILE B 378 -42.20 7.86 13.67
C ILE B 378 -42.98 7.08 12.63
N LEU B 379 -43.36 5.85 12.96
CA LEU B 379 -44.16 5.03 12.06
C LEU B 379 -45.54 5.66 11.88
N PRO B 380 -46.10 5.55 10.67
CA PRO B 380 -47.46 6.08 10.45
C PRO B 380 -48.50 5.44 11.36
N ILE B 381 -48.25 4.25 11.89
CA ILE B 381 -49.19 3.64 12.83
C ILE B 381 -49.16 4.38 14.17
N HIS B 382 -47.97 4.83 14.59
CA HIS B 382 -47.87 5.55 15.85
C HIS B 382 -48.33 7.00 15.70
N ASP B 383 -48.01 7.63 14.57
CA ASP B 383 -48.48 8.97 14.26
C ASP B 383 -49.32 8.89 12.98
N PRO B 384 -50.64 8.80 13.09
CA PRO B 384 -51.47 8.64 11.88
C PRO B 384 -51.43 9.83 10.94
N GLN B 385 -50.83 10.95 11.34
CA GLN B 385 -50.73 12.11 10.46
C GLN B 385 -49.63 11.94 9.43
N CYS B 386 -48.55 11.22 9.77
CA CYS B 386 -47.41 11.04 8.88
C CYS B 386 -47.72 9.92 7.87
N LYS B 387 -48.65 10.23 6.97
CA LYS B 387 -49.10 9.27 5.96
C LYS B 387 -48.41 9.45 4.62
N ARG B 388 -47.95 10.65 4.30
CA ARG B 388 -47.33 10.91 3.01
C ARG B 388 -45.92 10.32 2.97
N SER B 389 -45.43 10.12 1.76
CA SER B 389 -44.08 9.63 1.52
C SER B 389 -43.18 10.75 1.06
N CYS B 390 -41.89 10.62 1.36
CA CYS B 390 -40.89 11.62 0.98
C CYS B 390 -39.85 10.95 0.09
N LEU B 391 -39.97 11.17 -1.22
CA LEU B 391 -38.94 10.71 -2.16
C LEU B 391 -37.78 11.69 -2.13
N MET B 392 -36.59 11.18 -1.83
CA MET B 392 -35.38 12.00 -1.73
C MET B 392 -34.56 11.78 -2.99
N LEU B 393 -34.71 12.69 -3.95
CA LEU B 393 -33.94 12.65 -5.18
C LEU B 393 -32.54 13.16 -4.88
N MET B 394 -31.66 12.25 -4.45
CA MET B 394 -30.28 12.62 -4.13
C MET B 394 -29.48 12.67 -5.42
N ASP B 395 -29.75 13.74 -6.19
CA ASP B 395 -28.99 14.02 -7.39
C ASP B 395 -27.61 14.54 -7.02
N GLU B 396 -26.60 14.11 -7.77
CA GLU B 396 -25.20 14.49 -7.51
C GLU B 396 -24.81 14.14 -6.07
N PHE B 397 -25.11 12.89 -5.69
CA PHE B 397 -24.92 12.46 -4.30
C PHE B 397 -23.45 12.53 -3.89
N THR B 398 -22.55 12.06 -4.74
CA THR B 398 -21.13 12.03 -4.38
C THR B 398 -20.56 13.43 -4.22
N LEU B 399 -21.21 14.45 -4.77
CA LEU B 399 -20.79 15.83 -4.56
C LEU B 399 -21.03 16.29 -3.12
N CYS B 400 -21.88 15.58 -2.38
CA CYS B 400 -22.19 15.96 -1.00
C CYS B 400 -21.06 15.62 -0.03
N GLY B 401 -20.16 14.72 -0.40
CA GLY B 401 -19.12 14.30 0.51
C GLY B 401 -19.60 13.28 1.51
N TYR B 402 -18.85 13.15 2.60
CA TYR B 402 -19.17 12.17 3.65
C TYR B 402 -20.32 12.69 4.50
N LEU B 403 -21.47 12.03 4.39
CA LEU B 403 -22.64 12.29 5.23
C LEU B 403 -22.91 11.01 6.01
N GLU B 404 -22.19 10.84 7.13
CA GLU B 404 -22.32 9.62 7.93
C GLU B 404 -23.75 9.35 8.37
N THR B 405 -24.58 10.40 8.44
CA THR B 405 -25.99 10.22 8.79
C THR B 405 -26.65 9.24 7.84
N PHE B 406 -26.35 9.34 6.55
CA PHE B 406 -26.91 8.41 5.58
C PHE B 406 -26.41 6.99 5.81
N VAL B 407 -25.10 6.83 6.07
CA VAL B 407 -24.55 5.51 6.34
C VAL B 407 -25.26 4.85 7.51
N LYS B 408 -25.56 5.63 8.56
CA LYS B 408 -26.21 5.07 9.73
C LYS B 408 -27.72 4.89 9.53
N ALA B 409 -28.35 5.65 8.63
CA ALA B 409 -29.81 5.67 8.57
C ALA B 409 -30.40 4.81 7.45
N VAL B 410 -29.67 4.58 6.36
CA VAL B 410 -30.25 3.89 5.19
C VAL B 410 -30.90 2.57 5.57
N GLY B 411 -30.34 1.86 6.54
CA GLY B 411 -30.87 0.56 6.92
C GLY B 411 -32.17 0.59 7.70
N ILE B 412 -32.67 1.78 8.05
CA ILE B 412 -33.88 1.88 8.86
C ILE B 412 -34.83 2.93 8.30
N MET B 413 -34.37 3.68 7.28
CA MET B 413 -35.21 4.75 6.74
C MET B 413 -36.41 4.24 5.95
N ALA B 414 -36.34 3.01 5.41
CA ALA B 414 -37.33 2.58 4.43
C ALA B 414 -38.73 2.50 5.02
N GLU B 415 -38.87 1.93 6.21
CA GLU B 415 -40.20 1.70 6.78
C GLU B 415 -40.89 3.00 7.18
N TYR B 416 -40.16 4.09 7.32
CA TYR B 416 -40.73 5.38 7.64
C TYR B 416 -41.12 6.19 6.40
N ASN B 417 -41.13 5.54 5.23
CA ASN B 417 -41.52 6.18 3.96
C ASN B 417 -40.60 7.35 3.60
N MET B 418 -39.35 7.29 4.07
CA MET B 418 -38.30 8.18 3.59
C MET B 418 -37.54 7.40 2.53
N ARG B 419 -37.86 7.64 1.26
CA ARG B 419 -37.43 6.80 0.15
C ARG B 419 -36.42 7.54 -0.71
N PRO B 420 -35.11 7.33 -0.53
CA PRO B 420 -34.13 8.01 -1.37
C PRO B 420 -33.79 7.25 -2.65
N ALA B 421 -33.49 8.04 -3.68
CA ALA B 421 -32.93 7.55 -4.93
C ALA B 421 -31.59 8.24 -5.12
N PHE B 422 -30.50 7.49 -4.97
CA PHE B 422 -29.15 8.03 -5.03
C PHE B 422 -28.67 8.04 -6.48
N VAL B 423 -28.17 9.18 -6.93
CA VAL B 423 -27.60 9.33 -8.26
C VAL B 423 -26.15 9.74 -8.08
N PHE B 424 -25.24 8.84 -8.40
CA PHE B 424 -23.81 9.13 -8.33
C PHE B 424 -23.17 8.86 -9.68
N GLN B 425 -22.08 9.59 -9.96
CA GLN B 425 -21.38 9.46 -11.23
C GLN B 425 -20.92 8.02 -11.48
N SER B 426 -20.21 7.45 -10.51
CA SER B 426 -19.81 6.05 -10.57
C SER B 426 -19.59 5.55 -9.16
N LYS B 427 -19.56 4.22 -9.03
CA LYS B 427 -19.36 3.61 -7.72
C LYS B 427 -17.98 3.93 -7.16
N ALA B 428 -16.98 4.09 -8.04
CA ALA B 428 -15.63 4.38 -7.59
C ALA B 428 -15.57 5.65 -6.76
N GLN B 429 -16.32 6.68 -7.15
CA GLN B 429 -16.35 7.91 -6.38
C GLN B 429 -17.01 7.74 -5.03
N LEU B 430 -17.90 6.77 -4.89
CA LEU B 430 -18.64 6.58 -3.65
C LEU B 430 -17.77 5.95 -2.56
N GLU B 431 -17.00 4.93 -2.91
CA GLU B 431 -16.21 4.18 -1.93
C GLU B 431 -14.99 4.92 -1.46
N ASN B 432 -14.75 6.13 -1.94
CA ASN B 432 -13.51 6.82 -1.64
C ASN B 432 -13.41 7.12 -0.14
N ASP B 433 -12.23 7.54 0.28
CA ASP B 433 -11.96 7.81 1.68
C ASP B 433 -12.90 8.88 2.21
N PRO B 434 -13.05 8.97 3.53
CA PRO B 434 -14.06 9.85 4.14
C PRO B 434 -14.13 11.24 3.52
N PRO B 435 -13.01 11.96 3.34
CA PRO B 435 -13.14 13.37 2.88
C PRO B 435 -14.07 13.59 1.69
N LEU B 436 -13.90 12.84 0.61
CA LEU B 436 -14.76 12.96 -0.57
C LEU B 436 -15.46 11.65 -0.90
N GLY B 437 -15.65 10.77 0.09
CA GLY B 437 -16.33 9.51 -0.11
C GLY B 437 -16.95 8.98 1.17
N TYR B 438 -17.26 7.69 1.22
CA TYR B 438 -17.86 7.08 2.40
C TYR B 438 -17.05 5.89 2.91
N GLY B 439 -15.84 5.70 2.40
CA GLY B 439 -15.08 4.51 2.68
C GLY B 439 -15.62 3.32 1.91
N ARG B 440 -14.83 2.25 1.89
CA ARG B 440 -15.24 1.04 1.17
C ARG B 440 -16.47 0.42 1.83
N ASN B 441 -16.39 0.16 3.13
CA ASN B 441 -17.49 -0.54 3.81
C ASN B 441 -18.70 0.38 4.01
N GLY B 442 -18.48 1.69 4.16
CA GLY B 442 -19.62 2.60 4.26
C GLY B 442 -20.39 2.70 2.96
N ALA B 443 -19.67 2.82 1.84
CA ALA B 443 -20.33 2.81 0.55
C ALA B 443 -21.02 1.48 0.28
N LYS B 444 -20.40 0.37 0.74
CA LYS B 444 -21.05 -0.93 0.60
C LYS B 444 -22.33 -0.99 1.43
N THR B 445 -22.31 -0.41 2.64
CA THR B 445 -23.51 -0.34 3.45
C THR B 445 -24.61 0.42 2.74
N ILE B 446 -24.26 1.54 2.11
CA ILE B 446 -25.27 2.31 1.37
C ILE B 446 -25.80 1.50 0.19
N LEU B 447 -24.90 0.87 -0.57
CA LEU B 447 -25.33 0.20 -1.79
C LEU B 447 -26.11 -1.08 -1.51
N ASP B 448 -25.88 -1.72 -0.37
CA ASP B 448 -26.63 -2.92 -0.03
C ASP B 448 -28.12 -2.64 0.19
N ASN B 449 -28.47 -1.40 0.55
CA ASN B 449 -29.85 -1.03 0.80
C ASN B 449 -30.57 -0.53 -0.45
N LEU B 450 -29.97 -0.70 -1.63
CA LEU B 450 -30.60 -0.33 -2.88
C LEU B 450 -31.10 -1.59 -3.57
N SER B 451 -32.41 -1.66 -3.82
CA SER B 451 -33.01 -2.85 -4.40
C SER B 451 -33.30 -2.72 -5.89
N LEU B 452 -33.34 -1.50 -6.41
CA LEU B 452 -33.47 -1.26 -7.85
C LEU B 452 -32.29 -0.41 -8.29
N ASN B 453 -31.54 -0.90 -9.28
CA ASN B 453 -30.36 -0.20 -9.77
C ASN B 453 -30.50 0.02 -11.27
N MET B 454 -30.45 1.29 -11.69
CA MET B 454 -30.46 1.66 -13.09
C MET B 454 -29.04 1.93 -13.57
N TYR B 455 -28.70 1.38 -14.73
CA TYR B 455 -27.36 1.48 -15.30
C TYR B 455 -27.49 2.10 -16.69
N TYR B 456 -27.03 3.35 -16.79
CA TYR B 456 -26.85 4.04 -18.07
C TYR B 456 -25.51 3.64 -18.66
N GLY B 457 -25.40 3.80 -19.98
CA GLY B 457 -24.19 3.44 -20.69
C GLY B 457 -23.63 4.61 -21.48
N ILE B 458 -22.31 4.76 -21.44
CA ILE B 458 -21.59 5.71 -22.29
C ILE B 458 -20.32 5.04 -22.76
N ASN B 459 -19.85 5.47 -23.94
CA ASN B 459 -18.64 4.91 -24.55
C ASN B 459 -17.44 5.73 -24.08
N ASN B 460 -16.97 5.41 -22.87
CA ASN B 460 -15.84 6.09 -22.26
C ASN B 460 -14.90 5.05 -21.69
N ASP B 461 -13.61 5.13 -22.07
CA ASP B 461 -12.65 4.14 -21.59
C ASP B 461 -12.46 4.20 -20.08
N ASN B 462 -12.89 5.28 -19.43
CA ASN B 462 -12.76 5.40 -17.99
C ASN B 462 -13.80 4.58 -17.23
N TYR B 463 -14.86 4.12 -17.90
CA TYR B 463 -15.90 3.33 -17.28
C TYR B 463 -15.86 1.87 -17.70
N TYR B 464 -14.76 1.42 -18.29
CA TYR B 464 -14.71 0.06 -18.81
C TYR B 464 -14.93 -0.98 -17.72
N GLU B 465 -14.06 -0.97 -16.70
CA GLU B 465 -14.09 -1.95 -15.61
C GLU B 465 -15.51 -2.15 -15.10
N HIS B 466 -16.12 -1.06 -14.62
CA HIS B 466 -17.52 -1.07 -14.20
C HIS B 466 -18.40 -1.85 -15.18
N PHE B 467 -18.45 -1.39 -16.43
CA PHE B 467 -19.32 -2.03 -17.40
C PHE B 467 -18.94 -3.49 -17.61
N GLU B 468 -17.63 -3.79 -17.62
CA GLU B 468 -17.20 -5.19 -17.71
C GLU B 468 -17.84 -6.01 -16.61
N LYS B 469 -17.72 -5.53 -15.36
CA LYS B 469 -18.38 -6.22 -14.25
C LYS B 469 -19.87 -6.37 -14.53
N LEU B 470 -20.50 -5.29 -14.98
CA LEU B 470 -21.93 -5.35 -15.27
C LEU B 470 -22.22 -6.45 -16.28
N SER B 471 -21.38 -6.57 -17.31
CA SER B 471 -21.53 -7.65 -18.28
C SER B 471 -21.54 -8.99 -17.56
N LYS B 472 -20.52 -9.24 -16.73
CA LYS B 472 -20.44 -10.50 -16.01
C LYS B 472 -21.65 -10.70 -15.11
N VAL B 473 -22.23 -9.61 -14.59
CA VAL B 473 -23.38 -9.76 -13.70
C VAL B 473 -24.60 -10.23 -14.48
N LEU B 474 -24.73 -9.81 -15.74
CA LEU B 474 -25.90 -10.23 -16.50
C LEU B 474 -25.85 -11.70 -16.87
N GLY B 475 -24.67 -12.31 -16.85
CA GLY B 475 -24.54 -13.71 -17.18
C GLY B 475 -24.58 -13.98 -18.67
N LYS B 476 -24.48 -15.26 -19.01
CA LYS B 476 -24.48 -15.72 -20.39
C LYS B 476 -25.61 -16.69 -20.63
N TYR B 477 -26.09 -16.72 -21.87
CA TYR B 477 -27.07 -17.69 -22.33
C TYR B 477 -26.43 -18.58 -23.39
N THR B 478 -27.19 -19.60 -23.80
CA THR B 478 -26.71 -20.57 -24.77
C THR B 478 -27.25 -20.22 -26.15
N ARG B 479 -26.37 -20.27 -27.15
CA ARG B 479 -26.69 -19.87 -28.50
C ARG B 479 -26.24 -20.96 -29.46
N GLN B 480 -26.89 -21.01 -30.63
CA GLN B 480 -26.55 -21.97 -31.66
C GLN B 480 -25.54 -21.38 -32.61
N ASP B 481 -24.48 -22.14 -32.90
CA ASP B 481 -23.43 -21.76 -33.83
C ASP B 481 -23.43 -22.73 -35.00
N VAL B 482 -23.55 -22.19 -36.22
CA VAL B 482 -23.66 -22.97 -37.44
C VAL B 482 -22.34 -22.90 -38.19
N SER B 483 -21.83 -24.05 -38.59
CA SER B 483 -20.67 -24.16 -39.46
C SER B 483 -21.07 -24.88 -40.73
N ARG B 484 -20.32 -24.63 -41.81
CA ARG B 484 -20.61 -25.21 -43.12
C ARG B 484 -19.34 -25.79 -43.72
N SER B 485 -19.52 -26.87 -44.47
CA SER B 485 -18.44 -27.51 -45.21
C SER B 485 -18.90 -27.76 -46.65
N ILE B 486 -17.95 -27.77 -47.58
CA ILE B 486 -18.26 -27.98 -48.99
C ILE B 486 -17.14 -28.81 -49.61
N ASP B 487 -17.53 -29.84 -50.35
CA ASP B 487 -16.59 -30.58 -51.18
C ASP B 487 -16.29 -29.75 -52.43
N ASP B 488 -15.04 -29.33 -52.57
CA ASP B 488 -14.66 -28.44 -53.68
C ASP B 488 -14.78 -29.11 -55.04
N ASN B 489 -14.92 -30.42 -55.10
CA ASN B 489 -15.10 -31.13 -56.36
C ASN B 489 -16.57 -31.25 -56.73
N THR B 490 -17.35 -31.93 -55.90
CA THR B 490 -18.76 -32.16 -56.21
C THR B 490 -19.58 -30.90 -55.98
N GLY B 491 -19.38 -30.22 -54.87
CA GLY B 491 -20.14 -29.04 -54.52
C GLY B 491 -21.18 -29.24 -53.44
N LYS B 492 -21.37 -30.48 -52.99
CA LYS B 492 -22.33 -30.74 -51.91
C LYS B 492 -21.87 -30.07 -50.62
N THR B 493 -22.84 -29.67 -49.82
CA THR B 493 -22.59 -28.93 -48.59
C THR B 493 -23.09 -29.70 -47.38
N ASN B 494 -22.44 -29.45 -46.25
CA ASN B 494 -22.79 -30.05 -44.97
C ASN B 494 -22.93 -28.94 -43.95
N THR B 495 -24.03 -28.97 -43.18
CA THR B 495 -24.32 -27.95 -42.18
C THR B 495 -24.28 -28.58 -40.80
N SER B 496 -23.47 -28.01 -39.90
CA SER B 496 -23.31 -28.51 -38.54
C SER B 496 -23.76 -27.45 -37.56
N ILE B 497 -24.44 -27.88 -36.49
CA ILE B 497 -24.96 -27.01 -35.45
C ILE B 497 -24.37 -27.44 -34.11
N SER B 498 -23.79 -26.48 -33.38
CA SER B 498 -23.27 -26.74 -32.04
C SER B 498 -23.74 -25.62 -31.11
N ASN B 499 -23.45 -25.78 -29.82
CA ASN B 499 -23.84 -24.80 -28.81
C ASN B 499 -22.63 -24.00 -28.35
N LYS B 500 -22.84 -22.71 -28.09
CA LYS B 500 -21.80 -21.83 -27.57
C LYS B 500 -22.42 -20.91 -26.52
N GLU B 501 -21.56 -20.24 -25.76
CA GLU B 501 -21.97 -19.26 -24.77
C GLU B 501 -21.98 -17.87 -25.38
N ARG B 502 -22.95 -17.05 -24.97
CA ARG B 502 -23.03 -15.66 -25.40
C ARG B 502 -23.40 -14.81 -24.21
N PHE B 503 -22.65 -13.73 -23.99
CA PHE B 503 -23.03 -12.77 -22.97
C PHE B 503 -24.40 -12.19 -23.31
N LEU B 504 -25.26 -12.09 -22.28
CA LEU B 504 -26.53 -11.39 -22.47
C LEU B 504 -26.29 -9.98 -22.99
N MET B 505 -25.24 -9.33 -22.49
CA MET B 505 -24.85 -8.00 -22.95
C MET B 505 -23.34 -7.88 -22.76
N THR B 506 -22.59 -7.70 -23.85
CA THR B 506 -21.15 -7.55 -23.77
C THR B 506 -20.79 -6.16 -23.22
N PRO B 507 -19.54 -5.97 -22.76
CA PRO B 507 -19.18 -4.65 -22.23
C PRO B 507 -19.39 -3.51 -23.22
N ASP B 508 -18.91 -3.66 -24.47
CA ASP B 508 -19.10 -2.59 -25.44
C ASP B 508 -20.56 -2.40 -25.80
N GLU B 509 -21.35 -3.48 -25.80
CA GLU B 509 -22.78 -3.35 -26.00
C GLU B 509 -23.43 -2.54 -24.88
N LEU B 510 -23.01 -2.77 -23.64
CA LEU B 510 -23.49 -1.95 -22.53
C LEU B 510 -23.04 -0.50 -22.70
N MET B 511 -21.82 -0.30 -23.19
CA MET B 511 -21.29 1.04 -23.35
C MET B 511 -21.96 1.81 -24.48
N THR B 512 -22.59 1.11 -25.43
CA THR B 512 -23.18 1.77 -26.58
C THR B 512 -24.70 1.63 -26.62
N MET B 513 -25.36 1.55 -25.45
CA MET B 513 -26.82 1.51 -25.44
C MET B 513 -27.44 2.82 -25.86
N GLY B 514 -26.72 3.93 -25.73
CA GLY B 514 -27.29 5.23 -26.00
C GLY B 514 -28.38 5.60 -25.00
N ASP B 515 -29.62 5.66 -25.47
CA ASP B 515 -30.75 6.01 -24.62
C ASP B 515 -31.40 4.80 -23.99
N GLU B 516 -30.78 3.62 -24.10
CA GLU B 516 -31.25 2.44 -23.40
C GLU B 516 -30.49 2.28 -22.09
N LEU B 517 -31.07 1.49 -21.18
CA LEU B 517 -30.50 1.30 -19.86
C LEU B 517 -30.88 -0.08 -19.35
N ILE B 518 -30.11 -0.53 -18.35
CA ILE B 518 -30.34 -1.80 -17.69
C ILE B 518 -30.94 -1.54 -16.32
N ILE B 519 -31.92 -2.34 -15.95
CA ILE B 519 -32.52 -2.29 -14.62
C ILE B 519 -32.28 -3.64 -13.95
N LEU B 520 -31.75 -3.59 -12.73
CA LEU B 520 -31.54 -4.78 -11.91
C LEU B 520 -32.33 -4.60 -10.62
N GLU B 521 -33.39 -5.39 -10.45
CA GLU B 521 -34.11 -5.46 -9.20
C GLU B 521 -33.70 -6.73 -8.46
N ASN B 522 -33.62 -6.65 -7.13
CA ASN B 522 -33.06 -7.74 -6.35
C ASN B 522 -33.75 -9.07 -6.61
N THR B 523 -35.07 -9.03 -6.84
CA THR B 523 -35.88 -10.23 -6.96
C THR B 523 -36.23 -10.58 -8.40
N LEU B 524 -35.61 -9.92 -9.38
CA LEU B 524 -35.97 -10.10 -10.78
C LEU B 524 -34.74 -10.36 -11.62
N LYS B 525 -34.97 -10.96 -12.79
CA LYS B 525 -33.93 -11.10 -13.78
C LYS B 525 -33.66 -9.74 -14.44
N PRO B 526 -32.51 -9.56 -15.09
CA PRO B 526 -32.18 -8.25 -15.66
C PRO B 526 -33.23 -7.78 -16.66
N ILE B 527 -33.40 -6.46 -16.72
CA ILE B 527 -34.36 -5.82 -17.61
C ILE B 527 -33.61 -4.81 -18.47
N LYS B 528 -34.00 -4.71 -19.74
CA LYS B 528 -33.48 -3.68 -20.63
C LYS B 528 -34.65 -2.81 -21.08
N CYS B 529 -34.49 -1.50 -20.98
CA CYS B 529 -35.58 -0.60 -21.37
C CYS B 529 -34.99 0.73 -21.83
N HIS B 530 -35.89 1.65 -22.15
CA HIS B 530 -35.52 2.98 -22.62
C HIS B 530 -35.59 3.98 -21.49
N LYS B 531 -34.77 5.03 -21.59
CA LYS B 531 -34.81 6.11 -20.61
C LYS B 531 -36.15 6.83 -20.69
N ALA B 532 -36.75 7.10 -19.54
CA ALA B 532 -38.01 7.82 -19.53
C ALA B 532 -37.79 9.29 -19.87
N LEU B 533 -37.48 9.57 -21.13
CA LEU B 533 -37.22 10.95 -21.55
C LEU B 533 -38.45 11.81 -21.34
N TYR B 534 -38.27 12.95 -20.67
CA TYR B 534 -39.42 13.79 -20.37
C TYR B 534 -39.75 14.72 -21.54
N TYR B 535 -38.74 15.24 -22.24
CA TYR B 535 -39.03 16.15 -23.34
C TYR B 535 -39.58 15.44 -24.58
N ASP B 536 -39.47 14.11 -24.64
CA ASP B 536 -39.98 13.35 -25.77
C ASP B 536 -41.43 12.93 -25.61
N ASP B 537 -41.93 12.87 -24.38
CA ASP B 537 -43.22 12.28 -24.06
C ASP B 537 -44.25 13.38 -23.80
N PRO B 538 -45.42 13.32 -24.44
CA PRO B 538 -46.52 14.19 -24.01
C PRO B 538 -46.93 13.97 -22.58
N PHE B 539 -46.63 12.79 -22.01
CA PHE B 539 -46.96 12.50 -20.61
C PHE B 539 -46.40 13.54 -19.66
N PHE B 540 -45.23 14.11 -19.97
CA PHE B 540 -44.62 15.15 -19.16
C PHE B 540 -44.68 16.53 -19.81
N THR B 541 -44.56 16.60 -21.14
CA THR B 541 -44.62 17.90 -21.79
C THR B 541 -46.01 18.52 -21.68
N ASP B 542 -47.05 17.70 -21.53
CA ASP B 542 -48.38 18.26 -21.27
C ASP B 542 -48.39 19.03 -19.96
N GLU B 543 -47.80 18.45 -18.91
CA GLU B 543 -47.70 19.14 -17.63
C GLU B 543 -46.82 20.36 -17.71
N LEU B 544 -45.78 20.31 -18.55
CA LEU B 544 -44.91 21.48 -18.71
C LEU B 544 -45.63 22.61 -19.45
N ILE B 545 -46.43 22.26 -20.46
CA ILE B 545 -47.11 23.27 -21.27
C ILE B 545 -48.32 23.85 -20.53
N LYS B 546 -48.97 23.04 -19.68
CA LYS B 546 -50.18 23.48 -18.99
C LYS B 546 -49.95 24.76 -18.19
N VAL B 547 -48.86 24.79 -17.40
CA VAL B 547 -48.66 25.87 -16.43
C VAL B 547 -47.92 27.06 -17.02
N SER B 548 -47.64 27.06 -18.32
CA SER B 548 -46.89 28.15 -18.94
C SER B 548 -47.70 28.75 -20.07
N PRO B 549 -47.88 30.06 -20.11
CA PRO B 549 -48.63 30.66 -21.23
C PRO B 549 -47.88 30.55 -22.56
N SER B 550 -46.57 30.76 -22.57
CA SER B 550 -45.81 30.76 -23.82
C SER B 550 -45.88 29.40 -24.51
N LEU B 551 -45.55 28.34 -23.78
CA LEU B 551 -45.66 27.00 -24.36
C LEU B 551 -47.10 26.66 -24.71
N SER B 552 -48.07 27.25 -24.01
CA SER B 552 -49.46 27.00 -24.33
C SER B 552 -49.85 27.61 -25.68
N LYS B 553 -49.30 28.80 -25.98
CA LYS B 553 -49.53 29.36 -27.32
C LYS B 553 -48.77 28.58 -28.39
N LYS B 554 -47.54 28.15 -28.09
CA LYS B 554 -46.71 27.54 -29.12
C LYS B 554 -47.15 26.11 -29.45
N TYR B 555 -47.24 25.25 -28.44
CA TYR B 555 -47.49 23.83 -28.64
C TYR B 555 -48.87 23.43 -28.11
N LYS B 556 -49.44 22.41 -28.75
CA LYS B 556 -50.76 21.90 -28.39
C LYS B 556 -50.63 20.73 -27.43
N LEU B 557 -51.58 20.63 -26.50
CA LEU B 557 -51.55 19.58 -25.50
C LEU B 557 -51.90 18.23 -26.13
N GLY B 558 -51.20 17.18 -25.68
CA GLY B 558 -51.39 15.84 -26.19
C GLY B 558 -50.52 15.47 -27.37
N LYS B 559 -50.05 16.47 -28.13
CA LYS B 559 -49.20 16.21 -29.28
C LYS B 559 -47.73 16.31 -28.88
N VAL B 560 -46.90 15.47 -29.48
CA VAL B 560 -45.45 15.51 -29.25
C VAL B 560 -44.94 16.83 -29.77
N PRO B 561 -44.28 17.64 -28.93
CA PRO B 561 -43.85 18.97 -29.38
C PRO B 561 -42.76 18.89 -30.43
N ASN B 562 -42.69 19.93 -31.27
CA ASN B 562 -41.67 20.02 -32.30
C ASN B 562 -40.28 19.96 -31.67
N GLN B 563 -39.60 18.82 -31.82
CA GLN B 563 -38.34 18.59 -31.12
C GLN B 563 -37.27 19.59 -31.51
N ALA B 564 -37.39 20.23 -32.67
CA ALA B 564 -36.41 21.20 -33.13
C ALA B 564 -36.48 22.53 -32.37
N THR B 565 -37.54 22.79 -31.63
CA THR B 565 -37.70 24.07 -30.95
C THR B 565 -38.24 23.98 -29.54
N PHE B 566 -38.59 22.79 -29.04
CA PHE B 566 -39.26 22.70 -27.75
C PHE B 566 -38.31 23.07 -26.61
N TYR B 567 -37.11 22.50 -26.60
CA TYR B 567 -36.19 22.74 -25.49
C TYR B 567 -35.80 24.22 -25.41
N ASP B 568 -35.58 24.86 -26.56
CA ASP B 568 -35.20 26.26 -26.55
C ASP B 568 -36.32 27.15 -26.04
N ASP B 569 -37.56 26.84 -26.41
CA ASP B 569 -38.70 27.61 -25.90
C ASP B 569 -38.90 27.36 -24.41
N LEU B 570 -38.65 26.13 -23.96
CA LEU B 570 -38.67 25.83 -22.54
C LEU B 570 -37.65 26.68 -21.79
N GLN B 571 -36.44 26.80 -22.34
CA GLN B 571 -35.42 27.63 -21.70
C GLN B 571 -35.82 29.11 -21.70
N ALA B 572 -36.36 29.59 -22.82
CA ALA B 572 -36.79 30.99 -22.90
C ALA B 572 -37.90 31.28 -21.90
N ALA B 573 -38.80 30.30 -21.68
CA ALA B 573 -39.84 30.48 -20.68
C ALA B 573 -39.30 30.35 -19.26
N LYS B 574 -38.26 29.53 -19.06
CA LYS B 574 -37.62 29.45 -17.76
C LYS B 574 -36.90 30.74 -17.41
N THR B 575 -36.45 31.49 -18.42
CA THR B 575 -35.80 32.76 -18.14
C THR B 575 -36.76 33.78 -17.55
N ARG B 576 -38.04 33.68 -17.86
CA ARG B 576 -39.05 34.59 -17.33
C ARG B 576 -39.80 34.00 -16.14
N GLY B 577 -39.36 32.84 -15.63
CA GLY B 577 -39.94 32.28 -14.43
C GLY B 577 -41.29 31.64 -14.58
N GLU B 578 -41.68 31.26 -15.81
CA GLU B 578 -42.98 30.62 -16.01
C GLU B 578 -42.99 29.21 -15.43
N LEU B 579 -41.87 28.50 -15.53
CA LEU B 579 -41.78 27.14 -15.00
C LEU B 579 -41.25 27.09 -13.57
N SER B 580 -40.62 28.16 -13.09
CA SER B 580 -40.04 28.16 -11.76
C SER B 580 -41.13 28.22 -10.69
N TYR B 581 -40.75 27.79 -9.49
CA TYR B 581 -41.60 27.99 -8.32
C TYR B 581 -41.80 29.48 -8.07
N ASP B 582 -42.90 29.82 -7.42
CA ASP B 582 -43.16 31.21 -7.07
C ASP B 582 -42.12 31.67 -6.06
N LYS B 583 -41.20 32.53 -6.50
CA LYS B 583 -40.07 32.95 -5.67
C LYS B 583 -40.42 34.06 -4.69
N SER B 584 -41.66 34.57 -4.71
CA SER B 584 -42.03 35.63 -3.79
C SER B 584 -42.12 35.15 -2.35
N LEU B 585 -42.37 33.87 -2.13
CA LEU B 585 -42.42 33.31 -0.79
C LEU B 585 -41.06 32.90 -0.25
N VAL B 586 -40.00 33.05 -1.04
CA VAL B 586 -38.64 32.75 -0.57
C VAL B 586 -38.13 33.95 0.21
N PRO B 587 -37.83 33.80 1.50
CA PRO B 587 -37.41 34.95 2.30
C PRO B 587 -36.04 35.46 1.88
N VAL B 588 -35.82 36.75 2.12
CA VAL B 588 -34.55 37.41 1.82
C VAL B 588 -34.02 38.03 3.09
N GLY B 589 -32.72 37.84 3.34
CA GLY B 589 -32.08 38.38 4.52
C GLY B 589 -31.24 39.62 4.21
N SER B 590 -30.82 40.29 5.28
CA SER B 590 -30.03 41.51 5.16
C SER B 590 -28.63 41.20 4.62
N VAL C 25 -21.77 -39.92 -13.73
CA VAL C 25 -20.83 -40.27 -12.69
C VAL C 25 -19.41 -39.92 -13.12
N ASP C 26 -19.29 -39.25 -14.25
CA ASP C 26 -17.98 -38.86 -14.78
C ASP C 26 -17.45 -37.65 -14.03
N ASP C 27 -16.21 -37.74 -13.56
CA ASP C 27 -15.56 -36.64 -12.84
C ASP C 27 -14.43 -36.02 -13.63
N LEU C 28 -14.44 -36.17 -14.96
CA LEU C 28 -13.36 -35.66 -15.79
C LEU C 28 -13.32 -34.13 -15.80
N PHE C 29 -14.43 -33.47 -15.47
CA PHE C 29 -14.50 -32.02 -15.40
C PHE C 29 -14.86 -31.55 -13.99
N GLY C 30 -14.47 -32.32 -12.98
CA GLY C 30 -14.82 -32.03 -11.61
C GLY C 30 -15.89 -32.98 -11.10
N SER C 31 -16.07 -32.96 -9.78
CA SER C 31 -17.01 -33.84 -9.09
C SER C 31 -17.95 -33.04 -8.22
N ALA C 32 -18.37 -31.87 -8.70
CA ALA C 32 -19.31 -31.06 -7.94
C ALA C 32 -20.69 -31.70 -7.94
N SER C 33 -21.34 -31.70 -6.78
CA SER C 33 -22.65 -32.31 -6.64
C SER C 33 -23.27 -31.85 -5.34
N TRP C 34 -24.60 -31.85 -5.30
CA TRP C 34 -25.31 -31.56 -4.06
C TRP C 34 -25.15 -32.72 -3.09
N GLU C 35 -25.28 -32.41 -1.80
CA GLU C 35 -25.12 -33.45 -0.79
C GLU C 35 -26.21 -34.49 -0.92
N THR C 36 -25.83 -35.75 -0.77
CA THR C 36 -26.75 -36.86 -0.94
C THR C 36 -27.70 -36.96 0.25
N GLU C 37 -28.84 -37.62 0.02
CA GLU C 37 -29.81 -37.84 1.08
C GLU C 37 -29.22 -38.65 2.22
N GLU C 38 -28.37 -39.63 1.89
CA GLU C 38 -27.78 -40.49 2.91
C GLU C 38 -26.89 -39.69 3.87
N LYS C 39 -25.99 -38.86 3.31
CA LYS C 39 -25.11 -38.07 4.16
C LYS C 39 -25.89 -37.01 4.94
N MET C 40 -26.97 -36.48 4.36
CA MET C 40 -27.79 -35.53 5.10
C MET C 40 -28.49 -36.20 6.27
N ILE C 41 -28.97 -37.43 6.07
CA ILE C 41 -29.55 -38.19 7.18
C ILE C 41 -28.49 -38.44 8.24
N LYS C 42 -27.29 -38.86 7.83
CA LYS C 42 -26.21 -39.08 8.78
C LYS C 42 -25.87 -37.81 9.54
N ALA C 43 -25.97 -36.65 8.89
CA ALA C 43 -25.68 -35.38 9.53
C ALA C 43 -26.86 -34.83 10.33
N LYS C 44 -27.91 -35.63 10.52
CA LYS C 44 -29.10 -35.30 11.30
C LYS C 44 -29.84 -34.08 10.77
N LEU C 45 -29.52 -33.62 9.56
CA LEU C 45 -30.28 -32.52 8.97
C LEU C 45 -31.67 -32.97 8.56
N ILE C 46 -31.81 -34.24 8.18
CA ILE C 46 -33.10 -34.84 7.82
C ILE C 46 -33.15 -36.23 8.45
N THR C 47 -34.34 -36.83 8.40
CA THR C 47 -34.59 -38.16 8.90
C THR C 47 -35.09 -39.05 7.77
N PRO C 48 -35.03 -40.37 7.94
CA PRO C 48 -35.60 -41.26 6.92
C PRO C 48 -37.09 -41.03 6.66
N ASN C 49 -37.80 -40.39 7.59
CA ASN C 49 -39.20 -40.01 7.40
C ASN C 49 -39.33 -38.54 7.78
N ASN C 50 -38.79 -37.67 6.92
CA ASN C 50 -38.63 -36.26 7.30
C ASN C 50 -39.96 -35.55 7.49
N LYS C 51 -40.99 -35.97 6.77
CA LYS C 51 -42.29 -35.32 6.92
C LYS C 51 -42.87 -35.56 8.32
N LYS C 52 -42.60 -36.73 8.91
CA LYS C 52 -43.05 -37.06 10.25
C LYS C 52 -41.91 -36.95 11.28
N ARG C 53 -40.95 -36.07 11.02
CA ARG C 53 -39.85 -35.85 11.95
C ARG C 53 -40.37 -35.27 13.27
N ALA C 54 -39.78 -35.71 14.37
CA ALA C 54 -40.27 -35.36 15.70
C ALA C 54 -39.63 -34.11 16.29
N PHE C 55 -38.55 -33.60 15.68
CA PHE C 55 -37.84 -32.42 16.19
C PHE C 55 -37.44 -32.61 17.65
N ASP C 56 -36.74 -33.70 17.94
CA ASP C 56 -36.34 -34.06 19.29
C ASP C 56 -34.85 -33.83 19.55
N LYS C 57 -34.16 -33.16 18.64
CA LYS C 57 -32.74 -32.86 18.79
C LYS C 57 -32.49 -31.35 18.77
N ARG C 58 -33.49 -30.56 19.19
CA ARG C 58 -33.37 -29.12 19.36
C ARG C 58 -32.90 -28.44 18.08
N GLU C 59 -33.41 -28.91 16.95
CA GLU C 59 -32.91 -28.50 15.64
C GLU C 59 -33.47 -27.14 15.22
N VAL C 60 -32.67 -26.41 14.46
CA VAL C 60 -33.03 -25.10 13.93
C VAL C 60 -33.31 -25.26 12.44
N ILE C 61 -34.52 -24.87 12.02
CA ILE C 61 -34.91 -25.01 10.62
C ILE C 61 -34.14 -24.00 9.77
N VAL C 62 -33.53 -24.48 8.68
CA VAL C 62 -32.73 -23.62 7.80
C VAL C 62 -33.16 -23.76 6.35
N GLY C 63 -34.30 -24.39 6.11
CA GLY C 63 -34.79 -24.55 4.76
C GLY C 63 -35.67 -25.77 4.64
N ARG C 64 -36.34 -25.87 3.50
CA ARG C 64 -37.27 -26.96 3.25
C ARG C 64 -37.08 -27.51 1.85
N ARG C 65 -37.37 -28.80 1.70
CA ARG C 65 -37.43 -29.46 0.40
C ARG C 65 -38.85 -29.53 -0.14
N GLY C 66 -39.82 -29.06 0.63
CA GLY C 66 -41.21 -29.11 0.21
C GLY C 66 -42.11 -28.74 1.37
N LEU C 67 -43.41 -28.92 1.13
CA LEU C 67 -44.42 -28.60 2.12
C LEU C 67 -44.24 -29.46 3.37
N GLY C 68 -43.63 -28.90 4.41
CA GLY C 68 -43.44 -29.63 5.65
C GLY C 68 -42.24 -30.54 5.69
N ASP C 69 -41.35 -30.45 4.71
CA ASP C 69 -40.16 -31.30 4.61
C ASP C 69 -38.93 -30.41 4.81
N PHE C 70 -38.51 -30.26 6.06
CA PHE C 70 -37.53 -29.25 6.43
C PHE C 70 -36.14 -29.83 6.61
N ILE C 71 -35.13 -29.00 6.34
CA ILE C 71 -33.74 -29.27 6.71
C ILE C 71 -33.47 -28.53 8.01
N ALA C 72 -32.90 -29.23 8.98
CA ALA C 72 -32.82 -28.70 10.35
C ALA C 72 -31.49 -29.05 10.98
N TYR C 73 -30.78 -28.02 11.44
CA TYR C 73 -29.46 -28.17 12.04
C TYR C 73 -29.59 -28.62 13.49
N ALA C 74 -29.01 -29.78 13.79
CA ALA C 74 -28.92 -30.26 15.15
C ALA C 74 -27.54 -29.90 15.72
N GLY C 75 -27.21 -30.45 16.88
CA GLY C 75 -25.91 -30.19 17.46
C GLY C 75 -25.84 -28.81 18.09
N GLN C 76 -24.60 -28.32 18.23
CA GLN C 76 -24.35 -27.07 18.92
C GLN C 76 -23.72 -25.99 18.04
N ALA C 77 -23.39 -26.32 16.78
CA ALA C 77 -22.69 -25.38 15.92
C ALA C 77 -23.58 -24.17 15.58
N PHE C 78 -22.93 -23.08 15.18
CA PHE C 78 -23.60 -21.81 14.97
C PHE C 78 -23.96 -21.62 13.50
N ILE C 79 -25.02 -20.85 13.27
CA ILE C 79 -25.55 -20.58 11.94
C ILE C 79 -25.27 -19.12 11.59
N GLY C 80 -24.93 -18.87 10.33
CA GLY C 80 -24.85 -17.53 9.82
C GLY C 80 -25.70 -17.38 8.57
N LEU C 81 -26.47 -16.30 8.49
CA LEU C 81 -27.40 -16.08 7.38
C LEU C 81 -27.06 -14.76 6.71
N ILE C 82 -26.44 -14.84 5.53
CA ILE C 82 -26.20 -13.66 4.72
C ILE C 82 -27.46 -13.38 3.91
N ALA C 83 -28.34 -12.56 4.46
CA ALA C 83 -29.61 -12.24 3.81
C ALA C 83 -29.65 -10.75 3.52
N PRO C 84 -29.63 -10.34 2.26
CA PRO C 84 -29.71 -8.90 1.95
C PRO C 84 -31.08 -8.32 2.24
N THR C 85 -31.30 -7.06 1.84
CA THR C 85 -32.61 -6.46 1.99
C THR C 85 -33.57 -7.02 0.95
N ARG C 86 -34.86 -7.04 1.30
CA ARG C 86 -35.90 -7.60 0.44
C ARG C 86 -35.58 -9.07 0.10
N SER C 87 -35.16 -9.83 1.10
CA SER C 87 -34.71 -11.20 0.90
C SER C 87 -35.47 -12.23 1.72
N GLY C 88 -36.19 -11.83 2.75
CA GLY C 88 -37.01 -12.76 3.51
C GLY C 88 -36.30 -13.44 4.66
N LYS C 89 -35.40 -12.72 5.34
CA LYS C 89 -34.74 -13.30 6.51
C LYS C 89 -35.74 -13.65 7.61
N GLY C 90 -36.75 -12.81 7.80
CA GLY C 90 -37.73 -13.05 8.84
C GLY C 90 -38.72 -14.13 8.46
N VAL C 91 -39.29 -14.03 7.26
CA VAL C 91 -40.31 -14.98 6.82
C VAL C 91 -39.72 -16.33 6.42
N GLY C 92 -38.41 -16.41 6.24
CA GLY C 92 -37.80 -17.65 5.79
C GLY C 92 -36.90 -18.31 6.84
N PHE C 93 -36.56 -17.58 7.89
CA PHE C 93 -35.68 -18.15 8.91
C PHE C 93 -36.12 -17.81 10.33
N ILE C 94 -36.46 -16.53 10.58
CA ILE C 94 -36.79 -16.11 11.93
C ILE C 94 -38.16 -16.62 12.35
N MET C 95 -39.19 -16.32 11.55
CA MET C 95 -40.55 -16.75 11.87
C MET C 95 -40.70 -18.27 11.98
N PRO C 96 -40.14 -19.09 11.08
CA PRO C 96 -40.32 -20.55 11.25
C PRO C 96 -39.75 -21.09 12.54
N ASN C 97 -38.49 -20.77 12.84
CA ASN C 97 -37.90 -21.22 14.09
C ASN C 97 -38.62 -20.64 15.31
N MET C 98 -39.14 -19.41 15.18
CA MET C 98 -39.94 -18.84 16.24
C MET C 98 -41.19 -19.70 16.50
N ILE C 99 -41.81 -20.18 15.42
CA ILE C 99 -43.00 -21.02 15.58
C ILE C 99 -42.62 -22.40 16.09
N ASN C 100 -41.43 -22.89 15.73
CA ASN C 100 -41.11 -24.31 15.86
C ASN C 100 -40.15 -24.67 16.98
N TYR C 101 -39.20 -23.80 17.30
CA TYR C 101 -38.12 -24.18 18.22
C TYR C 101 -38.69 -24.54 19.59
N PRO C 102 -38.38 -25.72 20.13
CA PRO C 102 -39.01 -26.15 21.39
C PRO C 102 -38.30 -25.63 22.63
N GLN C 103 -37.02 -25.28 22.51
CA GLN C 103 -36.24 -24.84 23.67
C GLN C 103 -36.40 -23.32 23.84
N ASN C 104 -35.52 -22.70 24.63
CA ASN C 104 -35.62 -21.28 24.90
C ASN C 104 -35.03 -20.45 23.77
N ILE C 105 -35.56 -19.25 23.58
CA ILE C 105 -35.10 -18.35 22.53
C ILE C 105 -34.80 -16.98 23.13
N VAL C 106 -33.79 -16.33 22.56
CA VAL C 106 -33.47 -14.93 22.83
C VAL C 106 -33.37 -14.28 21.46
N VAL C 107 -34.39 -13.52 21.07
CA VAL C 107 -34.46 -12.93 19.74
C VAL C 107 -34.17 -11.43 19.85
N PHE C 108 -33.46 -10.91 18.85
CA PHE C 108 -33.32 -9.46 18.70
C PHE C 108 -34.42 -8.98 17.77
N ASP C 109 -35.41 -8.27 18.33
CA ASP C 109 -36.58 -7.80 17.59
C ASP C 109 -36.59 -6.28 17.60
N PRO C 110 -35.98 -5.63 16.61
CA PRO C 110 -35.96 -4.16 16.60
C PRO C 110 -37.21 -3.55 16.03
N LYS C 111 -37.90 -4.29 15.14
CA LYS C 111 -39.09 -3.78 14.46
C LYS C 111 -40.39 -4.16 15.15
N ALA C 112 -40.32 -4.89 16.26
CA ALA C 112 -41.49 -5.24 17.08
C ALA C 112 -42.50 -6.09 16.33
N ASP C 113 -42.08 -6.84 15.32
CA ASP C 113 -42.98 -7.71 14.58
C ASP C 113 -42.86 -9.17 14.99
N THR C 114 -41.62 -9.66 15.17
CA THR C 114 -41.41 -11.07 15.48
C THR C 114 -42.12 -11.46 16.78
N MET C 115 -41.89 -10.71 17.85
CA MET C 115 -42.51 -11.04 19.12
C MET C 115 -44.02 -10.81 19.08
N GLU C 116 -44.44 -9.66 18.56
CA GLU C 116 -45.87 -9.37 18.42
C GLU C 116 -46.59 -10.38 17.52
N THR C 117 -45.87 -11.30 16.89
CA THR C 117 -46.45 -12.35 16.07
C THR C 117 -46.33 -13.74 16.67
N CYS C 118 -45.27 -14.02 17.43
CA CYS C 118 -45.03 -15.36 17.94
C CYS C 118 -45.06 -15.46 19.47
N GLY C 119 -45.41 -14.39 20.18
CA GLY C 119 -45.39 -14.44 21.63
C GLY C 119 -46.44 -15.38 22.19
N LYS C 120 -47.66 -15.30 21.67
CA LYS C 120 -48.71 -16.21 22.12
C LYS C 120 -48.38 -17.65 21.74
N ILE C 121 -47.59 -17.84 20.68
CA ILE C 121 -47.13 -19.17 20.34
C ILE C 121 -46.15 -19.68 21.40
N ARG C 122 -45.14 -18.87 21.72
CA ARG C 122 -44.19 -19.27 22.76
C ARG C 122 -44.88 -19.52 24.09
N GLU C 123 -45.99 -18.82 24.34
CA GLU C 123 -46.71 -18.95 25.61
C GLU C 123 -47.58 -20.20 25.63
N LYS C 124 -48.40 -20.41 24.61
CA LYS C 124 -49.39 -21.48 24.61
C LYS C 124 -48.85 -22.81 24.09
N ARG C 125 -47.94 -22.78 23.11
CA ARG C 125 -47.44 -24.02 22.52
C ARG C 125 -46.45 -24.73 23.45
N PHE C 126 -45.39 -24.03 23.84
CA PHE C 126 -44.30 -24.63 24.61
C PHE C 126 -44.34 -24.26 26.09
N ASN C 127 -45.39 -23.59 26.55
CA ASN C 127 -45.56 -23.23 27.96
C ASN C 127 -44.34 -22.47 28.48
N GLN C 128 -43.98 -21.41 27.76
CA GLN C 128 -42.80 -20.63 28.07
C GLN C 128 -43.20 -19.22 28.49
N LYS C 129 -42.48 -18.68 29.48
CA LYS C 129 -42.71 -17.32 29.93
C LYS C 129 -42.03 -16.34 28.98
N VAL C 130 -42.80 -15.38 28.48
CA VAL C 130 -42.29 -14.38 27.55
C VAL C 130 -41.85 -13.15 28.33
N PHE C 131 -40.61 -12.73 28.13
CA PHE C 131 -40.06 -11.55 28.80
C PHE C 131 -39.50 -10.61 27.74
N ILE C 132 -40.04 -9.40 27.69
CA ILE C 132 -39.73 -8.43 26.65
C ILE C 132 -38.99 -7.27 27.28
N TYR C 133 -37.80 -6.99 26.78
CA TYR C 133 -36.97 -5.87 27.24
C TYR C 133 -37.06 -4.77 26.19
N GLU C 134 -37.98 -3.83 26.40
CA GLU C 134 -38.13 -2.67 25.54
C GLU C 134 -37.80 -1.42 26.35
N PRO C 135 -36.52 -1.05 26.45
CA PRO C 135 -36.14 0.03 27.38
C PRO C 135 -36.85 1.35 27.13
N PHE C 136 -37.22 1.63 25.87
CA PHE C 136 -37.87 2.90 25.54
C PHE C 136 -39.37 2.81 25.55
N SER C 137 -39.93 2.14 26.56
CA SER C 137 -41.38 2.04 26.73
C SER C 137 -41.68 1.82 28.21
N LEU C 138 -42.82 2.33 28.64
CA LEU C 138 -43.26 2.05 30.01
C LEU C 138 -43.48 0.56 30.22
N LYS C 139 -44.23 -0.07 29.33
CA LYS C 139 -44.41 -1.53 29.35
C LYS C 139 -43.10 -2.17 28.90
N THR C 140 -42.16 -2.26 29.84
CA THR C 140 -40.86 -2.86 29.58
C THR C 140 -40.53 -3.97 30.55
N HIS C 141 -39.26 -4.37 30.62
CA HIS C 141 -38.78 -5.21 31.69
C HIS C 141 -37.52 -4.61 32.27
N ARG C 142 -37.06 -5.21 33.36
CA ARG C 142 -36.02 -4.64 34.21
C ARG C 142 -34.82 -5.55 34.24
N PHE C 143 -33.63 -4.98 34.04
CA PHE C 143 -32.38 -5.70 34.09
C PHE C 143 -31.44 -4.95 35.04
N ASN C 144 -31.06 -5.62 36.13
CA ASN C 144 -30.13 -5.06 37.09
C ASN C 144 -28.84 -5.87 37.07
N PRO C 145 -27.73 -5.33 36.57
CA PRO C 145 -26.46 -6.07 36.57
C PRO C 145 -25.89 -6.31 37.96
N PHE C 146 -26.50 -5.78 39.00
CA PHE C 146 -26.00 -5.90 40.37
C PHE C 146 -26.43 -7.19 41.06
N ALA C 147 -27.44 -7.88 40.52
CA ALA C 147 -27.93 -9.13 41.11
C ALA C 147 -27.06 -10.32 40.78
N TYR C 148 -25.84 -10.10 40.31
CA TYR C 148 -24.94 -11.17 39.87
C TYR C 148 -23.63 -11.13 40.66
N VAL C 149 -23.72 -10.86 41.95
CA VAL C 149 -22.56 -10.83 42.84
C VAL C 149 -22.81 -11.78 44.00
N ASP C 150 -21.72 -12.35 44.53
CA ASP C 150 -21.79 -13.20 45.71
C ASP C 150 -21.86 -12.30 46.93
N PHE C 151 -23.08 -11.86 47.25
CA PHE C 151 -23.31 -10.94 48.34
C PHE C 151 -22.83 -11.48 49.68
N GLY C 179 -15.63 -15.59 48.31
CA GLY C 179 -14.45 -15.43 47.46
C GLY C 179 -14.84 -14.86 46.10
N ASP C 180 -16.14 -14.89 45.80
CA ASP C 180 -16.65 -14.48 44.49
C ASP C 180 -17.13 -13.04 44.47
N PHE C 181 -17.17 -12.34 45.60
CA PHE C 181 -17.56 -10.93 45.55
C PHE C 181 -16.43 -10.06 45.02
N SER C 182 -15.18 -10.34 45.41
CA SER C 182 -14.06 -9.63 44.82
C SER C 182 -13.86 -10.02 43.35
N THR C 183 -14.08 -11.30 43.04
CA THR C 183 -14.04 -11.72 41.64
C THR C 183 -15.10 -11.01 40.82
N GLN C 184 -16.31 -10.87 41.37
CA GLN C 184 -17.37 -10.13 40.68
C GLN C 184 -16.98 -8.67 40.50
N ILE C 185 -16.43 -8.05 41.54
CA ILE C 185 -16.01 -6.66 41.44
C ILE C 185 -15.00 -6.48 40.31
N PHE C 186 -13.99 -7.35 40.25
CA PHE C 186 -13.02 -7.28 39.16
C PHE C 186 -13.68 -7.53 37.81
N GLY C 187 -14.64 -8.45 37.76
CA GLY C 187 -15.31 -8.74 36.50
C GLY C 187 -16.07 -7.55 35.95
N LEU C 188 -16.91 -6.94 36.80
CA LEU C 188 -17.65 -5.76 36.32
C LEU C 188 -16.72 -4.58 36.09
N ALA C 189 -15.61 -4.49 36.82
CA ALA C 189 -14.64 -3.43 36.55
C ALA C 189 -14.02 -3.59 35.17
N LYS C 190 -13.72 -4.83 34.78
CA LYS C 190 -13.21 -5.06 33.43
C LYS C 190 -14.29 -4.83 32.38
N LEU C 191 -15.53 -5.22 32.68
CA LEU C 191 -16.63 -5.08 31.73
C LEU C 191 -17.07 -3.64 31.57
N VAL C 192 -16.77 -2.76 32.52
CA VAL C 192 -17.13 -1.36 32.42
C VAL C 192 -15.98 -0.47 31.99
N PHE C 193 -14.74 -0.94 32.08
CA PHE C 193 -13.57 -0.18 31.68
C PHE C 193 -12.77 -1.02 30.70
N PRO C 194 -12.99 -0.83 29.39
CA PRO C 194 -12.27 -1.62 28.39
C PRO C 194 -10.85 -1.12 28.19
N GLU C 195 -10.08 -1.93 27.47
CA GLU C 195 -8.70 -1.57 27.17
C GLU C 195 -8.66 -0.49 26.09
N ARG C 196 -7.82 0.51 26.29
CA ARG C 196 -7.71 1.63 25.37
C ARG C 196 -6.43 1.52 24.55
N PRO C 197 -6.50 1.17 23.26
CA PRO C 197 -5.27 1.14 22.47
C PRO C 197 -4.65 2.51 22.27
N ASN C 198 -5.47 3.54 22.05
CA ASN C 198 -4.99 4.91 21.87
C ASN C 198 -5.95 5.84 22.59
N GLU C 199 -5.53 6.36 23.73
CA GLU C 199 -6.31 7.30 24.52
C GLU C 199 -5.46 8.52 24.81
N LYS C 200 -6.10 9.58 25.32
CA LYS C 200 -5.36 10.74 25.79
C LYS C 200 -4.34 10.33 26.86
N ASP C 201 -4.62 9.25 27.58
CA ASP C 201 -3.68 8.59 28.47
C ASP C 201 -4.28 7.26 28.92
N PRO C 202 -3.52 6.16 28.84
CA PRO C 202 -4.00 4.89 29.42
C PRO C 202 -4.00 4.89 30.93
N PHE C 203 -3.24 5.81 31.54
CA PHE C 203 -3.21 5.91 33.00
C PHE C 203 -4.60 6.23 33.56
N PHE C 204 -5.32 7.16 32.91
CA PHE C 204 -6.67 7.46 33.35
C PHE C 204 -7.57 6.23 33.21
N SER C 205 -7.43 5.48 32.13
CA SER C 205 -8.26 4.30 31.94
C SER C 205 -8.05 3.28 33.06
N ASN C 206 -6.78 2.94 33.32
CA ASN C 206 -6.49 1.99 34.38
C ASN C 206 -6.90 2.53 35.75
N GLN C 207 -6.70 3.82 35.98
CA GLN C 207 -7.03 4.41 37.27
C GLN C 207 -8.54 4.51 37.47
N ALA C 208 -9.31 4.68 36.40
CA ALA C 208 -10.76 4.69 36.51
C ALA C 208 -11.30 3.29 36.74
N ARG C 209 -10.69 2.29 36.10
CA ARG C 209 -11.01 0.91 36.43
C ARG C 209 -10.75 0.62 37.90
N ASN C 210 -9.58 1.04 38.40
CA ASN C 210 -9.25 0.85 39.80
C ASN C 210 -10.17 1.65 40.73
N LEU C 211 -10.61 2.83 40.29
CA LEU C 211 -11.53 3.62 41.09
C LEU C 211 -12.89 2.96 41.19
N PHE C 212 -13.38 2.40 40.08
CA PHE C 212 -14.61 1.61 40.13
C PHE C 212 -14.45 0.42 41.08
N VAL C 213 -13.31 -0.28 41.00
CA VAL C 213 -13.08 -1.43 41.87
C VAL C 213 -13.06 -1.02 43.34
N ILE C 214 -12.34 0.04 43.67
CA ILE C 214 -12.22 0.47 45.05
C ILE C 214 -13.54 1.01 45.59
N ASN C 215 -14.29 1.74 44.76
CA ASN C 215 -15.60 2.22 45.17
C ASN C 215 -16.57 1.07 45.39
N CYS C 216 -16.47 0.02 44.57
CA CYS C 216 -17.30 -1.17 44.78
C CYS C 216 -16.92 -1.87 46.08
N ASN C 217 -15.62 -1.97 46.37
CA ASN C 217 -15.19 -2.58 47.63
C ASN C 217 -15.70 -1.79 48.82
N ILE C 218 -15.57 -0.45 48.77
CA ILE C 218 -16.08 0.38 49.86
C ILE C 218 -17.59 0.32 49.97
N TYR C 219 -18.29 0.13 48.85
CA TYR C 219 -19.75 0.00 48.89
C TYR C 219 -20.16 -1.32 49.52
N ARG C 220 -19.44 -2.40 49.21
CA ARG C 220 -19.67 -3.66 49.90
C ARG C 220 -19.35 -3.55 51.38
N ASP C 221 -18.38 -2.71 51.74
CA ASP C 221 -18.08 -2.46 53.14
C ASP C 221 -19.23 -1.74 53.84
N LEU C 222 -19.75 -0.68 53.21
CA LEU C 222 -20.82 0.11 53.82
C LEU C 222 -22.18 -0.58 53.76
N MET C 223 -22.37 -1.51 52.84
CA MET C 223 -23.64 -2.21 52.66
C MET C 223 -23.42 -3.70 52.89
N TRP C 224 -23.47 -4.11 54.16
CA TRP C 224 -23.29 -5.51 54.51
C TRP C 224 -23.97 -5.82 55.85
N LYS C 227 -20.67 -4.86 60.27
CA LYS C 227 -21.21 -3.74 61.03
C LYS C 227 -21.76 -2.66 60.10
N GLY C 228 -22.48 -3.10 59.06
CA GLY C 228 -23.04 -2.17 58.10
C GLY C 228 -24.19 -1.34 58.65
N LEU C 229 -24.84 -1.80 59.71
CA LEU C 229 -25.97 -1.10 60.30
C LEU C 229 -25.58 -0.02 61.29
N GLU C 230 -24.31 0.02 61.70
CA GLU C 230 -23.89 1.05 62.66
C GLU C 230 -23.93 2.44 62.04
N PHE C 231 -23.49 2.55 60.79
CA PHE C 231 -23.49 3.83 60.07
C PHE C 231 -24.87 4.19 59.54
N VAL C 232 -25.81 3.25 59.52
CA VAL C 232 -27.16 3.54 59.07
C VAL C 232 -27.84 4.53 60.02
N LYS C 233 -27.61 4.36 61.32
CA LYS C 233 -28.17 5.25 62.33
C LYS C 233 -27.44 6.58 62.44
N ARG C 234 -26.53 6.88 61.49
CA ARG C 234 -25.82 8.15 61.54
C ARG C 234 -26.61 9.27 60.89
N LYS C 235 -27.28 8.98 59.77
CA LYS C 235 -28.08 9.96 59.05
C LYS C 235 -29.52 9.46 58.95
N LYS C 236 -30.38 10.34 58.44
CA LYS C 236 -31.80 10.02 58.29
C LYS C 236 -32.02 8.97 57.20
N PRO C 240 -31.28 2.78 47.39
CA PRO C 240 -31.59 1.74 48.39
C PRO C 240 -30.46 0.73 48.56
N GLU C 241 -30.70 -0.30 49.38
CA GLU C 241 -29.70 -1.34 49.57
C GLU C 241 -29.42 -2.08 48.28
N THR C 242 -30.44 -2.25 47.44
CA THR C 242 -30.28 -2.83 46.12
C THR C 242 -29.77 -1.74 45.17
N PRO C 243 -28.54 -1.84 44.71
CA PRO C 243 -27.98 -0.76 43.89
C PRO C 243 -28.60 -0.72 42.50
N THR C 244 -28.72 0.49 41.96
CA THR C 244 -29.12 0.72 40.58
C THR C 244 -28.13 1.68 39.93
N MET C 245 -28.28 1.85 38.61
CA MET C 245 -27.23 2.48 37.81
C MET C 245 -27.02 3.94 38.20
N PHE C 246 -28.08 4.76 38.13
CA PHE C 246 -27.91 6.18 38.40
C PHE C 246 -27.95 6.53 39.89
N PHE C 247 -28.30 5.57 40.75
CA PHE C 247 -27.99 5.75 42.17
C PHE C 247 -26.54 5.42 42.45
N ILE C 248 -25.98 4.46 41.71
CA ILE C 248 -24.53 4.30 41.66
C ILE C 248 -23.87 5.42 40.86
N GLY C 249 -24.64 6.08 39.99
CA GLY C 249 -24.17 7.31 39.36
C GLY C 249 -24.06 8.46 40.32
N SER C 250 -24.74 8.38 41.47
CA SER C 250 -24.59 9.33 42.56
C SER C 250 -23.53 8.89 43.56
N MET C 251 -22.91 7.73 43.35
CA MET C 251 -21.88 7.20 44.26
C MET C 251 -20.53 7.86 43.99
N ALA C 252 -20.56 9.11 43.49
CA ALA C 252 -19.36 9.90 43.30
C ALA C 252 -19.47 11.30 43.90
N SER C 253 -20.67 11.74 44.28
CA SER C 253 -20.84 13.02 44.96
C SER C 253 -20.72 12.86 46.47
N GLY C 254 -21.45 11.93 47.04
CA GLY C 254 -21.41 11.69 48.47
C GLY C 254 -22.71 11.07 48.95
N ILE C 255 -22.78 10.89 50.26
CA ILE C 255 -23.98 10.30 50.87
C ILE C 255 -25.09 11.33 50.85
N ASN C 256 -26.23 10.97 50.26
CA ASN C 256 -27.37 11.88 50.16
C ASN C 256 -28.68 11.12 50.28
N VAL C 267 -23.22 15.48 49.76
CA VAL C 267 -22.10 15.23 48.86
C VAL C 267 -20.77 15.40 49.59
N VAL C 268 -20.42 14.41 50.41
CA VAL C 268 -19.19 14.47 51.19
C VAL C 268 -17.96 14.37 50.29
N SER C 269 -16.83 14.80 50.83
CA SER C 269 -15.59 14.84 50.06
C SER C 269 -15.15 13.43 49.68
N LEU C 270 -14.46 13.32 48.55
CA LEU C 270 -13.99 12.04 48.03
C LEU C 270 -12.72 11.56 48.70
N MET C 271 -12.29 12.21 49.78
CA MET C 271 -11.13 11.78 50.55
C MET C 271 -11.34 12.06 52.03
N GLU C 272 -12.60 12.15 52.47
CA GLU C 272 -12.90 12.43 53.87
C GLU C 272 -14.17 11.69 54.31
N PHE C 273 -15.28 12.42 54.42
CA PHE C 273 -16.54 11.87 54.91
C PHE C 273 -16.36 11.21 56.26
N PHE C 274 -16.73 9.94 56.38
CA PHE C 274 -16.48 9.14 57.57
C PHE C 274 -15.42 8.08 57.35
N GLY C 275 -14.71 8.14 56.21
CA GLY C 275 -13.69 7.15 55.90
C GLY C 275 -12.28 7.63 56.16
N GLY C 276 -11.39 7.39 55.20
CA GLY C 276 -9.99 7.78 55.34
C GLY C 276 -9.82 9.30 55.26
N GLY C 282 -9.03 11.51 58.70
CA GLY C 282 -9.64 10.43 59.45
C GLY C 282 -8.75 9.22 59.62
N ASP C 283 -9.33 8.12 60.10
CA ASP C 283 -8.60 6.87 60.32
C ASP C 283 -9.60 5.71 60.27
N ASN C 284 -10.09 5.42 59.06
CA ASN C 284 -11.00 4.31 58.82
C ASN C 284 -10.32 3.16 58.08
N LEU C 285 -8.99 3.06 58.20
CA LEU C 285 -8.30 1.91 57.62
C LEU C 285 -8.73 0.61 58.29
N ARG C 286 -9.06 0.67 59.59
CA ARG C 286 -9.58 -0.50 60.30
C ARG C 286 -11.09 -0.48 60.45
N VAL C 287 -11.73 0.69 60.31
CA VAL C 287 -13.19 0.75 60.38
C VAL C 287 -13.83 0.03 59.19
N LEU C 288 -13.17 0.04 58.04
CA LEU C 288 -13.57 -0.74 56.88
C LEU C 288 -12.55 -1.85 56.67
N SER C 289 -13.02 -3.10 56.74
CA SER C 289 -12.22 -4.32 56.71
C SER C 289 -11.03 -4.21 55.76
N PRO C 290 -9.82 -4.61 56.21
CA PRO C 290 -8.56 -4.27 55.52
C PRO C 290 -8.64 -3.48 54.23
N ALA C 291 -8.79 -4.17 53.09
CA ALA C 291 -8.67 -3.53 51.79
C ALA C 291 -9.86 -2.63 51.46
N THR C 292 -10.95 -2.71 52.21
CA THR C 292 -12.16 -1.95 51.86
C THR C 292 -11.88 -0.44 51.84
N ARG C 293 -11.01 0.03 52.73
CA ARG C 293 -10.60 1.43 52.75
C ARG C 293 -9.09 1.59 52.61
N ASN C 294 -8.37 0.52 52.28
CA ASN C 294 -6.92 0.58 52.15
C ASN C 294 -6.48 0.95 50.74
N MET C 295 -7.21 0.50 49.72
CA MET C 295 -6.82 0.81 48.35
C MET C 295 -6.89 2.31 48.09
N TRP C 296 -7.86 2.99 48.70
CA TRP C 296 -7.96 4.44 48.54
C TRP C 296 -6.76 5.16 49.15
N ASN C 297 -6.11 4.55 50.13
CA ASN C 297 -4.91 5.15 50.71
C ASN C 297 -3.71 5.02 49.77
N SER C 298 -3.70 4.00 48.92
CA SER C 298 -2.61 3.79 47.98
C SER C 298 -2.90 4.34 46.58
N PHE C 299 -4.17 4.54 46.23
CA PHE C 299 -4.55 5.05 44.92
C PHE C 299 -4.87 6.54 44.94
N LYS C 300 -4.38 7.27 45.93
CA LYS C 300 -4.58 8.71 46.01
C LYS C 300 -3.65 9.50 45.10
N THR C 301 -2.86 8.81 44.28
CA THR C 301 -1.95 9.47 43.34
C THR C 301 -1.85 8.68 42.04
N MET C 302 -1.32 7.46 42.12
CA MET C 302 -1.16 6.62 40.94
C MET C 302 -2.52 6.14 40.42
N TYR C 309 -10.24 14.44 40.71
CA TYR C 309 -11.57 14.32 41.30
C TYR C 309 -12.63 14.97 40.41
N SER C 310 -12.29 16.13 39.84
CA SER C 310 -13.24 16.83 38.99
C SER C 310 -13.38 16.14 37.64
N SER C 311 -12.26 15.87 36.96
CA SER C 311 -12.32 15.16 35.70
C SER C 311 -12.77 13.72 35.89
N VAL C 312 -12.41 13.10 37.00
CA VAL C 312 -12.88 11.74 37.30
C VAL C 312 -14.39 11.73 37.45
N GLN C 313 -14.93 12.69 38.20
CA GLN C 313 -16.38 12.79 38.36
C GLN C 313 -17.04 13.09 37.02
N GLY C 314 -16.41 13.92 36.19
CA GLY C 314 -16.97 14.20 34.88
C GLY C 314 -17.06 12.97 34.00
N VAL C 315 -15.99 12.16 33.99
CA VAL C 315 -16.00 10.94 33.19
C VAL C 315 -17.02 9.93 33.73
N TYR C 316 -17.10 9.77 35.05
CA TYR C 316 -18.08 8.85 35.63
C TYR C 316 -19.50 9.30 35.34
N THR C 317 -19.75 10.61 35.43
CA THR C 317 -21.09 11.12 35.15
C THR C 317 -21.43 10.99 33.67
N SER C 318 -20.44 11.18 32.79
CA SER C 318 -20.69 10.94 31.36
C SER C 318 -20.97 9.48 31.08
N ALA C 319 -20.34 8.58 31.84
CA ALA C 319 -20.63 7.16 31.66
C ALA C 319 -22.02 6.80 32.15
N PHE C 320 -22.44 7.35 33.29
CA PHE C 320 -23.72 7.00 33.89
C PHE C 320 -24.87 7.90 33.43
N ALA C 321 -24.61 8.88 32.56
CA ALA C 321 -25.66 9.80 32.14
C ALA C 321 -26.81 9.16 31.39
N PRO C 322 -26.62 8.16 30.52
CA PRO C 322 -27.80 7.53 29.88
C PRO C 322 -28.81 6.99 30.88
N TYR C 323 -28.38 6.67 32.11
CA TYR C 323 -29.32 6.21 33.12
C TYR C 323 -30.21 7.34 33.64
N ASN C 324 -29.82 8.60 33.40
CA ASN C 324 -30.66 9.72 33.83
C ASN C 324 -31.96 9.78 33.04
N ASN C 325 -31.97 9.25 31.82
CA ASN C 325 -33.20 9.18 31.04
C ASN C 325 -34.19 8.23 31.72
N ALA C 326 -35.45 8.65 31.78
CA ALA C 326 -36.46 7.88 32.49
C ALA C 326 -36.61 6.48 31.92
N MET C 327 -36.38 6.32 30.62
CA MET C 327 -36.49 4.99 29.99
C MET C 327 -35.42 4.04 30.53
N ILE C 328 -34.15 4.42 30.38
CA ILE C 328 -33.06 3.58 30.88
C ILE C 328 -33.16 3.46 32.41
N ARG C 329 -33.54 4.56 33.08
CA ARG C 329 -33.75 4.52 34.52
C ARG C 329 -34.71 3.42 34.91
N ASN C 330 -35.86 3.35 34.23
CA ASN C 330 -36.82 2.28 34.49
C ASN C 330 -36.25 0.92 34.10
N PHE C 331 -35.38 0.88 33.09
CA PHE C 331 -34.79 -0.39 32.68
C PHE C 331 -33.88 -0.96 33.75
N THR C 332 -33.02 -0.12 34.35
CA THR C 332 -32.08 -0.56 35.37
C THR C 332 -32.58 -0.24 36.77
N SER C 333 -33.90 -0.19 36.97
CA SER C 333 -34.43 0.10 38.30
C SER C 333 -34.48 -1.12 39.19
N ALA C 334 -34.66 -2.31 38.60
CA ALA C 334 -34.59 -3.56 39.34
C ALA C 334 -34.33 -4.68 38.34
N ASN C 335 -34.70 -5.92 38.69
CA ASN C 335 -34.47 -7.07 37.84
C ASN C 335 -35.59 -8.08 38.06
N ASP C 336 -36.31 -8.41 36.99
CA ASP C 336 -37.41 -9.36 37.07
C ASP C 336 -37.06 -10.72 36.47
N PHE C 337 -35.80 -10.92 36.07
CA PHE C 337 -35.39 -12.19 35.49
C PHE C 337 -34.00 -12.56 35.97
N ASP C 338 -33.82 -13.84 36.24
CA ASP C 338 -32.52 -14.39 36.66
C ASP C 338 -31.88 -15.07 35.44
N PHE C 339 -30.87 -14.40 34.87
CA PHE C 339 -30.23 -14.93 33.67
C PHE C 339 -29.43 -16.19 33.94
N ARG C 340 -29.07 -16.46 35.20
CA ARG C 340 -28.49 -17.75 35.53
C ARG C 340 -29.50 -18.88 35.36
N ARG C 341 -30.79 -18.55 35.25
CA ARG C 341 -31.82 -19.52 34.96
C ARG C 341 -32.25 -19.51 33.49
N LEU C 342 -31.41 -18.96 32.61
CA LEU C 342 -31.76 -18.91 31.19
C LEU C 342 -31.81 -20.31 30.58
N ARG C 343 -31.09 -21.27 31.15
CA ARG C 343 -31.12 -22.65 30.71
C ARG C 343 -31.77 -23.56 31.75
N ILE C 344 -32.63 -23.00 32.59
CA ILE C 344 -33.34 -23.75 33.62
C ILE C 344 -34.82 -23.73 33.33
N ASP C 345 -35.41 -22.53 33.37
CA ASP C 345 -36.84 -22.36 33.14
C ASP C 345 -37.11 -22.23 31.64
N GLU C 346 -38.29 -22.68 31.24
CA GLU C 346 -38.71 -22.61 29.83
C GLU C 346 -39.21 -21.19 29.57
N VAL C 347 -38.38 -20.38 28.89
CA VAL C 347 -38.60 -18.96 28.74
C VAL C 347 -38.29 -18.54 27.30
N SER C 348 -38.66 -17.30 26.99
CA SER C 348 -38.36 -16.68 25.70
C SER C 348 -38.13 -15.20 25.91
N ILE C 349 -36.94 -14.72 25.56
CA ILE C 349 -36.49 -13.37 25.86
C ILE C 349 -36.47 -12.58 24.57
N GLY C 350 -37.38 -11.62 24.44
CA GLY C 350 -37.38 -10.69 23.31
C GLY C 350 -36.72 -9.38 23.72
N VAL C 351 -35.96 -8.81 22.80
CA VAL C 351 -35.21 -7.57 23.05
C VAL C 351 -35.59 -6.56 21.98
N ILE C 352 -36.22 -5.45 22.39
CA ILE C 352 -36.61 -4.38 21.49
C ILE C 352 -35.60 -3.25 21.68
N ALA C 353 -34.84 -2.96 20.63
CA ALA C 353 -33.84 -1.90 20.69
C ALA C 353 -33.44 -1.54 19.27
N ASN C 354 -33.18 -0.25 19.06
CA ASN C 354 -32.72 0.27 17.76
C ASN C 354 -31.55 1.22 18.02
N PRO C 355 -30.36 0.68 18.26
CA PRO C 355 -29.19 1.54 18.50
C PRO C 355 -28.88 2.49 17.35
N LYS C 356 -29.27 2.16 16.13
CA LYS C 356 -29.05 3.08 15.01
C LYS C 356 -29.90 4.34 15.15
N GLU C 357 -31.06 4.23 15.80
CA GLU C 357 -31.87 5.41 16.09
C GLU C 357 -31.37 6.09 17.36
N SER C 358 -31.37 5.37 18.48
CA SER C 358 -30.90 5.89 19.75
C SER C 358 -29.51 5.33 20.00
N THR C 359 -28.49 6.14 19.72
CA THR C 359 -27.10 5.71 19.83
C THR C 359 -26.61 5.57 21.26
N ILE C 360 -27.47 5.81 22.25
CA ILE C 360 -27.05 5.76 23.66
C ILE C 360 -27.16 4.37 24.26
N VAL C 361 -27.86 3.45 23.61
CA VAL C 361 -28.05 2.11 24.18
C VAL C 361 -26.90 1.17 23.86
N GLY C 362 -25.83 1.66 23.23
CA GLY C 362 -24.71 0.84 22.86
C GLY C 362 -24.07 0.15 24.05
N PRO C 363 -23.41 0.92 24.91
CA PRO C 363 -22.84 0.35 26.14
C PRO C 363 -23.85 -0.39 27.01
N ILE C 364 -25.10 0.08 27.03
CA ILE C 364 -26.12 -0.57 27.85
C ILE C 364 -26.36 -2.00 27.38
N LEU C 365 -26.63 -2.17 26.08
CA LEU C 365 -26.78 -3.52 25.54
C LEU C 365 -25.48 -4.32 25.65
N GLU C 366 -24.34 -3.64 25.62
CA GLU C 366 -23.08 -4.33 25.86
C GLU C 366 -23.10 -5.03 27.21
N LEU C 367 -23.42 -4.28 28.29
CA LEU C 367 -23.50 -4.91 29.60
C LEU C 367 -24.62 -5.94 29.67
N PHE C 368 -25.75 -5.68 29.00
CA PHE C 368 -26.86 -6.63 28.97
C PHE C 368 -26.39 -7.99 28.47
N PHE C 369 -25.86 -8.03 27.25
CA PHE C 369 -25.44 -9.31 26.68
C PHE C 369 -24.22 -9.87 27.39
N ASN C 370 -23.37 -9.01 27.95
CA ASN C 370 -22.28 -9.51 28.77
C ASN C 370 -22.81 -10.36 29.92
N VAL C 371 -23.75 -9.81 30.68
CA VAL C 371 -24.30 -10.55 31.82
C VAL C 371 -25.21 -11.69 31.37
N MET C 372 -25.78 -11.62 30.16
CA MET C 372 -26.62 -12.72 29.70
C MET C 372 -25.80 -13.91 29.26
N ILE C 373 -24.62 -13.68 28.68
CA ILE C 373 -23.80 -14.77 28.19
C ILE C 373 -22.83 -15.27 29.25
N TYR C 374 -22.10 -14.37 29.92
CA TYR C 374 -21.09 -14.80 30.87
C TYR C 374 -21.69 -15.44 32.12
N SER C 375 -22.93 -15.11 32.46
CA SER C 375 -23.62 -15.79 33.55
C SER C 375 -24.16 -17.16 33.13
N ASN C 376 -23.86 -17.60 31.91
CA ASN C 376 -24.24 -18.92 31.42
C ASN C 376 -23.03 -19.71 30.94
N LEU C 377 -21.83 -19.33 31.37
CA LEU C 377 -20.60 -20.00 30.95
C LEU C 377 -20.19 -21.09 31.94
N ILE C 378 -21.12 -21.98 32.26
CA ILE C 378 -20.86 -23.16 33.06
C ILE C 378 -21.34 -24.38 32.28
N LEU C 379 -20.46 -25.36 32.10
CA LEU C 379 -20.79 -26.52 31.29
C LEU C 379 -21.95 -27.30 31.93
N PRO C 380 -22.77 -27.96 31.12
CA PRO C 380 -23.86 -28.78 31.70
C PRO C 380 -23.35 -29.95 32.52
N ILE C 381 -22.12 -30.41 32.29
CA ILE C 381 -21.57 -31.48 33.12
C ILE C 381 -21.30 -30.97 34.53
N HIS C 382 -21.00 -29.68 34.68
CA HIS C 382 -20.77 -29.10 36.00
C HIS C 382 -22.07 -28.73 36.71
N ASP C 383 -23.15 -28.52 35.97
CA ASP C 383 -24.47 -28.27 36.56
C ASP C 383 -25.54 -28.86 35.65
N PRO C 384 -25.81 -30.16 35.80
CA PRO C 384 -26.82 -30.80 34.94
C PRO C 384 -28.22 -30.20 35.06
N GLN C 385 -28.48 -29.38 36.08
CA GLN C 385 -29.78 -28.73 36.18
C GLN C 385 -29.97 -27.71 35.05
N CYS C 386 -28.87 -27.17 34.52
CA CYS C 386 -28.89 -26.31 33.33
C CYS C 386 -28.97 -27.18 32.08
N LYS C 387 -30.13 -27.82 31.90
CA LYS C 387 -30.29 -28.83 30.86
C LYS C 387 -30.78 -28.27 29.54
N ARG C 388 -31.44 -27.11 29.54
CA ARG C 388 -32.08 -26.59 28.35
C ARG C 388 -31.09 -25.81 27.49
N SER C 389 -31.36 -25.80 26.18
CA SER C 389 -30.61 -25.00 25.23
C SER C 389 -31.32 -23.67 25.01
N CYS C 390 -30.57 -22.68 24.51
CA CYS C 390 -31.13 -21.38 24.21
C CYS C 390 -30.57 -20.87 22.90
N LEU C 391 -31.46 -20.71 21.92
CA LEU C 391 -31.08 -20.22 20.60
C LEU C 391 -31.19 -18.70 20.59
N MET C 392 -30.10 -18.04 20.21
CA MET C 392 -30.04 -16.58 20.17
C MET C 392 -30.22 -16.16 18.71
N LEU C 393 -31.45 -15.78 18.37
CA LEU C 393 -31.77 -15.31 17.02
C LEU C 393 -31.32 -13.86 16.92
N MET C 394 -30.05 -13.67 16.52
CA MET C 394 -29.50 -12.33 16.36
C MET C 394 -29.90 -11.81 14.98
N ASP C 395 -31.18 -11.47 14.88
CA ASP C 395 -31.69 -10.76 13.72
C ASP C 395 -31.15 -9.34 13.72
N GLU C 396 -30.79 -8.85 12.54
CA GLU C 396 -30.19 -7.52 12.39
C GLU C 396 -28.98 -7.35 13.31
N PHE C 397 -28.02 -8.27 13.14
CA PHE C 397 -26.85 -8.28 14.00
C PHE C 397 -26.04 -7.00 13.87
N THR C 398 -25.87 -6.49 12.64
CA THR C 398 -25.13 -5.25 12.43
C THR C 398 -25.81 -4.06 13.10
N LEU C 399 -27.12 -4.14 13.34
CA LEU C 399 -27.84 -3.06 14.00
C LEU C 399 -27.38 -2.88 15.45
N CYS C 400 -26.96 -3.97 16.10
CA CYS C 400 -26.57 -3.89 17.51
C CYS C 400 -25.37 -2.98 17.72
N GLY C 401 -24.54 -2.80 16.70
CA GLY C 401 -23.37 -1.95 16.81
C GLY C 401 -22.13 -2.71 17.25
N TYR C 402 -21.35 -2.14 18.15
CA TYR C 402 -20.17 -2.82 18.68
C TYR C 402 -20.58 -3.61 19.92
N LEU C 403 -20.82 -4.90 19.73
CA LEU C 403 -21.07 -5.82 20.83
C LEU C 403 -19.87 -6.75 20.94
N GLU C 404 -18.82 -6.24 21.59
CA GLU C 404 -17.57 -6.98 21.75
C GLU C 404 -17.76 -8.28 22.52
N THR C 405 -18.89 -8.43 23.21
CA THR C 405 -19.20 -9.70 23.89
C THR C 405 -19.16 -10.86 22.91
N PHE C 406 -19.86 -10.73 21.78
CA PHE C 406 -19.89 -11.81 20.80
C PHE C 406 -18.53 -12.03 20.15
N VAL C 407 -17.75 -10.97 19.96
CA VAL C 407 -16.41 -11.13 19.40
C VAL C 407 -15.54 -11.95 20.33
N LYS C 408 -15.63 -11.69 21.63
CA LYS C 408 -14.84 -12.42 22.63
C LYS C 408 -15.47 -13.74 23.08
N ALA C 409 -16.69 -14.06 22.62
CA ALA C 409 -17.39 -15.20 23.18
C ALA C 409 -17.72 -16.31 22.18
N VAL C 410 -17.86 -16.01 20.89
CA VAL C 410 -18.34 -17.01 19.94
C VAL C 410 -17.43 -18.23 19.87
N GLY C 411 -16.16 -18.08 20.26
CA GLY C 411 -15.22 -19.17 20.20
C GLY C 411 -15.35 -20.22 21.29
N ILE C 412 -16.23 -20.02 22.27
CA ILE C 412 -16.34 -20.95 23.39
C ILE C 412 -17.80 -21.20 23.75
N MET C 413 -18.72 -20.43 23.18
CA MET C 413 -20.12 -20.51 23.58
C MET C 413 -20.76 -21.84 23.18
N ALA C 414 -20.26 -22.48 22.12
CA ALA C 414 -20.95 -23.62 21.53
C ALA C 414 -21.18 -24.74 22.54
N GLU C 415 -20.16 -25.06 23.35
CA GLU C 415 -20.28 -26.16 24.30
C GLU C 415 -21.15 -25.81 25.51
N TYR C 416 -21.65 -24.58 25.61
CA TYR C 416 -22.50 -24.18 26.73
C TYR C 416 -23.97 -24.05 26.34
N ASN C 417 -24.33 -24.54 25.14
CA ASN C 417 -25.71 -24.53 24.66
C ASN C 417 -26.26 -23.11 24.53
N MET C 418 -25.38 -22.14 24.31
CA MET C 418 -25.76 -20.79 23.92
C MET C 418 -25.56 -20.75 22.42
N ARG C 419 -26.64 -20.99 21.66
CA ARG C 419 -26.51 -21.22 20.22
C ARG C 419 -27.00 -20.03 19.43
N PRO C 420 -26.13 -19.11 19.01
CA PRO C 420 -26.60 -17.98 18.21
C PRO C 420 -26.68 -18.28 16.72
N ALA C 421 -27.63 -17.62 16.08
CA ALA C 421 -27.74 -17.57 14.63
C ALA C 421 -27.71 -16.10 14.24
N PHE C 422 -26.63 -15.69 13.59
CA PHE C 422 -26.41 -14.29 13.23
C PHE C 422 -27.00 -14.03 11.86
N VAL C 423 -27.75 -12.93 11.72
CA VAL C 423 -28.38 -12.56 10.46
C VAL C 423 -27.90 -11.17 10.09
N PHE C 424 -27.29 -11.05 8.91
CA PHE C 424 -26.73 -9.76 8.48
C PHE C 424 -26.89 -9.64 6.97
N GLN C 425 -26.75 -8.40 6.48
CA GLN C 425 -27.04 -8.12 5.08
C GLN C 425 -25.88 -8.44 4.15
N SER C 426 -24.64 -8.28 4.61
CA SER C 426 -23.48 -8.58 3.78
C SER C 426 -22.24 -8.69 4.65
N LYS C 427 -21.19 -9.29 4.09
CA LYS C 427 -19.90 -9.36 4.78
C LYS C 427 -19.36 -7.97 5.07
N ALA C 428 -19.54 -7.03 4.12
CA ALA C 428 -19.01 -5.69 4.30
C ALA C 428 -19.65 -4.99 5.49
N GLN C 429 -20.96 -5.18 5.68
CA GLN C 429 -21.64 -4.56 6.83
C GLN C 429 -21.11 -5.13 8.14
N LEU C 430 -20.69 -6.39 8.15
CA LEU C 430 -20.08 -6.96 9.34
C LEU C 430 -18.64 -6.47 9.53
N GLU C 431 -17.91 -6.26 8.44
CA GLU C 431 -16.53 -5.81 8.51
C GLU C 431 -16.39 -4.31 8.74
N ASN C 432 -17.49 -3.60 8.94
CA ASN C 432 -17.43 -2.16 9.17
C ASN C 432 -16.61 -1.86 10.40
N ASP C 433 -16.16 -0.60 10.50
CA ASP C 433 -15.32 -0.18 11.61
C ASP C 433 -16.05 -0.42 12.94
N PRO C 434 -15.30 -0.73 14.00
CA PRO C 434 -15.91 -1.19 15.27
C PRO C 434 -17.04 -0.29 15.76
N PRO C 435 -16.94 1.04 15.65
CA PRO C 435 -18.08 1.87 16.10
C PRO C 435 -19.42 1.48 15.51
N LEU C 436 -19.52 1.33 14.19
CA LEU C 436 -20.76 0.97 13.53
C LEU C 436 -20.81 -0.47 13.05
N GLY C 437 -19.70 -1.19 13.10
CA GLY C 437 -19.64 -2.58 12.70
C GLY C 437 -18.93 -3.41 13.77
N TYR C 438 -18.07 -4.32 13.31
CA TYR C 438 -17.30 -5.17 14.20
C TYR C 438 -15.81 -5.19 13.87
N GLY C 439 -15.37 -4.47 12.84
CA GLY C 439 -13.99 -4.52 12.42
C GLY C 439 -13.71 -5.75 11.56
N ARG C 440 -12.66 -5.65 10.76
CA ARG C 440 -12.28 -6.76 9.88
C ARG C 440 -11.91 -7.99 10.69
N ASN C 441 -11.04 -7.83 11.70
CA ASN C 441 -10.61 -8.96 12.50
C ASN C 441 -11.76 -9.51 13.34
N GLY C 442 -12.57 -8.62 13.92
CA GLY C 442 -13.73 -9.09 14.68
C GLY C 442 -14.73 -9.82 13.80
N ALA C 443 -14.98 -9.30 12.60
CA ALA C 443 -15.89 -9.98 11.68
C ALA C 443 -15.34 -11.35 11.29
N LYS C 444 -14.02 -11.45 11.08
CA LYS C 444 -13.44 -12.75 10.76
C LYS C 444 -13.56 -13.71 11.94
N THR C 445 -13.33 -13.21 13.16
CA THR C 445 -13.44 -14.05 14.35
C THR C 445 -14.87 -14.56 14.53
N ILE C 446 -15.86 -13.74 14.18
CA ILE C 446 -17.25 -14.16 14.30
C ILE C 446 -17.59 -15.15 13.19
N LEU C 447 -17.15 -14.88 11.96
CA LEU C 447 -17.50 -15.74 10.83
C LEU C 447 -16.82 -17.09 10.92
N ASP C 448 -15.65 -17.17 11.55
CA ASP C 448 -14.93 -18.44 11.65
C ASP C 448 -15.64 -19.43 12.55
N ASN C 449 -16.59 -18.97 13.38
CA ASN C 449 -17.33 -19.85 14.27
C ASN C 449 -18.73 -20.17 13.76
N LEU C 450 -19.00 -19.92 12.49
CA LEU C 450 -20.26 -20.28 11.86
C LEU C 450 -20.02 -21.54 11.03
N SER C 451 -20.63 -22.65 11.44
CA SER C 451 -20.40 -23.91 10.74
C SER C 451 -21.41 -24.17 9.65
N LEU C 452 -22.61 -23.59 9.74
CA LEU C 452 -23.63 -23.69 8.71
C LEU C 452 -23.93 -22.29 8.22
N ASN C 453 -23.74 -22.06 6.92
CA ASN C 453 -23.89 -20.74 6.34
C ASN C 453 -24.95 -20.79 5.25
N MET C 454 -26.01 -20.01 5.44
CA MET C 454 -27.09 -19.91 4.47
C MET C 454 -26.82 -18.74 3.54
N TYR C 455 -27.15 -18.90 2.27
CA TYR C 455 -26.93 -17.88 1.25
C TYR C 455 -28.24 -17.70 0.48
N TYR C 456 -28.89 -16.56 0.73
CA TYR C 456 -30.00 -16.09 -0.08
C TYR C 456 -29.46 -15.28 -1.24
N GLY C 457 -30.14 -15.35 -2.37
CA GLY C 457 -29.67 -14.75 -3.62
C GLY C 457 -30.48 -13.51 -3.97
N ILE C 458 -29.78 -12.47 -4.42
CA ILE C 458 -30.41 -11.27 -4.96
C ILE C 458 -29.61 -10.80 -6.16
N ASN C 459 -30.30 -10.23 -7.15
CA ASN C 459 -29.70 -9.78 -8.39
C ASN C 459 -29.26 -8.32 -8.21
N ASN C 460 -28.14 -8.15 -7.51
CA ASN C 460 -27.57 -6.84 -7.22
C ASN C 460 -26.10 -6.85 -7.56
N ASP C 461 -25.70 -5.96 -8.47
CA ASP C 461 -24.31 -5.93 -8.95
C ASP C 461 -23.31 -5.86 -7.80
N ASN C 462 -23.66 -5.13 -6.73
CA ASN C 462 -22.77 -4.97 -5.58
C ASN C 462 -22.48 -6.29 -4.87
N TYR C 463 -23.19 -7.36 -5.19
CA TYR C 463 -22.95 -8.67 -4.60
C TYR C 463 -22.23 -9.63 -5.54
N TYR C 464 -21.82 -9.16 -6.72
CA TYR C 464 -21.23 -10.06 -7.70
C TYR C 464 -20.07 -10.86 -7.11
N GLU C 465 -19.05 -10.14 -6.61
CA GLU C 465 -17.89 -10.80 -6.04
C GLU C 465 -18.28 -11.82 -4.98
N HIS C 466 -19.37 -11.57 -4.25
CA HIS C 466 -19.80 -12.50 -3.22
C HIS C 466 -20.28 -13.81 -3.83
N PHE C 467 -21.11 -13.71 -4.87
CA PHE C 467 -21.73 -14.91 -5.44
C PHE C 467 -20.79 -15.65 -6.37
N GLU C 468 -19.97 -14.92 -7.14
CA GLU C 468 -18.96 -15.55 -7.99
C GLU C 468 -18.13 -16.54 -7.17
N LYS C 469 -17.53 -16.06 -6.09
CA LYS C 469 -16.80 -16.95 -5.18
C LYS C 469 -17.67 -18.13 -4.76
N LEU C 470 -18.91 -17.85 -4.35
CA LEU C 470 -19.82 -18.92 -3.98
C LEU C 470 -19.97 -19.92 -5.13
N SER C 471 -20.16 -19.40 -6.35
CA SER C 471 -20.22 -20.26 -7.52
C SER C 471 -18.96 -21.12 -7.60
N LYS C 472 -17.79 -20.50 -7.49
CA LYS C 472 -16.55 -21.26 -7.54
C LYS C 472 -16.48 -22.30 -6.44
N VAL C 473 -17.07 -22.00 -5.28
CA VAL C 473 -17.03 -22.96 -4.18
C VAL C 473 -17.89 -24.17 -4.49
N LEU C 474 -18.97 -23.99 -5.26
CA LEU C 474 -19.84 -25.11 -5.58
C LEU C 474 -19.15 -26.10 -6.50
N GLY C 475 -18.30 -25.62 -7.40
CA GLY C 475 -17.49 -26.48 -8.24
C GLY C 475 -18.08 -26.68 -9.62
N LYS C 476 -17.37 -27.49 -10.39
CA LYS C 476 -17.78 -27.86 -11.74
C LYS C 476 -18.08 -29.35 -11.80
N TYR C 477 -19.05 -29.70 -12.66
CA TYR C 477 -19.37 -31.09 -12.95
C TYR C 477 -19.38 -31.30 -14.45
N THR C 478 -19.52 -32.56 -14.84
CA THR C 478 -19.45 -32.99 -16.24
C THR C 478 -20.84 -33.09 -16.82
N ARG C 479 -21.05 -32.46 -17.98
CA ARG C 479 -22.33 -32.53 -18.68
C ARG C 479 -22.10 -32.91 -20.13
N GLN C 480 -23.18 -33.25 -20.81
CA GLN C 480 -23.14 -33.72 -22.19
C GLN C 480 -23.46 -32.57 -23.14
N ASP C 481 -22.70 -32.49 -24.22
CA ASP C 481 -22.88 -31.48 -25.26
C ASP C 481 -23.15 -32.18 -26.58
N VAL C 482 -24.28 -31.87 -27.20
CA VAL C 482 -24.73 -32.52 -28.42
C VAL C 482 -24.54 -31.56 -29.58
N SER C 483 -23.89 -32.04 -30.64
CA SER C 483 -23.74 -31.28 -31.88
C SER C 483 -24.32 -32.10 -33.03
N ARG C 484 -25.18 -31.46 -33.82
CA ARG C 484 -25.82 -32.09 -34.96
C ARG C 484 -25.21 -31.54 -36.25
N SER C 485 -25.20 -32.38 -37.28
CA SER C 485 -24.68 -31.99 -38.58
C SER C 485 -25.54 -32.60 -39.66
N ILE C 486 -25.92 -31.80 -40.65
CA ILE C 486 -26.83 -32.22 -41.71
C ILE C 486 -26.09 -32.27 -43.04
N ASP C 487 -26.37 -33.30 -43.83
CA ASP C 487 -25.89 -33.36 -45.21
C ASP C 487 -26.95 -32.70 -46.08
N ASP C 488 -26.70 -31.46 -46.49
CA ASP C 488 -27.72 -30.65 -47.14
C ASP C 488 -28.19 -31.25 -48.46
N ASN C 489 -27.31 -31.94 -49.18
CA ASN C 489 -27.71 -32.48 -50.48
C ASN C 489 -28.72 -33.61 -50.33
N THR C 490 -28.57 -34.44 -49.30
CA THR C 490 -29.45 -35.57 -49.06
C THR C 490 -30.45 -35.31 -47.94
N GLY C 491 -29.97 -34.91 -46.78
CA GLY C 491 -30.81 -34.73 -45.61
C GLY C 491 -30.49 -35.65 -44.45
N LYS C 492 -29.64 -36.65 -44.65
CA LYS C 492 -29.23 -37.51 -43.54
C LYS C 492 -28.45 -36.71 -42.52
N THR C 493 -28.63 -37.05 -41.24
CA THR C 493 -28.08 -36.27 -40.14
C THR C 493 -27.08 -37.10 -39.34
N ASN C 494 -26.33 -36.38 -38.50
CA ASN C 494 -25.32 -36.95 -37.63
C ASN C 494 -25.45 -36.30 -36.27
N THR C 495 -25.46 -37.11 -35.21
CA THR C 495 -25.48 -36.64 -33.84
C THR C 495 -24.17 -37.03 -33.17
N SER C 496 -23.56 -36.10 -32.46
CA SER C 496 -22.29 -36.35 -31.80
C SER C 496 -22.33 -35.77 -30.40
N ILE C 497 -22.03 -36.60 -29.40
CA ILE C 497 -22.01 -36.17 -28.00
C ILE C 497 -20.57 -36.03 -27.55
N SER C 498 -20.35 -35.09 -26.64
CA SER C 498 -19.04 -34.87 -26.05
C SER C 498 -19.23 -34.45 -24.59
N ASN C 499 -18.16 -34.54 -23.81
CA ASN C 499 -18.18 -34.12 -22.42
C ASN C 499 -17.69 -32.69 -22.30
N LYS C 500 -18.37 -31.89 -21.47
CA LYS C 500 -17.98 -30.50 -21.23
C LYS C 500 -18.13 -30.19 -19.75
N GLU C 501 -17.38 -29.19 -19.30
CA GLU C 501 -17.46 -28.74 -17.92
C GLU C 501 -18.59 -27.74 -17.74
N ARG C 502 -19.16 -27.72 -16.54
CA ARG C 502 -20.19 -26.73 -16.24
C ARG C 502 -20.19 -26.46 -14.75
N PHE C 503 -20.16 -25.17 -14.38
CA PHE C 503 -20.37 -24.78 -13.00
C PHE C 503 -21.67 -25.37 -12.50
N LEU C 504 -21.63 -25.97 -11.31
CA LEU C 504 -22.85 -26.47 -10.70
C LEU C 504 -23.92 -25.38 -10.66
N MET C 505 -23.51 -24.15 -10.35
CA MET C 505 -24.37 -22.99 -10.44
C MET C 505 -23.50 -21.79 -10.80
N THR C 506 -23.88 -21.07 -11.85
CA THR C 506 -23.16 -19.87 -12.24
C THR C 506 -23.47 -18.72 -11.27
N PRO C 507 -22.65 -17.68 -11.27
CA PRO C 507 -22.94 -16.53 -10.40
C PRO C 507 -24.31 -15.91 -10.65
N ASP C 508 -24.67 -15.67 -11.92
CA ASP C 508 -25.97 -15.08 -12.21
C ASP C 508 -27.12 -16.04 -11.91
N GLU C 509 -26.85 -17.34 -11.85
CA GLU C 509 -27.89 -18.28 -11.43
C GLU C 509 -28.11 -18.21 -9.92
N LEU C 510 -27.02 -18.07 -9.16
CA LEU C 510 -27.16 -17.86 -7.73
C LEU C 510 -27.87 -16.54 -7.45
N MET C 511 -27.56 -15.49 -8.24
CA MET C 511 -28.16 -14.19 -8.03
C MET C 511 -29.66 -14.19 -8.26
N THR C 512 -30.18 -15.15 -9.04
CA THR C 512 -31.60 -15.16 -9.41
C THR C 512 -32.30 -16.41 -8.90
N MET C 513 -31.82 -16.97 -7.78
CA MET C 513 -32.46 -18.16 -7.19
C MET C 513 -33.91 -17.90 -6.81
N GLY C 514 -34.25 -16.67 -6.43
CA GLY C 514 -35.57 -16.35 -5.94
C GLY C 514 -35.79 -16.87 -4.54
N ASP C 515 -36.71 -17.84 -4.39
CA ASP C 515 -37.03 -18.42 -3.11
C ASP C 515 -36.12 -19.59 -2.74
N GLU C 516 -35.10 -19.87 -3.55
CA GLU C 516 -34.15 -20.91 -3.21
C GLU C 516 -32.97 -20.31 -2.44
N LEU C 517 -32.16 -21.20 -1.87
CA LEU C 517 -30.99 -20.79 -1.11
C LEU C 517 -29.96 -21.91 -1.14
N ILE C 518 -28.75 -21.54 -0.77
CA ILE C 518 -27.61 -22.45 -0.72
C ILE C 518 -27.10 -22.55 0.70
N ILE C 519 -27.02 -23.77 1.23
CA ILE C 519 -26.42 -24.02 2.53
C ILE C 519 -25.02 -24.61 2.32
N LEU C 520 -24.04 -24.03 3.00
CA LEU C 520 -22.69 -24.58 3.08
C LEU C 520 -22.45 -25.01 4.53
N GLU C 521 -22.36 -26.31 4.76
CA GLU C 521 -21.95 -26.84 6.05
C GLU C 521 -20.49 -27.27 5.96
N ASN C 522 -19.71 -26.93 7.00
CA ASN C 522 -18.26 -27.06 6.93
C ASN C 522 -17.81 -28.48 6.60
N THR C 523 -18.59 -29.48 6.98
CA THR C 523 -18.18 -30.87 6.84
C THR C 523 -19.02 -31.62 5.82
N LEU C 524 -19.73 -30.92 4.94
CA LEU C 524 -20.64 -31.54 4.00
C LEU C 524 -20.44 -30.95 2.61
N LYS C 525 -21.15 -31.54 1.65
CA LYS C 525 -21.20 -30.99 0.31
C LYS C 525 -22.28 -29.92 0.23
N PRO C 526 -22.16 -28.98 -0.70
CA PRO C 526 -23.17 -27.91 -0.80
C PRO C 526 -24.57 -28.46 -0.91
N ILE C 527 -25.53 -27.74 -0.32
CA ILE C 527 -26.93 -28.12 -0.33
C ILE C 527 -27.71 -26.99 -0.98
N LYS C 528 -28.60 -27.33 -1.90
CA LYS C 528 -29.53 -26.36 -2.48
C LYS C 528 -30.93 -26.72 -2.03
N CYS C 529 -31.70 -25.73 -1.59
CA CYS C 529 -33.05 -26.02 -1.14
C CYS C 529 -33.91 -24.77 -1.29
N HIS C 530 -35.16 -24.89 -0.86
CA HIS C 530 -36.13 -23.81 -0.88
C HIS C 530 -36.19 -23.13 0.48
N LYS C 531 -36.60 -21.87 0.49
CA LYS C 531 -36.78 -21.15 1.74
C LYS C 531 -37.93 -21.76 2.52
N ALA C 532 -37.71 -21.98 3.81
CA ALA C 532 -38.75 -22.50 4.70
C ALA C 532 -39.68 -21.34 5.08
N LEU C 533 -40.59 -21.03 4.17
CA LEU C 533 -41.54 -19.94 4.41
C LEU C 533 -42.62 -20.40 5.38
N TYR C 534 -43.06 -19.49 6.24
CA TYR C 534 -44.03 -19.85 7.27
C TYR C 534 -45.48 -19.64 6.83
N TYR C 535 -45.76 -18.56 6.09
CA TYR C 535 -47.11 -18.36 5.56
C TYR C 535 -47.46 -19.38 4.48
N ASP C 536 -46.46 -20.01 3.88
CA ASP C 536 -46.69 -20.99 2.82
C ASP C 536 -47.21 -22.31 3.39
N ASP C 537 -46.56 -22.82 4.43
CA ASP C 537 -46.74 -24.16 4.96
C ASP C 537 -47.78 -24.16 6.07
N PRO C 538 -48.76 -25.08 6.05
CA PRO C 538 -49.63 -25.24 7.22
C PRO C 538 -48.90 -25.72 8.46
N PHE C 539 -47.64 -26.17 8.31
CA PHE C 539 -46.83 -26.53 9.47
C PHE C 539 -46.71 -25.36 10.45
N PHE C 540 -46.82 -24.12 9.96
CA PHE C 540 -46.77 -22.92 10.78
C PHE C 540 -48.08 -22.16 10.82
N THR C 541 -48.80 -22.09 9.70
CA THR C 541 -50.11 -21.44 9.71
C THR C 541 -51.10 -22.18 10.59
N ASP C 542 -50.95 -23.51 10.72
CA ASP C 542 -51.81 -24.25 11.63
C ASP C 542 -51.67 -23.72 13.05
N GLU C 543 -50.44 -23.53 13.50
CA GLU C 543 -50.21 -22.97 14.84
C GLU C 543 -50.75 -21.55 14.94
N LEU C 544 -50.42 -20.71 13.94
CA LEU C 544 -50.82 -19.30 14.01
C LEU C 544 -52.34 -19.15 13.96
N ILE C 545 -53.05 -20.10 13.37
CA ILE C 545 -54.50 -20.06 13.29
C ILE C 545 -55.15 -20.64 14.54
N LYS C 546 -54.67 -21.81 14.98
CA LYS C 546 -55.19 -22.41 16.20
C LYS C 546 -54.92 -21.54 17.42
N VAL C 547 -53.98 -20.61 17.33
CA VAL C 547 -53.70 -19.74 18.49
C VAL C 547 -54.65 -18.54 18.50
N SER C 548 -54.83 -17.88 17.36
CA SER C 548 -55.64 -16.67 17.46
C SER C 548 -57.10 -16.95 17.10
N PRO C 549 -58.05 -16.34 17.81
CA PRO C 549 -59.46 -16.58 17.51
C PRO C 549 -59.94 -15.90 16.24
N SER C 550 -59.29 -14.81 15.81
CA SER C 550 -59.71 -14.12 14.60
C SER C 550 -59.41 -14.93 13.34
N LEU C 551 -58.44 -15.84 13.39
CA LEU C 551 -58.07 -16.65 12.24
C LEU C 551 -58.72 -18.02 12.22
N SER C 552 -59.18 -18.52 13.38
CA SER C 552 -59.76 -19.87 13.43
C SER C 552 -61.10 -19.93 12.70
N LYS C 553 -61.84 -18.83 12.66
CA LYS C 553 -63.14 -18.84 12.00
C LYS C 553 -63.00 -18.86 10.48
N LYS C 554 -62.04 -18.10 9.95
CA LYS C 554 -61.93 -17.95 8.50
C LYS C 554 -61.24 -19.15 7.85
N TYR C 555 -60.15 -19.64 8.45
CA TYR C 555 -59.37 -20.72 7.87
C TYR C 555 -59.44 -21.96 8.76
N LYS C 556 -59.21 -23.11 8.14
CA LYS C 556 -59.22 -24.40 8.82
C LYS C 556 -57.80 -24.92 8.98
N LEU C 557 -57.67 -25.95 9.81
CA LEU C 557 -56.38 -26.54 10.11
C LEU C 557 -56.03 -27.62 9.09
N GLY C 558 -54.73 -27.90 8.97
CA GLY C 558 -54.25 -28.92 8.07
C GLY C 558 -54.18 -28.54 6.61
N LYS C 559 -54.86 -27.47 6.20
CA LYS C 559 -54.89 -27.03 4.82
C LYS C 559 -54.10 -25.74 4.67
N VAL C 560 -53.42 -25.59 3.53
CA VAL C 560 -52.70 -24.35 3.23
C VAL C 560 -53.74 -23.27 2.94
N PRO C 561 -53.77 -22.20 3.71
CA PRO C 561 -54.80 -21.16 3.52
C PRO C 561 -54.54 -20.37 2.24
N ASN C 562 -55.57 -19.61 1.85
CA ASN C 562 -55.51 -18.82 0.63
C ASN C 562 -54.38 -17.79 0.71
N GLN C 563 -53.51 -17.80 -0.30
CA GLN C 563 -52.37 -16.89 -0.29
C GLN C 563 -52.77 -15.45 -0.53
N ALA C 564 -53.95 -15.21 -1.09
CA ALA C 564 -54.39 -13.85 -1.42
C ALA C 564 -54.96 -13.11 -0.22
N THR C 565 -55.25 -13.79 0.88
CA THR C 565 -55.88 -13.14 2.02
C THR C 565 -55.31 -13.55 3.38
N PHE C 566 -54.33 -14.45 3.42
CA PHE C 566 -53.81 -14.89 4.71
C PHE C 566 -52.94 -13.81 5.36
N TYR C 567 -52.08 -13.16 4.57
CA TYR C 567 -51.17 -12.16 5.13
C TYR C 567 -51.95 -10.97 5.69
N ASP C 568 -53.01 -10.54 5.01
CA ASP C 568 -53.77 -9.39 5.47
C ASP C 568 -54.57 -9.74 6.74
N ASP C 569 -55.13 -10.94 6.79
CA ASP C 569 -55.81 -11.39 7.99
C ASP C 569 -54.83 -11.50 9.16
N LEU C 570 -53.60 -11.92 8.88
CA LEU C 570 -52.57 -11.99 9.91
C LEU C 570 -52.17 -10.60 10.41
N GLN C 571 -52.02 -9.64 9.48
CA GLN C 571 -51.82 -8.25 9.87
C GLN C 571 -52.94 -7.79 10.81
N ALA C 572 -54.19 -8.01 10.39
CA ALA C 572 -55.33 -7.55 11.18
C ALA C 572 -55.39 -8.23 12.54
N ALA C 573 -54.99 -9.50 12.60
CA ALA C 573 -54.92 -10.19 13.89
C ALA C 573 -53.84 -9.58 14.78
N LYS C 574 -52.72 -9.15 14.19
CA LYS C 574 -51.74 -8.43 14.99
C LYS C 574 -52.26 -7.07 15.46
N THR C 575 -53.11 -6.42 14.67
CA THR C 575 -53.63 -5.13 15.11
C THR C 575 -54.38 -5.27 16.43
N ARG C 576 -55.27 -6.25 16.52
CA ARG C 576 -56.01 -6.48 17.76
C ARG C 576 -55.14 -7.08 18.86
N GLY C 577 -53.91 -7.47 18.55
CA GLY C 577 -53.06 -8.11 19.54
C GLY C 577 -53.46 -9.51 19.93
N GLU C 578 -54.47 -10.08 19.27
CA GLU C 578 -54.91 -11.43 19.60
C GLU C 578 -53.90 -12.49 19.20
N LEU C 579 -52.97 -12.14 18.30
CA LEU C 579 -51.88 -13.03 17.91
C LEU C 579 -50.55 -12.57 18.48
N SER C 580 -50.58 -11.79 19.56
CA SER C 580 -49.37 -11.25 20.16
C SER C 580 -48.93 -12.11 21.34
N TYR C 581 -49.26 -11.67 22.55
CA TYR C 581 -48.81 -12.32 23.78
C TYR C 581 -49.45 -11.68 25.01
N ASP C 582 -48.98 -12.04 26.20
CA ASP C 582 -49.49 -11.49 27.45
C ASP C 582 -48.81 -10.15 27.69
N LYS C 583 -49.48 -9.07 27.31
CA LYS C 583 -48.94 -7.73 27.56
C LYS C 583 -49.15 -7.27 28.99
N SER C 584 -50.14 -7.84 29.70
CA SER C 584 -50.46 -7.37 31.04
C SER C 584 -49.33 -7.65 32.03
N LEU C 585 -48.50 -8.64 31.78
CA LEU C 585 -47.49 -9.03 32.75
C LEU C 585 -46.34 -8.03 32.79
N VAL C 586 -45.95 -7.48 31.64
CA VAL C 586 -44.72 -6.67 31.60
C VAL C 586 -44.90 -5.42 32.45
N PRO C 587 -43.93 -5.09 33.34
CA PRO C 587 -43.97 -3.88 34.15
C PRO C 587 -43.92 -2.61 33.31
N ASP D 26 0.77 -41.21 -20.84
CA ASP D 26 1.05 -39.95 -21.50
C ASP D 26 1.03 -38.79 -20.49
N ASP D 27 1.92 -37.83 -20.68
CA ASP D 27 2.05 -36.69 -19.79
C ASP D 27 1.91 -35.37 -20.54
N LEU D 28 1.15 -35.38 -21.64
CA LEU D 28 1.03 -34.17 -22.46
C LEU D 28 0.26 -33.09 -21.73
N PHE D 29 -0.77 -33.47 -20.97
CA PHE D 29 -1.59 -32.51 -20.24
C PHE D 29 -1.27 -32.47 -18.76
N GLY D 30 -0.26 -33.20 -18.31
CA GLY D 30 0.15 -33.18 -16.93
C GLY D 30 0.72 -34.53 -16.51
N SER D 31 1.53 -34.49 -15.45
CA SER D 31 2.14 -35.71 -14.92
C SER D 31 1.96 -35.81 -13.41
N ALA D 32 1.03 -35.05 -12.85
CA ALA D 32 0.83 -35.05 -11.41
C ALA D 32 0.30 -36.41 -10.95
N SER D 33 0.79 -36.88 -9.81
CA SER D 33 0.39 -38.17 -9.30
C SER D 33 0.69 -38.22 -7.80
N TRP D 34 0.08 -39.20 -7.13
CA TRP D 34 0.32 -39.39 -5.72
C TRP D 34 1.59 -40.21 -5.50
N GLU D 35 2.24 -39.99 -4.37
CA GLU D 35 3.47 -40.70 -4.07
C GLU D 35 3.20 -42.18 -3.87
N THR D 36 4.13 -43.01 -4.33
CA THR D 36 4.00 -44.44 -4.21
C THR D 36 4.50 -44.92 -2.84
N GLU D 37 4.08 -46.13 -2.47
CA GLU D 37 4.52 -46.71 -1.20
C GLU D 37 6.03 -46.78 -1.12
N GLU D 38 6.69 -46.99 -2.25
CA GLU D 38 8.15 -46.95 -2.34
C GLU D 38 8.72 -45.69 -1.71
N LYS D 39 8.61 -44.55 -2.41
CA LYS D 39 9.24 -43.32 -1.93
C LYS D 39 8.86 -42.97 -0.51
N MET D 40 7.64 -43.30 -0.08
CA MET D 40 7.25 -43.11 1.31
C MET D 40 8.10 -43.97 2.24
N ILE D 41 8.35 -45.22 1.86
CA ILE D 41 9.23 -46.08 2.65
C ILE D 41 10.65 -45.51 2.67
N LYS D 42 11.12 -45.03 1.51
CA LYS D 42 12.46 -44.47 1.45
C LYS D 42 12.57 -43.19 2.28
N ALA D 43 11.49 -42.41 2.38
CA ALA D 43 11.46 -41.22 3.22
C ALA D 43 11.25 -41.52 4.69
N LYS D 44 11.25 -42.81 5.07
CA LYS D 44 11.01 -43.26 6.43
C LYS D 44 9.66 -42.78 6.97
N LEU D 45 8.73 -42.42 6.08
CA LEU D 45 7.39 -42.06 6.54
C LEU D 45 6.58 -43.28 6.93
N ILE D 46 6.87 -44.43 6.32
CA ILE D 46 6.26 -45.69 6.66
C ILE D 46 7.33 -46.78 6.61
N THR D 47 7.01 -47.94 7.18
CA THR D 47 7.93 -49.07 7.16
C THR D 47 7.27 -50.24 6.44
N PRO D 48 8.03 -51.29 6.08
CA PRO D 48 7.41 -52.51 5.55
C PRO D 48 6.27 -53.02 6.41
N ASN D 49 6.58 -53.53 7.61
CA ASN D 49 5.55 -53.93 8.57
C ASN D 49 5.08 -52.68 9.32
N ASN D 50 4.35 -51.84 8.59
CA ASN D 50 3.99 -50.52 9.10
C ASN D 50 3.08 -50.60 10.32
N LYS D 51 2.14 -51.55 10.32
CA LYS D 51 1.26 -51.71 11.47
C LYS D 51 2.05 -52.08 12.72
N LYS D 52 3.15 -52.83 12.56
CA LYS D 52 4.01 -53.22 13.66
C LYS D 52 5.26 -52.36 13.75
N ARG D 53 5.18 -51.10 13.33
CA ARG D 53 6.33 -50.22 13.36
C ARG D 53 6.78 -49.96 14.79
N ALA D 54 8.09 -49.90 15.00
CA ALA D 54 8.65 -49.79 16.35
C ALA D 54 8.52 -48.40 16.95
N PHE D 55 8.34 -47.37 16.12
CA PHE D 55 8.30 -45.98 16.58
C PHE D 55 9.55 -45.62 17.37
N ASP D 56 10.71 -46.03 16.84
CA ASP D 56 12.00 -45.83 17.49
C ASP D 56 12.79 -44.68 16.88
N LYS D 57 12.18 -43.88 16.02
CA LYS D 57 12.85 -42.71 15.46
C LYS D 57 12.00 -41.47 15.73
N ARG D 58 11.68 -41.25 17.02
CA ARG D 58 10.98 -40.05 17.50
C ARG D 58 10.01 -39.46 16.49
N GLU D 59 9.22 -40.30 15.84
CA GLU D 59 8.37 -39.85 14.75
C GLU D 59 7.14 -39.13 15.26
N VAL D 60 6.69 -38.15 14.47
CA VAL D 60 5.48 -37.38 14.75
C VAL D 60 4.39 -37.86 13.79
N ILE D 61 3.31 -38.40 14.33
CA ILE D 61 2.22 -38.89 13.50
C ILE D 61 1.53 -37.71 12.83
N VAL D 62 1.32 -37.81 11.51
CA VAL D 62 0.74 -36.70 10.76
C VAL D 62 -0.43 -37.20 9.92
N GLY D 63 -0.62 -38.51 9.86
CA GLY D 63 -1.75 -39.05 9.11
C GLY D 63 -1.81 -40.55 9.26
N ARG D 64 -2.78 -41.14 8.57
CA ARG D 64 -2.96 -42.58 8.61
C ARG D 64 -3.59 -43.06 7.32
N ARG D 65 -3.19 -44.26 6.89
CA ARG D 65 -3.83 -44.95 5.78
C ARG D 65 -4.84 -45.98 6.25
N GLY D 66 -5.11 -46.03 7.55
CA GLY D 66 -5.99 -47.01 8.11
C GLY D 66 -5.79 -47.11 9.61
N LEU D 67 -6.69 -47.86 10.24
CA LEU D 67 -6.65 -48.04 11.69
C LEU D 67 -5.29 -48.58 12.12
N GLY D 68 -4.56 -47.79 12.90
CA GLY D 68 -3.25 -48.20 13.34
C GLY D 68 -2.20 -48.31 12.26
N ASP D 69 -2.46 -47.71 11.09
CA ASP D 69 -1.55 -47.71 9.96
C ASP D 69 -1.20 -46.25 9.67
N PHE D 70 -0.12 -45.76 10.28
CA PHE D 70 0.14 -44.33 10.39
C PHE D 70 1.24 -43.87 9.45
N ILE D 71 1.16 -42.60 9.06
CA ILE D 71 2.24 -41.89 8.40
C ILE D 71 2.91 -41.02 9.45
N ALA D 72 4.20 -41.25 9.68
CA ALA D 72 4.92 -40.62 10.78
C ALA D 72 6.23 -40.02 10.30
N TYR D 73 6.45 -38.76 10.63
CA TYR D 73 7.62 -38.01 10.21
C TYR D 73 8.77 -38.25 11.17
N ALA D 74 9.89 -38.75 10.65
CA ALA D 74 11.11 -38.92 11.41
C ALA D 74 12.05 -37.75 11.12
N GLY D 75 13.30 -37.86 11.57
CA GLY D 75 14.27 -36.82 11.31
C GLY D 75 14.09 -35.62 12.22
N GLN D 76 14.57 -34.46 11.73
CA GLN D 76 14.55 -33.23 12.51
C GLN D 76 13.79 -32.11 11.81
N ALA D 77 13.13 -32.38 10.69
CA ALA D 77 12.44 -31.33 9.95
C ALA D 77 11.19 -30.87 10.70
N PHE D 78 10.74 -29.67 10.35
CA PHE D 78 9.63 -29.02 11.05
C PHE D 78 8.32 -29.25 10.29
N ILE D 79 7.23 -29.28 11.04
CA ILE D 79 5.91 -29.60 10.53
C ILE D 79 5.02 -28.37 10.60
N GLY D 80 4.17 -28.20 9.61
CA GLY D 80 3.10 -27.22 9.66
C GLY D 80 1.77 -27.87 9.40
N LEU D 81 0.75 -27.43 10.14
CA LEU D 81 -0.62 -27.91 9.97
C LEU D 81 -1.51 -26.70 9.69
N ILE D 82 -1.95 -26.59 8.44
CA ILE D 82 -2.88 -25.53 8.04
C ILE D 82 -4.28 -26.09 8.22
N ALA D 83 -4.89 -25.80 9.35
CA ALA D 83 -6.18 -26.37 9.72
C ALA D 83 -7.17 -25.26 10.03
N PRO D 84 -8.23 -25.10 9.25
CA PRO D 84 -9.26 -24.12 9.59
C PRO D 84 -9.87 -24.42 10.96
N THR D 85 -10.68 -23.47 11.43
CA THR D 85 -11.31 -23.61 12.74
C THR D 85 -12.29 -24.77 12.73
N ARG D 86 -12.31 -25.52 13.84
CA ARG D 86 -13.19 -26.68 14.02
C ARG D 86 -12.98 -27.74 12.93
N SER D 87 -11.74 -27.87 12.44
CA SER D 87 -11.43 -28.83 11.40
C SER D 87 -10.68 -30.05 11.92
N GLY D 88 -10.54 -30.18 13.24
CA GLY D 88 -9.99 -31.40 13.82
C GLY D 88 -8.51 -31.40 14.09
N LYS D 89 -7.87 -30.23 14.23
CA LYS D 89 -6.44 -30.20 14.53
C LYS D 89 -6.14 -30.90 15.86
N GLY D 90 -7.04 -30.79 16.83
CA GLY D 90 -6.81 -31.46 18.11
C GLY D 90 -6.97 -32.96 18.00
N VAL D 91 -8.13 -33.41 17.51
CA VAL D 91 -8.42 -34.84 17.44
C VAL D 91 -7.60 -35.53 16.38
N GLY D 92 -7.01 -34.78 15.44
CA GLY D 92 -6.29 -35.39 14.33
C GLY D 92 -4.79 -35.24 14.37
N PHE D 93 -4.30 -34.31 15.20
CA PHE D 93 -2.86 -34.08 15.27
C PHE D 93 -2.37 -33.94 16.69
N ILE D 94 -2.92 -32.98 17.45
CA ILE D 94 -2.36 -32.65 18.77
C ILE D 94 -2.52 -33.83 19.74
N MET D 95 -3.76 -34.28 19.95
CA MET D 95 -4.00 -35.39 20.86
C MET D 95 -3.32 -36.70 20.45
N PRO D 96 -3.27 -37.09 19.17
CA PRO D 96 -2.55 -38.33 18.83
C PRO D 96 -1.10 -38.32 19.26
N ASN D 97 -0.35 -37.26 18.93
CA ASN D 97 1.04 -37.19 19.33
C ASN D 97 1.19 -36.97 20.84
N MET D 98 0.21 -36.30 21.45
CA MET D 98 0.18 -36.20 22.91
C MET D 98 0.13 -37.59 23.54
N ILE D 99 -0.58 -38.52 22.89
CA ILE D 99 -0.71 -39.87 23.42
C ILE D 99 0.51 -40.72 23.08
N ASN D 100 1.07 -40.53 21.88
CA ASN D 100 2.03 -41.48 21.33
C ASN D 100 3.48 -41.04 21.44
N TYR D 101 3.77 -39.75 21.29
CA TYR D 101 5.15 -39.26 21.20
C TYR D 101 5.96 -39.67 22.43
N PRO D 102 7.06 -40.41 22.26
CA PRO D 102 7.81 -40.93 23.41
C PRO D 102 8.82 -39.96 24.01
N GLN D 103 9.03 -38.79 23.44
CA GLN D 103 10.03 -37.85 23.91
C GLN D 103 9.34 -36.66 24.59
N ASN D 104 10.12 -35.63 24.90
CA ASN D 104 9.59 -34.49 25.62
C ASN D 104 8.67 -33.64 24.74
N ILE D 105 7.63 -33.09 25.34
CA ILE D 105 6.62 -32.32 24.63
C ILE D 105 6.44 -30.99 25.33
N VAL D 106 6.52 -29.90 24.56
CA VAL D 106 6.14 -28.57 25.02
C VAL D 106 4.95 -28.15 24.18
N VAL D 107 3.77 -28.14 24.77
CA VAL D 107 2.53 -27.90 24.05
C VAL D 107 1.98 -26.53 24.42
N PHE D 108 1.32 -25.90 23.45
CA PHE D 108 0.53 -24.71 23.73
C PHE D 108 -0.91 -25.15 23.94
N ASP D 109 -1.44 -24.89 25.13
CA ASP D 109 -2.76 -25.35 25.54
C ASP D 109 -3.58 -24.17 26.05
N PRO D 110 -4.02 -23.28 25.16
CA PRO D 110 -4.75 -22.10 25.61
C PRO D 110 -6.10 -22.44 26.22
N LYS D 111 -6.72 -23.54 25.81
CA LYS D 111 -8.00 -23.97 26.37
C LYS D 111 -7.83 -24.93 27.54
N ALA D 112 -6.59 -25.32 27.87
CA ALA D 112 -6.29 -26.23 28.98
C ALA D 112 -6.96 -27.59 28.81
N ASP D 113 -7.21 -28.01 27.56
CA ASP D 113 -7.86 -29.28 27.29
C ASP D 113 -6.89 -30.38 26.90
N THR D 114 -5.83 -30.05 26.15
CA THR D 114 -4.85 -31.06 25.76
C THR D 114 -4.20 -31.70 26.98
N MET D 115 -3.72 -30.88 27.91
CA MET D 115 -3.12 -31.40 29.14
C MET D 115 -4.16 -32.14 29.96
N GLU D 116 -5.35 -31.55 30.12
CA GLU D 116 -6.42 -32.21 30.88
C GLU D 116 -6.77 -33.59 30.32
N THR D 117 -6.42 -33.87 29.07
CA THR D 117 -6.75 -35.13 28.43
C THR D 117 -5.59 -36.11 28.35
N CYS D 118 -4.35 -35.62 28.31
CA CYS D 118 -3.20 -36.51 28.15
C CYS D 118 -2.15 -36.39 29.26
N GLY D 119 -2.48 -35.73 30.37
CA GLY D 119 -1.48 -35.56 31.42
C GLY D 119 -1.06 -36.87 32.05
N LYS D 120 -2.04 -37.67 32.50
CA LYS D 120 -1.69 -38.95 33.12
C LYS D 120 -1.12 -39.93 32.11
N ILE D 121 -1.37 -39.75 30.81
CA ILE D 121 -0.66 -40.55 29.81
C ILE D 121 0.81 -40.14 29.76
N ARG D 122 1.07 -38.83 29.72
CA ARG D 122 2.46 -38.37 29.74
C ARG D 122 3.17 -38.84 31.01
N GLU D 123 2.45 -38.93 32.12
CA GLU D 123 3.10 -39.26 33.40
C GLU D 123 3.30 -40.76 33.56
N LYS D 124 2.23 -41.54 33.41
CA LYS D 124 2.29 -42.97 33.71
C LYS D 124 2.94 -43.78 32.59
N ARG D 125 2.74 -43.40 31.33
CA ARG D 125 3.27 -44.20 30.23
C ARG D 125 4.72 -43.85 29.93
N PHE D 126 5.09 -42.58 30.05
CA PHE D 126 6.43 -42.14 29.68
C PHE D 126 7.29 -41.74 30.88
N ASN D 127 6.75 -41.77 32.09
CA ASN D 127 7.49 -41.42 33.30
C ASN D 127 8.10 -40.03 33.18
N GLN D 128 7.27 -39.07 32.78
CA GLN D 128 7.71 -37.70 32.53
C GLN D 128 7.10 -36.76 33.54
N LYS D 129 7.92 -35.90 34.13
CA LYS D 129 7.43 -34.87 35.02
C LYS D 129 6.73 -33.78 34.22
N VAL D 130 5.52 -33.42 34.62
CA VAL D 130 4.70 -32.46 33.89
C VAL D 130 4.75 -31.12 34.60
N PHE D 131 5.09 -30.07 33.85
CA PHE D 131 5.07 -28.70 34.34
C PHE D 131 3.94 -27.94 33.65
N ILE D 132 3.34 -27.01 34.38
CA ILE D 132 2.23 -26.21 33.89
C ILE D 132 2.56 -24.73 34.12
N TYR D 133 2.47 -23.94 33.05
CA TYR D 133 2.75 -22.51 33.13
C TYR D 133 1.47 -21.76 32.77
N GLU D 134 0.66 -21.49 33.80
CA GLU D 134 -0.58 -20.73 33.64
C GLU D 134 -0.41 -19.37 34.30
N PRO D 135 -0.02 -18.34 33.54
CA PRO D 135 0.27 -17.02 34.16
C PRO D 135 -0.98 -16.30 34.67
N PHE D 136 -2.13 -16.97 34.69
CA PHE D 136 -3.35 -16.38 35.20
C PHE D 136 -4.04 -17.28 36.22
N SER D 137 -3.42 -18.38 36.62
CA SER D 137 -3.91 -19.23 37.71
C SER D 137 -2.78 -19.40 38.70
N LEU D 138 -3.08 -19.16 39.99
CA LEU D 138 -2.03 -19.26 41.01
C LEU D 138 -1.43 -20.66 41.06
N LYS D 139 -2.22 -21.68 40.74
CA LYS D 139 -1.73 -23.04 40.57
C LYS D 139 -0.94 -23.09 39.26
N THR D 140 0.31 -22.65 39.34
CA THR D 140 1.17 -22.62 38.17
C THR D 140 2.62 -22.77 38.59
N HIS D 141 3.43 -23.31 37.69
CA HIS D 141 4.87 -23.24 37.82
C HIS D 141 5.35 -21.87 37.36
N ARG D 142 6.44 -21.41 37.95
CA ARG D 142 6.90 -20.05 37.73
C ARG D 142 8.14 -20.03 36.86
N PHE D 143 8.37 -18.88 36.23
CA PHE D 143 9.50 -18.69 35.33
C PHE D 143 10.07 -17.30 35.54
N ASN D 144 11.39 -17.21 35.64
CA ASN D 144 12.07 -15.94 35.86
C ASN D 144 13.30 -15.85 34.97
N PRO D 145 13.32 -14.93 34.00
CA PRO D 145 14.48 -14.85 33.11
C PRO D 145 15.76 -14.45 33.82
N PHE D 146 15.67 -13.68 34.91
CA PHE D 146 16.87 -13.31 35.66
C PHE D 146 17.52 -14.51 36.33
N ALA D 147 16.81 -15.65 36.40
CA ALA D 147 17.42 -16.87 36.89
C ALA D 147 18.34 -17.53 35.86
N TYR D 148 18.37 -17.02 34.64
CA TYR D 148 19.21 -17.54 33.58
C TYR D 148 20.41 -16.64 33.30
N VAL D 149 20.84 -15.86 34.30
CA VAL D 149 21.96 -14.94 34.16
C VAL D 149 22.94 -15.20 35.29
N ASP D 150 24.22 -15.34 34.94
CA ASP D 150 25.29 -15.54 35.92
C ASP D 150 25.79 -14.17 36.35
N PHE D 151 25.43 -13.76 37.57
CA PHE D 151 25.80 -12.45 38.07
C PHE D 151 27.23 -12.44 38.61
N GLY D 152 27.40 -12.71 39.90
CA GLY D 152 28.70 -12.69 40.53
C GLY D 152 29.67 -13.72 39.98
N ASP D 180 30.16 -11.87 29.05
CA ASP D 180 29.07 -12.84 29.12
C ASP D 180 27.84 -12.24 29.79
N PHE D 181 28.05 -11.59 30.94
CA PHE D 181 26.94 -10.94 31.63
C PHE D 181 26.37 -9.80 30.79
N SER D 182 27.23 -9.00 30.18
CA SER D 182 26.76 -7.86 29.38
C SER D 182 25.94 -8.33 28.19
N THR D 183 26.37 -9.42 27.53
CA THR D 183 25.65 -9.90 26.37
C THR D 183 24.24 -10.35 26.71
N GLN D 184 24.11 -11.19 27.75
CA GLN D 184 22.79 -11.66 28.17
C GLN D 184 21.92 -10.50 28.66
N ILE D 185 22.52 -9.55 29.38
CA ILE D 185 21.74 -8.43 29.89
C ILE D 185 21.23 -7.57 28.76
N PHE D 186 22.07 -7.33 27.74
CA PHE D 186 21.62 -6.55 26.59
C PHE D 186 20.57 -7.29 25.78
N GLY D 187 20.70 -8.61 25.67
CA GLY D 187 19.68 -9.39 25.00
C GLY D 187 18.34 -9.32 25.71
N LEU D 188 18.36 -9.46 27.03
CA LEU D 188 17.13 -9.34 27.82
C LEU D 188 16.55 -7.93 27.73
N ALA D 189 17.41 -6.91 27.67
CA ALA D 189 16.94 -5.55 27.52
C ALA D 189 16.25 -5.34 26.18
N LYS D 190 16.88 -5.80 25.10
CA LYS D 190 16.24 -5.72 23.77
C LYS D 190 14.96 -6.53 23.73
N LEU D 191 14.87 -7.59 24.53
CA LEU D 191 13.61 -8.32 24.65
C LEU D 191 12.54 -7.47 25.31
N VAL D 192 12.86 -6.87 26.46
CA VAL D 192 11.90 -6.04 27.16
C VAL D 192 11.65 -4.73 26.41
N PHE D 193 12.70 -4.18 25.79
CA PHE D 193 12.61 -2.94 25.01
C PHE D 193 12.94 -3.26 23.56
N PRO D 194 11.96 -3.64 22.76
CA PRO D 194 12.22 -3.99 21.35
C PRO D 194 12.21 -2.77 20.44
N GLU D 195 12.84 -2.97 19.28
CA GLU D 195 12.94 -1.90 18.30
C GLU D 195 11.58 -1.58 17.69
N ARG D 196 11.43 -0.35 17.22
CA ARG D 196 10.19 0.14 16.67
C ARG D 196 10.40 0.64 15.24
N PRO D 197 9.57 0.24 14.28
CA PRO D 197 9.70 0.76 12.91
C PRO D 197 9.10 2.14 12.72
N ASN D 198 8.54 2.75 13.77
CA ASN D 198 7.98 4.09 13.66
C ASN D 198 9.06 5.11 13.33
N GLU D 199 10.18 5.07 14.05
CA GLU D 199 11.39 5.85 13.81
C GLU D 199 11.17 7.35 13.92
N LYS D 200 9.98 7.80 14.34
CA LYS D 200 9.75 9.22 14.55
C LYS D 200 10.36 9.73 15.84
N ASP D 201 10.60 8.86 16.81
CA ASP D 201 11.24 9.21 18.07
C ASP D 201 11.78 7.96 18.76
N PRO D 202 12.83 7.34 18.21
CA PRO D 202 13.37 6.13 18.85
C PRO D 202 14.37 6.41 19.96
N PHE D 203 14.80 7.66 20.12
CA PHE D 203 15.81 7.98 21.13
C PHE D 203 15.29 7.70 22.54
N PHE D 204 13.99 7.90 22.78
CA PHE D 204 13.45 7.66 24.12
C PHE D 204 13.45 6.18 24.47
N SER D 205 13.08 5.32 23.52
CA SER D 205 13.16 3.88 23.78
C SER D 205 14.60 3.44 23.98
N ASN D 206 15.53 4.01 23.22
CA ASN D 206 16.94 3.68 23.40
C ASN D 206 17.41 4.06 24.79
N GLN D 207 17.02 5.24 25.28
CA GLN D 207 17.43 5.64 26.63
C GLN D 207 16.71 4.84 27.69
N ALA D 208 15.49 4.37 27.41
CA ALA D 208 14.81 3.50 28.37
C ALA D 208 15.52 2.15 28.48
N ARG D 209 15.99 1.61 27.36
CA ARG D 209 16.78 0.40 27.38
C ARG D 209 18.12 0.60 28.09
N ASN D 210 18.76 1.76 27.85
CA ASN D 210 19.97 2.10 28.58
C ASN D 210 19.70 2.20 30.08
N LEU D 211 18.54 2.73 30.46
CA LEU D 211 18.17 2.78 31.87
C LEU D 211 17.97 1.37 32.42
N PHE D 212 17.35 0.48 31.64
CA PHE D 212 17.19 -0.91 32.08
C PHE D 212 18.54 -1.55 32.36
N VAL D 213 19.45 -1.49 31.39
CA VAL D 213 20.76 -2.12 31.59
C VAL D 213 21.48 -1.47 32.77
N ILE D 214 21.44 -0.14 32.87
CA ILE D 214 22.11 0.57 33.96
C ILE D 214 21.57 0.12 35.31
N ASN D 215 20.24 -0.02 35.41
CA ASN D 215 19.64 -0.51 36.64
C ASN D 215 20.11 -1.91 36.95
N CYS D 216 20.28 -2.74 35.92
CA CYS D 216 20.80 -4.08 36.14
C CYS D 216 22.25 -4.05 36.64
N ASN D 217 23.09 -3.17 36.09
CA ASN D 217 24.47 -3.07 36.57
C ASN D 217 24.49 -2.58 38.02
N ILE D 218 23.61 -1.65 38.36
CA ILE D 218 23.54 -1.16 39.74
C ILE D 218 23.15 -2.29 40.68
N TYR D 219 22.14 -3.08 40.29
CA TYR D 219 21.74 -4.22 41.11
C TYR D 219 22.88 -5.21 41.27
N ARG D 220 23.62 -5.47 40.19
CA ARG D 220 24.73 -6.42 40.26
C ARG D 220 25.84 -5.90 41.16
N ASP D 221 26.19 -4.63 41.03
CA ASP D 221 27.26 -4.03 41.81
C ASP D 221 26.83 -3.71 43.25
N LEU D 222 25.55 -3.86 43.58
CA LEU D 222 25.10 -3.70 44.96
C LEU D 222 24.90 -5.04 45.67
N MET D 223 24.20 -5.98 45.04
CA MET D 223 23.86 -7.24 45.70
C MET D 223 24.86 -8.35 45.43
N TRP D 224 25.70 -8.22 44.39
CA TRP D 224 26.71 -9.21 44.10
C TRP D 224 28.13 -8.64 44.26
N THR D 225 28.26 -7.58 45.04
CA THR D 225 29.55 -7.02 45.42
C THR D 225 29.76 -7.18 46.92
N LYS D 226 30.87 -6.64 47.41
CA LYS D 226 31.28 -6.84 48.80
C LYS D 226 30.92 -5.65 49.68
N LYS D 227 31.28 -4.43 49.26
CA LYS D 227 30.90 -3.23 49.99
C LYS D 227 29.45 -2.82 49.74
N GLY D 228 28.85 -3.31 48.65
CA GLY D 228 27.46 -2.99 48.39
C GLY D 228 26.51 -3.56 49.43
N LEU D 229 26.82 -4.76 49.93
CA LEU D 229 26.00 -5.35 50.98
C LEU D 229 26.09 -4.55 52.27
N GLU D 230 27.30 -4.11 52.64
CA GLU D 230 27.45 -3.26 53.80
C GLU D 230 26.73 -1.93 53.63
N PHE D 231 26.78 -1.36 52.43
CA PHE D 231 26.06 -0.11 52.15
C PHE D 231 24.56 -0.30 52.30
N VAL D 232 24.03 -1.38 51.73
CA VAL D 232 22.60 -1.65 51.81
C VAL D 232 22.17 -1.89 53.25
N LYS D 233 23.00 -2.58 54.02
CA LYS D 233 22.67 -2.83 55.42
C LYS D 233 22.76 -1.56 56.26
N ARG D 234 23.67 -0.65 55.92
CA ARG D 234 23.84 0.57 56.70
C ARG D 234 22.75 1.59 56.40
N LYS D 235 22.35 1.72 55.13
CA LYS D 235 21.34 2.70 54.75
C LYS D 235 19.94 2.11 54.69
N LYS D 236 19.77 0.84 55.03
CA LYS D 236 18.48 0.15 55.04
C LYS D 236 17.80 0.24 53.66
N ILE D 237 18.42 -0.45 52.71
CA ILE D 237 17.96 -0.46 51.32
C ILE D 237 17.23 -1.78 51.07
N ILE D 238 15.97 -1.69 50.66
CA ILE D 238 15.17 -2.88 50.38
C ILE D 238 15.54 -3.38 49.00
N MET D 239 16.14 -4.58 48.94
CA MET D 239 16.62 -5.16 47.69
C MET D 239 16.70 -6.68 47.84
N PRO D 240 16.02 -7.43 46.98
CA PRO D 240 15.97 -8.89 47.11
C PRO D 240 17.24 -9.54 46.57
N GLU D 241 17.31 -10.86 46.72
CA GLU D 241 18.47 -11.65 46.32
C GLU D 241 18.48 -11.88 44.81
N THR D 242 17.67 -12.82 44.35
CA THR D 242 17.53 -13.04 42.91
C THR D 242 16.54 -12.01 42.36
N PRO D 243 16.90 -11.30 41.29
CA PRO D 243 16.04 -10.21 40.83
C PRO D 243 14.85 -10.71 40.02
N THR D 244 13.78 -9.91 40.05
CA THR D 244 12.60 -10.12 39.23
C THR D 244 12.40 -8.91 38.33
N MET D 245 11.58 -9.09 37.30
CA MET D 245 11.31 -7.99 36.38
C MET D 245 10.52 -6.88 37.07
N PHE D 246 9.58 -7.25 37.94
CA PHE D 246 8.80 -6.25 38.67
C PHE D 246 9.70 -5.32 39.46
N PHE D 247 10.72 -5.87 40.13
CA PHE D 247 11.61 -5.03 40.94
C PHE D 247 12.51 -4.18 40.06
N ILE D 248 13.03 -4.75 38.97
CA ILE D 248 13.87 -3.99 38.06
C ILE D 248 13.09 -2.81 37.48
N GLY D 249 11.77 -2.97 37.32
CA GLY D 249 10.93 -1.87 36.89
C GLY D 249 10.63 -0.86 37.98
N SER D 250 10.34 -1.36 39.19
CA SER D 250 10.07 -0.48 40.32
C SER D 250 11.29 0.35 40.71
N MET D 251 12.49 -0.09 40.32
CA MET D 251 13.69 0.70 40.57
C MET D 251 13.71 2.02 39.79
N ALA D 252 12.70 2.27 38.94
CA ALA D 252 12.62 3.54 38.24
C ALA D 252 12.26 4.68 39.19
N SER D 253 11.38 4.39 40.16
CA SER D 253 11.02 5.41 41.15
C SER D 253 12.23 5.79 42.00
N GLY D 254 13.02 4.80 42.41
CA GLY D 254 14.22 5.06 43.18
C GLY D 254 14.56 3.86 44.05
N ILE D 255 15.53 4.08 44.92
CA ILE D 255 15.97 3.08 45.88
C ILE D 255 15.06 3.14 47.09
N ASN D 256 14.49 2.00 47.48
CA ASN D 256 13.60 1.93 48.62
C ASN D 256 14.41 1.98 49.92
N LEU D 257 13.99 2.84 50.84
CA LEU D 257 14.67 3.00 52.11
C LEU D 257 13.79 2.48 53.26
N LYS D 266 11.28 5.84 53.05
CA LYS D 266 10.44 5.88 51.86
C LYS D 266 11.26 5.55 50.61
N VAL D 267 11.19 6.42 49.60
CA VAL D 267 11.89 6.21 48.34
C VAL D 267 12.29 7.57 47.77
N VAL D 268 13.58 7.71 47.45
CA VAL D 268 14.09 8.91 46.81
C VAL D 268 14.61 8.54 45.42
N SER D 269 14.71 9.55 44.57
CA SER D 269 15.03 9.32 43.16
C SER D 269 16.49 8.93 42.97
N LEU D 270 16.79 8.38 41.79
CA LEU D 270 18.16 8.05 41.45
C LEU D 270 19.01 9.29 41.27
N MET D 271 18.45 10.33 40.65
CA MET D 271 19.17 11.58 40.47
C MET D 271 19.49 12.25 41.79
N GLU D 272 18.75 11.93 42.85
CA GLU D 272 19.04 12.47 44.18
C GLU D 272 19.98 11.58 44.98
N PHE D 273 19.78 10.27 44.94
CA PHE D 273 20.62 9.36 45.72
C PHE D 273 22.05 9.29 45.18
N PHE D 274 22.24 9.54 43.89
CA PHE D 274 23.54 9.47 43.25
C PHE D 274 23.84 10.78 42.56
N GLY D 275 24.82 11.52 43.06
CA GLY D 275 25.20 12.78 42.45
C GLY D 275 24.16 13.87 42.54
N GLY D 276 23.31 13.83 43.56
CA GLY D 276 22.27 14.84 43.71
C GLY D 276 22.31 15.54 45.05
N GLU D 277 21.16 16.06 45.49
CA GLU D 277 21.10 16.76 46.77
C GLU D 277 21.06 15.80 47.94
N GLU D 278 20.49 14.61 47.75
CA GLU D 278 20.48 13.62 48.83
C GLU D 278 21.88 13.07 49.09
N ASP D 279 22.70 12.97 48.06
CA ASP D 279 24.09 12.52 48.20
C ASP D 279 24.98 13.74 48.32
N LYS D 280 25.00 14.33 49.53
CA LYS D 280 25.81 15.52 49.77
C LYS D 280 27.30 15.16 49.84
N SER D 281 27.64 14.10 50.56
CA SER D 281 29.02 13.68 50.69
C SER D 281 29.55 12.95 49.46
N GLY D 282 28.69 12.60 48.51
CA GLY D 282 29.12 11.86 47.34
C GLY D 282 29.53 10.43 47.60
N ASP D 283 29.25 9.90 48.79
CA ASP D 283 29.65 8.53 49.11
C ASP D 283 28.78 7.50 48.39
N ASN D 284 27.50 7.81 48.18
CA ASN D 284 26.59 6.85 47.56
C ASN D 284 26.92 6.62 46.09
N LEU D 285 27.59 7.56 45.43
CA LEU D 285 28.03 7.33 44.06
C LEU D 285 29.29 6.47 44.00
N ARG D 286 30.15 6.55 45.01
CA ARG D 286 31.41 5.83 45.00
C ARG D 286 31.22 4.32 45.14
N VAL D 287 30.11 3.88 45.74
CA VAL D 287 29.89 2.45 45.93
C VAL D 287 29.66 1.74 44.60
N LEU D 288 29.24 2.46 43.56
CA LEU D 288 29.02 1.85 42.27
C LEU D 288 30.35 1.64 41.53
N SER D 289 30.32 0.75 40.56
CA SER D 289 31.51 0.45 39.77
C SER D 289 31.82 1.62 38.83
N PRO D 290 33.09 1.80 38.47
CA PRO D 290 33.44 2.89 37.54
C PRO D 290 32.76 2.79 36.19
N ALA D 291 32.55 1.57 35.68
CA ALA D 291 31.82 1.42 34.43
C ALA D 291 30.36 1.83 34.60
N THR D 292 29.73 1.39 35.69
CA THR D 292 28.36 1.80 35.97
C THR D 292 28.28 3.31 36.21
N ARG D 293 29.30 3.89 36.83
CA ARG D 293 29.32 5.34 37.05
C ARG D 293 29.45 6.10 35.73
N ASN D 294 30.28 5.60 34.82
CA ASN D 294 30.40 6.23 33.51
C ASN D 294 29.10 6.11 32.73
N MET D 295 28.43 4.96 32.84
CA MET D 295 27.13 4.81 32.18
C MET D 295 26.09 5.75 32.78
N TRP D 296 26.13 5.94 34.10
CA TRP D 296 25.20 6.86 34.75
C TRP D 296 25.47 8.29 34.34
N ASN D 297 26.74 8.67 34.20
CA ASN D 297 27.07 10.00 33.71
C ASN D 297 26.60 10.19 32.27
N SER D 298 26.80 9.18 31.43
CA SER D 298 26.34 9.25 30.05
C SER D 298 24.82 9.40 29.98
N PHE D 299 24.10 8.68 30.86
CA PHE D 299 22.65 8.80 30.86
C PHE D 299 22.19 10.15 31.39
N LYS D 300 22.88 10.67 32.42
CA LYS D 300 22.55 12.00 32.92
C LYS D 300 22.78 13.07 31.87
N THR D 301 23.78 12.89 31.02
CA THR D 301 23.95 13.76 29.87
C THR D 301 22.94 13.47 28.76
N MET D 302 22.38 12.27 28.74
CA MET D 302 21.41 11.88 27.69
C MET D 302 19.99 12.31 28.07
N GLY D 303 19.41 11.65 29.07
CA GLY D 303 18.03 11.92 29.43
C GLY D 303 17.84 12.82 30.64
N GLY D 304 18.81 12.81 31.55
CA GLY D 304 18.70 13.56 32.79
C GLY D 304 18.49 15.05 32.61
N ALA D 305 18.87 15.60 31.46
CA ALA D 305 18.69 17.01 31.17
C ALA D 305 17.49 17.21 30.26
N ARG D 306 16.88 18.39 30.37
CA ARG D 306 15.69 18.76 29.59
C ARG D 306 14.57 17.75 29.75
N TYR D 309 14.22 12.79 30.56
CA TYR D 309 14.02 12.00 31.77
C TYR D 309 12.55 11.87 32.12
N SER D 310 11.82 12.99 32.02
CA SER D 310 10.39 12.97 32.35
C SER D 310 9.62 12.06 31.42
N SER D 311 10.02 11.98 30.15
CA SER D 311 9.39 11.08 29.20
C SER D 311 10.03 9.70 29.17
N VAL D 312 11.25 9.57 29.70
CA VAL D 312 11.90 8.26 29.73
C VAL D 312 11.35 7.41 30.86
N GLN D 313 11.13 8.01 32.03
CA GLN D 313 10.58 7.26 33.16
C GLN D 313 9.21 6.70 32.84
N GLY D 314 8.40 7.44 32.08
CA GLY D 314 7.08 6.95 31.72
C GLY D 314 7.12 5.70 30.88
N VAL D 315 7.91 5.72 29.80
CA VAL D 315 7.99 4.53 28.94
C VAL D 315 8.68 3.38 29.67
N TYR D 316 9.63 3.69 30.57
CA TYR D 316 10.26 2.63 31.35
C TYR D 316 9.25 1.94 32.25
N THR D 317 8.50 2.72 33.03
CA THR D 317 7.49 2.13 33.91
C THR D 317 6.39 1.44 33.12
N SER D 318 6.14 1.89 31.89
CA SER D 318 5.16 1.22 31.04
C SER D 318 5.68 -0.12 30.55
N ALA D 319 6.99 -0.23 30.30
CA ALA D 319 7.57 -1.52 29.90
C ALA D 319 7.46 -2.57 30.99
N PHE D 320 7.21 -2.16 32.23
CA PHE D 320 7.03 -3.09 33.34
C PHE D 320 5.61 -3.06 33.89
N ALA D 321 4.69 -2.43 33.17
CA ALA D 321 3.29 -2.42 33.60
C ALA D 321 2.69 -3.80 33.78
N PRO D 322 2.93 -4.81 32.90
CA PRO D 322 2.33 -6.14 33.14
C PRO D 322 2.63 -6.71 34.51
N TYR D 323 3.69 -6.23 35.14
CA TYR D 323 4.15 -6.76 36.41
C TYR D 323 3.54 -6.03 37.61
N ASN D 324 2.70 -5.02 37.38
CA ASN D 324 1.83 -4.53 38.44
C ASN D 324 0.66 -5.47 38.70
N ASN D 325 0.42 -6.42 37.80
CA ASN D 325 -0.59 -7.44 37.98
C ASN D 325 -0.08 -8.48 38.97
N ALA D 326 -1.01 -9.00 39.80
CA ALA D 326 -0.62 -9.96 40.83
C ALA D 326 -0.31 -11.33 40.24
N MET D 327 -1.10 -11.76 39.25
CA MET D 327 -0.87 -13.05 38.62
C MET D 327 0.50 -13.10 37.94
N ILE D 328 0.85 -12.04 37.20
CA ILE D 328 2.14 -11.98 36.54
C ILE D 328 3.26 -11.90 37.59
N ARG D 329 3.01 -11.20 38.69
CA ARG D 329 3.96 -11.15 39.79
C ARG D 329 4.26 -12.55 40.31
N ASN D 330 3.22 -13.34 40.59
CA ASN D 330 3.43 -14.69 41.08
C ASN D 330 4.10 -15.57 40.04
N PHE D 331 3.74 -15.41 38.77
CA PHE D 331 4.34 -16.20 37.71
C PHE D 331 5.82 -15.89 37.52
N THR D 332 6.21 -14.65 37.81
CA THR D 332 7.60 -14.20 37.62
C THR D 332 8.46 -14.43 38.86
N SER D 333 7.83 -14.48 40.04
CA SER D 333 8.56 -14.46 41.31
C SER D 333 9.68 -15.49 41.36
N ALA D 334 9.45 -16.69 40.82
CA ALA D 334 10.48 -17.73 40.88
C ALA D 334 10.64 -18.42 39.53
N ASN D 335 11.46 -19.47 39.49
CA ASN D 335 11.68 -20.27 38.29
C ASN D 335 11.74 -21.73 38.71
N ASP D 336 10.67 -22.47 38.44
CA ASP D 336 10.55 -23.83 38.96
C ASP D 336 11.38 -24.82 38.14
N PHE D 337 11.30 -24.72 36.81
CA PHE D 337 12.01 -25.63 35.92
C PHE D 337 13.13 -24.89 35.21
N ASP D 338 14.27 -25.56 35.06
CA ASP D 338 15.43 -25.00 34.38
C ASP D 338 15.33 -25.34 32.90
N PHE D 339 15.18 -24.32 32.05
CA PHE D 339 15.07 -24.55 30.61
C PHE D 339 16.36 -25.08 30.02
N ARG D 340 17.50 -24.84 30.67
CA ARG D 340 18.74 -25.49 30.25
C ARG D 340 18.70 -27.00 30.47
N ARG D 341 17.64 -27.53 31.07
CA ARG D 341 17.48 -28.97 31.27
C ARG D 341 16.36 -29.54 30.41
N LEU D 342 15.92 -28.81 29.38
CA LEU D 342 14.79 -29.24 28.57
C LEU D 342 15.12 -30.45 27.70
N ARG D 343 16.41 -30.72 27.44
CA ARG D 343 16.80 -31.82 26.58
C ARG D 343 17.56 -32.92 27.32
N ILE D 344 17.59 -32.89 28.65
CA ILE D 344 18.22 -33.93 29.45
C ILE D 344 17.21 -34.70 30.28
N ASP D 345 16.34 -34.00 31.00
CA ASP D 345 15.33 -34.68 31.79
C ASP D 345 14.11 -35.01 30.93
N GLU D 346 13.33 -35.99 31.38
CA GLU D 346 12.11 -36.40 30.70
C GLU D 346 10.97 -35.58 31.26
N VAL D 347 10.59 -34.51 30.55
CA VAL D 347 9.58 -33.58 31.02
C VAL D 347 8.54 -33.34 29.93
N SER D 348 7.37 -32.86 30.37
CA SER D 348 6.30 -32.45 29.48
C SER D 348 5.75 -31.14 30.01
N ILE D 349 5.79 -30.09 29.19
CA ILE D 349 5.44 -28.74 29.63
C ILE D 349 4.19 -28.29 28.89
N GLY D 350 3.24 -27.73 29.65
CA GLY D 350 2.03 -27.19 29.07
C GLY D 350 1.84 -25.72 29.40
N VAL D 351 1.74 -24.89 28.36
CA VAL D 351 1.57 -23.45 28.53
C VAL D 351 0.09 -23.13 28.37
N ILE D 352 -0.53 -22.63 29.44
CA ILE D 352 -1.93 -22.25 29.42
C ILE D 352 -2.04 -20.74 29.53
N ALA D 353 -2.13 -20.07 28.38
CA ALA D 353 -2.25 -18.62 28.34
C ALA D 353 -3.10 -18.23 27.14
N ASN D 354 -3.39 -16.94 27.04
CA ASN D 354 -4.23 -16.42 25.96
C ASN D 354 -3.96 -14.94 25.77
N PRO D 355 -2.99 -14.57 24.92
CA PRO D 355 -2.68 -13.14 24.74
C PRO D 355 -3.81 -12.34 24.14
N LYS D 356 -4.75 -12.97 23.42
CA LYS D 356 -5.89 -12.24 22.89
C LYS D 356 -6.91 -11.91 23.98
N GLU D 357 -7.03 -12.75 25.00
CA GLU D 357 -7.90 -12.45 26.13
C GLU D 357 -7.32 -11.38 27.04
N SER D 358 -6.01 -11.18 27.00
CA SER D 358 -5.36 -10.16 27.82
C SER D 358 -3.98 -9.90 27.24
N THR D 359 -3.74 -8.66 26.80
CA THR D 359 -2.46 -8.31 26.18
C THR D 359 -1.31 -8.34 27.20
N ILE D 360 -1.63 -8.35 28.49
CA ILE D 360 -0.59 -8.30 29.52
C ILE D 360 0.36 -9.48 29.38
N VAL D 361 -0.18 -10.69 29.15
CA VAL D 361 0.65 -11.89 29.01
C VAL D 361 1.40 -11.92 27.69
N GLY D 362 1.19 -10.95 26.80
CA GLY D 362 1.87 -10.89 25.53
C GLY D 362 3.38 -10.89 25.66
N PRO D 363 3.94 -9.86 26.29
CA PRO D 363 5.41 -9.81 26.45
C PRO D 363 5.95 -10.95 27.29
N ILE D 364 5.23 -11.36 28.34
CA ILE D 364 5.69 -12.44 29.21
C ILE D 364 5.98 -13.69 28.37
N LEU D 365 4.99 -14.14 27.60
CA LEU D 365 5.19 -15.25 26.68
C LEU D 365 6.41 -15.02 25.81
N GLU D 366 6.55 -13.80 25.26
CA GLU D 366 7.70 -13.47 24.44
C GLU D 366 9.00 -13.82 25.14
N LEU D 367 9.11 -13.46 26.42
CA LEU D 367 10.28 -13.88 27.19
C LEU D 367 10.28 -15.40 27.37
N PHE D 368 9.15 -15.94 27.84
CA PHE D 368 9.07 -17.35 28.22
C PHE D 368 9.59 -18.26 27.12
N PHE D 369 9.12 -18.06 25.89
CA PHE D 369 9.57 -18.92 24.80
C PHE D 369 11.00 -18.59 24.39
N ASN D 370 11.37 -17.31 24.38
CA ASN D 370 12.70 -16.92 23.94
C ASN D 370 13.76 -17.62 24.78
N VAL D 371 13.71 -17.41 26.10
CA VAL D 371 14.65 -18.07 27.00
C VAL D 371 14.60 -19.59 26.82
N MET D 372 13.43 -20.14 26.46
CA MET D 372 13.34 -21.57 26.25
C MET D 372 14.15 -22.01 25.04
N ILE D 373 14.13 -21.22 23.96
CA ILE D 373 14.84 -21.61 22.75
C ILE D 373 16.34 -21.48 22.95
N TYR D 374 16.81 -20.29 23.33
CA TYR D 374 18.24 -20.03 23.43
C TYR D 374 18.91 -20.79 24.57
N SER D 375 18.14 -21.35 25.51
CA SER D 375 18.71 -22.22 26.52
C SER D 375 18.93 -23.64 26.03
N ASN D 376 18.67 -23.90 24.75
CA ASN D 376 18.81 -25.24 24.19
C ASN D 376 19.55 -25.21 22.86
N LEU D 377 20.50 -24.29 22.72
CA LEU D 377 21.31 -24.18 21.50
C LEU D 377 22.69 -24.79 21.74
N ILE D 378 22.70 -26.08 22.06
CA ILE D 378 23.92 -26.82 22.35
C ILE D 378 23.89 -28.14 21.57
N LEU D 379 24.93 -28.38 20.76
CA LEU D 379 25.04 -29.63 20.05
C LEU D 379 25.15 -30.81 21.02
N PRO D 380 24.79 -32.03 20.57
CA PRO D 380 25.01 -33.20 21.45
C PRO D 380 26.46 -33.61 21.53
N ILE D 381 27.33 -33.15 20.63
CA ILE D 381 28.76 -33.38 20.74
C ILE D 381 29.40 -32.52 21.82
N HIS D 382 28.77 -31.38 22.15
CA HIS D 382 29.25 -30.57 23.26
C HIS D 382 28.88 -31.20 24.60
N ASP D 383 27.65 -31.67 24.73
CA ASP D 383 27.16 -32.28 25.96
C ASP D 383 26.44 -33.56 25.56
N PRO D 384 26.85 -34.73 26.06
CA PRO D 384 26.11 -35.96 25.77
C PRO D 384 24.84 -36.15 26.59
N GLN D 385 24.52 -35.21 27.48
CA GLN D 385 23.27 -35.29 28.25
C GLN D 385 22.06 -34.85 27.43
N CYS D 386 22.29 -34.10 26.35
CA CYS D 386 21.20 -33.55 25.53
C CYS D 386 20.91 -34.45 24.34
N LYS D 387 20.51 -35.69 24.65
CA LYS D 387 20.03 -36.61 23.63
C LYS D 387 18.52 -36.57 23.48
N ARG D 388 17.81 -35.91 24.39
CA ARG D 388 16.35 -35.90 24.38
C ARG D 388 15.85 -34.78 23.48
N SER D 389 14.97 -35.13 22.53
CA SER D 389 14.35 -34.13 21.67
C SER D 389 13.18 -33.47 22.39
N CYS D 390 12.76 -32.33 21.84
CA CYS D 390 11.65 -31.55 22.40
C CYS D 390 10.70 -31.19 21.27
N LEU D 391 9.57 -31.88 21.19
CA LEU D 391 8.54 -31.57 20.22
C LEU D 391 7.71 -30.40 20.73
N MET D 392 7.70 -29.31 19.97
CA MET D 392 7.03 -28.07 20.38
C MET D 392 5.72 -27.97 19.61
N LEU D 393 4.65 -28.47 20.22
CA LEU D 393 3.31 -28.42 19.64
C LEU D 393 2.80 -26.99 19.75
N MET D 394 3.20 -26.17 18.78
CA MET D 394 2.74 -24.78 18.71
C MET D 394 1.29 -24.77 18.23
N ASP D 395 0.38 -25.23 19.09
CA ASP D 395 -1.04 -25.21 18.78
C ASP D 395 -1.57 -23.79 18.92
N GLU D 396 -2.49 -23.42 18.03
CA GLU D 396 -3.03 -22.07 17.97
C GLU D 396 -1.90 -21.04 17.96
N PHE D 397 -1.01 -21.18 16.98
CA PHE D 397 0.25 -20.43 16.97
C PHE D 397 0.02 -18.93 16.97
N THR D 398 -0.83 -18.44 16.06
CA THR D 398 -1.04 -17.00 15.94
C THR D 398 -1.70 -16.40 17.18
N LEU D 399 -2.32 -17.23 18.03
CA LEU D 399 -2.81 -16.73 19.31
C LEU D 399 -1.70 -16.12 20.14
N CYS D 400 -0.48 -16.65 20.02
CA CYS D 400 0.65 -16.08 20.74
C CYS D 400 1.08 -14.72 20.19
N GLY D 401 0.47 -14.26 19.12
CA GLY D 401 0.81 -12.95 18.58
C GLY D 401 2.15 -12.97 17.88
N TYR D 402 2.89 -11.88 18.03
CA TYR D 402 4.19 -11.70 17.40
C TYR D 402 5.29 -12.08 18.40
N LEU D 403 5.93 -13.22 18.17
CA LEU D 403 7.08 -13.65 18.96
C LEU D 403 8.29 -13.64 18.02
N GLU D 404 9.15 -12.62 18.18
CA GLU D 404 10.30 -12.46 17.30
C GLU D 404 11.26 -13.64 17.39
N THR D 405 11.34 -14.29 18.56
CA THR D 405 12.28 -15.38 18.74
C THR D 405 12.04 -16.48 17.73
N PHE D 406 10.78 -16.76 17.40
CA PHE D 406 10.49 -17.81 16.42
C PHE D 406 10.94 -17.41 15.03
N VAL D 407 10.72 -16.15 14.65
CA VAL D 407 11.17 -15.68 13.34
C VAL D 407 12.69 -15.76 13.23
N LYS D 408 13.40 -15.39 14.31
CA LYS D 408 14.85 -15.38 14.26
C LYS D 408 15.47 -16.76 14.45
N ALA D 409 14.74 -17.73 15.00
CA ALA D 409 15.33 -18.98 15.44
C ALA D 409 14.81 -20.23 14.73
N VAL D 410 13.81 -20.12 13.85
CA VAL D 410 13.36 -21.31 13.12
C VAL D 410 14.47 -21.90 12.26
N GLY D 411 15.37 -21.07 11.78
CA GLY D 411 16.42 -21.59 10.92
C GLY D 411 17.63 -22.17 11.63
N ILE D 412 17.64 -22.25 12.96
CA ILE D 412 18.86 -22.68 13.64
C ILE D 412 18.58 -23.71 14.71
N MET D 413 17.33 -23.89 15.09
CA MET D 413 17.00 -24.80 16.18
C MET D 413 16.67 -26.21 15.71
N ALA D 414 16.90 -26.53 14.43
CA ALA D 414 16.56 -27.86 13.95
C ALA D 414 17.57 -28.89 14.44
N GLU D 415 18.87 -28.58 14.32
CA GLU D 415 19.92 -29.51 14.72
C GLU D 415 20.10 -29.58 16.22
N TYR D 416 19.31 -28.84 17.00
CA TYR D 416 19.31 -28.95 18.45
C TYR D 416 18.17 -29.81 18.97
N ASN D 417 17.45 -30.49 18.07
CA ASN D 417 16.33 -31.37 18.43
C ASN D 417 15.22 -30.59 19.12
N MET D 418 15.12 -29.29 18.86
CA MET D 418 13.94 -28.50 19.20
C MET D 418 13.06 -28.50 17.96
N ARG D 419 12.05 -29.37 17.94
CA ARG D 419 11.27 -29.66 16.73
C ARG D 419 9.87 -29.09 16.86
N PRO D 420 9.60 -27.89 16.35
CA PRO D 420 8.24 -27.34 16.45
C PRO D 420 7.32 -27.79 15.33
N ALA D 421 6.05 -27.91 15.68
CA ALA D 421 4.97 -28.14 14.74
C ALA D 421 3.97 -26.99 14.92
N PHE D 422 3.90 -26.11 13.93
CA PHE D 422 3.06 -24.92 14.00
C PHE D 422 1.67 -25.24 13.46
N VAL D 423 0.64 -24.86 14.21
CA VAL D 423 -0.74 -25.09 13.81
C VAL D 423 -1.43 -23.73 13.73
N PHE D 424 -1.78 -23.32 12.52
CA PHE D 424 -2.50 -22.06 12.30
C PHE D 424 -3.66 -22.29 11.35
N GLN D 425 -4.61 -21.37 11.38
CA GLN D 425 -5.86 -21.56 10.63
C GLN D 425 -5.67 -21.26 9.15
N SER D 426 -4.84 -20.29 8.81
CA SER D 426 -4.66 -19.94 7.40
C SER D 426 -3.33 -19.23 7.24
N LYS D 427 -2.80 -19.30 6.02
CA LYS D 427 -1.57 -18.58 5.70
C LYS D 427 -1.76 -17.08 5.74
N ALA D 428 -2.98 -16.60 5.49
CA ALA D 428 -3.24 -15.16 5.53
C ALA D 428 -3.22 -14.62 6.95
N GLN D 429 -3.71 -15.42 7.91
CA GLN D 429 -3.69 -14.98 9.30
C GLN D 429 -2.27 -14.94 9.85
N LEU D 430 -1.40 -15.84 9.40
CA LEU D 430 0.00 -15.78 9.79
C LEU D 430 0.70 -14.58 9.19
N GLU D 431 0.32 -14.19 7.97
CA GLU D 431 0.88 -13.03 7.29
C GLU D 431 0.39 -11.71 7.87
N ASN D 432 -0.53 -11.73 8.83
CA ASN D 432 -1.01 -10.50 9.44
C ASN D 432 0.16 -9.68 9.96
N ASP D 433 -0.05 -8.36 10.03
CA ASP D 433 1.00 -7.45 10.47
C ASP D 433 1.41 -7.77 11.90
N PRO D 434 2.58 -7.26 12.34
CA PRO D 434 3.12 -7.61 13.67
C PRO D 434 2.09 -7.61 14.79
N PRO D 435 1.12 -6.63 14.85
CA PRO D 435 0.14 -6.69 15.95
C PRO D 435 -0.53 -8.06 16.14
N LEU D 436 -1.15 -8.60 15.09
CA LEU D 436 -1.89 -9.86 15.20
C LEU D 436 -1.29 -10.98 14.36
N GLY D 437 -0.11 -10.78 13.80
CA GLY D 437 0.54 -11.78 12.97
C GLY D 437 2.04 -11.62 12.99
N TYR D 438 2.67 -11.95 11.86
CA TYR D 438 4.12 -11.91 11.73
C TYR D 438 4.62 -11.06 10.58
N GLY D 439 3.72 -10.41 9.83
CA GLY D 439 4.13 -9.69 8.64
C GLY D 439 4.40 -10.64 7.50
N ARG D 440 4.39 -10.14 6.26
CA ARG D 440 4.58 -11.01 5.12
C ARG D 440 5.97 -11.63 5.13
N ASN D 441 6.99 -10.82 5.40
CA ASN D 441 8.37 -11.33 5.38
C ASN D 441 8.61 -12.33 6.50
N GLY D 442 8.15 -12.03 7.72
CA GLY D 442 8.33 -12.96 8.82
C GLY D 442 7.55 -14.25 8.62
N ALA D 443 6.32 -14.15 8.09
CA ALA D 443 5.55 -15.34 7.80
C ALA D 443 6.25 -16.21 6.76
N LYS D 444 6.81 -15.59 5.72
CA LYS D 444 7.57 -16.36 4.74
C LYS D 444 8.79 -17.00 5.38
N THR D 445 9.47 -16.27 6.28
CA THR D 445 10.64 -16.81 6.95
C THR D 445 10.28 -18.06 7.75
N ILE D 446 9.16 -18.02 8.46
CA ILE D 446 8.74 -19.18 9.24
C ILE D 446 8.32 -20.33 8.33
N LEU D 447 7.56 -20.02 7.28
CA LEU D 447 7.06 -21.07 6.40
C LEU D 447 8.17 -21.75 5.61
N ASP D 448 9.25 -21.02 5.31
CA ASP D 448 10.38 -21.59 4.57
C ASP D 448 11.10 -22.71 5.33
N ASN D 449 10.84 -22.86 6.64
CA ASN D 449 11.51 -23.86 7.46
C ASN D 449 10.60 -25.04 7.80
N LEU D 450 9.42 -25.12 7.19
CA LEU D 450 8.53 -26.24 7.37
C LEU D 450 8.67 -27.16 6.15
N SER D 451 9.00 -28.43 6.38
CA SER D 451 9.25 -29.36 5.29
C SER D 451 8.11 -30.36 5.08
N LEU D 452 7.23 -30.52 6.06
CA LEU D 452 6.05 -31.35 5.93
C LEU D 452 4.85 -30.50 6.30
N ASN D 453 3.93 -30.30 5.35
CA ASN D 453 2.77 -29.46 5.56
C ASN D 453 1.51 -30.29 5.37
N MET D 454 0.68 -30.35 6.40
CA MET D 454 -0.62 -31.00 6.34
C MET D 454 -1.71 -29.97 6.10
N TYR D 455 -2.62 -30.29 5.19
CA TYR D 455 -3.72 -29.41 4.81
C TYR D 455 -5.03 -30.15 5.05
N TYR D 456 -5.82 -29.62 5.97
CA TYR D 456 -7.20 -30.05 6.21
C TYR D 456 -8.13 -29.22 5.34
N GLY D 457 -9.29 -29.78 5.04
CA GLY D 457 -10.28 -29.13 4.21
C GLY D 457 -11.59 -28.91 4.96
N ILE D 458 -12.21 -27.76 4.70
CA ILE D 458 -13.58 -27.50 5.15
C ILE D 458 -14.34 -26.82 4.01
N ASN D 459 -15.66 -26.98 4.01
CA ASN D 459 -16.53 -26.40 2.98
C ASN D 459 -16.99 -25.03 3.46
N ASN D 460 -16.12 -24.05 3.27
CA ASN D 460 -16.35 -22.69 3.74
C ASN D 460 -15.73 -21.71 2.74
N ASP D 461 -16.53 -20.75 2.28
CA ASP D 461 -16.05 -19.85 1.23
C ASP D 461 -14.91 -18.96 1.71
N ASN D 462 -14.84 -18.65 3.00
CA ASN D 462 -13.75 -17.83 3.51
C ASN D 462 -12.39 -18.46 3.23
N TYR D 463 -12.34 -19.75 2.92
CA TYR D 463 -11.07 -20.44 2.65
C TYR D 463 -10.90 -20.79 1.18
N TYR D 464 -11.79 -20.35 0.30
CA TYR D 464 -11.74 -20.79 -1.10
C TYR D 464 -10.41 -20.44 -1.74
N GLU D 465 -9.99 -19.18 -1.63
CA GLU D 465 -8.73 -18.76 -2.24
C GLU D 465 -7.56 -19.58 -1.73
N HIS D 466 -7.67 -20.11 -0.50
CA HIS D 466 -6.59 -20.93 0.03
C HIS D 466 -6.51 -22.27 -0.70
N PHE D 467 -7.66 -22.83 -1.07
CA PHE D 467 -7.68 -24.16 -1.66
C PHE D 467 -7.46 -24.15 -3.17
N GLU D 468 -8.01 -23.15 -3.86
CA GLU D 468 -7.69 -22.93 -5.26
C GLU D 468 -6.18 -23.02 -5.49
N LYS D 469 -5.42 -22.17 -4.79
CA LYS D 469 -3.97 -22.24 -4.86
C LYS D 469 -3.46 -23.65 -4.58
N LEU D 470 -3.95 -24.27 -3.50
CA LEU D 470 -3.52 -25.63 -3.18
C LEU D 470 -3.84 -26.58 -4.33
N SER D 471 -5.03 -26.43 -4.92
CA SER D 471 -5.36 -27.21 -6.11
C SER D 471 -4.31 -27.02 -7.18
N LYS D 472 -3.99 -25.76 -7.50
CA LYS D 472 -2.96 -25.46 -8.47
C LYS D 472 -1.62 -26.08 -8.07
N VAL D 473 -1.34 -26.11 -6.77
CA VAL D 473 -0.05 -26.64 -6.32
C VAL D 473 0.03 -28.14 -6.60
N LEU D 474 -1.12 -28.83 -6.58
CA LEU D 474 -1.08 -30.28 -6.77
C LEU D 474 -0.83 -30.66 -8.23
N GLY D 475 -1.17 -29.79 -9.16
CA GLY D 475 -0.92 -30.04 -10.57
C GLY D 475 -2.03 -30.80 -11.27
N LYS D 476 -1.86 -30.94 -12.58
CA LYS D 476 -2.79 -31.65 -13.43
C LYS D 476 -2.17 -32.94 -13.94
N TYR D 477 -3.03 -33.86 -14.35
CA TYR D 477 -2.59 -35.10 -14.99
C TYR D 477 -3.45 -35.33 -16.23
N THR D 478 -3.06 -36.34 -17.01
CA THR D 478 -3.67 -36.60 -18.31
C THR D 478 -4.68 -37.72 -18.18
N ARG D 479 -5.93 -37.45 -18.57
CA ARG D 479 -7.00 -38.43 -18.56
C ARG D 479 -7.51 -38.65 -19.97
N GLN D 480 -8.25 -39.74 -20.15
CA GLN D 480 -8.86 -40.07 -21.44
C GLN D 480 -10.31 -39.60 -21.44
N ASP D 481 -10.75 -39.09 -22.59
CA ASP D 481 -12.10 -38.58 -22.77
C ASP D 481 -12.71 -39.21 -24.00
N VAL D 482 -13.89 -39.80 -23.85
CA VAL D 482 -14.56 -40.52 -24.91
C VAL D 482 -15.72 -39.68 -25.43
N SER D 483 -15.82 -39.57 -26.75
CA SER D 483 -16.94 -38.94 -27.41
C SER D 483 -17.58 -39.94 -28.36
N ARG D 484 -18.88 -39.74 -28.63
CA ARG D 484 -19.65 -40.68 -29.41
C ARG D 484 -20.43 -39.96 -30.49
N SER D 485 -20.49 -40.56 -31.67
CA SER D 485 -21.26 -40.05 -32.80
C SER D 485 -22.17 -41.17 -33.29
N ILE D 486 -23.21 -40.79 -34.03
CA ILE D 486 -24.16 -41.78 -34.52
C ILE D 486 -24.89 -41.27 -35.76
N ASP D 487 -24.94 -42.10 -36.80
CA ASP D 487 -25.81 -41.83 -37.94
C ASP D 487 -27.26 -42.04 -37.50
N ASP D 488 -28.08 -40.99 -37.59
CA ASP D 488 -29.44 -41.07 -37.10
C ASP D 488 -30.36 -41.88 -37.99
N ASN D 489 -29.90 -42.25 -39.20
CA ASN D 489 -30.69 -43.07 -40.11
C ASN D 489 -30.30 -44.53 -40.03
N THR D 490 -29.03 -44.85 -40.26
CA THR D 490 -28.57 -46.23 -40.26
C THR D 490 -28.30 -46.78 -38.87
N GLY D 491 -28.24 -45.93 -37.85
CA GLY D 491 -27.99 -46.39 -36.50
C GLY D 491 -26.54 -46.74 -36.20
N LYS D 492 -25.66 -46.69 -37.18
CA LYS D 492 -24.25 -46.98 -36.95
C LYS D 492 -23.62 -45.87 -36.11
N THR D 493 -22.71 -46.24 -35.21
CA THR D 493 -22.13 -45.31 -34.26
C THR D 493 -20.61 -45.23 -34.46
N ASN D 494 -20.00 -44.33 -33.68
CA ASN D 494 -18.59 -44.00 -33.77
C ASN D 494 -18.10 -43.64 -32.38
N THR D 495 -16.94 -44.17 -32.00
CA THR D 495 -16.33 -43.90 -30.70
C THR D 495 -14.96 -43.26 -30.92
N SER D 496 -14.70 -42.17 -30.18
CA SER D 496 -13.44 -41.46 -30.30
C SER D 496 -12.85 -41.20 -28.93
N ILE D 497 -11.53 -41.34 -28.81
CA ILE D 497 -10.82 -41.13 -27.55
C ILE D 497 -9.79 -40.03 -27.74
N SER D 498 -9.76 -39.07 -26.82
CA SER D 498 -8.77 -38.01 -26.82
C SER D 498 -8.19 -37.87 -25.42
N ASN D 499 -7.18 -37.02 -25.29
CA ASN D 499 -6.56 -36.74 -24.00
C ASN D 499 -6.98 -35.37 -23.51
N LYS D 500 -7.24 -35.27 -22.20
CA LYS D 500 -7.60 -34.01 -21.56
C LYS D 500 -6.83 -33.88 -20.26
N GLU D 501 -6.83 -32.68 -19.71
CA GLU D 501 -6.19 -32.42 -18.43
C GLU D 501 -7.22 -32.53 -17.30
N ARG D 502 -6.73 -32.91 -16.12
CA ARG D 502 -7.59 -33.02 -14.95
C ARG D 502 -6.79 -32.63 -13.71
N PHE D 503 -7.34 -31.72 -12.91
CA PHE D 503 -6.76 -31.42 -11.62
C PHE D 503 -6.66 -32.69 -10.78
N LEU D 504 -5.49 -32.92 -10.17
CA LEU D 504 -5.38 -33.99 -9.20
C LEU D 504 -6.41 -33.83 -8.08
N MET D 505 -6.66 -32.59 -7.68
CA MET D 505 -7.73 -32.25 -6.74
C MET D 505 -8.27 -30.89 -7.12
N THR D 506 -9.54 -30.82 -7.49
CA THR D 506 -10.19 -29.54 -7.71
C THR D 506 -10.34 -28.81 -6.38
N PRO D 507 -10.53 -27.49 -6.40
CA PRO D 507 -10.73 -26.77 -5.13
C PRO D 507 -11.90 -27.31 -4.32
N ASP D 508 -13.03 -27.58 -4.96
CA ASP D 508 -14.18 -28.12 -4.22
C ASP D 508 -13.88 -29.51 -3.68
N GLU D 509 -13.08 -30.30 -4.39
CA GLU D 509 -12.68 -31.60 -3.88
C GLU D 509 -11.86 -31.48 -2.61
N LEU D 510 -11.01 -30.46 -2.54
CA LEU D 510 -10.24 -30.23 -1.32
C LEU D 510 -11.12 -29.70 -0.21
N MET D 511 -12.10 -28.85 -0.55
CA MET D 511 -12.98 -28.30 0.47
C MET D 511 -13.94 -29.33 1.02
N THR D 512 -14.26 -30.37 0.23
CA THR D 512 -15.13 -31.43 0.69
C THR D 512 -14.38 -32.70 1.06
N MET D 513 -13.09 -32.58 1.36
CA MET D 513 -12.26 -33.73 1.70
C MET D 513 -12.72 -34.42 2.97
N GLY D 514 -13.52 -33.75 3.79
CA GLY D 514 -14.00 -34.38 5.02
C GLY D 514 -12.87 -34.61 5.99
N ASP D 515 -12.72 -35.85 6.43
CA ASP D 515 -11.67 -36.22 7.36
C ASP D 515 -10.44 -36.75 6.66
N GLU D 516 -10.33 -36.55 5.36
CA GLU D 516 -9.08 -36.78 4.65
C GLU D 516 -8.28 -35.48 4.61
N LEU D 517 -6.98 -35.63 4.43
CA LEU D 517 -6.08 -34.48 4.38
C LEU D 517 -5.03 -34.72 3.30
N ILE D 518 -4.36 -33.64 2.94
CA ILE D 518 -3.26 -33.66 1.98
C ILE D 518 -1.97 -33.41 2.75
N ILE D 519 -0.95 -34.22 2.48
CA ILE D 519 0.38 -34.04 3.04
C ILE D 519 1.32 -33.69 1.89
N LEU D 520 2.02 -32.57 2.03
CA LEU D 520 3.07 -32.17 1.10
C LEU D 520 4.39 -32.22 1.84
N GLU D 521 5.23 -33.19 1.50
CA GLU D 521 6.59 -33.25 2.01
C GLU D 521 7.54 -32.69 0.97
N ASN D 522 8.57 -31.98 1.43
CA ASN D 522 9.41 -31.19 0.54
C ASN D 522 10.07 -32.05 -0.54
N THR D 523 10.37 -33.32 -0.24
CA THR D 523 11.12 -34.17 -1.15
C THR D 523 10.26 -35.30 -1.74
N LEU D 524 8.94 -35.19 -1.65
CA LEU D 524 8.05 -36.23 -2.12
C LEU D 524 6.96 -35.64 -3.00
N LYS D 525 6.17 -36.54 -3.59
CA LYS D 525 4.98 -36.15 -4.32
C LYS D 525 3.82 -35.99 -3.35
N PRO D 526 2.74 -35.34 -3.76
CA PRO D 526 1.60 -35.15 -2.85
C PRO D 526 1.09 -36.49 -2.31
N ILE D 527 0.60 -36.45 -1.08
CA ILE D 527 0.01 -37.62 -0.43
C ILE D 527 -1.39 -37.26 0.01
N LYS D 528 -2.33 -38.17 -0.19
CA LYS D 528 -3.69 -38.02 0.32
C LYS D 528 -3.94 -39.14 1.32
N CYS D 529 -4.25 -38.78 2.56
CA CYS D 529 -4.44 -39.80 3.59
C CYS D 529 -5.61 -39.40 4.47
N HIS D 530 -5.87 -40.23 5.47
CA HIS D 530 -6.93 -39.97 6.44
C HIS D 530 -6.34 -39.36 7.71
N LYS D 531 -7.13 -38.51 8.36
CA LYS D 531 -6.72 -37.94 9.62
C LYS D 531 -6.42 -39.05 10.63
N ALA D 532 -5.42 -38.81 11.47
CA ALA D 532 -5.07 -39.76 12.51
C ALA D 532 -5.95 -39.55 13.74
N LEU D 533 -7.26 -39.73 13.53
CA LEU D 533 -8.23 -39.57 14.60
C LEU D 533 -7.90 -40.51 15.75
N TYR D 534 -7.87 -39.97 16.97
CA TYR D 534 -7.54 -40.78 18.14
C TYR D 534 -8.74 -41.50 18.70
N TYR D 535 -9.95 -40.92 18.61
CA TYR D 535 -11.10 -41.44 19.32
C TYR D 535 -11.68 -42.69 18.69
N ASP D 536 -11.25 -43.07 17.49
CA ASP D 536 -11.75 -44.27 16.83
C ASP D 536 -10.67 -45.34 16.65
N ASP D 537 -9.45 -45.09 17.12
CA ASP D 537 -8.35 -46.00 16.88
C ASP D 537 -7.89 -46.62 18.18
N PRO D 538 -7.94 -47.95 18.33
CA PRO D 538 -7.43 -48.58 19.54
C PRO D 538 -5.97 -48.26 19.82
N PHE D 539 -5.20 -47.86 18.81
CA PHE D 539 -3.82 -47.44 19.04
C PHE D 539 -3.73 -46.32 20.06
N PHE D 540 -4.75 -45.47 20.15
CA PHE D 540 -4.81 -44.40 21.13
C PHE D 540 -5.81 -44.65 22.24
N THR D 541 -6.96 -45.24 21.92
CA THR D 541 -7.95 -45.51 22.97
C THR D 541 -7.45 -46.57 23.95
N ASP D 542 -6.54 -47.45 23.52
CA ASP D 542 -5.95 -48.39 24.47
C ASP D 542 -5.16 -47.65 25.55
N GLU D 543 -4.34 -46.68 25.15
CA GLU D 543 -3.60 -45.89 26.12
C GLU D 543 -4.51 -44.97 26.92
N LEU D 544 -5.65 -44.56 26.35
CA LEU D 544 -6.58 -43.69 27.06
C LEU D 544 -7.51 -44.45 28.00
N ILE D 545 -7.66 -45.77 27.83
CA ILE D 545 -8.53 -46.58 28.67
C ILE D 545 -7.68 -47.29 29.72
N LYS D 546 -6.43 -47.57 29.39
CA LYS D 546 -5.49 -48.12 30.36
C LYS D 546 -5.27 -47.18 31.54
N VAL D 547 -5.60 -45.90 31.37
CA VAL D 547 -5.31 -44.88 32.36
C VAL D 547 -6.52 -44.61 33.27
N SER D 548 -7.72 -44.66 32.71
CA SER D 548 -8.91 -44.34 33.49
C SER D 548 -9.57 -45.61 33.99
N PRO D 549 -9.81 -45.72 35.29
CA PRO D 549 -10.47 -46.94 35.81
C PRO D 549 -11.85 -47.19 35.25
N SER D 550 -12.68 -46.15 35.11
CA SER D 550 -14.05 -46.38 34.64
C SER D 550 -14.09 -46.64 33.13
N LEU D 551 -13.24 -45.97 32.37
CA LEU D 551 -13.10 -46.32 30.96
C LEU D 551 -12.69 -47.78 30.81
N SER D 552 -11.87 -48.29 31.73
CA SER D 552 -11.55 -49.71 31.75
C SER D 552 -12.74 -50.54 32.19
N LYS D 553 -13.60 -49.99 33.06
CA LYS D 553 -14.78 -50.73 33.50
C LYS D 553 -15.81 -50.86 32.38
N LYS D 554 -15.83 -49.91 31.45
CA LYS D 554 -16.83 -49.90 30.39
C LYS D 554 -16.32 -50.47 29.08
N TYR D 555 -15.17 -50.01 28.60
CA TYR D 555 -14.65 -50.37 27.29
C TYR D 555 -13.51 -51.37 27.41
N LYS D 556 -13.42 -52.25 26.41
CA LYS D 556 -12.44 -53.32 26.40
C LYS D 556 -11.20 -52.90 25.61
N LEU D 557 -10.03 -53.31 26.09
CA LEU D 557 -8.78 -52.99 25.43
C LEU D 557 -8.66 -53.74 24.11
N GLY D 558 -7.98 -53.11 23.15
CA GLY D 558 -7.80 -53.68 21.83
C GLY D 558 -9.01 -53.59 20.91
N LYS D 559 -10.14 -53.10 21.41
CA LYS D 559 -11.35 -52.96 20.61
C LYS D 559 -11.64 -51.48 20.36
N VAL D 560 -12.25 -51.20 19.21
CA VAL D 560 -12.71 -49.85 18.91
C VAL D 560 -13.85 -49.54 19.87
N PRO D 561 -13.76 -48.50 20.68
CA PRO D 561 -14.84 -48.19 21.62
C PRO D 561 -16.09 -47.77 20.88
N ASN D 562 -17.22 -47.91 21.56
CA ASN D 562 -18.51 -47.53 20.99
C ASN D 562 -18.50 -46.07 20.58
N GLN D 563 -18.56 -45.81 19.27
CA GLN D 563 -18.40 -44.46 18.77
C GLN D 563 -19.53 -43.54 19.23
N ALA D 564 -20.69 -44.09 19.58
CA ALA D 564 -21.79 -43.24 20.03
C ALA D 564 -21.59 -42.72 21.44
N THR D 565 -20.79 -43.40 22.27
CA THR D 565 -20.67 -43.04 23.68
C THR D 565 -19.24 -42.85 24.16
N PHE D 566 -18.22 -43.10 23.34
CA PHE D 566 -16.86 -43.06 23.85
C PHE D 566 -16.42 -41.63 24.16
N TYR D 567 -16.70 -40.68 23.27
CA TYR D 567 -16.28 -39.31 23.49
C TYR D 567 -16.96 -38.70 24.71
N ASP D 568 -18.26 -38.99 24.89
CA ASP D 568 -18.99 -38.44 26.02
C ASP D 568 -18.50 -39.01 27.34
N ASP D 569 -18.37 -40.34 27.42
CA ASP D 569 -17.83 -40.96 28.62
C ASP D 569 -16.40 -40.51 28.86
N LEU D 570 -15.65 -40.18 27.79
CA LEU D 570 -14.31 -39.65 27.96
C LEU D 570 -14.34 -38.27 28.60
N GLN D 571 -15.22 -37.39 28.14
CA GLN D 571 -15.36 -36.09 28.78
C GLN D 571 -15.80 -36.24 30.23
N ALA D 572 -16.68 -37.20 30.51
CA ALA D 572 -17.10 -37.46 31.88
C ALA D 572 -15.93 -37.86 32.76
N ALA D 573 -15.13 -38.84 32.30
CA ALA D 573 -13.96 -39.26 33.07
C ALA D 573 -12.94 -38.14 33.17
N LYS D 574 -12.92 -37.22 32.20
CA LYS D 574 -11.98 -36.11 32.25
C LYS D 574 -12.39 -35.09 33.30
N THR D 575 -13.70 -34.85 33.44
CA THR D 575 -14.16 -33.90 34.45
C THR D 575 -13.84 -34.38 35.85
N ARG D 576 -13.71 -35.70 36.05
CA ARG D 576 -13.22 -36.23 37.31
C ARG D 576 -11.70 -36.28 37.38
N GLY D 577 -11.01 -35.78 36.37
CA GLY D 577 -9.56 -35.62 36.43
C GLY D 577 -8.75 -36.90 36.32
N GLU D 578 -9.29 -37.92 35.65
CA GLU D 578 -8.55 -39.17 35.50
C GLU D 578 -7.57 -39.13 34.34
N LEU D 579 -7.91 -38.42 33.27
CA LEU D 579 -7.01 -38.25 32.14
C LEU D 579 -6.07 -37.06 32.31
N SER D 580 -6.15 -36.37 33.45
CA SER D 580 -5.35 -35.19 33.71
C SER D 580 -4.05 -35.53 34.41
N TYR D 581 -3.08 -34.63 34.28
CA TYR D 581 -1.85 -34.72 35.04
C TYR D 581 -2.14 -34.57 36.53
N ASP D 582 -1.24 -35.10 37.35
CA ASP D 582 -1.35 -34.94 38.80
C ASP D 582 -1.13 -33.48 39.16
N LYS D 583 -2.21 -32.79 39.54
CA LYS D 583 -2.14 -31.37 39.86
C LYS D 583 -1.56 -31.11 41.25
N SER D 584 -1.26 -32.15 42.02
CA SER D 584 -0.73 -31.98 43.36
C SER D 584 0.66 -31.36 43.37
N LEU D 585 1.43 -31.53 42.29
CA LEU D 585 2.80 -31.05 42.22
C LEU D 585 2.92 -29.64 41.65
N VAL D 586 1.80 -28.98 41.35
CA VAL D 586 1.81 -27.63 40.78
C VAL D 586 1.81 -26.63 41.94
N PRO D 587 2.82 -25.78 42.06
CA PRO D 587 2.88 -24.85 43.19
C PRO D 587 1.71 -23.89 43.19
N VAL D 588 1.27 -23.54 44.40
CA VAL D 588 0.15 -22.62 44.61
C VAL D 588 0.65 -21.42 45.39
N GLY D 589 0.37 -20.22 44.88
CA GLY D 589 0.70 -18.98 45.55
C GLY D 589 -0.54 -18.25 46.02
N SER D 590 -0.30 -17.13 46.70
CA SER D 590 -1.39 -16.31 47.22
C SER D 590 -0.87 -14.90 47.47
N SER D 591 -1.68 -13.91 47.10
CA SER D 591 -1.35 -12.51 47.32
C SER D 591 -1.79 -12.08 48.71
N GLU D 592 -0.90 -11.41 49.43
CA GLU D 592 -1.20 -10.94 50.78
C GLU D 592 -0.33 -9.73 51.14
N ASP E 26 8.73 -27.94 -35.60
CA ASP E 26 7.57 -27.07 -35.47
C ASP E 26 7.70 -26.15 -34.26
N ASP E 27 7.10 -24.96 -34.35
CA ASP E 27 7.16 -24.02 -33.24
C ASP E 27 5.92 -23.12 -33.16
N LEU E 28 4.79 -23.55 -33.70
CA LEU E 28 3.57 -22.74 -33.64
C LEU E 28 3.06 -22.58 -32.22
N PHE E 29 3.48 -23.44 -31.30
CA PHE E 29 3.05 -23.39 -29.91
C PHE E 29 4.23 -23.16 -28.97
N GLY E 30 5.28 -22.52 -29.47
CA GLY E 30 6.46 -22.27 -28.68
C GLY E 30 7.69 -22.98 -29.23
N SER E 31 8.88 -22.44 -28.93
CA SER E 31 10.12 -23.02 -29.41
C SER E 31 11.06 -23.37 -28.26
N ALA E 32 10.52 -23.55 -27.05
CA ALA E 32 11.36 -23.81 -25.89
C ALA E 32 12.08 -25.13 -26.02
N SER E 33 13.31 -25.19 -25.51
CA SER E 33 14.13 -26.39 -25.59
C SER E 33 15.30 -26.26 -24.62
N TRP E 34 15.84 -27.40 -24.24
CA TRP E 34 17.07 -27.43 -23.46
C TRP E 34 18.26 -27.08 -24.33
N GLU E 35 19.32 -26.60 -23.68
CA GLU E 35 20.51 -26.20 -24.42
C GLU E 35 21.17 -27.40 -25.07
N THR E 36 21.71 -27.19 -26.27
CA THR E 36 22.33 -28.27 -27.01
C THR E 36 23.71 -28.60 -26.44
N GLU E 37 24.12 -29.86 -26.64
CA GLU E 37 25.45 -30.28 -26.21
C GLU E 37 26.53 -29.43 -26.89
N GLU E 38 26.30 -29.01 -28.12
CA GLU E 38 27.28 -28.21 -28.84
C GLU E 38 27.50 -26.85 -28.18
N LYS E 39 26.40 -26.14 -27.91
CA LYS E 39 26.51 -24.85 -27.22
C LYS E 39 27.05 -25.03 -25.81
N MET E 40 26.71 -26.15 -25.16
CA MET E 40 27.25 -26.42 -23.83
C MET E 40 28.75 -26.63 -23.86
N ILE E 41 29.27 -27.24 -24.94
CA ILE E 41 30.71 -27.36 -25.11
C ILE E 41 31.33 -26.00 -25.39
N LYS E 42 30.67 -25.19 -26.23
CA LYS E 42 31.19 -23.87 -26.54
C LYS E 42 31.25 -22.98 -25.29
N ALA E 43 30.31 -23.15 -24.36
CA ALA E 43 30.31 -22.38 -23.12
C ALA E 43 31.27 -22.94 -22.08
N LYS E 44 32.10 -23.92 -22.45
CA LYS E 44 33.07 -24.54 -21.55
C LYS E 44 32.41 -25.22 -20.35
N LEU E 45 31.10 -25.48 -20.42
CA LEU E 45 30.42 -26.21 -19.35
C LEU E 45 30.70 -27.71 -19.42
N ILE E 46 31.00 -28.23 -20.61
CA ILE E 46 31.34 -29.62 -20.84
C ILE E 46 32.37 -29.69 -21.96
N THR E 47 32.98 -30.86 -22.10
CA THR E 47 34.01 -31.11 -23.10
C THR E 47 33.58 -32.25 -24.02
N PRO E 48 34.19 -32.36 -25.21
CA PRO E 48 33.82 -33.47 -26.11
C PRO E 48 34.00 -34.85 -25.49
N ASN E 49 34.94 -35.01 -24.56
CA ASN E 49 35.09 -36.23 -23.77
C ASN E 49 34.92 -35.84 -22.31
N ASN E 50 33.65 -35.69 -21.90
CA ASN E 50 33.37 -35.05 -20.61
C ASN E 50 33.77 -35.95 -19.43
N LYS E 51 33.49 -37.26 -19.53
CA LYS E 51 33.83 -38.17 -18.45
C LYS E 51 35.33 -38.21 -18.18
N LYS E 52 36.16 -37.75 -19.13
CA LYS E 52 37.60 -37.68 -18.95
C LYS E 52 38.11 -36.24 -18.95
N ARG E 53 37.24 -35.27 -18.71
CA ARG E 53 37.64 -33.87 -18.77
C ARG E 53 38.69 -33.56 -17.72
N ALA E 54 39.59 -32.64 -18.06
CA ALA E 54 40.77 -32.36 -17.25
C ALA E 54 40.47 -31.52 -16.00
N PHE E 55 39.37 -30.78 -15.99
CA PHE E 55 39.09 -29.79 -14.95
C PHE E 55 40.26 -28.82 -14.80
N ASP E 56 40.65 -28.22 -15.93
CA ASP E 56 41.80 -27.34 -16.01
C ASP E 56 41.41 -25.87 -16.20
N LYS E 57 40.14 -25.53 -15.97
CA LYS E 57 39.68 -24.15 -16.09
C LYS E 57 39.07 -23.65 -14.79
N ARG E 58 39.49 -24.24 -13.67
CA ARG E 58 39.04 -23.82 -12.34
C ARG E 58 37.52 -23.81 -12.24
N GLU E 59 36.90 -24.84 -12.80
CA GLU E 59 35.45 -24.89 -12.93
C GLU E 59 34.80 -25.35 -11.63
N VAL E 60 33.54 -24.92 -11.46
CA VAL E 60 32.73 -25.26 -10.30
C VAL E 60 31.63 -26.20 -10.76
N ILE E 61 31.59 -27.41 -10.17
CA ILE E 61 30.59 -28.39 -10.55
C ILE E 61 29.21 -27.92 -10.10
N VAL E 62 28.25 -27.93 -11.02
CA VAL E 62 26.89 -27.47 -10.72
C VAL E 62 25.87 -28.51 -11.11
N GLY E 63 26.32 -29.69 -11.48
CA GLY E 63 25.41 -30.76 -11.88
C GLY E 63 26.14 -31.82 -12.67
N ARG E 64 25.40 -32.90 -12.94
CA ARG E 64 25.94 -34.03 -13.68
C ARG E 64 24.88 -34.59 -14.62
N ARG E 65 25.34 -35.20 -15.71
CA ARG E 65 24.50 -35.98 -16.60
C ARG E 65 24.60 -37.46 -16.31
N GLY E 66 25.34 -37.83 -15.28
CA GLY E 66 25.57 -39.22 -14.94
C GLY E 66 26.78 -39.31 -14.02
N LEU E 67 27.03 -40.53 -13.55
CA LEU E 67 28.17 -40.77 -12.68
C LEU E 67 29.47 -40.38 -13.39
N GLY E 68 30.15 -39.36 -12.88
CA GLY E 68 31.40 -38.93 -13.47
C GLY E 68 31.26 -38.18 -14.77
N ASP E 69 30.14 -37.50 -14.99
CA ASP E 69 29.87 -36.75 -16.22
C ASP E 69 29.22 -35.44 -15.79
N PHE E 70 30.03 -34.43 -15.51
CA PHE E 70 29.59 -33.24 -14.78
C PHE E 70 29.48 -32.02 -15.69
N ILE E 71 28.56 -31.14 -15.32
CA ILE E 71 28.47 -29.79 -15.86
C ILE E 71 29.18 -28.86 -14.89
N ALA E 72 30.10 -28.05 -15.39
CA ALA E 72 30.95 -27.25 -14.52
C ALA E 72 31.19 -25.87 -15.13
N TYR E 73 31.10 -24.84 -14.30
CA TYR E 73 31.19 -23.45 -14.71
C TYR E 73 32.64 -22.99 -14.71
N ALA E 74 33.11 -22.54 -15.86
CA ALA E 74 34.44 -21.95 -16.00
C ALA E 74 34.33 -20.43 -15.92
N GLY E 75 35.39 -19.72 -16.34
CA GLY E 75 35.34 -18.28 -16.30
C GLY E 75 35.36 -17.73 -14.87
N GLN E 76 34.97 -16.47 -14.75
CA GLN E 76 34.96 -15.77 -13.48
C GLN E 76 33.58 -15.45 -12.95
N ALA E 77 32.53 -15.79 -13.68
CA ALA E 77 31.18 -15.40 -13.29
C ALA E 77 30.73 -16.14 -12.02
N PHE E 78 29.71 -15.58 -11.37
CA PHE E 78 29.26 -16.02 -10.06
C PHE E 78 28.03 -16.92 -10.17
N ILE E 79 27.82 -17.71 -9.12
CA ILE E 79 26.75 -18.70 -9.07
C ILE E 79 25.82 -18.38 -7.92
N GLY E 80 24.52 -18.50 -8.16
CA GLY E 80 23.52 -18.51 -7.11
C GLY E 80 22.81 -19.85 -7.08
N LEU E 81 22.36 -20.25 -5.90
CA LEU E 81 21.70 -21.54 -5.72
C LEU E 81 20.51 -21.37 -4.79
N ILE E 82 19.30 -21.50 -5.36
CA ILE E 82 18.08 -21.53 -4.56
C ILE E 82 17.80 -22.99 -4.23
N ALA E 83 18.11 -23.35 -2.98
CA ALA E 83 17.97 -24.71 -2.47
C ALA E 83 17.21 -24.64 -1.16
N PRO E 84 15.91 -24.92 -1.15
CA PRO E 84 15.16 -24.87 0.11
C PRO E 84 15.57 -25.97 1.07
N THR E 85 14.98 -26.00 2.25
CA THR E 85 15.36 -26.98 3.25
C THR E 85 15.22 -28.40 2.70
N ARG E 86 16.25 -29.22 2.98
CA ARG E 86 16.26 -30.63 2.62
C ARG E 86 16.30 -30.85 1.10
N SER E 87 16.96 -29.95 0.37
CA SER E 87 17.12 -30.11 -1.06
C SER E 87 18.52 -30.62 -1.45
N GLY E 88 19.41 -30.77 -0.48
CA GLY E 88 20.73 -31.31 -0.76
C GLY E 88 21.75 -30.31 -1.26
N LYS E 89 21.74 -29.10 -0.70
CA LYS E 89 22.75 -28.11 -1.09
C LYS E 89 24.15 -28.56 -0.71
N GLY E 90 24.28 -29.35 0.35
CA GLY E 90 25.57 -29.84 0.77
C GLY E 90 26.06 -31.01 -0.06
N VAL E 91 25.24 -32.07 -0.12
CA VAL E 91 25.65 -33.28 -0.81
C VAL E 91 25.69 -33.12 -2.32
N GLY E 92 25.07 -32.06 -2.85
CA GLY E 92 24.97 -31.91 -4.29
C GLY E 92 25.67 -30.69 -4.85
N PHE E 93 26.26 -29.86 -3.98
CA PHE E 93 26.98 -28.67 -4.44
C PHE E 93 28.17 -28.33 -3.56
N ILE E 94 27.94 -28.22 -2.25
CA ILE E 94 29.02 -27.82 -1.34
C ILE E 94 30.08 -28.92 -1.27
N MET E 95 29.68 -30.11 -0.85
CA MET E 95 30.64 -31.21 -0.75
C MET E 95 31.31 -31.56 -2.08
N PRO E 96 30.61 -31.67 -3.21
CA PRO E 96 31.32 -32.02 -4.46
C PRO E 96 32.42 -31.03 -4.81
N ASN E 97 32.17 -29.72 -4.66
CA ASN E 97 33.19 -28.75 -5.00
C ASN E 97 34.27 -28.68 -3.93
N MET E 98 33.92 -28.90 -2.66
CA MET E 98 34.94 -29.00 -1.63
C MET E 98 35.87 -30.17 -1.88
N ILE E 99 35.37 -31.22 -2.53
CA ILE E 99 36.22 -32.36 -2.86
C ILE E 99 36.99 -32.13 -4.15
N ASN E 100 36.41 -31.41 -5.12
CA ASN E 100 36.94 -31.37 -6.48
C ASN E 100 37.63 -30.06 -6.85
N TYR E 101 37.25 -28.92 -6.29
CA TYR E 101 37.80 -27.66 -6.72
C TYR E 101 39.31 -27.60 -6.46
N PRO E 102 40.13 -27.23 -7.45
CA PRO E 102 41.59 -27.32 -7.28
C PRO E 102 42.23 -26.05 -6.73
N GLN E 103 41.56 -24.91 -6.84
CA GLN E 103 42.13 -23.65 -6.38
C GLN E 103 41.78 -23.42 -4.91
N ASN E 104 41.93 -22.19 -4.43
CA ASN E 104 41.65 -21.87 -3.04
C ASN E 104 40.15 -21.74 -2.80
N ILE E 105 39.74 -22.09 -1.58
CA ILE E 105 38.33 -22.07 -1.19
C ILE E 105 38.19 -21.32 0.12
N VAL E 106 37.15 -20.48 0.21
CA VAL E 106 36.69 -19.93 1.47
C VAL E 106 35.24 -20.38 1.63
N VAL E 107 34.98 -21.19 2.66
CA VAL E 107 33.67 -21.81 2.83
C VAL E 107 33.11 -21.41 4.20
N PHE E 108 31.86 -20.96 4.21
CA PHE E 108 31.15 -20.69 5.46
C PHE E 108 30.59 -22.00 5.98
N ASP E 109 31.08 -22.45 7.14
CA ASP E 109 30.76 -23.75 7.72
C ASP E 109 30.13 -23.54 9.08
N PRO E 110 28.87 -23.10 9.14
CA PRO E 110 28.28 -22.77 10.45
C PRO E 110 28.05 -23.99 11.32
N LYS E 111 27.66 -25.11 10.74
CA LYS E 111 27.44 -26.35 11.49
C LYS E 111 28.70 -27.17 11.68
N ALA E 112 29.84 -26.70 11.14
CA ALA E 112 31.14 -27.34 11.32
C ALA E 112 31.13 -28.79 10.82
N ASP E 113 30.49 -29.00 9.68
CA ASP E 113 30.47 -30.31 9.02
C ASP E 113 31.20 -30.34 7.70
N THR E 114 31.20 -29.23 6.96
CA THR E 114 31.92 -29.18 5.69
C THR E 114 33.40 -29.47 5.89
N MET E 115 34.04 -28.69 6.76
CA MET E 115 35.47 -28.87 6.98
C MET E 115 35.77 -30.20 7.65
N GLU E 116 34.95 -30.61 8.62
CA GLU E 116 35.15 -31.90 9.26
C GLU E 116 35.09 -33.06 8.27
N THR E 117 34.45 -32.88 7.13
CA THR E 117 34.38 -33.92 6.11
C THR E 117 35.44 -33.79 5.02
N CYS E 118 35.86 -32.56 4.67
CA CYS E 118 36.72 -32.37 3.52
C CYS E 118 38.09 -31.77 3.83
N GLY E 119 38.46 -31.63 5.11
CA GLY E 119 39.71 -30.97 5.43
C GLY E 119 40.93 -31.78 5.04
N LYS E 120 40.94 -33.06 5.42
CA LYS E 120 42.06 -33.93 5.03
C LYS E 120 42.16 -34.05 3.52
N ILE E 121 41.05 -33.87 2.81
CA ILE E 121 41.08 -33.91 1.35
C ILE E 121 41.72 -32.64 0.81
N ARG E 122 41.33 -31.48 1.35
CA ARG E 122 41.98 -30.23 0.95
C ARG E 122 43.47 -30.26 1.27
N GLU E 123 43.86 -30.97 2.32
CA GLU E 123 45.26 -30.98 2.74
C GLU E 123 46.10 -31.95 1.92
N LYS E 124 45.62 -33.19 1.78
CA LYS E 124 46.43 -34.22 1.12
C LYS E 124 46.32 -34.15 -0.39
N ARG E 125 45.11 -33.98 -0.93
CA ARG E 125 44.93 -34.01 -2.37
C ARG E 125 45.46 -32.74 -3.03
N PHE E 126 45.14 -31.58 -2.47
CA PHE E 126 45.46 -30.30 -3.08
C PHE E 126 46.61 -29.58 -2.40
N ASN E 127 47.22 -30.16 -1.38
CA ASN E 127 48.39 -29.58 -0.70
C ASN E 127 48.11 -28.16 -0.24
N GLN E 128 46.97 -27.97 0.41
CA GLN E 128 46.54 -26.66 0.85
C GLN E 128 46.55 -26.59 2.37
N LYS E 129 47.03 -25.47 2.90
CA LYS E 129 46.96 -25.22 4.33
C LYS E 129 45.52 -24.86 4.71
N VAL E 130 45.04 -25.46 5.79
CA VAL E 130 43.67 -25.24 6.26
C VAL E 130 43.70 -24.21 7.38
N PHE E 131 42.84 -23.21 7.27
CA PHE E 131 42.68 -22.19 8.30
C PHE E 131 41.24 -22.22 8.80
N ILE E 132 41.07 -22.44 10.09
CA ILE E 132 39.76 -22.53 10.72
C ILE E 132 39.58 -21.28 11.57
N TYR E 133 38.54 -20.50 11.26
CA TYR E 133 38.22 -19.28 11.98
C TYR E 133 36.91 -19.52 12.73
N GLU E 134 37.03 -19.97 13.99
CA GLU E 134 35.90 -20.27 14.85
C GLU E 134 35.94 -19.32 16.04
N PRO E 135 35.33 -18.14 15.92
CA PRO E 135 35.54 -17.10 16.94
C PRO E 135 34.99 -17.44 18.32
N PHE E 136 34.09 -18.42 18.43
CA PHE E 136 33.52 -18.78 19.72
C PHE E 136 34.17 -20.02 20.32
N SER E 137 35.32 -20.43 19.81
CA SER E 137 36.08 -21.54 20.36
C SER E 137 37.53 -21.10 20.50
N LEU E 138 38.14 -21.40 21.64
CA LEU E 138 39.53 -21.02 21.86
C LEU E 138 40.46 -21.72 20.86
N LYS E 139 40.08 -22.90 20.39
CA LYS E 139 40.83 -23.59 19.33
C LYS E 139 40.40 -23.00 18.00
N THR E 140 41.06 -21.91 17.61
CA THR E 140 40.75 -21.23 16.35
C THR E 140 41.97 -20.46 15.90
N HIS E 141 42.02 -20.19 14.60
CA HIS E 141 43.00 -19.25 14.08
C HIS E 141 42.54 -17.82 14.37
N ARG E 142 43.51 -16.92 14.38
CA ARG E 142 43.29 -15.55 14.85
C ARG E 142 43.37 -14.57 13.69
N PHE E 143 42.53 -13.54 13.75
CA PHE E 143 42.45 -12.52 12.71
C PHE E 143 42.57 -11.15 13.36
N ASN E 144 43.60 -10.40 12.95
CA ASN E 144 43.86 -9.07 13.49
C ASN E 144 43.83 -8.05 12.36
N PRO E 145 42.88 -7.11 12.34
CA PRO E 145 42.88 -6.11 11.27
C PRO E 145 44.07 -5.18 11.29
N PHE E 146 44.62 -4.89 12.46
CA PHE E 146 45.76 -3.98 12.53
C PHE E 146 47.02 -4.58 11.93
N ALA E 147 47.06 -5.89 11.73
CA ALA E 147 48.17 -6.49 10.99
C ALA E 147 48.19 -6.05 9.54
N TYR E 148 47.06 -5.57 9.02
CA TYR E 148 46.97 -5.10 7.65
C TYR E 148 47.22 -3.60 7.53
N VAL E 149 47.89 -2.99 8.50
CA VAL E 149 48.23 -1.58 8.49
C VAL E 149 49.75 -1.45 8.61
N ASP E 150 50.35 -0.69 7.70
CA ASP E 150 51.79 -0.47 7.72
C ASP E 150 52.10 0.61 8.75
N PHE E 151 52.79 0.22 9.82
CA PHE E 151 53.13 1.15 10.89
C PHE E 151 54.55 1.70 10.79
N GLY E 152 55.42 1.06 10.02
CA GLY E 152 56.79 1.51 9.87
C GLY E 152 57.23 1.66 8.43
N ASP E 180 48.61 7.46 3.24
CA ASP E 180 48.72 6.00 3.22
C ASP E 180 48.36 5.42 4.58
N PHE E 181 49.17 5.74 5.59
CA PHE E 181 48.89 5.38 6.96
C PHE E 181 47.50 5.85 7.37
N SER E 182 47.30 7.18 7.40
CA SER E 182 46.03 7.74 7.85
C SER E 182 44.86 7.25 6.99
N THR E 183 45.11 6.96 5.71
CA THR E 183 44.05 6.42 4.86
C THR E 183 43.64 5.03 5.32
N GLN E 184 44.61 4.14 5.56
CA GLN E 184 44.31 2.82 6.09
C GLN E 184 43.56 2.92 7.41
N ILE E 185 43.97 3.85 8.27
CA ILE E 185 43.37 3.93 9.59
C ILE E 185 41.96 4.49 9.51
N PHE E 186 41.71 5.45 8.61
CA PHE E 186 40.35 5.94 8.46
C PHE E 186 39.44 4.90 7.82
N GLY E 187 39.98 4.08 6.92
CA GLY E 187 39.20 2.94 6.44
C GLY E 187 38.82 2.00 7.56
N LEU E 188 39.81 1.62 8.37
CA LEU E 188 39.52 0.76 9.52
C LEU E 188 38.51 1.41 10.45
N ALA E 189 38.58 2.74 10.63
CA ALA E 189 37.68 3.43 11.54
C ALA E 189 36.27 3.46 11.00
N LYS E 190 36.10 3.77 9.71
CA LYS E 190 34.78 3.69 9.09
C LYS E 190 34.26 2.26 9.11
N LEU E 191 35.14 1.27 9.25
CA LEU E 191 34.68 -0.11 9.39
C LEU E 191 34.25 -0.46 10.81
N VAL E 192 34.98 0.03 11.82
CA VAL E 192 34.74 -0.35 13.21
C VAL E 192 33.33 0.06 13.63
N PHE E 193 33.14 1.33 14.01
CA PHE E 193 31.79 1.84 14.14
C PHE E 193 31.21 2.07 12.75
N PRO E 194 29.90 1.93 12.58
CA PRO E 194 29.33 2.06 11.24
C PRO E 194 28.81 3.47 10.95
N GLU E 195 28.71 3.83 9.66
CA GLU E 195 28.06 5.08 9.30
C GLU E 195 26.58 4.98 9.63
N ARG E 196 26.06 5.99 10.35
CA ARG E 196 24.70 5.97 10.87
C ARG E 196 23.67 5.94 9.75
N PRO E 197 22.91 4.85 9.61
CA PRO E 197 21.82 4.85 8.62
C PRO E 197 20.69 5.79 9.00
N ASN E 198 20.48 6.04 10.29
CA ASN E 198 19.46 6.99 10.72
C ASN E 198 19.88 8.42 10.35
N GLU E 199 21.18 8.72 10.46
CA GLU E 199 21.71 10.06 10.19
C GLU E 199 21.03 11.13 11.04
N LYS E 200 20.53 10.74 12.22
CA LYS E 200 19.85 11.68 13.08
C LYS E 200 20.84 12.62 13.77
N ASP E 201 21.90 12.05 14.36
CA ASP E 201 22.94 12.84 15.02
C ASP E 201 24.29 12.20 14.74
N PRO E 202 24.98 12.64 13.69
CA PRO E 202 26.29 12.07 13.36
C PRO E 202 27.45 12.63 14.16
N PHE E 203 27.19 13.36 15.25
CA PHE E 203 28.28 13.94 16.02
C PHE E 203 29.07 12.86 16.76
N PHE E 204 28.36 11.98 17.48
CA PHE E 204 29.04 10.96 18.28
C PHE E 204 29.83 10.00 17.40
N SER E 205 29.24 9.56 16.29
CA SER E 205 29.91 8.57 15.44
C SER E 205 31.16 9.15 14.79
N ASN E 206 31.07 10.37 14.25
CA ASN E 206 32.23 10.97 13.61
C ASN E 206 33.30 11.35 14.64
N GLN E 207 32.88 11.80 15.82
CA GLN E 207 33.86 12.06 16.87
C GLN E 207 34.56 10.78 17.31
N ALA E 208 33.84 9.65 17.32
CA ALA E 208 34.48 8.38 17.62
C ALA E 208 35.44 7.97 16.52
N ARG E 209 35.08 8.21 15.26
CA ARG E 209 36.01 8.03 14.15
C ARG E 209 37.31 8.78 14.41
N ASN E 210 37.20 10.08 14.68
CA ASN E 210 38.38 10.90 14.87
C ASN E 210 39.17 10.46 16.10
N LEU E 211 38.48 10.04 17.16
CA LEU E 211 39.17 9.56 18.35
C LEU E 211 39.95 8.28 18.06
N PHE E 212 39.35 7.38 17.27
CA PHE E 212 40.05 6.16 16.87
C PHE E 212 41.30 6.49 16.06
N VAL E 213 41.17 7.40 15.09
CA VAL E 213 42.31 7.78 14.28
C VAL E 213 43.41 8.41 15.15
N ILE E 214 43.01 9.28 16.07
CA ILE E 214 43.98 9.91 16.96
C ILE E 214 44.68 8.88 17.83
N ASN E 215 43.91 7.92 18.38
CA ASN E 215 44.49 6.88 19.21
C ASN E 215 45.53 6.08 18.44
N CYS E 216 45.21 5.69 17.21
CA CYS E 216 46.15 4.93 16.40
C CYS E 216 47.39 5.77 16.07
N ASN E 217 47.21 7.06 15.86
CA ASN E 217 48.36 7.92 15.57
C ASN E 217 49.28 8.04 16.79
N ILE E 218 48.70 8.18 17.98
CA ILE E 218 49.52 8.15 19.20
C ILE E 218 50.25 6.83 19.31
N TYR E 219 49.56 5.72 19.00
CA TYR E 219 50.22 4.41 19.06
C TYR E 219 51.45 4.37 18.17
N ARG E 220 51.30 4.81 16.92
CA ARG E 220 52.44 4.76 15.99
C ARG E 220 53.57 5.68 16.45
N ASP E 221 53.23 6.92 16.82
CA ASP E 221 54.26 7.86 17.25
C ASP E 221 54.93 7.42 18.54
N LEU E 222 54.31 6.51 19.30
CA LEU E 222 54.90 6.04 20.54
C LEU E 222 55.70 4.76 20.38
N MET E 223 55.29 3.86 19.46
CA MET E 223 55.90 2.54 19.38
C MET E 223 56.49 2.21 18.02
N TRP E 224 56.30 3.03 17.00
CA TRP E 224 56.86 2.76 15.68
C TRP E 224 57.70 3.92 15.16
N THR E 225 58.22 4.75 16.05
CA THR E 225 59.13 5.82 15.71
C THR E 225 60.43 5.65 16.50
N LYS E 226 61.42 6.48 16.16
CA LYS E 226 62.71 6.40 16.83
C LYS E 226 62.68 7.06 18.21
N LYS E 227 62.09 8.26 18.29
CA LYS E 227 62.00 8.97 19.55
C LYS E 227 60.93 8.40 20.48
N GLY E 228 59.90 7.74 19.92
CA GLY E 228 58.86 7.19 20.75
C GLY E 228 59.32 5.98 21.55
N LEU E 229 60.18 5.15 20.95
CA LEU E 229 60.70 3.98 21.65
C LEU E 229 61.63 4.37 22.79
N GLU E 230 62.11 5.61 22.81
CA GLU E 230 62.84 6.13 23.97
C GLU E 230 61.89 6.69 25.01
N PHE E 231 60.79 7.30 24.58
CA PHE E 231 59.79 7.80 25.53
C PHE E 231 59.11 6.66 26.27
N VAL E 232 58.90 5.53 25.60
CA VAL E 232 58.32 4.37 26.30
C VAL E 232 59.32 3.73 27.25
N LYS E 233 60.62 3.99 27.06
CA LYS E 233 61.64 3.47 27.96
C LYS E 233 61.85 4.37 29.17
N ARG E 234 61.78 5.70 28.98
CA ARG E 234 61.99 6.60 30.10
C ARG E 234 60.81 6.60 31.06
N LYS E 235 59.58 6.58 30.53
CA LYS E 235 58.37 6.65 31.34
C LYS E 235 57.81 5.28 31.70
N LYS E 236 58.40 4.20 31.17
CA LYS E 236 57.93 2.84 31.41
C LYS E 236 56.48 2.67 30.95
N ILE E 237 56.27 2.89 29.66
CA ILE E 237 54.96 2.80 29.04
C ILE E 237 54.69 1.36 28.63
N ILE E 238 53.46 0.90 28.88
CA ILE E 238 53.06 -0.47 28.60
C ILE E 238 52.22 -0.46 27.32
N MET E 239 52.82 -0.91 26.22
CA MET E 239 52.14 -1.02 24.93
C MET E 239 52.70 -2.23 24.20
N PRO E 240 51.89 -2.89 23.37
CA PRO E 240 52.39 -4.02 22.59
C PRO E 240 53.07 -3.55 21.31
N GLU E 241 53.93 -4.42 20.78
CA GLU E 241 54.63 -4.11 19.54
C GLU E 241 53.70 -4.15 18.34
N THR E 242 52.57 -4.83 18.45
CA THR E 242 51.52 -4.84 17.43
C THR E 242 50.18 -4.59 18.10
N PRO E 243 49.35 -3.72 17.52
CA PRO E 243 48.11 -3.33 18.20
C PRO E 243 47.00 -4.34 18.03
N THR E 244 46.16 -4.43 19.06
CA THR E 244 44.97 -5.27 19.06
C THR E 244 43.76 -4.38 19.30
N MET E 245 42.64 -4.71 18.66
CA MET E 245 41.44 -3.90 18.82
C MET E 245 41.04 -3.75 20.28
N PHE E 246 41.31 -4.77 21.10
CA PHE E 246 41.08 -4.64 22.53
C PHE E 246 41.95 -3.53 23.12
N PHE E 247 43.19 -3.44 22.68
CA PHE E 247 44.08 -2.39 23.19
C PHE E 247 43.63 -1.01 22.71
N ILE E 248 43.21 -0.90 21.46
CA ILE E 248 42.76 0.39 20.96
C ILE E 248 41.46 0.80 21.64
N GLY E 249 40.66 -0.16 22.09
CA GLY E 249 39.48 0.18 22.86
C GLY E 249 39.81 0.59 24.28
N SER E 250 40.78 -0.08 24.89
CA SER E 250 41.25 0.32 26.22
C SER E 250 41.97 1.66 26.18
N MET E 251 42.42 2.09 24.99
CA MET E 251 43.05 3.40 24.85
C MET E 251 42.11 4.54 25.21
N ALA E 252 40.80 4.29 25.27
CA ALA E 252 39.87 5.33 25.68
C ALA E 252 40.10 5.79 27.11
N SER E 253 40.68 4.94 27.96
CA SER E 253 40.96 5.33 29.34
C SER E 253 42.23 6.17 29.45
N GLY E 254 43.16 6.03 28.51
CA GLY E 254 44.38 6.81 28.49
C GLY E 254 45.59 5.93 28.33
N ILE E 255 46.74 6.48 28.71
CA ILE E 255 48.03 5.80 28.60
C ILE E 255 48.27 4.99 29.86
N ASN E 256 48.75 3.76 29.68
CA ASN E 256 49.07 2.84 30.76
C ASN E 256 50.58 2.86 30.99
N LEU E 257 50.99 3.21 32.21
CA LEU E 257 52.40 3.40 32.48
C LEU E 257 52.73 2.98 33.91
N ILE E 258 54.03 2.97 34.21
CA ILE E 258 54.55 2.68 35.55
C ILE E 258 55.15 3.98 36.08
N ASP E 259 54.63 4.44 37.23
CA ASP E 259 55.06 5.71 37.79
C ASP E 259 56.50 5.62 38.27
N GLU E 260 57.20 6.76 38.18
CA GLU E 260 58.59 6.84 38.64
C GLU E 260 58.70 7.18 40.12
N ASP E 261 57.64 7.73 40.72
CA ASP E 261 57.65 8.07 42.15
C ASP E 261 57.13 6.89 42.98
N THR E 262 55.82 6.62 42.87
CA THR E 262 55.20 5.59 43.70
C THR E 262 55.72 4.20 43.35
N ASN E 263 55.92 3.93 42.05
CA ASN E 263 56.14 2.60 41.50
C ASN E 263 54.89 1.75 41.60
N MET E 264 53.77 2.27 41.08
CA MET E 264 52.53 1.53 40.95
C MET E 264 51.98 1.75 39.55
N GLU E 265 51.32 0.73 38.99
CA GLU E 265 50.69 0.86 37.68
C GLU E 265 49.71 2.02 37.70
N LYS E 266 49.63 2.75 36.59
CA LYS E 266 48.73 3.88 36.52
C LYS E 266 48.17 4.03 35.11
N VAL E 267 46.97 4.59 35.03
CA VAL E 267 46.33 4.99 33.79
C VAL E 267 46.11 6.49 33.86
N VAL E 268 46.68 7.22 32.91
CA VAL E 268 46.56 8.68 32.86
C VAL E 268 45.77 9.05 31.63
N SER E 269 44.73 9.85 31.82
CA SER E 269 43.89 10.28 30.70
C SER E 269 44.73 11.05 29.68
N LEU E 270 44.41 10.84 28.40
CA LEU E 270 45.15 11.52 27.34
C LEU E 270 45.05 13.03 27.43
N MET E 271 44.02 13.54 28.10
CA MET E 271 43.91 14.98 28.26
C MET E 271 45.06 15.51 29.13
N GLU E 272 45.36 14.83 30.23
CA GLU E 272 46.38 15.31 31.16
C GLU E 272 47.75 14.67 30.96
N PHE E 273 47.93 13.84 29.93
CA PHE E 273 49.25 13.30 29.63
C PHE E 273 49.96 14.02 28.49
N PHE E 274 49.22 14.70 27.62
CA PHE E 274 49.78 15.43 26.48
C PHE E 274 49.26 16.87 26.56
N GLY E 275 49.93 17.69 27.37
CA GLY E 275 49.50 19.05 27.58
C GLY E 275 48.29 19.16 28.49
N GLY E 276 48.45 18.76 29.74
CA GLY E 276 47.38 18.77 30.71
C GLY E 276 47.90 18.97 32.12
N GLU E 277 47.16 18.44 33.10
CA GLU E 277 47.54 18.64 34.49
C GLU E 277 48.77 17.83 34.88
N GLU E 278 48.96 16.67 34.26
CA GLU E 278 50.11 15.82 34.54
C GLU E 278 51.15 15.87 33.42
N ASP E 279 51.20 16.97 32.67
CA ASP E 279 52.18 17.21 31.62
C ASP E 279 52.39 18.72 31.50
N LYS E 280 53.00 19.30 32.53
CA LYS E 280 53.19 20.74 32.62
C LYS E 280 54.52 21.19 32.02
N SER E 281 55.28 20.29 31.40
CA SER E 281 56.57 20.64 30.83
C SER E 281 56.65 20.47 29.33
N GLY E 282 55.64 19.87 28.69
CA GLY E 282 55.70 19.66 27.26
C GLY E 282 56.66 18.58 26.82
N ASP E 283 57.27 17.84 27.75
CA ASP E 283 58.20 16.78 27.38
C ASP E 283 57.49 15.63 26.69
N ASN E 284 56.26 15.32 27.11
CA ASN E 284 55.50 14.25 26.48
C ASN E 284 54.94 14.69 25.12
N LEU E 285 54.41 15.91 25.05
CA LEU E 285 53.82 16.39 23.80
C LEU E 285 54.84 16.45 22.67
N ARG E 286 56.13 16.62 23.00
CA ARG E 286 57.16 16.68 21.97
C ARG E 286 57.30 15.35 21.24
N VAL E 287 57.07 14.23 21.93
CA VAL E 287 57.18 12.92 21.30
C VAL E 287 56.11 12.75 20.22
N LEU E 288 54.93 13.33 20.45
CA LEU E 288 53.86 13.27 19.44
C LEU E 288 54.30 13.97 18.16
N SER E 289 54.04 13.32 17.03
CA SER E 289 54.40 13.88 15.74
C SER E 289 53.64 15.18 15.51
N PRO E 290 54.16 16.07 14.65
CA PRO E 290 53.45 17.32 14.37
C PRO E 290 52.04 17.10 13.85
N ALA E 291 51.86 16.11 12.97
CA ALA E 291 50.52 15.78 12.50
C ALA E 291 49.65 15.29 13.65
N THR E 292 50.21 14.46 14.53
CA THR E 292 49.43 13.96 15.67
C THR E 292 49.06 15.10 16.62
N ARG E 293 49.97 16.05 16.82
CA ARG E 293 49.64 17.23 17.62
C ARG E 293 48.53 18.04 16.95
N ASN E 294 48.55 18.11 15.62
CA ASN E 294 47.46 18.76 14.89
C ASN E 294 46.13 18.09 15.19
N MET E 295 46.07 16.76 15.04
CA MET E 295 44.80 16.06 15.29
C MET E 295 44.37 16.21 16.73
N TRP E 296 45.32 16.21 17.68
CA TRP E 296 44.96 16.34 19.08
C TRP E 296 44.39 17.73 19.39
N ASN E 297 45.04 18.78 18.86
CA ASN E 297 44.51 20.13 19.06
C ASN E 297 43.15 20.30 18.39
N SER E 298 42.96 19.68 17.22
CA SER E 298 41.66 19.76 16.55
C SER E 298 40.58 19.07 17.37
N PHE E 299 40.88 17.87 17.90
CA PHE E 299 39.91 17.18 18.75
C PHE E 299 39.62 18.00 20.00
N LYS E 300 40.63 18.67 20.55
CA LYS E 300 40.41 19.57 21.67
C LYS E 300 39.45 20.69 21.28
N THR E 301 39.58 21.22 20.07
CA THR E 301 38.71 22.27 19.56
C THR E 301 37.49 21.74 18.83
N MET E 302 37.34 20.41 18.70
CA MET E 302 36.21 19.82 18.00
C MET E 302 34.92 19.84 18.79
N GLY E 303 34.95 20.31 20.04
CA GLY E 303 33.76 20.31 20.87
C GLY E 303 33.54 19.00 21.58
N GLY E 304 33.92 17.90 20.93
CA GLY E 304 33.80 16.58 21.53
C GLY E 304 34.79 16.30 22.63
N ALA E 305 35.62 17.26 23.01
CA ALA E 305 36.59 17.09 24.09
C ALA E 305 36.21 17.82 25.37
N ARG E 306 35.31 18.80 25.30
CA ARG E 306 34.92 19.56 26.48
C ARG E 306 33.43 19.53 26.77
N GLU E 307 32.59 19.12 25.82
CA GLU E 307 31.15 19.13 26.01
C GLU E 307 30.52 17.75 26.05
N THR E 308 31.10 16.77 25.38
CA THR E 308 30.52 15.43 25.30
C THR E 308 31.60 14.37 25.38
N TYR E 309 32.63 14.60 26.20
CA TYR E 309 33.69 13.61 26.34
C TYR E 309 33.16 12.33 26.97
N SER E 310 32.31 12.45 27.99
CA SER E 310 31.76 11.27 28.64
C SER E 310 30.90 10.45 27.69
N SER E 311 30.01 11.13 26.94
CA SER E 311 29.12 10.42 26.04
C SER E 311 29.87 9.83 24.85
N VAL E 312 30.84 10.57 24.31
CA VAL E 312 31.64 10.05 23.21
C VAL E 312 32.45 8.85 23.67
N GLN E 313 33.02 8.91 24.86
CA GLN E 313 33.72 7.75 25.41
C GLN E 313 32.77 6.58 25.61
N GLY E 314 31.53 6.86 26.02
CA GLY E 314 30.57 5.79 26.22
C GLY E 314 30.23 5.06 24.93
N VAL E 315 29.97 5.82 23.86
CA VAL E 315 29.64 5.16 22.60
C VAL E 315 30.88 4.51 21.98
N TYR E 316 32.05 5.12 22.16
CA TYR E 316 33.29 4.49 21.69
C TYR E 316 33.54 3.16 22.39
N THR E 317 33.21 3.09 23.68
CA THR E 317 33.35 1.83 24.40
C THR E 317 32.26 0.83 24.01
N SER E 318 31.05 1.32 23.73
CA SER E 318 30.00 0.44 23.23
C SER E 318 30.38 -0.19 21.89
N ALA E 319 31.17 0.53 21.09
CA ALA E 319 31.64 -0.02 19.82
C ALA E 319 32.56 -1.21 20.04
N PHE E 320 33.40 -1.17 21.08
CA PHE E 320 34.33 -2.25 21.37
C PHE E 320 33.80 -3.23 22.39
N ALA E 321 32.57 -3.05 22.85
CA ALA E 321 31.91 -3.98 23.78
C ALA E 321 32.11 -5.46 23.48
N PRO E 322 31.90 -5.97 22.26
CA PRO E 322 32.06 -7.41 22.06
C PRO E 322 33.51 -7.89 22.14
N TYR E 323 34.47 -6.99 22.35
CA TYR E 323 35.87 -7.38 22.42
C TYR E 323 36.33 -7.63 23.84
N ASN E 324 35.51 -7.34 24.85
CA ASN E 324 35.80 -7.79 26.21
C ASN E 324 35.47 -9.26 26.41
N ASN E 325 34.81 -9.89 25.44
CA ASN E 325 34.55 -11.31 25.51
C ASN E 325 35.84 -12.09 25.26
N ALA E 326 36.05 -13.16 26.04
CA ALA E 326 37.29 -13.92 25.92
C ALA E 326 37.42 -14.56 24.56
N MET E 327 36.34 -15.16 24.05
CA MET E 327 36.37 -15.79 22.73
C MET E 327 36.82 -14.79 21.66
N ILE E 328 36.21 -13.60 21.66
CA ILE E 328 36.50 -12.61 20.62
C ILE E 328 37.88 -12.00 20.81
N ARG E 329 38.25 -11.71 22.06
CA ARG E 329 39.58 -11.15 22.31
C ARG E 329 40.67 -12.11 21.88
N ASN E 330 40.48 -13.40 22.14
CA ASN E 330 41.43 -14.39 21.65
C ASN E 330 41.36 -14.52 20.14
N PHE E 331 40.18 -14.34 19.55
CA PHE E 331 40.06 -14.44 18.10
C PHE E 331 40.78 -13.30 17.39
N THR E 332 40.88 -12.13 18.03
CA THR E 332 41.51 -10.97 17.43
C THR E 332 42.86 -10.63 18.08
N SER E 333 43.47 -11.60 18.77
CA SER E 333 44.73 -11.35 19.45
C SER E 333 45.94 -11.44 18.52
N ALA E 334 45.81 -12.15 17.39
CA ALA E 334 46.91 -12.29 16.45
C ALA E 334 46.33 -12.38 15.04
N ASN E 335 47.21 -12.60 14.07
CA ASN E 335 46.81 -12.73 12.66
C ASN E 335 47.62 -13.86 12.05
N ASP E 336 47.01 -15.05 11.98
CA ASP E 336 47.75 -16.24 11.57
C ASP E 336 47.95 -16.33 10.06
N PHE E 337 47.03 -15.78 9.26
CA PHE E 337 47.15 -15.82 7.81
C PHE E 337 46.93 -14.42 7.25
N ASP E 338 47.86 -13.97 6.41
CA ASP E 338 47.74 -12.67 5.78
C ASP E 338 46.87 -12.78 4.55
N PHE E 339 45.76 -12.04 4.53
CA PHE E 339 44.79 -12.15 3.44
C PHE E 339 45.30 -11.53 2.14
N ARG E 340 46.36 -10.73 2.17
CA ARG E 340 46.95 -10.27 0.92
C ARG E 340 47.59 -11.41 0.11
N ARG E 341 47.67 -12.61 0.68
CA ARG E 341 48.16 -13.79 -0.02
C ARG E 341 47.06 -14.82 -0.27
N LEU E 342 45.79 -14.42 -0.16
CA LEU E 342 44.69 -15.34 -0.43
C LEU E 342 44.66 -15.81 -1.87
N ARG E 343 45.28 -15.07 -2.79
CA ARG E 343 45.39 -15.47 -4.18
C ARG E 343 46.83 -15.81 -4.57
N ILE E 344 47.70 -16.01 -3.58
CA ILE E 344 49.11 -16.30 -3.81
C ILE E 344 49.48 -17.68 -3.27
N ASP E 345 49.09 -17.97 -2.03
CA ASP E 345 49.38 -19.25 -1.41
C ASP E 345 48.28 -20.27 -1.73
N GLU E 346 48.57 -21.53 -1.43
CA GLU E 346 47.62 -22.63 -1.59
C GLU E 346 46.97 -22.88 -0.24
N VAL E 347 45.79 -22.30 -0.01
CA VAL E 347 45.12 -22.36 1.27
C VAL E 347 43.63 -22.64 1.08
N SER E 348 43.04 -23.23 2.12
CA SER E 348 41.60 -23.38 2.24
C SER E 348 41.17 -22.84 3.60
N ILE E 349 40.13 -22.02 3.61
CA ILE E 349 39.68 -21.33 4.81
C ILE E 349 38.25 -21.73 5.10
N GLY E 350 38.00 -22.15 6.34
CA GLY E 350 36.65 -22.44 6.77
C GLY E 350 36.24 -21.52 7.89
N VAL E 351 35.09 -20.86 7.75
CA VAL E 351 34.56 -19.95 8.76
C VAL E 351 33.46 -20.68 9.51
N ILE E 352 33.68 -20.92 10.80
CA ILE E 352 32.68 -21.59 11.64
C ILE E 352 32.09 -20.59 12.63
N ALA E 353 30.96 -20.01 12.27
CA ALA E 353 30.32 -19.00 13.11
C ALA E 353 28.82 -19.01 12.84
N ASN E 354 28.06 -18.50 13.80
CA ASN E 354 26.60 -18.45 13.71
C ASN E 354 26.10 -17.13 14.30
N PRO E 355 25.94 -16.10 13.46
CA PRO E 355 25.42 -14.82 13.99
C PRO E 355 24.01 -14.90 14.53
N LYS E 356 23.25 -15.95 14.20
CA LYS E 356 21.90 -16.07 14.74
C LYS E 356 21.90 -16.50 16.20
N GLU E 357 22.90 -17.30 16.61
CA GLU E 357 23.01 -17.68 18.02
C GLU E 357 23.75 -16.62 18.83
N SER E 358 24.67 -15.88 18.20
CA SER E 358 25.48 -14.88 18.87
C SER E 358 25.42 -13.60 18.07
N THR E 359 24.81 -12.55 18.64
CA THR E 359 24.73 -11.28 17.95
C THR E 359 26.06 -10.52 17.95
N ILE E 360 26.97 -10.84 18.88
CA ILE E 360 28.23 -10.11 18.96
C ILE E 360 29.24 -10.60 17.94
N VAL E 361 29.04 -11.78 17.35
CA VAL E 361 29.95 -12.26 16.32
C VAL E 361 29.63 -11.68 14.96
N GLY E 362 28.47 -11.02 14.82
CA GLY E 362 28.08 -10.40 13.58
C GLY E 362 29.05 -9.34 13.08
N PRO E 363 29.31 -8.32 13.90
CA PRO E 363 30.30 -7.31 13.50
C PRO E 363 31.69 -7.89 13.28
N ILE E 364 32.07 -8.90 14.05
CA ILE E 364 33.37 -9.53 13.85
C ILE E 364 33.45 -10.18 12.47
N LEU E 365 32.40 -10.93 12.11
CA LEU E 365 32.35 -11.54 10.78
C LEU E 365 32.34 -10.49 9.69
N GLU E 366 31.63 -9.38 9.92
CA GLU E 366 31.58 -8.31 8.94
C GLU E 366 32.98 -7.74 8.70
N LEU E 367 33.71 -7.44 9.78
CA LEU E 367 35.06 -6.92 9.65
C LEU E 367 35.99 -7.94 8.99
N PHE E 368 35.87 -9.21 9.39
CA PHE E 368 36.65 -10.29 8.81
C PHE E 368 36.48 -10.33 7.28
N PHE E 369 35.23 -10.44 6.82
CA PHE E 369 34.98 -10.53 5.40
C PHE E 369 35.36 -9.24 4.67
N ASN E 370 35.18 -8.08 5.30
CA ASN E 370 35.55 -6.83 4.66
C ASN E 370 37.05 -6.77 4.41
N VAL E 371 37.85 -7.08 5.45
CA VAL E 371 39.29 -7.11 5.27
C VAL E 371 39.67 -8.14 4.21
N MET E 372 39.04 -9.32 4.26
CA MET E 372 39.38 -10.37 3.30
C MET E 372 39.14 -9.92 1.87
N ILE E 373 37.96 -9.40 1.58
CA ILE E 373 37.62 -9.02 0.21
C ILE E 373 38.45 -7.83 -0.24
N TYR E 374 38.70 -6.87 0.66
CA TYR E 374 39.43 -5.67 0.26
C TYR E 374 40.92 -5.92 0.11
N SER E 375 41.48 -6.94 0.77
CA SER E 375 42.89 -7.24 0.58
C SER E 375 43.18 -7.83 -0.80
N ASN E 376 42.17 -8.42 -1.44
CA ASN E 376 42.35 -9.06 -2.74
C ASN E 376 41.74 -8.25 -3.88
N LEU E 377 41.54 -6.96 -3.68
CA LEU E 377 41.05 -6.08 -4.74
C LEU E 377 42.18 -5.51 -5.59
N ILE E 378 43.22 -6.30 -5.83
CA ILE E 378 44.35 -5.90 -6.67
C ILE E 378 44.27 -6.67 -7.98
N LEU E 379 44.43 -5.98 -9.09
CA LEU E 379 44.33 -6.62 -10.39
C LEU E 379 45.44 -7.67 -10.54
N PRO E 380 45.14 -8.82 -11.14
CA PRO E 380 46.22 -9.80 -11.40
C PRO E 380 47.26 -9.30 -12.37
N ILE E 381 46.91 -8.37 -13.26
CA ILE E 381 47.89 -7.78 -14.15
C ILE E 381 48.76 -6.76 -13.43
N HIS E 382 48.27 -6.16 -12.35
CA HIS E 382 49.09 -5.25 -11.55
C HIS E 382 50.04 -6.01 -10.65
N ASP E 383 49.52 -7.01 -9.93
CA ASP E 383 50.34 -7.90 -9.12
C ASP E 383 50.26 -9.30 -9.72
N PRO E 384 51.25 -9.73 -10.51
CA PRO E 384 51.16 -11.04 -11.16
C PRO E 384 51.40 -12.21 -10.22
N GLN E 385 51.73 -11.96 -8.95
CA GLN E 385 51.83 -13.05 -7.99
C GLN E 385 50.47 -13.64 -7.65
N CYS E 386 49.39 -12.89 -7.84
CA CYS E 386 48.04 -13.37 -7.54
C CYS E 386 47.48 -14.12 -8.75
N LYS E 387 48.09 -15.28 -9.02
CA LYS E 387 47.65 -16.13 -10.12
C LYS E 387 46.48 -17.02 -9.74
N ARG E 388 46.27 -17.28 -8.45
CA ARG E 388 45.28 -18.25 -8.01
C ARG E 388 43.91 -17.62 -7.85
N SER E 389 42.88 -18.48 -7.86
CA SER E 389 41.51 -18.07 -7.67
C SER E 389 41.04 -18.45 -6.27
N CYS E 390 40.01 -17.77 -5.80
CA CYS E 390 39.43 -18.03 -4.49
C CYS E 390 37.93 -18.23 -4.65
N LEU E 391 37.48 -19.48 -4.55
CA LEU E 391 36.05 -19.78 -4.60
C LEU E 391 35.46 -19.59 -3.22
N MET E 392 34.56 -18.61 -3.08
CA MET E 392 33.93 -18.34 -1.79
C MET E 392 32.62 -19.09 -1.73
N LEU E 393 32.68 -20.33 -1.22
CA LEU E 393 31.47 -21.13 -1.05
C LEU E 393 30.64 -20.57 0.10
N MET E 394 29.66 -19.72 -0.20
CA MET E 394 28.87 -19.07 0.83
C MET E 394 27.61 -19.89 1.11
N ASP E 395 27.83 -21.05 1.70
CA ASP E 395 26.74 -21.87 2.21
C ASP E 395 26.05 -21.14 3.36
N GLU E 396 24.72 -21.26 3.42
CA GLU E 396 23.92 -20.62 4.45
C GLU E 396 24.23 -19.11 4.50
N PHE E 397 24.06 -18.47 3.35
CA PHE E 397 24.43 -17.07 3.20
C PHE E 397 23.57 -16.17 4.09
N THR E 398 22.25 -16.38 4.08
CA THR E 398 21.35 -15.56 4.87
C THR E 398 21.65 -15.66 6.36
N LEU E 399 22.30 -16.74 6.80
CA LEU E 399 22.65 -16.86 8.22
C LEU E 399 23.66 -15.79 8.64
N CYS E 400 24.46 -15.28 7.71
CA CYS E 400 25.48 -14.30 8.05
C CYS E 400 24.89 -12.95 8.42
N GLY E 401 23.63 -12.70 8.11
CA GLY E 401 23.04 -11.40 8.36
C GLY E 401 23.45 -10.41 7.29
N TYR E 402 23.25 -9.13 7.61
CA TYR E 402 23.59 -8.06 6.67
C TYR E 402 25.10 -7.89 6.60
N LEU E 403 25.68 -8.15 5.44
CA LEU E 403 27.10 -7.97 5.17
C LEU E 403 27.22 -6.88 4.10
N GLU E 404 27.47 -5.65 4.53
CA GLU E 404 27.59 -4.54 3.58
C GLU E 404 28.68 -4.78 2.56
N THR E 405 29.73 -5.52 2.94
CA THR E 405 30.86 -5.73 2.05
C THR E 405 30.45 -6.43 0.77
N PHE E 406 29.64 -7.49 0.89
CA PHE E 406 29.22 -8.22 -0.30
C PHE E 406 28.35 -7.35 -1.21
N VAL E 407 27.40 -6.63 -0.63
CA VAL E 407 26.54 -5.75 -1.43
C VAL E 407 27.37 -4.69 -2.14
N LYS E 408 28.43 -4.21 -1.48
CA LYS E 408 29.22 -3.13 -2.07
C LYS E 408 30.28 -3.63 -3.05
N ALA E 409 30.71 -4.89 -2.95
CA ALA E 409 31.83 -5.37 -3.73
C ALA E 409 31.48 -6.41 -4.79
N VAL E 410 30.31 -7.03 -4.74
CA VAL E 410 30.00 -8.13 -5.64
C VAL E 410 29.99 -7.69 -7.09
N GLY E 411 29.74 -6.41 -7.37
CA GLY E 411 29.69 -5.94 -8.74
C GLY E 411 31.03 -5.78 -9.42
N ILE E 412 32.13 -5.87 -8.68
CA ILE E 412 33.45 -5.65 -9.24
C ILE E 412 34.42 -6.73 -8.76
N MET E 413 33.89 -7.81 -8.20
CA MET E 413 34.74 -8.84 -7.61
C MET E 413 35.23 -9.87 -8.61
N ALA E 414 34.49 -10.10 -9.70
CA ALA E 414 34.80 -11.22 -10.59
C ALA E 414 36.16 -11.06 -11.25
N GLU E 415 36.50 -9.82 -11.64
CA GLU E 415 37.76 -9.60 -12.34
C GLU E 415 38.98 -9.87 -11.47
N TYR E 416 38.82 -9.99 -10.15
CA TYR E 416 39.93 -10.23 -9.24
C TYR E 416 40.01 -11.68 -8.79
N ASN E 417 39.24 -12.58 -9.41
CA ASN E 417 39.21 -14.01 -9.09
C ASN E 417 38.73 -14.28 -7.66
N MET E 418 38.01 -13.34 -7.07
CA MET E 418 37.28 -13.57 -5.84
C MET E 418 35.89 -14.03 -6.27
N ARG E 419 35.72 -15.34 -6.38
CA ARG E 419 34.55 -15.93 -7.03
C ARG E 419 33.63 -16.57 -6.02
N PRO E 420 32.58 -15.89 -5.54
CA PRO E 420 31.68 -16.50 -4.58
C PRO E 420 30.57 -17.29 -5.25
N ALA E 421 30.03 -18.23 -4.48
CA ALA E 421 28.84 -19.00 -4.86
C ALA E 421 27.85 -18.86 -3.72
N PHE E 422 26.78 -18.11 -3.95
CA PHE E 422 25.80 -17.84 -2.91
C PHE E 422 24.74 -18.93 -2.91
N VAL E 423 24.45 -19.47 -1.72
CA VAL E 423 23.43 -20.49 -1.52
C VAL E 423 22.41 -19.94 -0.54
N PHE E 424 21.14 -19.86 -0.95
CA PHE E 424 20.11 -19.40 -0.04
C PHE E 424 18.86 -20.26 -0.19
N GLN E 425 18.01 -20.20 0.84
CA GLN E 425 16.80 -21.02 0.86
C GLN E 425 15.72 -20.47 -0.06
N SER E 426 15.54 -19.16 -0.07
CA SER E 426 14.49 -18.54 -0.88
C SER E 426 14.87 -17.11 -1.19
N LYS E 427 14.29 -16.58 -2.27
CA LYS E 427 14.49 -15.18 -2.61
C LYS E 427 13.99 -14.25 -1.51
N ALA E 428 12.92 -14.65 -0.81
CA ALA E 428 12.39 -13.80 0.26
C ALA E 428 13.35 -13.73 1.44
N GLN E 429 14.05 -14.83 1.74
CA GLN E 429 15.02 -14.80 2.83
C GLN E 429 16.14 -13.82 2.54
N LEU E 430 16.51 -13.66 1.27
CA LEU E 430 17.51 -12.67 0.90
C LEU E 430 16.93 -11.26 0.86
N GLU E 431 15.70 -11.11 0.37
CA GLU E 431 15.03 -9.82 0.30
C GLU E 431 14.59 -9.31 1.65
N ASN E 432 14.71 -10.10 2.71
CA ASN E 432 14.34 -9.65 4.05
C ASN E 432 15.09 -8.38 4.41
N ASP E 433 14.53 -7.64 5.36
CA ASP E 433 15.11 -6.38 5.77
C ASP E 433 16.55 -6.57 6.26
N PRO E 434 17.32 -5.47 6.33
CA PRO E 434 18.75 -5.54 6.71
C PRO E 434 19.04 -6.37 7.96
N PRO E 435 18.39 -6.12 9.13
CA PRO E 435 18.94 -6.69 10.38
C PRO E 435 19.04 -8.21 10.41
N LEU E 436 18.33 -8.92 9.53
CA LEU E 436 18.49 -10.35 9.36
C LEU E 436 18.57 -10.79 7.90
N GLY E 437 18.15 -9.94 6.96
CA GLY E 437 18.32 -10.21 5.54
C GLY E 437 19.19 -9.14 4.90
N TYR E 438 18.92 -8.80 3.64
CA TYR E 438 19.73 -7.85 2.91
C TYR E 438 18.95 -6.70 2.30
N GLY E 439 17.65 -6.61 2.56
CA GLY E 439 16.83 -5.60 1.91
C GLY E 439 16.57 -5.91 0.46
N ARG E 440 15.53 -5.27 -0.07
CA ARG E 440 15.16 -5.50 -1.47
C ARG E 440 16.26 -5.02 -2.42
N ASN E 441 16.78 -3.81 -2.19
CA ASN E 441 17.82 -3.28 -3.08
C ASN E 441 19.10 -4.12 -3.00
N GLY E 442 19.52 -4.48 -1.78
CA GLY E 442 20.72 -5.30 -1.66
C GLY E 442 20.55 -6.68 -2.26
N ALA E 443 19.38 -7.27 -2.08
CA ALA E 443 19.11 -8.58 -2.68
C ALA E 443 19.12 -8.48 -4.20
N LYS E 444 18.58 -7.39 -4.76
CA LYS E 444 18.62 -7.21 -6.21
C LYS E 444 20.05 -7.02 -6.70
N THR E 445 20.86 -6.26 -5.94
CA THR E 445 22.25 -6.07 -6.32
C THR E 445 23.02 -7.38 -6.29
N ILE E 446 22.74 -8.23 -5.29
CA ILE E 446 23.40 -9.54 -5.23
C ILE E 446 22.95 -10.42 -6.39
N LEU E 447 21.63 -10.50 -6.62
CA LEU E 447 21.11 -11.40 -7.63
C LEU E 447 21.48 -10.98 -9.05
N ASP E 448 21.69 -9.69 -9.28
CA ASP E 448 22.04 -9.23 -10.63
C ASP E 448 23.44 -9.68 -11.04
N ASN E 449 24.32 -9.96 -10.09
CA ASN E 449 25.69 -10.35 -10.37
C ASN E 449 25.87 -11.87 -10.37
N LEU E 450 24.79 -12.63 -10.47
CA LEU E 450 24.84 -14.08 -10.56
C LEU E 450 24.51 -14.46 -12.00
N SER E 451 25.53 -14.86 -12.76
CA SER E 451 25.32 -15.21 -14.16
C SER E 451 24.80 -16.62 -14.34
N LEU E 452 25.04 -17.50 -13.38
CA LEU E 452 24.52 -18.86 -13.40
C LEU E 452 23.71 -19.08 -12.13
N ASN E 453 22.51 -19.62 -12.30
CA ASN E 453 21.60 -19.80 -11.18
C ASN E 453 21.03 -21.20 -11.20
N MET E 454 21.19 -21.90 -10.08
CA MET E 454 20.70 -23.26 -9.91
C MET E 454 19.42 -23.25 -9.08
N TYR E 455 18.46 -24.06 -9.52
CA TYR E 455 17.13 -24.15 -8.91
C TYR E 455 16.87 -25.59 -8.53
N TYR E 456 16.82 -25.85 -7.21
CA TYR E 456 16.43 -27.15 -6.69
C TYR E 456 14.93 -27.19 -6.49
N GLY E 457 14.35 -28.37 -6.73
CA GLY E 457 12.92 -28.55 -6.59
C GLY E 457 12.53 -28.95 -5.17
N ILE E 458 11.39 -28.42 -4.73
CA ILE E 458 10.84 -28.70 -3.40
C ILE E 458 9.32 -28.67 -3.51
N ASN E 459 8.65 -29.68 -2.96
CA ASN E 459 7.19 -29.76 -3.01
C ASN E 459 6.61 -29.01 -1.81
N ASN E 460 6.56 -27.69 -1.95
CA ASN E 460 6.08 -26.80 -0.89
C ASN E 460 5.22 -25.70 -1.52
N ASP E 461 3.98 -25.58 -1.04
CA ASP E 461 3.08 -24.58 -1.62
C ASP E 461 3.60 -23.17 -1.42
N ASN E 462 4.36 -22.93 -0.34
CA ASN E 462 4.96 -21.63 -0.09
C ASN E 462 5.88 -21.21 -1.24
N TYR E 463 6.43 -22.17 -1.97
CA TYR E 463 7.34 -21.88 -3.07
C TYR E 463 6.63 -21.80 -4.43
N TYR E 464 5.31 -21.98 -4.46
CA TYR E 464 4.59 -22.12 -5.73
C TYR E 464 4.95 -21.00 -6.70
N GLU E 465 4.67 -19.74 -6.30
CA GLU E 465 4.98 -18.58 -7.11
C GLU E 465 6.35 -18.70 -7.76
N HIS E 466 7.37 -18.96 -6.94
CA HIS E 466 8.74 -19.16 -7.41
C HIS E 466 8.74 -20.10 -8.60
N PHE E 467 8.38 -21.37 -8.36
CA PHE E 467 8.44 -22.34 -9.43
C PHE E 467 7.49 -21.97 -10.57
N GLU E 468 6.35 -21.35 -10.25
CA GLU E 468 5.46 -20.95 -11.33
C GLU E 468 6.19 -20.02 -12.29
N LYS E 469 6.87 -19.00 -11.73
CA LYS E 469 7.66 -18.12 -12.56
C LYS E 469 8.68 -18.93 -13.36
N LEU E 470 9.39 -19.84 -12.68
CA LEU E 470 10.37 -20.67 -13.38
C LEU E 470 9.73 -21.39 -14.55
N SER E 471 8.53 -21.92 -14.35
CA SER E 471 7.85 -22.60 -15.44
C SER E 471 7.67 -21.67 -16.62
N LYS E 472 7.12 -20.47 -16.37
CA LYS E 472 6.93 -19.52 -17.46
C LYS E 472 8.27 -19.09 -18.04
N VAL E 473 9.34 -19.13 -17.24
CA VAL E 473 10.65 -18.76 -17.77
C VAL E 473 11.12 -19.82 -18.76
N LEU E 474 10.83 -21.10 -18.49
CA LEU E 474 11.28 -22.14 -19.39
C LEU E 474 10.52 -22.12 -20.70
N GLY E 475 9.29 -21.61 -20.70
CA GLY E 475 8.49 -21.54 -21.91
C GLY E 475 7.88 -22.87 -22.28
N LYS E 476 7.16 -22.86 -23.41
CA LYS E 476 6.47 -24.03 -23.91
C LYS E 476 7.05 -24.46 -25.26
N TYR E 477 6.91 -25.75 -25.56
CA TYR E 477 7.28 -26.32 -26.83
C TYR E 477 6.06 -27.00 -27.46
N THR E 478 6.26 -27.53 -28.66
CA THR E 478 5.19 -28.13 -29.44
C THR E 478 5.24 -29.64 -29.28
N ARG E 479 4.10 -30.23 -28.92
CA ARG E 479 4.00 -31.66 -28.73
C ARG E 479 2.87 -32.20 -29.60
N GLN E 480 2.95 -33.50 -29.88
CA GLN E 480 1.98 -34.17 -30.75
C GLN E 480 0.90 -34.83 -29.89
N ASP E 481 -0.35 -34.41 -30.11
CA ASP E 481 -1.50 -34.99 -29.42
C ASP E 481 -2.19 -35.97 -30.36
N VAL E 482 -2.28 -37.23 -29.95
CA VAL E 482 -2.85 -38.30 -30.76
C VAL E 482 -4.29 -38.55 -30.29
N SER E 483 -5.18 -38.72 -31.27
CA SER E 483 -6.57 -39.06 -31.03
C SER E 483 -6.91 -40.29 -31.86
N ARG E 484 -7.92 -41.03 -31.41
CA ARG E 484 -8.30 -42.27 -32.05
C ARG E 484 -9.81 -42.32 -32.21
N SER E 485 -10.27 -42.72 -33.40
CA SER E 485 -11.66 -43.00 -33.68
C SER E 485 -11.79 -44.44 -34.12
N ILE E 486 -13.00 -45.00 -34.02
CA ILE E 486 -13.21 -46.38 -34.44
C ILE E 486 -14.67 -46.66 -34.74
N ASP E 487 -14.95 -47.29 -35.87
CA ASP E 487 -16.29 -47.76 -36.16
C ASP E 487 -16.66 -48.90 -35.22
N ASP E 488 -17.89 -48.87 -34.72
CA ASP E 488 -18.27 -49.77 -33.64
C ASP E 488 -18.69 -51.16 -34.13
N ASN E 489 -19.12 -51.29 -35.38
CA ASN E 489 -19.50 -52.59 -35.92
C ASN E 489 -18.50 -53.16 -36.91
N THR E 490 -17.50 -52.39 -37.34
CA THR E 490 -16.43 -52.89 -38.18
C THR E 490 -15.10 -53.01 -37.45
N GLY E 491 -14.93 -52.32 -36.33
CA GLY E 491 -13.68 -52.34 -35.60
C GLY E 491 -12.54 -51.59 -36.26
N LYS E 492 -12.77 -50.97 -37.42
CA LYS E 492 -11.71 -50.24 -38.12
C LYS E 492 -11.35 -48.98 -37.34
N THR E 493 -10.06 -48.83 -37.04
CA THR E 493 -9.57 -47.71 -36.24
C THR E 493 -8.89 -46.68 -37.14
N ASN E 494 -9.10 -45.41 -36.82
CA ASN E 494 -8.45 -44.29 -37.50
C ASN E 494 -7.71 -43.46 -36.46
N THR E 495 -6.52 -42.98 -36.82
CA THR E 495 -5.67 -42.21 -35.93
C THR E 495 -5.51 -40.79 -36.46
N SER E 496 -5.51 -39.82 -35.55
CA SER E 496 -5.35 -38.42 -35.87
C SER E 496 -4.24 -37.82 -35.01
N ILE E 497 -3.54 -36.84 -35.57
CA ILE E 497 -2.43 -36.19 -34.87
C ILE E 497 -2.58 -34.69 -35.03
N SER E 498 -2.50 -33.97 -33.92
CA SER E 498 -2.54 -32.51 -33.94
C SER E 498 -1.41 -31.96 -33.08
N ASN E 499 -1.19 -30.66 -33.16
CA ASN E 499 -0.15 -30.00 -32.40
C ASN E 499 -0.74 -29.30 -31.18
N LYS E 500 -0.03 -29.36 -30.06
CA LYS E 500 -0.48 -28.74 -28.82
C LYS E 500 0.70 -28.13 -28.09
N GLU E 501 0.43 -27.05 -27.37
CA GLU E 501 1.43 -26.41 -26.53
C GLU E 501 1.63 -27.22 -25.26
N ARG E 502 2.89 -27.31 -24.82
CA ARG E 502 3.18 -27.99 -23.57
C ARG E 502 4.32 -27.27 -22.89
N PHE E 503 4.12 -26.86 -21.63
CA PHE E 503 5.20 -26.29 -20.84
C PHE E 503 6.38 -27.26 -20.82
N LEU E 504 7.58 -26.71 -21.02
CA LEU E 504 8.78 -27.54 -20.92
C LEU E 504 8.82 -28.28 -19.60
N MET E 505 8.42 -27.62 -18.53
CA MET E 505 8.20 -28.26 -17.23
C MET E 505 7.16 -27.46 -16.47
N THR E 506 6.10 -28.13 -16.03
CA THR E 506 5.05 -27.49 -15.28
C THR E 506 5.56 -27.08 -13.90
N PRO E 507 4.85 -26.18 -13.20
CA PRO E 507 5.28 -25.83 -11.84
C PRO E 507 5.36 -27.03 -10.89
N ASP E 508 4.40 -27.96 -10.96
CA ASP E 508 4.45 -29.11 -10.09
C ASP E 508 5.51 -30.12 -10.51
N GLU E 509 5.90 -30.13 -11.78
CA GLU E 509 7.02 -30.98 -12.19
C GLU E 509 8.33 -30.45 -11.63
N LEU E 510 8.49 -29.12 -11.59
CA LEU E 510 9.66 -28.53 -10.96
C LEU E 510 9.62 -28.77 -9.46
N MET E 511 8.44 -28.63 -8.85
CA MET E 511 8.30 -28.81 -7.40
C MET E 511 8.64 -30.24 -6.99
N THR E 512 8.37 -31.22 -7.85
CA THR E 512 8.66 -32.61 -7.57
C THR E 512 9.87 -33.13 -8.36
N MET E 513 10.76 -32.24 -8.77
CA MET E 513 11.92 -32.65 -9.58
C MET E 513 12.77 -33.70 -8.88
N GLY E 514 12.85 -33.64 -7.55
CA GLY E 514 13.67 -34.60 -6.82
C GLY E 514 15.16 -34.36 -6.96
N ASP E 515 15.89 -35.36 -7.42
CA ASP E 515 17.34 -35.27 -7.58
C ASP E 515 17.75 -34.49 -8.82
N GLU E 516 16.81 -33.95 -9.57
CA GLU E 516 17.11 -33.13 -10.73
C GLU E 516 17.07 -31.66 -10.34
N LEU E 517 17.62 -30.83 -11.22
CA LEU E 517 17.69 -29.39 -10.98
C LEU E 517 17.69 -28.66 -12.31
N ILE E 518 17.40 -27.37 -12.24
CA ILE E 518 17.38 -26.52 -13.42
C ILE E 518 18.48 -25.46 -13.28
N ILE E 519 19.32 -25.36 -14.30
CA ILE E 519 20.35 -24.35 -14.38
C ILE E 519 19.92 -23.31 -15.39
N LEU E 520 19.99 -22.04 -15.01
CA LEU E 520 19.75 -20.91 -15.91
C LEU E 520 21.04 -20.12 -16.00
N GLU E 521 21.69 -20.15 -17.16
CA GLU E 521 22.83 -19.30 -17.43
C GLU E 521 22.38 -18.11 -18.28
N ASN E 522 22.90 -16.93 -17.94
CA ASN E 522 22.35 -15.69 -18.50
C ASN E 522 22.38 -15.69 -20.02
N THR E 523 23.44 -16.23 -20.61
CA THR E 523 23.63 -16.21 -22.05
C THR E 523 23.32 -17.56 -22.71
N LEU E 524 22.49 -18.38 -22.08
CA LEU E 524 22.27 -19.74 -22.57
C LEU E 524 20.79 -20.10 -22.43
N LYS E 525 20.40 -21.14 -23.15
CA LYS E 525 19.09 -21.72 -22.98
C LYS E 525 19.04 -22.50 -21.68
N PRO E 526 17.85 -22.79 -21.16
CA PRO E 526 17.76 -23.51 -19.88
C PRO E 526 18.40 -24.89 -19.96
N ILE E 527 18.94 -25.34 -18.84
CA ILE E 527 19.58 -26.64 -18.73
C ILE E 527 18.86 -27.42 -17.64
N LYS E 528 18.52 -28.67 -17.93
CA LYS E 528 18.00 -29.59 -16.93
C LYS E 528 19.03 -30.68 -16.72
N CYS E 529 19.35 -30.97 -15.46
CA CYS E 529 20.38 -31.97 -15.21
C CYS E 529 20.16 -32.59 -13.84
N HIS E 530 21.05 -33.50 -13.48
CA HIS E 530 21.01 -34.20 -12.21
C HIS E 530 21.95 -33.55 -11.21
N LYS E 531 21.56 -33.60 -9.94
CA LYS E 531 22.44 -33.12 -8.88
C LYS E 531 23.72 -33.95 -8.84
N ALA E 532 24.85 -33.27 -8.67
CA ALA E 532 26.15 -33.93 -8.58
C ALA E 532 26.34 -34.48 -7.17
N LEU E 533 25.53 -35.47 -6.84
CA LEU E 533 25.61 -36.10 -5.52
C LEU E 533 26.98 -36.75 -5.33
N TYR E 534 27.57 -36.54 -4.16
CA TYR E 534 28.93 -37.01 -3.95
C TYR E 534 28.98 -38.43 -3.40
N TYR E 535 28.05 -38.81 -2.52
CA TYR E 535 28.04 -40.16 -1.97
C TYR E 535 27.68 -41.22 -3.01
N ASP E 536 27.15 -40.80 -4.15
CA ASP E 536 26.68 -41.71 -5.19
C ASP E 536 27.76 -42.05 -6.21
N ASP E 537 28.74 -41.17 -6.39
CA ASP E 537 29.68 -41.23 -7.48
C ASP E 537 31.06 -41.65 -6.99
N PRO E 538 31.67 -42.68 -7.61
CA PRO E 538 33.07 -43.00 -7.26
C PRO E 538 34.02 -41.85 -7.51
N PHE E 539 33.69 -40.98 -8.47
CA PHE E 539 34.50 -39.80 -8.75
C PHE E 539 34.79 -39.00 -7.49
N PHE E 540 33.81 -38.92 -6.58
CA PHE E 540 33.98 -38.24 -5.31
C PHE E 540 34.34 -39.17 -4.17
N THR E 541 33.66 -40.33 -4.06
CA THR E 541 33.89 -41.21 -2.93
C THR E 541 35.29 -41.79 -2.91
N ASP E 542 35.98 -41.82 -4.05
CA ASP E 542 37.36 -42.31 -4.06
C ASP E 542 38.25 -41.42 -3.18
N GLU E 543 38.06 -40.10 -3.25
CA GLU E 543 38.89 -39.19 -2.48
C GLU E 543 38.61 -39.28 -0.98
N LEU E 544 37.38 -39.61 -0.61
CA LEU E 544 37.07 -39.80 0.81
C LEU E 544 37.60 -41.14 1.31
N ILE E 545 37.51 -42.19 0.48
CA ILE E 545 38.03 -43.48 0.88
C ILE E 545 39.56 -43.44 0.99
N LYS E 546 40.22 -42.65 0.15
CA LYS E 546 41.68 -42.62 0.15
C LYS E 546 42.23 -42.09 1.47
N VAL E 547 41.67 -40.99 1.97
CA VAL E 547 42.24 -40.31 3.14
C VAL E 547 41.79 -40.90 4.47
N SER E 548 40.88 -41.86 4.47
CA SER E 548 40.36 -42.44 5.70
C SER E 548 40.91 -43.84 5.89
N PRO E 549 41.65 -44.11 6.96
CA PRO E 549 42.19 -45.47 7.16
C PRO E 549 41.12 -46.54 7.27
N SER E 550 39.92 -46.18 7.71
CA SER E 550 38.85 -47.17 7.83
C SER E 550 38.20 -47.44 6.47
N LEU E 551 37.61 -46.41 5.87
CA LEU E 551 36.94 -46.60 4.57
C LEU E 551 37.89 -47.19 3.54
N SER E 552 39.20 -46.92 3.67
CA SER E 552 40.16 -47.47 2.71
C SER E 552 40.21 -48.99 2.77
N LYS E 553 39.98 -49.57 3.96
CA LYS E 553 39.91 -51.01 4.09
C LYS E 553 38.49 -51.56 4.09
N LYS E 554 37.48 -50.69 4.07
CA LYS E 554 36.11 -51.18 3.95
C LYS E 554 35.61 -51.18 2.51
N TYR E 555 35.92 -50.14 1.72
CA TYR E 555 35.37 -50.00 0.38
C TYR E 555 36.49 -49.98 -0.66
N LYS E 556 36.23 -50.64 -1.79
CA LYS E 556 37.21 -50.70 -2.87
C LYS E 556 37.17 -49.42 -3.70
N LEU E 557 38.36 -48.96 -4.11
CA LEU E 557 38.47 -47.73 -4.89
C LEU E 557 37.95 -47.94 -6.30
N GLY E 558 37.44 -46.86 -6.90
CA GLY E 558 36.92 -46.89 -8.25
C GLY E 558 35.56 -47.56 -8.40
N LYS E 559 35.06 -48.21 -7.37
CA LYS E 559 33.76 -48.88 -7.42
C LYS E 559 32.74 -48.07 -6.64
N VAL E 560 31.47 -48.21 -7.02
CA VAL E 560 30.37 -47.56 -6.31
C VAL E 560 30.24 -48.21 -4.94
N PRO E 561 30.38 -47.45 -3.86
CA PRO E 561 30.25 -48.05 -2.52
C PRO E 561 28.86 -48.59 -2.28
N ASN E 562 28.78 -49.58 -1.39
CA ASN E 562 27.50 -50.14 -0.96
C ASN E 562 26.61 -49.02 -0.42
N GLN E 563 25.57 -48.66 -1.18
CA GLN E 563 24.75 -47.50 -0.87
C GLN E 563 23.93 -47.66 0.41
N ALA E 564 23.96 -48.83 1.04
CA ALA E 564 23.26 -49.04 2.30
C ALA E 564 24.16 -48.84 3.52
N THR E 565 25.47 -48.69 3.33
CA THR E 565 26.41 -48.56 4.43
C THR E 565 27.40 -47.41 4.30
N PHE E 566 27.54 -46.81 3.11
CA PHE E 566 28.61 -45.85 2.91
C PHE E 566 28.40 -44.57 3.73
N TYR E 567 27.16 -44.09 3.82
CA TYR E 567 26.90 -42.86 4.56
C TYR E 567 27.13 -43.05 6.06
N ASP E 568 26.65 -44.16 6.62
CA ASP E 568 26.84 -44.40 8.05
C ASP E 568 28.32 -44.61 8.37
N ASP E 569 29.05 -45.33 7.49
CA ASP E 569 30.47 -45.54 7.73
C ASP E 569 31.24 -44.24 7.59
N LEU E 570 30.83 -43.37 6.67
CA LEU E 570 31.43 -42.05 6.57
C LEU E 570 31.19 -41.25 7.84
N GLN E 571 29.97 -41.30 8.37
CA GLN E 571 29.67 -40.61 9.62
C GLN E 571 30.54 -41.12 10.75
N ALA E 572 30.69 -42.45 10.85
CA ALA E 572 31.52 -43.03 11.90
C ALA E 572 32.98 -42.61 11.75
N ALA E 573 33.49 -42.60 10.52
CA ALA E 573 34.88 -42.23 10.29
C ALA E 573 35.11 -40.76 10.62
N LYS E 574 34.16 -39.89 10.26
CA LYS E 574 34.29 -38.48 10.59
C LYS E 574 34.16 -38.25 12.09
N THR E 575 33.35 -39.05 12.78
CA THR E 575 33.33 -39.03 14.23
C THR E 575 34.69 -39.39 14.80
N ARG E 576 35.34 -40.39 14.22
CA ARG E 576 36.70 -40.73 14.63
C ARG E 576 37.71 -39.68 14.21
N GLY E 577 37.35 -38.78 13.29
CA GLY E 577 38.24 -37.72 12.85
C GLY E 577 39.12 -38.07 11.68
N GLU E 578 38.79 -39.11 10.91
CA GLU E 578 39.65 -39.52 9.81
C GLU E 578 39.53 -38.55 8.63
N LEU E 579 38.32 -38.04 8.37
CA LEU E 579 38.09 -37.13 7.26
C LEU E 579 38.46 -35.68 7.58
N SER E 580 38.73 -35.36 8.84
CA SER E 580 38.93 -33.99 9.27
C SER E 580 40.32 -33.48 8.90
N TYR E 581 40.44 -32.16 8.86
CA TYR E 581 41.74 -31.50 8.77
C TYR E 581 42.55 -31.76 10.03
N ASP E 582 43.85 -31.51 9.94
CA ASP E 582 44.76 -31.69 11.09
C ASP E 582 44.42 -30.64 12.15
N LYS E 583 43.74 -31.07 13.20
CA LYS E 583 43.31 -30.13 14.24
C LYS E 583 44.47 -29.69 15.13
N SER E 584 45.55 -30.47 15.19
CA SER E 584 46.70 -30.09 16.00
C SER E 584 47.37 -28.81 15.51
N LEU E 585 47.14 -28.45 14.24
CA LEU E 585 47.69 -27.21 13.70
C LEU E 585 46.89 -25.98 14.13
N VAL E 586 45.67 -26.18 14.65
CA VAL E 586 44.83 -25.08 15.10
C VAL E 586 45.29 -24.61 16.47
N PRO E 587 45.72 -23.36 16.60
CA PRO E 587 46.23 -22.89 17.91
C PRO E 587 45.12 -22.83 18.94
N VAL E 588 45.47 -23.14 20.18
CA VAL E 588 44.53 -23.15 21.30
C VAL E 588 45.03 -22.14 22.32
N GLY E 589 44.38 -20.98 22.37
CA GLY E 589 44.68 -20.01 23.41
C GLY E 589 44.09 -20.43 24.75
N SER E 590 44.54 -19.74 25.79
CA SER E 590 44.09 -20.03 27.15
C SER E 590 43.57 -18.77 27.80
N SER E 591 42.75 -18.96 28.84
CA SER E 591 42.19 -17.86 29.60
C SER E 591 43.05 -17.62 30.85
N GLU E 592 43.44 -16.37 31.05
CA GLU E 592 44.30 -16.00 32.18
C GLU E 592 43.55 -15.13 33.17
N ASP F 26 -3.73 -13.13 -43.79
CA ASP F 26 -4.89 -13.23 -42.90
C ASP F 26 -4.54 -12.73 -41.51
N ASP F 27 -5.39 -11.86 -40.97
CA ASP F 27 -5.15 -11.24 -39.68
C ASP F 27 -6.21 -11.63 -38.65
N LEU F 28 -6.82 -12.80 -38.83
CA LEU F 28 -7.89 -13.22 -37.93
C LEU F 28 -7.38 -13.39 -36.51
N PHE F 29 -6.18 -13.94 -36.35
CA PHE F 29 -5.61 -14.15 -35.03
C PHE F 29 -4.57 -13.10 -34.66
N GLY F 30 -4.31 -12.15 -35.54
CA GLY F 30 -3.37 -11.08 -35.27
C GLY F 30 -2.70 -10.62 -36.54
N SER F 31 -2.20 -9.39 -36.50
CA SER F 31 -1.57 -8.77 -37.66
C SER F 31 -0.14 -8.32 -37.34
N ALA F 32 0.44 -8.80 -36.24
CA ALA F 32 1.77 -8.37 -35.84
C ALA F 32 2.81 -8.84 -36.85
N SER F 33 3.82 -7.99 -37.09
CA SER F 33 4.87 -8.33 -38.04
C SER F 33 6.08 -7.44 -37.79
N TRP F 34 7.19 -7.84 -38.38
CA TRP F 34 8.39 -7.02 -38.34
C TRP F 34 8.30 -5.91 -39.39
N GLU F 35 8.97 -4.80 -39.12
CA GLU F 35 8.92 -3.66 -40.05
C GLU F 35 9.59 -4.04 -41.37
N THR F 36 8.99 -3.58 -42.47
CA THR F 36 9.48 -3.89 -43.80
C THR F 36 10.71 -3.05 -44.13
N GLU F 37 11.50 -3.55 -45.09
CA GLU F 37 12.68 -2.82 -45.54
C GLU F 37 12.32 -1.45 -46.07
N GLU F 38 11.16 -1.32 -46.72
CA GLU F 38 10.75 -0.04 -47.29
C GLU F 38 10.55 1.01 -46.20
N LYS F 39 9.92 0.64 -45.09
CA LYS F 39 9.68 1.61 -44.02
C LYS F 39 10.98 1.98 -43.31
N MET F 40 11.85 1.00 -43.06
CA MET F 40 13.15 1.31 -42.47
C MET F 40 13.98 2.20 -43.39
N ILE F 41 13.80 2.06 -44.71
CA ILE F 41 14.45 2.98 -45.63
C ILE F 41 13.82 4.35 -45.54
N LYS F 42 12.49 4.41 -45.41
CA LYS F 42 11.80 5.69 -45.30
C LYS F 42 12.12 6.41 -44.00
N ALA F 43 12.36 5.66 -42.93
CA ALA F 43 12.72 6.23 -41.64
C ALA F 43 14.22 6.45 -41.50
N LYS F 44 14.96 6.41 -42.60
CA LYS F 44 16.41 6.60 -42.64
C LYS F 44 17.18 5.61 -41.80
N LEU F 45 16.52 4.54 -41.32
CA LEU F 45 17.22 3.51 -40.56
C LEU F 45 18.22 2.76 -41.44
N ILE F 46 17.89 2.57 -42.72
CA ILE F 46 18.77 1.91 -43.68
C ILE F 46 18.63 2.61 -45.02
N THR F 47 19.57 2.33 -45.91
CA THR F 47 19.61 2.91 -47.24
C THR F 47 19.52 1.81 -48.30
N PRO F 48 19.16 2.16 -49.55
CA PRO F 48 19.09 1.13 -50.59
C PRO F 48 20.39 0.38 -50.82
N ASN F 49 21.53 0.98 -50.50
CA ASN F 49 22.82 0.29 -50.52
C ASN F 49 23.44 0.43 -49.14
N ASN F 50 22.87 -0.30 -48.17
CA ASN F 50 23.20 -0.08 -46.77
C ASN F 50 24.64 -0.43 -46.45
N LYS F 51 25.19 -1.45 -47.10
CA LYS F 51 26.56 -1.86 -46.79
C LYS F 51 27.56 -0.77 -47.12
N LYS F 52 27.24 0.09 -48.09
CA LYS F 52 28.07 1.23 -48.47
C LYS F 52 27.42 2.54 -48.06
N ARG F 53 26.82 2.57 -46.86
CA ARG F 53 26.18 3.77 -46.38
C ARG F 53 27.22 4.83 -46.01
N ALA F 54 26.87 6.09 -46.22
CA ALA F 54 27.80 7.19 -46.02
C ALA F 54 27.85 7.70 -44.58
N PHE F 55 26.81 7.45 -43.79
CA PHE F 55 26.70 7.97 -42.42
C PHE F 55 26.83 9.49 -42.40
N ASP F 56 26.06 10.14 -43.25
CA ASP F 56 26.08 11.59 -43.38
C ASP F 56 24.92 12.28 -42.66
N LYS F 57 24.03 11.51 -42.02
CA LYS F 57 22.91 12.06 -41.28
C LYS F 57 23.12 12.00 -39.77
N ARG F 58 24.37 12.01 -39.33
CA ARG F 58 24.71 12.04 -37.91
C ARG F 58 24.00 10.92 -37.14
N GLU F 59 23.87 9.78 -37.79
CA GLU F 59 23.09 8.67 -37.25
C GLU F 59 23.82 7.96 -36.13
N VAL F 60 23.06 7.17 -35.36
CA VAL F 60 23.57 6.44 -34.21
C VAL F 60 23.28 4.97 -34.44
N ILE F 61 24.32 4.14 -34.46
CA ILE F 61 24.14 2.72 -34.71
C ILE F 61 23.41 2.08 -33.54
N VAL F 62 22.41 1.25 -33.84
CA VAL F 62 21.61 0.59 -32.82
C VAL F 62 21.48 -0.90 -33.13
N GLY F 63 22.23 -1.37 -34.11
CA GLY F 63 22.18 -2.77 -34.48
C GLY F 63 22.63 -2.98 -35.89
N ARG F 64 22.57 -4.24 -36.32
CA ARG F 64 23.04 -4.61 -37.65
C ARG F 64 22.24 -5.80 -38.16
N ARG F 65 22.22 -5.93 -39.48
CA ARG F 65 21.68 -7.11 -40.15
C ARG F 65 22.77 -8.06 -40.61
N GLY F 66 24.02 -7.74 -40.32
CA GLY F 66 25.14 -8.55 -40.76
C GLY F 66 26.42 -7.76 -40.62
N LEU F 67 27.51 -8.38 -41.05
CA LEU F 67 28.81 -7.73 -41.01
C LEU F 67 28.82 -6.50 -41.92
N GLY F 68 28.87 -5.31 -41.32
CA GLY F 68 28.93 -4.09 -42.10
C GLY F 68 27.61 -3.59 -42.62
N ASP F 69 26.48 -4.04 -42.06
CA ASP F 69 25.14 -3.68 -42.51
C ASP F 69 24.33 -3.27 -41.29
N PHE F 70 24.45 -2.01 -40.89
CA PHE F 70 23.92 -1.56 -39.61
C PHE F 70 22.60 -0.81 -39.76
N ILE F 71 21.84 -0.80 -38.67
CA ILE F 71 20.66 0.05 -38.51
C ILE F 71 21.09 1.27 -37.72
N ALA F 72 20.73 2.45 -38.20
CA ALA F 72 21.23 3.69 -37.62
C ALA F 72 20.11 4.71 -37.52
N TYR F 73 19.92 5.24 -36.31
CA TYR F 73 18.87 6.21 -36.03
C TYR F 73 19.32 7.59 -36.46
N ALA F 74 18.54 8.23 -37.33
CA ALA F 74 18.80 9.59 -37.73
C ALA F 74 17.86 10.52 -36.96
N GLY F 75 17.77 11.78 -37.41
CA GLY F 75 16.95 12.75 -36.73
C GLY F 75 17.55 13.19 -35.40
N GLN F 76 16.67 13.65 -34.52
CA GLN F 76 17.08 14.18 -33.23
C GLN F 76 16.50 13.44 -32.04
N ALA F 77 15.76 12.36 -32.26
CA ALA F 77 15.09 11.66 -31.17
C ALA F 77 16.09 10.90 -30.31
N PHE F 78 15.80 10.86 -29.00
CA PHE F 78 16.69 10.25 -28.03
C PHE F 78 16.56 8.73 -28.06
N ILE F 79 17.54 8.04 -27.46
CA ILE F 79 17.59 6.59 -27.50
C ILE F 79 17.60 6.04 -26.08
N GLY F 80 16.90 4.95 -25.87
CA GLY F 80 16.97 4.20 -24.61
C GLY F 80 17.45 2.79 -24.89
N LEU F 81 18.29 2.27 -23.99
CA LEU F 81 18.84 0.92 -24.12
C LEU F 81 18.59 0.18 -22.80
N ILE F 82 17.65 -0.76 -22.84
CA ILE F 82 17.38 -1.63 -21.70
C ILE F 82 18.22 -2.88 -21.93
N ALA F 83 19.41 -2.87 -21.34
CA ALA F 83 20.38 -3.95 -21.46
C ALA F 83 20.67 -4.52 -20.08
N PRO F 84 20.24 -5.74 -19.80
CA PRO F 84 20.50 -6.34 -18.48
C PRO F 84 21.99 -6.40 -18.18
N THR F 85 22.30 -6.72 -16.93
CA THR F 85 23.68 -6.71 -16.46
C THR F 85 24.55 -7.64 -17.30
N ARG F 86 25.68 -7.12 -17.78
CA ARG F 86 26.68 -7.85 -18.54
C ARG F 86 26.14 -8.40 -19.86
N SER F 87 25.05 -7.84 -20.36
CA SER F 87 24.49 -8.27 -21.64
C SER F 87 25.17 -7.63 -22.85
N GLY F 88 26.18 -6.78 -22.63
CA GLY F 88 26.96 -6.25 -23.73
C GLY F 88 26.56 -4.87 -24.21
N LYS F 89 26.26 -3.96 -23.29
CA LYS F 89 25.96 -2.59 -23.68
C LYS F 89 27.18 -1.91 -24.30
N GLY F 90 28.38 -2.30 -23.87
CA GLY F 90 29.59 -1.71 -24.40
C GLY F 90 29.94 -2.21 -25.78
N VAL F 91 30.09 -3.52 -25.93
CA VAL F 91 30.49 -4.10 -27.22
C VAL F 91 29.40 -4.01 -28.28
N GLY F 92 28.16 -3.69 -27.89
CA GLY F 92 27.07 -3.70 -28.84
C GLY F 92 26.45 -2.34 -29.08
N PHE F 93 26.84 -1.33 -28.30
CA PHE F 93 26.27 0.00 -28.49
C PHE F 93 27.30 1.11 -28.24
N ILE F 94 27.89 1.13 -27.04
CA ILE F 94 28.78 2.23 -26.68
C ILE F 94 30.03 2.25 -27.55
N MET F 95 30.71 1.10 -27.66
CA MET F 95 31.96 1.06 -28.42
C MET F 95 31.75 1.26 -29.92
N PRO F 96 30.79 0.59 -30.58
CA PRO F 96 30.64 0.83 -32.03
C PRO F 96 30.29 2.28 -32.37
N ASN F 97 29.50 2.95 -31.53
CA ASN F 97 29.18 4.36 -31.79
C ASN F 97 30.35 5.26 -31.43
N MET F 98 31.10 4.91 -30.39
CA MET F 98 32.35 5.62 -30.10
C MET F 98 33.31 5.55 -31.29
N ILE F 99 33.30 4.44 -32.02
CA ILE F 99 34.18 4.29 -33.17
C ILE F 99 33.61 5.00 -34.40
N ASN F 100 32.29 4.93 -34.58
CA ASN F 100 31.67 5.30 -35.84
C ASN F 100 31.08 6.71 -35.86
N TYR F 101 30.50 7.18 -34.76
CA TYR F 101 29.80 8.45 -34.75
C TYR F 101 30.75 9.60 -35.09
N PRO F 102 30.46 10.40 -36.12
CA PRO F 102 31.42 11.42 -36.57
C PRO F 102 31.28 12.78 -35.92
N GLN F 103 30.21 13.04 -35.18
CA GLN F 103 30.03 14.36 -34.59
C GLN F 103 30.58 14.38 -33.17
N ASN F 104 30.20 15.38 -32.38
CA ASN F 104 30.67 15.46 -31.01
C ASN F 104 30.01 14.38 -30.16
N ILE F 105 30.68 14.00 -29.08
CA ILE F 105 30.19 12.98 -28.16
C ILE F 105 30.57 13.39 -26.74
N VAL F 106 29.62 13.27 -25.82
CA VAL F 106 29.88 13.34 -24.39
C VAL F 106 29.50 11.98 -23.81
N VAL F 107 30.50 11.25 -23.34
CA VAL F 107 30.30 9.89 -22.86
C VAL F 107 30.54 9.86 -21.35
N PHE F 108 29.79 8.97 -20.68
CA PHE F 108 29.98 8.69 -19.27
C PHE F 108 30.80 7.40 -19.15
N ASP F 109 31.99 7.51 -18.58
CA ASP F 109 32.95 6.42 -18.53
C ASP F 109 33.41 6.23 -17.09
N PRO F 110 32.57 5.62 -16.25
CA PRO F 110 32.98 5.43 -14.84
C PRO F 110 34.13 4.46 -14.70
N LYS F 111 34.16 3.40 -15.51
CA LYS F 111 35.27 2.46 -15.48
C LYS F 111 36.50 2.95 -16.23
N ALA F 112 36.40 4.11 -16.89
CA ALA F 112 37.51 4.70 -17.64
C ALA F 112 38.03 3.76 -18.73
N ASP F 113 37.15 2.94 -19.29
CA ASP F 113 37.52 1.98 -20.32
C ASP F 113 37.15 2.42 -21.72
N THR F 114 35.99 3.08 -21.89
CA THR F 114 35.58 3.54 -23.20
C THR F 114 36.58 4.55 -23.78
N MET F 115 36.94 5.55 -22.98
CA MET F 115 37.91 6.54 -23.42
C MET F 115 39.27 5.89 -23.67
N GLU F 116 39.71 5.04 -22.75
CA GLU F 116 40.98 4.33 -22.90
C GLU F 116 41.04 3.52 -24.18
N THR F 117 39.91 3.16 -24.77
CA THR F 117 39.86 2.36 -25.98
C THR F 117 39.61 3.16 -27.24
N CYS F 118 38.95 4.32 -27.15
CA CYS F 118 38.55 5.06 -28.35
C CYS F 118 39.08 6.48 -28.43
N GLY F 119 39.92 6.93 -27.50
CA GLY F 119 40.41 8.30 -27.56
C GLY F 119 41.29 8.56 -28.76
N LYS F 120 42.25 7.66 -29.01
CA LYS F 120 43.09 7.80 -30.19
C LYS F 120 42.27 7.73 -31.47
N ILE F 121 41.23 6.89 -31.48
CA ILE F 121 40.32 6.82 -32.63
C ILE F 121 39.70 8.18 -32.89
N ARG F 122 39.07 8.77 -31.86
CA ARG F 122 38.46 10.08 -32.01
C ARG F 122 39.47 11.10 -32.54
N GLU F 123 40.64 11.17 -31.88
CA GLU F 123 41.62 12.20 -32.20
C GLU F 123 42.13 12.07 -33.63
N LYS F 124 42.54 10.87 -34.03
CA LYS F 124 43.19 10.68 -35.32
C LYS F 124 42.22 10.40 -36.46
N ARG F 125 40.92 10.24 -36.20
CA ARG F 125 39.96 10.02 -37.26
C ARG F 125 39.05 11.21 -37.49
N PHE F 126 38.61 11.90 -36.44
CA PHE F 126 37.67 13.01 -36.58
C PHE F 126 38.31 14.35 -36.22
N ASN F 127 39.62 14.38 -35.99
CA ASN F 127 40.33 15.62 -35.65
C ASN F 127 39.71 16.30 -34.43
N GLN F 128 39.13 15.50 -33.53
CA GLN F 128 38.43 16.02 -32.37
C GLN F 128 39.34 16.01 -31.15
N LYS F 129 39.37 17.12 -30.42
CA LYS F 129 40.14 17.19 -29.19
C LYS F 129 39.35 16.54 -28.05
N VAL F 130 40.06 15.82 -27.20
CA VAL F 130 39.44 15.04 -26.12
C VAL F 130 39.57 15.80 -24.82
N PHE F 131 38.45 15.95 -24.11
CA PHE F 131 38.40 16.58 -22.80
C PHE F 131 37.97 15.53 -21.79
N ILE F 132 38.79 15.32 -20.76
CA ILE F 132 38.54 14.31 -19.75
C ILE F 132 38.28 15.00 -18.41
N TYR F 133 37.14 14.69 -17.80
CA TYR F 133 36.73 15.28 -16.53
C TYR F 133 36.64 14.15 -15.51
N GLU F 134 37.76 13.87 -14.83
CA GLU F 134 37.85 12.88 -13.77
C GLU F 134 38.06 13.60 -12.45
N PRO F 135 36.99 13.93 -11.72
CA PRO F 135 37.13 14.81 -10.54
C PRO F 135 37.95 14.22 -9.41
N PHE F 136 38.23 12.92 -9.41
CA PHE F 136 38.96 12.28 -8.32
C PHE F 136 40.37 11.86 -8.73
N SER F 137 40.90 12.43 -9.80
CA SER F 137 42.29 12.21 -10.20
C SER F 137 42.89 13.55 -10.61
N LEU F 138 44.05 13.87 -10.05
CA LEU F 138 44.68 15.16 -10.33
C LEU F 138 44.94 15.36 -11.82
N LYS F 139 45.03 14.28 -12.59
CA LYS F 139 45.18 14.34 -14.04
C LYS F 139 43.79 14.48 -14.65
N THR F 140 43.34 15.72 -14.81
CA THR F 140 41.98 15.96 -15.27
C THR F 140 41.90 17.34 -15.92
N HIS F 141 40.81 17.56 -16.65
CA HIS F 141 40.43 18.90 -17.07
C HIS F 141 39.47 19.50 -16.04
N ARG F 142 39.48 20.83 -15.95
CA ARG F 142 38.77 21.51 -14.89
C ARG F 142 37.48 22.14 -15.42
N PHE F 143 36.49 22.23 -14.54
CA PHE F 143 35.20 22.83 -14.85
C PHE F 143 34.88 23.87 -13.79
N ASN F 144 34.74 25.13 -14.22
CA ASN F 144 34.42 26.22 -13.31
C ASN F 144 33.06 26.80 -13.68
N PRO F 145 32.05 26.70 -12.81
CA PRO F 145 30.73 27.27 -13.15
C PRO F 145 30.75 28.78 -13.28
N PHE F 146 31.72 29.46 -12.68
CA PHE F 146 31.80 30.91 -12.77
C PHE F 146 32.46 31.40 -14.05
N ALA F 147 33.00 30.49 -14.87
CA ALA F 147 33.55 30.88 -16.16
C ALA F 147 32.46 31.18 -17.19
N TYR F 148 31.20 30.88 -16.89
CA TYR F 148 30.09 31.11 -17.78
C TYR F 148 29.27 32.34 -17.40
N VAL F 149 29.72 33.10 -16.41
CA VAL F 149 29.09 34.36 -16.03
C VAL F 149 29.92 35.51 -16.59
N ASP F 150 29.24 36.60 -16.95
CA ASP F 150 29.88 37.76 -17.56
C ASP F 150 29.99 38.86 -16.51
N PHE F 151 31.21 39.09 -16.03
CA PHE F 151 31.46 40.11 -15.02
C PHE F 151 31.46 41.50 -15.64
N ASP F 180 22.23 40.93 -17.46
CA ASP F 180 21.62 39.71 -16.94
C ASP F 180 22.43 39.13 -15.78
N PHE F 181 23.03 40.03 -14.99
CA PHE F 181 23.87 39.60 -13.87
C PHE F 181 23.06 38.87 -12.81
N SER F 182 22.10 39.56 -12.21
CA SER F 182 21.31 38.98 -11.13
C SER F 182 20.57 37.73 -11.56
N THR F 183 20.18 37.65 -12.84
CA THR F 183 19.51 36.46 -13.34
C THR F 183 20.43 35.24 -13.23
N GLN F 184 21.65 35.35 -13.77
CA GLN F 184 22.59 34.24 -13.69
C GLN F 184 23.01 33.94 -12.25
N ILE F 185 23.09 34.97 -11.40
CA ILE F 185 23.48 34.73 -10.02
C ILE F 185 22.39 33.97 -9.27
N PHE F 186 21.12 34.38 -9.44
CA PHE F 186 20.01 33.65 -8.82
C PHE F 186 19.91 32.24 -9.40
N GLY F 187 20.20 32.09 -10.69
CA GLY F 187 20.30 30.78 -11.29
C GLY F 187 21.28 29.91 -10.53
N LEU F 188 22.56 30.30 -10.55
CA LEU F 188 23.59 29.53 -9.86
C LEU F 188 23.24 29.27 -8.40
N ALA F 189 22.54 30.21 -7.75
CA ALA F 189 22.11 30.00 -6.37
C ALA F 189 21.11 28.85 -6.29
N LYS F 190 20.12 28.83 -7.17
CA LYS F 190 19.17 27.72 -7.20
C LYS F 190 19.87 26.41 -7.59
N LEU F 191 20.90 26.49 -8.42
CA LEU F 191 21.64 25.30 -8.82
C LEU F 191 22.43 24.71 -7.66
N VAL F 192 23.01 25.57 -6.81
CA VAL F 192 23.79 25.08 -5.67
C VAL F 192 22.86 24.54 -4.58
N PHE F 193 21.97 25.40 -4.08
CA PHE F 193 20.97 24.99 -3.10
C PHE F 193 19.70 24.55 -3.83
N PRO F 194 19.45 23.24 -3.95
CA PRO F 194 18.28 22.79 -4.72
C PRO F 194 17.01 22.93 -3.92
N GLU F 195 16.01 23.59 -4.50
CA GLU F 195 14.72 23.75 -3.85
C GLU F 195 14.00 22.40 -3.82
N ARG F 196 13.60 21.97 -2.62
CA ARG F 196 12.94 20.69 -2.43
C ARG F 196 11.68 20.89 -1.60
N PRO F 197 10.53 20.41 -2.06
CA PRO F 197 9.30 20.49 -1.27
C PRO F 197 9.19 19.48 -0.16
N ASN F 198 10.24 18.72 0.12
CA ASN F 198 10.24 17.69 1.15
C ASN F 198 11.00 18.20 2.38
N GLU F 199 10.39 19.16 3.07
CA GLU F 199 10.95 19.72 4.28
C GLU F 199 9.83 20.43 5.03
N LYS F 200 9.94 20.45 6.37
CA LYS F 200 8.91 21.08 7.19
C LYS F 200 8.74 22.55 6.86
N ASP F 201 9.80 23.21 6.36
CA ASP F 201 9.69 24.58 5.92
C ASP F 201 10.73 24.86 4.83
N PRO F 202 10.32 25.45 3.70
CA PRO F 202 11.32 25.88 2.72
C PRO F 202 12.00 27.18 3.11
N PHE F 203 11.44 27.92 4.07
CA PHE F 203 12.07 29.13 4.57
C PHE F 203 13.10 28.83 5.66
N PHE F 204 13.85 27.74 5.50
CA PHE F 204 14.98 27.43 6.36
C PHE F 204 16.31 27.39 5.61
N SER F 205 16.29 27.38 4.29
CA SER F 205 17.51 27.14 3.52
C SER F 205 17.74 28.20 2.44
N ASN F 206 16.72 28.48 1.62
CA ASN F 206 16.92 29.33 0.44
C ASN F 206 17.25 30.80 0.78
N GLN F 207 17.41 31.20 2.04
CA GLN F 207 18.02 32.49 2.33
C GLN F 207 19.54 32.42 2.18
N ALA F 208 20.12 31.23 2.36
CA ALA F 208 21.52 31.04 1.99
C ALA F 208 21.72 31.27 0.50
N ARG F 209 20.68 31.05 -0.31
CA ARG F 209 20.75 31.39 -1.72
C ARG F 209 20.88 32.90 -1.93
N ASN F 210 20.06 33.68 -1.21
CA ASN F 210 20.21 35.14 -1.27
C ASN F 210 21.55 35.58 -0.69
N LEU F 211 22.07 34.87 0.30
CA LEU F 211 23.39 35.15 0.83
C LEU F 211 24.47 34.97 -0.23
N PHE F 212 24.41 33.84 -0.95
CA PHE F 212 25.28 33.62 -2.11
C PHE F 212 25.13 34.75 -3.11
N VAL F 213 23.88 35.15 -3.40
CA VAL F 213 23.64 36.16 -4.41
C VAL F 213 24.29 37.48 -4.01
N ILE F 214 24.15 37.87 -2.74
CA ILE F 214 24.75 39.11 -2.26
C ILE F 214 26.27 39.00 -2.21
N ASN F 215 26.80 37.81 -1.91
CA ASN F 215 28.25 37.63 -1.94
C ASN F 215 28.80 37.80 -3.36
N CYS F 216 28.13 37.20 -4.34
CA CYS F 216 28.55 37.39 -5.73
C CYS F 216 28.34 38.83 -6.18
N ASN F 217 27.33 39.51 -5.64
CA ASN F 217 27.12 40.90 -6.01
C ASN F 217 28.21 41.80 -5.46
N ILE F 218 28.64 41.57 -4.21
CA ILE F 218 29.75 42.36 -3.70
C ILE F 218 31.05 41.99 -4.41
N TYR F 219 31.17 40.73 -4.85
CA TYR F 219 32.31 40.33 -5.67
C TYR F 219 32.32 41.11 -6.99
N ARG F 220 31.15 41.29 -7.59
CA ARG F 220 31.06 42.12 -8.79
C ARG F 220 31.30 43.60 -8.46
N ASP F 221 31.01 44.00 -7.23
CA ASP F 221 31.08 45.40 -6.85
C ASP F 221 32.50 45.86 -6.57
N LEU F 222 33.33 45.02 -5.96
CA LEU F 222 34.66 45.44 -5.56
C LEU F 222 35.78 44.77 -6.35
N MET F 223 35.68 43.47 -6.60
CA MET F 223 36.83 42.76 -7.14
C MET F 223 37.03 43.05 -8.62
N TRP F 224 35.94 43.28 -9.35
CA TRP F 224 36.01 43.57 -10.77
C TRP F 224 35.94 45.07 -11.07
N THR F 225 35.95 45.91 -10.04
CA THR F 225 35.98 47.35 -10.19
C THR F 225 37.27 47.91 -9.65
N LYS F 226 37.87 48.85 -10.41
CA LYS F 226 39.16 49.40 -10.02
C LYS F 226 39.07 50.22 -8.74
N LYS F 227 37.92 50.84 -8.47
CA LYS F 227 37.74 51.51 -7.19
C LYS F 227 37.65 50.50 -6.06
N GLY F 228 36.85 49.45 -6.25
CA GLY F 228 36.84 48.37 -5.29
C GLY F 228 38.20 47.69 -5.17
N LEU F 229 38.92 47.58 -6.29
CA LEU F 229 40.26 47.00 -6.24
C LEU F 229 41.22 47.88 -5.46
N GLU F 230 41.06 49.20 -5.54
CA GLU F 230 41.93 50.10 -4.81
C GLU F 230 41.60 50.08 -3.33
N PHE F 231 40.32 50.00 -2.99
CA PHE F 231 39.91 49.71 -1.62
C PHE F 231 40.56 48.41 -1.14
N VAL F 232 40.56 47.39 -2.00
CA VAL F 232 41.12 46.09 -1.65
C VAL F 232 42.62 46.19 -1.38
N LYS F 233 43.34 46.94 -2.22
CA LYS F 233 44.78 47.15 -2.00
C LYS F 233 45.05 47.95 -0.74
N ARG F 234 44.15 48.89 -0.40
CA ARG F 234 44.33 49.66 0.83
C ARG F 234 44.12 48.79 2.07
N LYS F 235 43.12 47.92 2.03
CA LYS F 235 42.84 47.01 3.14
C LYS F 235 43.49 45.64 2.99
N LYS F 236 44.08 45.35 1.83
CA LYS F 236 44.88 44.14 1.61
C LYS F 236 44.03 42.88 1.67
N ILE F 237 42.79 42.95 1.15
CA ILE F 237 42.01 41.73 0.96
C ILE F 237 42.56 40.97 -0.24
N ILE F 238 42.51 39.64 -0.14
CA ILE F 238 43.17 38.75 -1.11
C ILE F 238 42.11 37.85 -1.74
N MET F 239 42.02 37.87 -3.07
CA MET F 239 41.10 37.07 -3.85
C MET F 239 41.66 36.83 -5.23
N PRO F 240 41.48 35.62 -5.79
CA PRO F 240 41.80 35.40 -7.19
C PRO F 240 41.03 36.34 -8.10
N GLU F 241 41.62 36.62 -9.27
CA GLU F 241 40.96 37.44 -10.26
C GLU F 241 39.61 36.85 -10.64
N THR F 242 39.53 35.53 -10.73
CA THR F 242 38.30 34.81 -11.02
C THR F 242 37.91 33.96 -9.83
N PRO F 243 36.66 33.99 -9.40
CA PRO F 243 36.25 33.26 -8.20
C PRO F 243 35.98 31.78 -8.48
N THR F 244 36.06 31.00 -7.40
CA THR F 244 35.80 29.56 -7.45
C THR F 244 34.74 29.21 -6.40
N MET F 245 34.25 27.98 -6.48
CA MET F 245 33.22 27.53 -5.55
C MET F 245 33.72 27.56 -4.11
N PHE F 246 34.93 27.04 -3.88
CA PHE F 246 35.52 27.11 -2.54
C PHE F 246 35.51 28.53 -2.01
N PHE F 247 35.84 29.51 -2.86
CA PHE F 247 35.93 30.88 -2.36
C PHE F 247 34.56 31.43 -1.98
N ILE F 248 33.56 31.24 -2.85
CA ILE F 248 32.24 31.76 -2.52
C ILE F 248 31.67 31.05 -1.30
N GLY F 249 32.08 29.80 -1.07
CA GLY F 249 31.70 29.13 0.16
C GLY F 249 32.41 29.70 1.38
N SER F 250 33.68 30.08 1.23
CA SER F 250 34.43 30.66 2.33
C SER F 250 34.03 32.10 2.63
N MET F 251 33.39 32.78 1.66
CA MET F 251 32.92 34.14 1.90
C MET F 251 31.95 34.23 3.08
N ALA F 252 31.35 33.10 3.48
CA ALA F 252 30.54 33.10 4.69
C ALA F 252 31.37 33.45 5.93
N SER F 253 32.64 33.04 5.94
CA SER F 253 33.55 33.43 7.00
C SER F 253 33.93 34.91 6.93
N GLY F 254 33.61 35.59 5.82
CA GLY F 254 33.91 37.00 5.69
C GLY F 254 35.13 37.29 4.83
N ILE F 255 35.87 38.33 5.21
CA ILE F 255 37.06 38.73 4.45
C ILE F 255 38.21 37.78 4.79
N ASN F 256 38.78 37.18 3.76
CA ASN F 256 39.88 36.24 3.94
C ASN F 256 41.21 36.98 4.09
N GLU F 265 47.58 38.01 8.95
CA GLU F 265 46.37 37.78 8.17
C GLU F 265 45.25 37.23 9.05
N LYS F 266 44.30 38.08 9.39
CA LYS F 266 43.15 37.70 10.22
C LYS F 266 41.89 37.73 9.38
N VAL F 267 41.04 36.72 9.57
CA VAL F 267 39.78 36.62 8.85
C VAL F 267 38.68 37.26 9.69
N VAL F 268 38.10 38.34 9.17
CA VAL F 268 36.98 39.01 9.82
C VAL F 268 35.69 38.48 9.21
N SER F 269 34.61 38.50 10.00
CA SER F 269 33.34 37.93 9.58
C SER F 269 32.50 39.00 8.87
N LEU F 270 31.22 38.70 8.67
CA LEU F 270 30.39 39.55 7.83
C LEU F 270 29.80 40.75 8.56
N MET F 271 29.63 40.66 9.88
CA MET F 271 28.93 41.70 10.61
C MET F 271 29.86 42.77 11.17
N GLU F 272 31.12 42.43 11.43
CA GLU F 272 32.06 43.45 11.92
C GLU F 272 32.65 44.28 10.79
N PHE F 273 32.82 43.69 9.61
CA PHE F 273 33.36 44.43 8.48
C PHE F 273 32.34 45.33 7.80
N PHE F 274 31.05 45.17 8.11
CA PHE F 274 29.98 45.94 7.49
C PHE F 274 29.17 46.61 8.60
N GLY F 275 29.55 47.82 8.96
CA GLY F 275 28.83 48.58 9.97
C GLY F 275 28.84 47.97 11.36
N GLY F 276 29.91 47.25 11.72
CA GLY F 276 29.99 46.63 13.02
C GLY F 276 31.10 47.18 13.89
N GLU F 277 31.80 46.31 14.61
CA GLU F 277 32.87 46.75 15.49
C GLU F 277 34.16 47.00 14.71
N GLU F 278 34.45 46.19 13.69
CA GLU F 278 35.63 46.38 12.86
C GLU F 278 35.47 47.50 11.85
N ASP F 279 34.29 48.10 11.75
CA ASP F 279 34.07 49.22 10.84
C ASP F 279 32.88 50.03 11.38
N LYS F 280 33.18 51.08 12.13
CA LYS F 280 32.15 51.96 12.67
C LYS F 280 31.90 53.20 11.82
N SER F 281 32.90 53.64 11.06
CA SER F 281 32.73 54.80 10.19
C SER F 281 31.94 54.49 8.94
N GLY F 282 31.83 53.21 8.55
CA GLY F 282 31.08 52.85 7.38
C GLY F 282 31.75 53.20 6.07
N ASP F 283 33.07 53.36 6.07
CA ASP F 283 33.78 53.67 4.82
C ASP F 283 33.81 52.48 3.86
N ASN F 284 33.62 51.26 4.37
CA ASN F 284 33.61 50.08 3.50
C ASN F 284 32.28 49.90 2.79
N LEU F 285 31.19 50.39 3.39
CA LEU F 285 29.86 50.19 2.83
C LEU F 285 29.58 51.12 1.66
N ARG F 286 30.31 52.23 1.55
CA ARG F 286 30.06 53.22 0.49
C ARG F 286 30.77 52.89 -0.81
N VAL F 287 31.96 52.28 -0.74
CA VAL F 287 32.70 51.95 -1.96
C VAL F 287 31.95 50.91 -2.77
N LEU F 288 31.41 49.88 -2.12
CA LEU F 288 30.58 48.91 -2.82
C LEU F 288 29.24 49.53 -3.19
N SER F 289 28.69 49.07 -4.30
CA SER F 289 27.37 49.52 -4.72
C SER F 289 26.35 49.15 -3.65
N PRO F 290 25.69 50.12 -3.02
CA PRO F 290 24.79 49.81 -1.89
C PRO F 290 23.59 48.95 -2.26
N ALA F 291 23.45 48.52 -3.52
CA ALA F 291 22.34 47.63 -3.87
C ALA F 291 22.45 46.30 -3.12
N THR F 292 23.68 45.80 -2.94
CA THR F 292 23.87 44.58 -2.17
C THR F 292 23.50 44.79 -0.70
N ARG F 293 23.86 45.96 -0.15
CA ARG F 293 23.47 46.26 1.23
C ARG F 293 21.96 46.34 1.37
N ASN F 294 21.28 46.89 0.37
CA ASN F 294 19.82 46.94 0.40
C ASN F 294 19.23 45.54 0.31
N MET F 295 19.80 44.68 -0.54
CA MET F 295 19.30 43.32 -0.65
C MET F 295 19.56 42.52 0.62
N TRP F 296 20.61 42.85 1.37
CA TRP F 296 20.94 42.14 2.60
C TRP F 296 20.20 42.68 3.82
N ASN F 297 19.81 43.94 3.81
CA ASN F 297 19.11 44.51 4.96
C ASN F 297 17.76 43.87 5.17
N SER F 298 17.12 43.39 4.09
CA SER F 298 15.84 42.72 4.23
C SER F 298 15.98 41.37 4.93
N PHE F 299 16.98 40.58 4.54
CA PHE F 299 17.23 39.29 5.16
C PHE F 299 17.93 39.41 6.51
N LYS F 300 18.45 40.59 6.85
CA LYS F 300 19.09 40.77 8.16
C LYS F 300 18.13 40.45 9.29
N THR F 301 16.86 40.85 9.17
CA THR F 301 15.89 40.58 10.22
C THR F 301 15.47 39.11 10.20
N MET F 302 15.02 38.62 9.06
CA MET F 302 14.59 37.23 8.93
C MET F 302 15.79 36.28 8.95
N GLU F 307 20.37 32.79 16.40
CA GLU F 307 20.38 31.35 16.19
C GLU F 307 19.93 30.99 14.78
N THR F 308 19.28 31.94 14.11
CA THR F 308 18.80 31.72 12.75
C THR F 308 19.89 31.96 11.72
N TYR F 309 20.63 33.07 11.87
CA TYR F 309 21.75 33.33 10.97
C TYR F 309 22.83 32.26 11.08
N SER F 310 23.02 31.72 12.29
CA SER F 310 23.97 30.63 12.46
C SER F 310 23.53 29.39 11.69
N SER F 311 22.22 29.10 11.70
CA SER F 311 21.72 27.95 10.94
C SER F 311 21.82 28.18 9.44
N VAL F 312 21.62 29.43 8.99
CA VAL F 312 21.76 29.73 7.58
C VAL F 312 23.22 29.56 7.14
N GLN F 313 24.16 30.06 7.94
CA GLN F 313 25.58 29.83 7.64
C GLN F 313 25.92 28.36 7.70
N GLY F 314 25.26 27.60 8.59
CA GLY F 314 25.50 26.17 8.65
C GLY F 314 25.06 25.45 7.39
N VAL F 315 23.88 25.79 6.87
CA VAL F 315 23.45 25.15 5.62
C VAL F 315 24.31 25.62 4.46
N TYR F 316 24.80 26.86 4.49
CA TYR F 316 25.75 27.33 3.49
C TYR F 316 27.01 26.46 3.49
N THR F 317 27.60 26.28 4.67
CA THR F 317 28.83 25.49 4.77
C THR F 317 28.58 24.03 4.42
N SER F 318 27.42 23.49 4.80
CA SER F 318 27.12 22.10 4.47
C SER F 318 26.92 21.90 2.98
N ALA F 319 26.37 22.91 2.30
CA ALA F 319 26.24 22.82 0.83
C ALA F 319 27.61 22.93 0.16
N PHE F 320 28.49 23.78 0.69
CA PHE F 320 29.81 23.95 0.11
C PHE F 320 30.83 22.90 0.61
N ALA F 321 30.42 22.01 1.50
CA ALA F 321 31.31 20.97 2.03
C ALA F 321 32.08 20.18 0.97
N PRO F 322 31.47 19.70 -0.12
CA PRO F 322 32.24 18.89 -1.07
C PRO F 322 33.44 19.60 -1.68
N TYR F 323 33.50 20.93 -1.60
CA TYR F 323 34.62 21.67 -2.17
C TYR F 323 35.81 21.79 -1.24
N ASN F 324 35.69 21.33 0.01
CA ASN F 324 36.84 21.27 0.90
C ASN F 324 37.76 20.12 0.57
N ASN F 325 37.27 19.08 -0.10
CA ASN F 325 38.11 18.00 -0.56
C ASN F 325 39.06 18.51 -1.64
N ALA F 326 40.35 18.18 -1.51
CA ALA F 326 41.36 18.75 -2.39
C ALA F 326 41.13 18.38 -3.85
N MET F 327 40.56 17.21 -4.11
CA MET F 327 40.33 16.82 -5.49
C MET F 327 39.22 17.65 -6.13
N ILE F 328 38.12 17.86 -5.39
CA ILE F 328 37.08 18.75 -5.88
C ILE F 328 37.60 20.18 -5.95
N ARG F 329 38.52 20.54 -5.05
CA ARG F 329 39.23 21.82 -5.15
C ARG F 329 39.86 21.98 -6.53
N ASN F 330 40.67 20.98 -6.93
CA ASN F 330 41.37 21.08 -8.20
C ASN F 330 40.41 21.02 -9.38
N PHE F 331 39.37 20.18 -9.29
CA PHE F 331 38.47 19.99 -10.41
C PHE F 331 37.70 21.27 -10.76
N THR F 332 37.46 22.12 -9.76
CA THR F 332 36.70 23.35 -9.95
C THR F 332 37.62 24.58 -9.83
N SER F 333 38.85 24.46 -10.29
CA SER F 333 39.82 25.55 -10.21
C SER F 333 39.99 26.31 -11.52
N ALA F 334 39.46 25.80 -12.62
CA ALA F 334 39.57 26.46 -13.92
C ALA F 334 38.49 25.89 -14.83
N ASN F 335 38.51 26.29 -16.10
CA ASN F 335 37.56 25.81 -17.11
C ASN F 335 38.31 25.66 -18.42
N ASP F 336 38.68 24.42 -18.74
CA ASP F 336 39.48 24.19 -19.95
C ASP F 336 38.65 24.31 -21.22
N PHE F 337 37.37 23.95 -21.16
CA PHE F 337 36.49 23.99 -22.31
C PHE F 337 35.22 24.73 -21.97
N ASP F 338 34.84 25.67 -22.82
CA ASP F 338 33.59 26.42 -22.64
C ASP F 338 32.44 25.61 -23.25
N PHE F 339 31.49 25.21 -22.41
CA PHE F 339 30.39 24.38 -22.87
C PHE F 339 29.47 25.08 -23.87
N ARG F 340 29.59 26.40 -24.02
CA ARG F 340 28.83 27.09 -25.06
C ARG F 340 29.35 26.77 -26.46
N ARG F 341 30.58 26.27 -26.57
CA ARG F 341 31.13 25.84 -27.84
C ARG F 341 31.04 24.33 -28.03
N LEU F 342 30.13 23.66 -27.31
CA LEU F 342 29.96 22.22 -27.44
C LEU F 342 29.40 21.82 -28.80
N ARG F 343 28.70 22.74 -29.48
CA ARG F 343 28.15 22.48 -30.79
C ARG F 343 28.82 23.30 -31.88
N ILE F 344 29.96 23.91 -31.58
CA ILE F 344 30.76 24.65 -32.56
C ILE F 344 32.08 23.94 -32.84
N ASP F 345 32.79 23.54 -31.79
CA ASP F 345 34.07 22.85 -31.94
C ASP F 345 33.88 21.37 -32.21
N GLU F 346 34.95 20.73 -32.68
CA GLU F 346 34.99 19.28 -32.86
C GLU F 346 35.69 18.71 -31.63
N VAL F 347 34.89 18.32 -30.64
CA VAL F 347 35.41 17.85 -29.35
C VAL F 347 34.73 16.55 -28.98
N SER F 348 35.31 15.88 -27.98
CA SER F 348 34.76 14.66 -27.41
C SER F 348 35.09 14.66 -25.92
N ILE F 349 34.07 14.69 -25.08
CA ILE F 349 34.23 14.80 -23.63
C ILE F 349 33.94 13.44 -23.01
N GLY F 350 34.79 13.03 -22.08
CA GLY F 350 34.57 11.81 -21.32
C GLY F 350 34.57 12.08 -19.83
N VAL F 351 33.47 11.74 -19.16
CA VAL F 351 33.32 12.01 -17.73
C VAL F 351 33.59 10.72 -16.97
N ILE F 352 34.52 10.77 -16.03
CA ILE F 352 34.94 9.60 -15.25
C ILE F 352 34.67 9.93 -13.78
N ALA F 353 33.50 9.54 -13.29
CA ALA F 353 33.12 9.80 -11.91
C ALA F 353 32.06 8.79 -11.50
N ASN F 354 31.88 8.65 -10.19
CA ASN F 354 30.93 7.70 -9.61
C ASN F 354 30.31 8.31 -8.37
N PRO F 355 29.07 8.79 -8.46
CA PRO F 355 28.40 9.34 -7.26
C PRO F 355 27.99 8.30 -6.25
N LYS F 356 27.97 7.01 -6.61
CA LYS F 356 27.51 5.97 -5.70
C LYS F 356 28.54 5.60 -4.65
N GLU F 357 29.83 5.83 -4.91
CA GLU F 357 30.86 5.55 -3.92
C GLU F 357 31.19 6.74 -3.04
N SER F 358 30.88 7.95 -3.50
CA SER F 358 31.05 9.16 -2.70
C SER F 358 29.91 10.12 -3.02
N THR F 359 29.15 10.48 -1.98
CA THR F 359 28.00 11.36 -2.19
C THR F 359 28.42 12.76 -2.62
N ILE F 360 29.62 13.19 -2.23
CA ILE F 360 30.04 14.57 -2.48
C ILE F 360 30.21 14.82 -3.97
N VAL F 361 30.53 13.79 -4.75
CA VAL F 361 30.64 13.96 -6.20
C VAL F 361 29.27 14.26 -6.83
N GLY F 362 28.19 13.85 -6.17
CA GLY F 362 26.85 14.01 -6.68
C GLY F 362 26.52 15.42 -7.12
N PRO F 363 26.54 16.38 -6.20
CA PRO F 363 26.22 17.77 -6.58
C PRO F 363 27.11 18.31 -7.69
N ILE F 364 28.42 18.10 -7.59
CA ILE F 364 29.36 18.62 -8.59
C ILE F 364 28.93 18.19 -9.98
N LEU F 365 28.76 16.88 -10.18
CA LEU F 365 28.33 16.36 -11.47
C LEU F 365 27.06 17.06 -11.94
N GLU F 366 26.11 17.26 -11.03
CA GLU F 366 24.91 18.01 -11.39
C GLU F 366 25.28 19.38 -11.92
N LEU F 367 26.05 20.14 -11.15
CA LEU F 367 26.57 21.41 -11.62
C LEU F 367 27.30 21.24 -12.95
N PHE F 368 28.03 20.14 -13.11
CA PHE F 368 28.74 19.90 -14.35
C PHE F 368 27.78 19.76 -15.52
N PHE F 369 26.65 19.08 -15.31
CA PHE F 369 25.73 18.82 -16.40
C PHE F 369 24.68 19.91 -16.55
N ASN F 370 24.20 20.46 -15.43
CA ASN F 370 23.26 21.58 -15.49
C ASN F 370 23.83 22.71 -16.32
N VAL F 371 25.09 23.06 -16.09
CA VAL F 371 25.75 24.07 -16.91
C VAL F 371 25.97 23.56 -18.33
N MET F 372 26.23 22.26 -18.49
CA MET F 372 26.62 21.75 -19.80
C MET F 372 25.48 21.84 -20.81
N ILE F 373 24.26 21.52 -20.38
CA ILE F 373 23.12 21.53 -21.29
C ILE F 373 22.44 22.89 -21.35
N TYR F 374 22.31 23.58 -20.21
CA TYR F 374 21.65 24.88 -20.21
C TYR F 374 22.43 25.90 -21.02
N SER F 375 23.74 25.74 -21.15
CA SER F 375 24.54 26.62 -21.99
C SER F 375 24.39 26.30 -23.47
N ASN F 376 23.85 25.14 -23.81
CA ASN F 376 23.61 24.77 -25.20
C ASN F 376 22.13 24.81 -25.56
N LEU F 377 21.33 25.56 -24.81
CA LEU F 377 19.90 25.68 -25.09
C LEU F 377 19.59 26.85 -26.01
N ILE F 378 20.38 27.03 -27.06
CA ILE F 378 20.14 28.04 -28.09
C ILE F 378 19.79 27.32 -29.39
N LEU F 379 18.65 27.69 -29.98
CA LEU F 379 18.22 27.03 -31.19
C LEU F 379 19.20 27.30 -32.33
N PRO F 380 19.57 26.28 -33.10
CA PRO F 380 20.51 26.51 -34.22
C PRO F 380 19.98 27.51 -35.24
N ILE F 381 18.66 27.68 -35.33
CA ILE F 381 18.11 28.70 -36.22
C ILE F 381 18.43 30.09 -35.70
N HIS F 382 18.57 30.24 -34.38
CA HIS F 382 18.90 31.53 -33.79
C HIS F 382 20.39 31.82 -33.85
N ASP F 383 21.23 30.78 -33.77
CA ASP F 383 22.67 30.93 -33.91
C ASP F 383 23.19 29.80 -34.79
N PRO F 384 23.22 30.00 -36.10
CA PRO F 384 23.72 28.96 -37.01
C PRO F 384 25.14 28.49 -36.70
N GLN F 385 25.89 29.21 -35.86
CA GLN F 385 27.25 28.79 -35.53
C GLN F 385 27.24 27.44 -34.81
N CYS F 386 26.24 27.20 -33.97
CA CYS F 386 26.09 25.92 -33.26
C CYS F 386 25.44 24.90 -34.20
N LYS F 387 26.22 24.49 -35.21
CA LYS F 387 25.73 23.59 -36.23
C LYS F 387 26.03 22.12 -35.93
N ARG F 388 26.94 21.85 -35.01
CA ARG F 388 27.28 20.47 -34.70
C ARG F 388 26.31 19.87 -33.70
N SER F 389 26.19 18.55 -33.74
CA SER F 389 25.36 17.79 -32.82
C SER F 389 26.23 17.12 -31.76
N CYS F 390 25.67 16.96 -30.58
CA CYS F 390 26.38 16.36 -29.45
C CYS F 390 25.60 15.16 -28.96
N LEU F 391 26.06 13.96 -29.32
CA LEU F 391 25.47 12.74 -28.81
C LEU F 391 25.98 12.45 -27.41
N MET F 392 25.06 12.36 -26.46
CA MET F 392 25.41 12.14 -25.05
C MET F 392 25.17 10.67 -24.71
N LEU F 393 26.24 9.88 -24.76
CA LEU F 393 26.16 8.46 -24.40
C LEU F 393 26.12 8.35 -22.88
N MET F 394 24.91 8.24 -22.34
CA MET F 394 24.72 8.17 -20.89
C MET F 394 24.80 6.72 -20.41
N ASP F 395 25.97 6.12 -20.62
CA ASP F 395 26.24 4.78 -20.10
C ASP F 395 26.19 4.81 -18.58
N GLU F 396 25.59 3.76 -18.00
CA GLU F 396 25.38 3.66 -16.55
C GLU F 396 24.65 4.88 -16.03
N PHE F 397 23.44 5.08 -16.55
CA PHE F 397 22.66 6.28 -16.22
C PHE F 397 22.36 6.36 -14.73
N THR F 398 21.84 5.27 -14.15
CA THR F 398 21.43 5.31 -12.75
C THR F 398 22.61 5.46 -11.80
N LEU F 399 23.84 5.23 -12.26
CA LEU F 399 24.99 5.52 -11.42
C LEU F 399 25.02 7.00 -11.05
N CYS F 400 24.49 7.87 -11.92
CA CYS F 400 24.48 9.31 -11.68
C CYS F 400 23.52 9.73 -10.60
N GLY F 401 22.88 8.80 -9.89
CA GLY F 401 22.00 9.17 -8.80
C GLY F 401 20.84 10.02 -9.27
N TYR F 402 20.56 11.09 -8.52
CA TYR F 402 19.53 12.05 -8.90
C TYR F 402 20.20 13.30 -9.42
N LEU F 403 20.26 13.44 -10.74
CA LEU F 403 20.69 14.66 -11.39
C LEU F 403 19.43 15.33 -11.95
N GLU F 404 19.05 16.45 -11.35
CA GLU F 404 17.80 17.11 -11.72
C GLU F 404 17.82 17.61 -13.16
N THR F 405 19.00 17.73 -13.76
CA THR F 405 19.12 18.36 -15.07
C THR F 405 18.38 17.55 -16.14
N PHE F 406 18.67 16.25 -16.21
CA PHE F 406 18.08 15.42 -17.26
C PHE F 406 16.58 15.29 -17.08
N VAL F 407 16.11 15.11 -15.84
CA VAL F 407 14.67 15.02 -15.61
C VAL F 407 13.98 16.33 -15.96
N LYS F 408 14.66 17.45 -15.68
CA LYS F 408 14.03 18.76 -15.87
C LYS F 408 14.10 19.26 -17.31
N ALA F 409 15.00 18.71 -18.14
CA ALA F 409 15.23 19.26 -19.47
C ALA F 409 15.16 18.26 -20.61
N VAL F 410 14.96 16.96 -20.32
CA VAL F 410 14.96 15.97 -21.40
C VAL F 410 13.82 16.19 -22.38
N GLY F 411 12.79 16.92 -22.00
CA GLY F 411 11.68 17.17 -22.89
C GLY F 411 11.91 18.24 -23.95
N ILE F 412 13.00 19.00 -23.86
CA ILE F 412 13.24 20.11 -24.78
C ILE F 412 14.60 20.03 -25.47
N MET F 413 15.43 19.06 -25.12
CA MET F 413 16.81 19.02 -25.64
C MET F 413 16.87 18.67 -27.13
N ALA F 414 15.88 17.94 -27.66
CA ALA F 414 16.01 17.35 -28.99
C ALA F 414 16.27 18.40 -30.06
N GLU F 415 15.53 19.51 -30.03
CA GLU F 415 15.68 20.53 -31.06
C GLU F 415 17.00 21.28 -30.97
N TYR F 416 17.73 21.15 -29.86
CA TYR F 416 19.01 21.82 -29.69
C TYR F 416 20.19 20.95 -30.05
N ASN F 417 19.95 19.79 -30.67
CA ASN F 417 20.99 18.88 -31.13
C ASN F 417 21.84 18.36 -29.97
N MET F 418 21.24 18.22 -28.79
CA MET F 418 21.81 17.44 -27.69
C MET F 418 21.04 16.13 -27.62
N ARG F 419 21.66 15.04 -28.07
CA ARG F 419 20.98 13.77 -28.32
C ARG F 419 21.48 12.69 -27.36
N PRO F 420 20.81 12.46 -26.24
CA PRO F 420 21.26 11.42 -25.33
C PRO F 420 20.74 10.03 -25.68
N ALA F 421 21.55 9.04 -25.28
CA ALA F 421 21.16 7.64 -25.26
C ALA F 421 21.35 7.14 -23.83
N PHE F 422 20.24 6.91 -23.14
CA PHE F 422 20.26 6.45 -21.76
C PHE F 422 20.34 4.93 -21.72
N VAL F 423 21.38 4.41 -21.11
CA VAL F 423 21.59 2.96 -20.99
C VAL F 423 21.32 2.56 -19.53
N PHE F 424 20.39 1.63 -19.34
CA PHE F 424 20.09 1.14 -18.00
C PHE F 424 19.68 -0.33 -18.09
N GLN F 425 19.88 -1.05 -16.97
CA GLN F 425 19.64 -2.49 -16.96
C GLN F 425 18.16 -2.82 -16.99
N SER F 426 17.36 -2.14 -16.16
CA SER F 426 15.95 -2.46 -16.06
C SER F 426 15.15 -1.19 -15.82
N LYS F 427 13.84 -1.28 -16.05
CA LYS F 427 12.96 -0.14 -15.83
C LYS F 427 12.74 0.13 -14.35
N ALA F 428 12.63 -0.94 -13.55
CA ALA F 428 12.29 -0.79 -12.13
C ALA F 428 13.36 -0.03 -11.36
N GLN F 429 14.59 0.01 -11.86
CA GLN F 429 15.65 0.69 -11.13
C GLN F 429 15.66 2.20 -11.40
N LEU F 430 15.27 2.62 -12.60
CA LEU F 430 15.08 4.05 -12.85
C LEU F 430 14.09 4.64 -11.86
N GLU F 431 13.01 3.93 -11.57
CA GLU F 431 11.96 4.39 -10.67
C GLU F 431 12.38 4.41 -9.22
N ASN F 432 13.58 3.93 -8.89
CA ASN F 432 14.03 3.89 -7.50
C ASN F 432 14.01 5.29 -6.91
N ASP F 433 14.05 5.34 -5.58
CA ASP F 433 13.94 6.60 -4.86
C ASP F 433 15.10 7.53 -5.21
N PRO F 434 14.90 8.84 -5.06
CA PRO F 434 15.88 9.83 -5.55
C PRO F 434 17.31 9.52 -5.14
N PRO F 435 17.56 9.03 -3.91
CA PRO F 435 18.95 8.62 -3.60
C PRO F 435 19.58 7.70 -4.64
N LEU F 436 18.91 6.59 -4.99
CA LEU F 436 19.47 5.61 -5.90
C LEU F 436 18.94 5.72 -7.32
N GLY F 437 17.70 6.16 -7.50
CA GLY F 437 17.14 6.30 -8.83
C GLY F 437 16.67 7.72 -9.10
N TYR F 438 15.67 7.86 -9.97
CA TYR F 438 15.12 9.17 -10.31
C TYR F 438 13.69 9.33 -9.81
N GLY F 439 13.20 8.42 -8.98
CA GLY F 439 11.81 8.40 -8.61
C GLY F 439 10.94 7.94 -9.77
N ARG F 440 9.72 7.53 -9.42
CA ARG F 440 8.83 7.00 -10.46
C ARG F 440 8.44 8.09 -11.46
N ASN F 441 8.26 9.32 -11.00
CA ASN F 441 7.88 10.41 -11.90
C ASN F 441 9.02 10.79 -12.84
N GLY F 442 10.22 10.97 -12.29
CA GLY F 442 11.36 11.28 -13.13
C GLY F 442 11.68 10.17 -14.11
N ALA F 443 11.59 8.92 -13.66
CA ALA F 443 11.78 7.79 -14.56
C ALA F 443 10.73 7.79 -15.66
N LYS F 444 9.47 8.12 -15.31
CA LYS F 444 8.41 8.15 -16.31
C LYS F 444 8.70 9.22 -17.35
N THR F 445 9.15 10.40 -16.93
CA THR F 445 9.46 11.45 -17.90
C THR F 445 10.62 11.05 -18.80
N ILE F 446 11.69 10.53 -18.20
CA ILE F 446 12.85 10.10 -18.98
C ILE F 446 12.42 9.08 -20.04
N LEU F 447 11.66 8.06 -19.63
CA LEU F 447 11.22 7.04 -20.57
C LEU F 447 10.25 7.61 -21.59
N ASP F 448 9.44 8.59 -21.21
CA ASP F 448 8.49 9.20 -22.15
C ASP F 448 9.21 9.96 -23.24
N ASN F 449 10.41 10.47 -22.96
CA ASN F 449 11.19 11.14 -23.99
C ASN F 449 12.16 10.20 -24.71
N LEU F 450 11.82 8.93 -24.86
CA LEU F 450 12.65 7.96 -25.58
C LEU F 450 11.83 7.39 -26.73
N SER F 451 12.25 7.68 -27.96
CA SER F 451 11.50 7.28 -29.14
C SER F 451 11.99 5.98 -29.76
N LEU F 452 13.26 5.65 -29.58
CA LEU F 452 13.82 4.37 -30.01
C LEU F 452 14.36 3.64 -28.79
N ASN F 453 13.80 2.47 -28.50
CA ASN F 453 14.19 1.69 -27.34
C ASN F 453 14.73 0.34 -27.80
N MET F 454 15.98 0.06 -27.48
CA MET F 454 16.60 -1.23 -27.71
C MET F 454 16.42 -2.11 -26.48
N TYR F 455 16.09 -3.37 -26.72
CA TYR F 455 15.87 -4.37 -25.67
C TYR F 455 16.83 -5.52 -25.91
N TYR F 456 17.78 -5.69 -25.00
CA TYR F 456 18.65 -6.84 -24.98
C TYR F 456 18.01 -7.97 -24.18
N GLY F 457 18.48 -9.19 -24.42
CA GLY F 457 17.91 -10.33 -23.74
C GLY F 457 18.79 -10.92 -22.67
N ILE F 458 18.19 -11.65 -21.73
CA ILE F 458 18.93 -12.35 -20.69
C ILE F 458 18.04 -13.47 -20.16
N ASN F 459 18.63 -14.65 -19.97
CA ASN F 459 17.90 -15.79 -19.42
C ASN F 459 18.04 -15.79 -17.90
N ASN F 460 17.41 -14.79 -17.28
CA ASN F 460 17.43 -14.60 -15.83
C ASN F 460 16.00 -14.34 -15.38
N ASP F 461 15.51 -15.16 -14.44
CA ASP F 461 14.10 -15.08 -14.08
C ASP F 461 13.73 -13.72 -13.51
N ASN F 462 14.69 -13.01 -12.93
CA ASN F 462 14.40 -11.69 -12.36
C ASN F 462 13.93 -10.70 -13.42
N TYR F 463 14.13 -11.00 -14.69
CA TYR F 463 13.68 -10.15 -15.79
C TYR F 463 12.43 -10.67 -16.48
N TYR F 464 11.89 -11.81 -16.03
CA TYR F 464 10.84 -12.49 -16.79
C TYR F 464 9.67 -11.55 -17.10
N GLU F 465 9.11 -10.93 -16.06
CA GLU F 465 7.98 -10.03 -16.25
C GLU F 465 8.30 -8.99 -17.31
N HIS F 466 9.49 -8.38 -17.23
CA HIS F 466 9.86 -7.36 -18.19
C HIS F 466 9.75 -7.89 -19.61
N PHE F 467 10.17 -9.14 -19.84
CA PHE F 467 10.07 -9.66 -21.19
C PHE F 467 8.65 -10.09 -21.53
N GLU F 468 7.90 -10.59 -20.54
CA GLU F 468 6.53 -10.99 -20.82
C GLU F 468 5.73 -9.83 -21.41
N LYS F 469 5.76 -8.69 -20.71
CA LYS F 469 5.13 -7.48 -21.24
C LYS F 469 5.63 -7.20 -22.66
N LEU F 470 6.96 -7.24 -22.85
CA LEU F 470 7.51 -6.99 -24.17
C LEU F 470 6.90 -7.93 -25.19
N SER F 471 6.82 -9.22 -24.84
CA SER F 471 6.18 -10.19 -25.71
C SER F 471 4.77 -9.74 -26.09
N LYS F 472 3.97 -9.40 -25.07
CA LYS F 472 2.62 -8.93 -25.35
C LYS F 472 2.64 -7.67 -26.21
N VAL F 473 3.61 -6.78 -25.95
CA VAL F 473 3.70 -5.56 -26.75
C VAL F 473 3.95 -5.90 -28.22
N LEU F 474 4.71 -6.97 -28.49
CA LEU F 474 4.97 -7.34 -29.87
C LEU F 474 3.73 -7.88 -30.57
N GLY F 475 2.76 -8.37 -29.82
CA GLY F 475 1.53 -8.89 -30.41
C GLY F 475 1.71 -10.26 -31.02
N LYS F 476 0.64 -10.74 -31.63
CA LYS F 476 0.60 -12.05 -32.26
C LYS F 476 0.22 -11.92 -33.73
N TYR F 477 0.52 -12.96 -34.49
CA TYR F 477 0.16 -13.06 -35.90
C TYR F 477 -0.53 -14.39 -36.14
N THR F 478 -0.97 -14.58 -37.39
CA THR F 478 -1.73 -15.75 -37.80
C THR F 478 -0.79 -16.76 -38.45
N ARG F 479 -0.77 -17.97 -37.92
CA ARG F 479 0.07 -19.04 -38.43
C ARG F 479 -0.80 -20.20 -38.86
N GLN F 480 -0.27 -21.03 -39.76
CA GLN F 480 -0.98 -22.21 -40.25
C GLN F 480 -0.66 -23.39 -39.35
N ASP F 481 -1.70 -24.14 -38.97
CA ASP F 481 -1.59 -25.32 -38.12
C ASP F 481 -2.03 -26.54 -38.91
N VAL F 482 -1.16 -27.54 -38.97
CA VAL F 482 -1.40 -28.77 -39.72
C VAL F 482 -1.84 -29.87 -38.76
N SER F 483 -2.83 -30.65 -39.19
CA SER F 483 -3.24 -31.86 -38.50
C SER F 483 -3.28 -32.99 -39.51
N ARG F 484 -2.89 -34.18 -39.08
CA ARG F 484 -2.81 -35.33 -39.97
C ARG F 484 -3.58 -36.49 -39.36
N SER F 485 -4.52 -37.04 -40.11
CA SER F 485 -5.24 -38.25 -39.74
C SER F 485 -4.89 -39.35 -40.74
N ILE F 486 -5.10 -40.59 -40.30
CA ILE F 486 -4.72 -41.74 -41.14
C ILE F 486 -5.61 -42.93 -40.79
N ASP F 487 -6.10 -43.60 -41.82
CA ASP F 487 -6.79 -44.87 -41.64
C ASP F 487 -5.78 -45.95 -41.33
N ASP F 488 -6.02 -46.72 -40.26
CA ASP F 488 -5.06 -47.73 -39.84
C ASP F 488 -5.10 -48.96 -40.74
N ASN F 489 -6.25 -49.28 -41.32
CA ASN F 489 -6.35 -50.43 -42.20
C ASN F 489 -5.73 -50.14 -43.56
N THR F 490 -6.27 -49.15 -44.27
CA THR F 490 -5.79 -48.85 -45.62
C THR F 490 -4.42 -48.19 -45.57
N GLY F 491 -4.23 -47.19 -44.71
CA GLY F 491 -3.00 -46.47 -44.62
C GLY F 491 -3.02 -45.09 -45.27
N LYS F 492 -4.08 -44.76 -46.00
CA LYS F 492 -4.19 -43.45 -46.61
C LYS F 492 -4.28 -42.36 -45.55
N THR F 493 -3.83 -41.16 -45.91
CA THR F 493 -3.73 -40.06 -44.96
C THR F 493 -4.56 -38.87 -45.42
N ASN F 494 -4.82 -37.97 -44.48
CA ASN F 494 -5.57 -36.75 -44.70
C ASN F 494 -4.90 -35.62 -43.92
N THR F 495 -4.77 -34.46 -44.55
CA THR F 495 -4.10 -33.31 -43.96
C THR F 495 -5.07 -32.14 -43.90
N SER F 496 -5.22 -31.56 -42.71
CA SER F 496 -6.13 -30.44 -42.48
C SER F 496 -5.33 -29.22 -42.06
N ILE F 497 -5.73 -28.06 -42.59
CA ILE F 497 -5.05 -26.79 -42.37
C ILE F 497 -6.00 -25.86 -41.64
N SER F 498 -5.54 -25.24 -40.56
CA SER F 498 -6.34 -24.28 -39.82
C SER F 498 -5.47 -23.07 -39.47
N ASN F 499 -6.12 -22.02 -38.96
CA ASN F 499 -5.43 -20.80 -38.55
C ASN F 499 -5.33 -20.76 -37.03
N LYS F 500 -4.14 -20.44 -36.53
CA LYS F 500 -3.88 -20.34 -35.10
C LYS F 500 -3.15 -19.04 -34.82
N GLU F 501 -3.16 -18.63 -33.56
CA GLU F 501 -2.43 -17.46 -33.13
C GLU F 501 -1.02 -17.85 -32.71
N ARG F 502 -0.08 -16.94 -32.92
CA ARG F 502 1.29 -17.17 -32.51
C ARG F 502 1.92 -15.85 -32.11
N PHE F 503 2.44 -15.77 -30.89
CA PHE F 503 3.22 -14.61 -30.49
C PHE F 503 4.33 -14.35 -31.49
N LEU F 504 4.52 -13.08 -31.86
CA LEU F 504 5.66 -12.74 -32.69
C LEU F 504 6.96 -13.17 -32.01
N MET F 505 7.04 -12.98 -30.70
CA MET F 505 8.17 -13.46 -29.91
C MET F 505 7.62 -13.83 -28.53
N THR F 506 7.69 -15.11 -28.18
CA THR F 506 7.28 -15.54 -26.86
C THR F 506 8.24 -14.98 -25.81
N PRO F 507 7.82 -14.92 -24.54
CA PRO F 507 8.73 -14.41 -23.50
C PRO F 507 10.06 -15.16 -23.46
N ASP F 508 10.01 -16.50 -23.43
CA ASP F 508 11.25 -17.26 -23.37
C ASP F 508 12.08 -17.09 -24.65
N GLU F 509 11.42 -16.77 -25.77
CA GLU F 509 12.15 -16.50 -26.99
C GLU F 509 12.93 -15.18 -26.89
N LEU F 510 12.34 -14.17 -26.24
CA LEU F 510 13.08 -12.94 -25.99
C LEU F 510 14.20 -13.19 -24.99
N MET F 511 13.93 -14.00 -23.97
CA MET F 511 14.92 -14.23 -22.93
C MET F 511 16.13 -14.99 -23.45
N THR F 512 15.95 -15.87 -24.44
CA THR F 512 17.04 -16.61 -25.05
C THR F 512 17.47 -16.00 -26.37
N MET F 513 17.27 -14.70 -26.55
CA MET F 513 17.63 -14.01 -27.78
C MET F 513 19.13 -14.10 -28.07
N GLY F 514 19.94 -14.17 -27.03
CA GLY F 514 21.39 -14.18 -27.23
C GLY F 514 21.86 -12.84 -27.74
N ASP F 515 22.69 -12.87 -28.77
CA ASP F 515 23.27 -11.65 -29.34
C ASP F 515 22.29 -10.89 -30.24
N GLU F 516 21.02 -11.28 -30.25
CA GLU F 516 20.00 -10.55 -30.97
C GLU F 516 19.26 -9.61 -30.01
N LEU F 517 18.58 -8.64 -30.61
CA LEU F 517 17.88 -7.64 -29.81
C LEU F 517 16.63 -7.19 -30.55
N ILE F 518 15.75 -6.53 -29.79
CA ILE F 518 14.53 -5.95 -30.33
C ILE F 518 14.66 -4.42 -30.29
N ILE F 519 14.12 -3.76 -31.30
CA ILE F 519 14.11 -2.31 -31.40
C ILE F 519 12.66 -1.88 -31.55
N LEU F 520 12.20 -1.04 -30.63
CA LEU F 520 10.87 -0.45 -30.69
C LEU F 520 11.04 1.03 -31.00
N GLU F 521 10.69 1.43 -32.22
CA GLU F 521 10.60 2.83 -32.59
C GLU F 521 9.16 3.30 -32.43
N ASN F 522 8.99 4.49 -31.88
CA ASN F 522 7.67 4.96 -31.49
C ASN F 522 6.69 4.97 -32.66
N THR F 523 7.18 5.24 -33.87
CA THR F 523 6.34 5.41 -35.05
C THR F 523 6.39 4.23 -36.00
N LEU F 524 7.09 3.16 -35.66
CA LEU F 524 7.30 2.03 -36.57
C LEU F 524 6.81 0.74 -35.94
N LYS F 525 6.94 -0.34 -36.71
CA LYS F 525 6.67 -1.69 -36.24
C LYS F 525 7.91 -2.23 -35.52
N PRO F 526 7.77 -3.33 -34.76
CA PRO F 526 8.93 -3.89 -34.08
C PRO F 526 10.01 -4.31 -35.06
N ILE F 527 11.25 -4.18 -34.64
CA ILE F 527 12.41 -4.58 -35.43
C ILE F 527 13.20 -5.60 -34.64
N LYS F 528 13.62 -6.67 -35.31
CA LYS F 528 14.52 -7.64 -34.70
C LYS F 528 15.84 -7.61 -35.46
N CYS F 529 16.94 -7.55 -34.72
CA CYS F 529 18.23 -7.49 -35.41
C CYS F 529 19.30 -8.05 -34.49
N HIS F 530 20.55 -7.89 -34.91
CA HIS F 530 21.71 -8.38 -34.19
C HIS F 530 22.49 -7.21 -33.57
N LYS F 531 23.14 -7.47 -32.44
CA LYS F 531 23.96 -6.45 -31.80
C LYS F 531 25.09 -6.02 -32.73
N ALA F 532 25.34 -4.71 -32.78
CA ALA F 532 26.41 -4.16 -33.62
C ALA F 532 27.74 -4.35 -32.90
N LEU F 533 28.23 -5.58 -32.93
CA LEU F 533 29.48 -5.91 -32.25
C LEU F 533 30.65 -5.28 -32.99
N TYR F 534 31.55 -4.65 -32.25
CA TYR F 534 32.71 -4.00 -32.85
C TYR F 534 33.89 -4.95 -33.03
N TYR F 535 34.07 -5.93 -32.15
CA TYR F 535 35.14 -6.88 -32.30
C TYR F 535 34.85 -7.93 -33.36
N ASP F 536 33.61 -8.01 -33.85
CA ASP F 536 33.21 -8.97 -34.87
C ASP F 536 33.46 -8.45 -36.28
N ASP F 537 33.24 -7.14 -36.51
CA ASP F 537 33.16 -6.52 -37.82
C ASP F 537 34.48 -5.87 -38.21
N PRO F 538 34.96 -6.08 -39.43
CA PRO F 538 36.07 -5.26 -39.94
C PRO F 538 35.77 -3.77 -39.91
N PHE F 539 34.48 -3.39 -39.94
CA PHE F 539 34.10 -1.98 -39.95
C PHE F 539 34.68 -1.22 -38.76
N PHE F 540 34.76 -1.88 -37.60
CA PHE F 540 35.31 -1.25 -36.42
C PHE F 540 36.72 -1.74 -36.08
N THR F 541 37.03 -3.00 -36.36
CA THR F 541 38.36 -3.51 -36.06
C THR F 541 39.42 -2.89 -36.98
N ASP F 542 39.06 -2.55 -38.22
CA ASP F 542 40.00 -1.85 -39.09
C ASP F 542 40.37 -0.49 -38.52
N GLU F 543 39.36 0.26 -38.06
CA GLU F 543 39.62 1.54 -37.43
C GLU F 543 40.47 1.38 -36.18
N LEU F 544 40.17 0.37 -35.36
CA LEU F 544 40.93 0.14 -34.14
C LEU F 544 42.39 -0.22 -34.45
N ILE F 545 42.62 -0.94 -35.54
CA ILE F 545 43.97 -1.38 -35.88
C ILE F 545 44.77 -0.24 -36.50
N LYS F 546 44.11 0.60 -37.30
CA LYS F 546 44.82 1.64 -38.04
C LYS F 546 45.59 2.58 -37.11
N VAL F 547 45.17 2.72 -35.86
CA VAL F 547 45.79 3.65 -34.93
C VAL F 547 46.78 2.97 -33.99
N SER F 548 46.92 1.65 -34.06
CA SER F 548 47.79 0.91 -33.15
C SER F 548 48.94 0.27 -33.91
N PRO F 549 50.18 0.65 -33.66
CA PRO F 549 51.31 -0.05 -34.31
C PRO F 549 51.38 -1.52 -33.95
N SER F 550 51.12 -1.87 -32.68
CA SER F 550 51.21 -3.27 -32.27
C SER F 550 50.12 -4.13 -32.89
N LEU F 551 48.97 -3.53 -33.20
CA LEU F 551 47.87 -4.28 -33.81
C LEU F 551 47.95 -4.33 -35.33
N SER F 552 48.66 -3.40 -35.96
CA SER F 552 48.74 -3.38 -37.42
C SER F 552 49.69 -4.43 -37.95
N LYS F 553 50.75 -4.77 -37.20
CA LYS F 553 51.70 -5.77 -37.63
C LYS F 553 51.16 -7.19 -37.53
N LYS F 554 50.03 -7.40 -36.85
CA LYS F 554 49.49 -8.73 -36.63
C LYS F 554 48.23 -9.03 -37.44
N TYR F 555 47.37 -8.03 -37.67
CA TYR F 555 46.13 -8.21 -38.41
C TYR F 555 46.10 -7.26 -39.60
N LYS F 556 45.64 -7.78 -40.73
CA LYS F 556 45.48 -6.97 -41.93
C LYS F 556 44.09 -6.35 -41.96
N LEU F 557 43.89 -5.44 -42.91
CA LEU F 557 42.68 -4.62 -42.98
C LEU F 557 41.71 -5.17 -44.01
N GLY F 558 40.43 -4.86 -43.82
CA GLY F 558 39.39 -5.32 -44.70
C GLY F 558 38.88 -6.72 -44.42
N LYS F 559 39.73 -7.58 -43.85
CA LYS F 559 39.35 -8.96 -43.56
C LYS F 559 38.98 -9.10 -42.08
N VAL F 560 38.15 -10.10 -41.79
CA VAL F 560 37.75 -10.36 -40.41
C VAL F 560 38.95 -10.89 -39.63
N PRO F 561 39.27 -10.31 -38.48
CA PRO F 561 40.46 -10.75 -37.73
C PRO F 561 40.17 -12.00 -36.91
N ASN F 562 41.24 -12.55 -36.35
CA ASN F 562 41.14 -13.77 -35.55
C ASN F 562 40.35 -13.48 -34.27
N GLN F 563 39.25 -14.21 -34.08
CA GLN F 563 38.38 -13.96 -32.94
C GLN F 563 38.97 -14.49 -31.63
N ALA F 564 39.81 -15.53 -31.72
CA ALA F 564 40.40 -16.12 -30.52
C ALA F 564 41.58 -15.34 -29.99
N THR F 565 42.06 -14.33 -30.72
CA THR F 565 43.24 -13.57 -30.31
C THR F 565 43.04 -12.06 -30.31
N PHE F 566 41.91 -11.55 -30.79
CA PHE F 566 41.80 -10.11 -31.00
C PHE F 566 41.59 -9.36 -29.69
N TYR F 567 40.69 -9.84 -28.83
CA TYR F 567 40.39 -9.12 -27.60
C TYR F 567 41.60 -9.04 -26.68
N ASP F 568 42.39 -10.12 -26.63
CA ASP F 568 43.56 -10.14 -25.76
C ASP F 568 44.62 -9.15 -26.24
N ASP F 569 44.90 -9.15 -27.55
CA ASP F 569 45.85 -8.18 -28.09
C ASP F 569 45.34 -6.76 -27.94
N LEU F 570 44.01 -6.57 -28.04
CA LEU F 570 43.42 -5.26 -27.83
C LEU F 570 43.67 -4.77 -26.41
N GLN F 571 43.43 -5.65 -25.43
CA GLN F 571 43.67 -5.29 -24.04
C GLN F 571 45.15 -5.03 -23.78
N ALA F 572 46.02 -5.82 -24.41
CA ALA F 572 47.46 -5.61 -24.24
C ALA F 572 47.90 -4.26 -24.81
N ALA F 573 47.37 -3.88 -25.97
CA ALA F 573 47.68 -2.57 -26.53
C ALA F 573 47.05 -1.45 -25.70
N LYS F 574 45.88 -1.69 -25.12
CA LYS F 574 45.26 -0.69 -24.26
C LYS F 574 46.09 -0.44 -23.01
N THR F 575 46.68 -1.49 -22.45
CA THR F 575 47.56 -1.30 -21.30
C THR F 575 48.83 -0.55 -21.69
N ARG F 576 49.24 -0.64 -22.95
CA ARG F 576 50.36 0.13 -23.46
C ARG F 576 49.99 1.55 -23.86
N GLY F 577 48.73 1.95 -23.64
CA GLY F 577 48.29 3.28 -24.02
C GLY F 577 48.20 3.51 -25.51
N GLU F 578 48.12 2.44 -26.31
CA GLU F 578 48.12 2.58 -27.76
C GLU F 578 46.78 3.11 -28.26
N LEU F 579 45.68 2.58 -27.75
CA LEU F 579 44.35 2.94 -28.21
C LEU F 579 43.73 4.10 -27.44
N SER F 580 44.46 4.66 -26.47
CA SER F 580 43.91 5.68 -25.60
C SER F 580 44.10 7.08 -26.20
N TYR F 581 43.32 8.02 -25.67
CA TYR F 581 43.50 9.42 -26.01
C TYR F 581 44.89 9.89 -25.57
N ASP F 582 45.38 10.94 -26.24
CA ASP F 582 46.69 11.50 -25.90
C ASP F 582 46.68 12.05 -24.48
N LYS F 583 47.25 11.27 -23.54
CA LYS F 583 47.15 11.61 -22.12
C LYS F 583 48.05 12.79 -21.73
N SER F 584 49.12 13.05 -22.48
CA SER F 584 49.99 14.17 -22.16
C SER F 584 49.32 15.52 -22.35
N LEU F 585 48.12 15.55 -22.91
CA LEU F 585 47.42 16.79 -23.24
C LEU F 585 46.39 17.19 -22.19
N VAL F 586 46.22 16.40 -21.13
CA VAL F 586 45.30 16.76 -20.05
C VAL F 586 46.11 17.28 -18.88
N PRO F 587 45.67 18.33 -18.20
CA PRO F 587 46.50 18.96 -17.17
C PRO F 587 46.59 18.12 -15.91
N VAL F 588 47.63 18.41 -15.12
CA VAL F 588 47.86 17.79 -13.83
C VAL F 588 48.01 18.90 -12.80
N GLY F 589 47.22 18.84 -11.73
CA GLY F 589 47.23 19.85 -10.70
C GLY F 589 47.99 19.41 -9.47
N SER F 590 47.64 19.99 -8.33
CA SER F 590 48.28 19.68 -7.06
C SER F 590 47.33 20.08 -5.93
N SER F 591 47.87 20.20 -4.72
CA SER F 591 47.08 20.57 -3.56
C SER F 591 47.00 22.09 -3.42
N GLU F 592 45.80 22.58 -3.11
CA GLU F 592 45.59 24.02 -2.94
C GLU F 592 45.33 24.35 -1.48
#